data_7TFJ
#
_entry.id   7TFJ
#
_cell.length_a   1.00
_cell.length_b   1.00
_cell.length_c   1.00
_cell.angle_alpha   90.00
_cell.angle_beta   90.00
_cell.angle_gamma   90.00
#
_symmetry.space_group_name_H-M   'P 1'
#
loop_
_entity.id
_entity.type
_entity.pdbx_description
1 polymer 'Replication factor C subunit 1'
2 polymer 'Replication factor C subunit 4'
3 polymer 'Replication factor C subunit 3'
4 polymer 'Replication factor C subunit 2'
5 polymer 'Replication factor C subunit 5'
6 polymer 'Proliferating cell nuclear antigen'
7 polymer 'Template strand'
8 polymer 'Primer strand'
9 non-polymer 'PHOSPHOTHIOPHOSPHORIC ACID-ADENYLATE ESTER'
10 non-polymer 'MAGNESIUM ION'
11 non-polymer "ADENOSINE-5'-DIPHOSPHATE"
#
loop_
_entity_poly.entity_id
_entity_poly.type
_entity_poly.pdbx_seq_one_letter_code
_entity_poly.pdbx_strand_id
1 'polypeptide(L)'
;MVNISDFFGKNKKSVRSSTSRPTRQVGSSKPEVIDLDTESDQESTNKTPKKMPVSNVIDVSETPEGEKKLPLPAKRKASS
PTVKPASSKKTKPSSKSSDSASNITAQDVLDKIPSLDLSNVHVKENAKFDFKSANSNADPDEIVSEIGSFPEGKPNCLLG
LTIVFTGVLPTLERGASEALAKRYGARVTKSISSKTSVVVLGDEAGPKKLEKIKQLKIKAIDEEGFKQLIAGMPAEGGDG
EAAEKARRKLEEQHNIATKEAELLVKKEEERSKKLAATRVSGGHLERDNVVREEDKLWTVKYAPTNLQQVCGNKGSVMKL
KNWLANWENSKKNSFKHAGKDGSGVFRAAMLYGPPGIGKTTAAHLVAQELGYDILEQNASDVRSKTLLNAGVKNALDNMS
VVGYFKHNEEAQNLNGKHFVIIMDEVDGMSGGDRGGVGQLAQFCRKTSTPLILICNERNLPKMRPFDRVCLDIQFRRPDA
NSIKSRLMTIAIREKFKLDPNVIDRLIQTTRGDIRQVINLLSTISTTTKTINHENINEISKAWEKNIALKPFDIAHKMLD
GQIYSDIGSRNFTLNDKIALYFDDFDFTPLMIQENYLSTRPSVLKPGQSHLEAVAEAANCISLGDIVEKKIRSSEQLWSL
LPLHAVLSSVYPASKVAGHMAGRINFTAWLGQNSKSAKYYRLLQEIHYHTRLGTSTDKIGLRLDYLPTFRKRLLDPFLKQ
GADAISSVIEVMDDYYLTKEDWDSIMEFFVGPDVTTAIIKKIPATVKSGFTRKYNSMTHPVAIYRTGSTIGGGGVGTSTS
TPDFEDVVDADDNPVPADDEETQDSSTDLKKDKLIKQKAKPTKRKTATSKPGGSKKRKTKA
;
A
2 'polypeptide(L)'
;MSKTLSLQLPWVEKYRPQVLSDIVGNKETIDRLQQIAKDGNMPHMIISGMPGIGKTTSVHCLAHELLGRSYADGVLELNA
SDDRGIDVVRNQIKHFAQKKLHLPPGKHKIVILDEADSMTAGAQQALRRTMELYSNSTRFAFACNQSNKIIEPLQSRCAI
LRYSKLSDEDVLKRLLQIIKLEDVKYTNDGLEAIIFTAEGDMRQAINNLQSTVAGHGLVNADNVFKIVDSPHPLIVKKML
LASNLEDSIQILRTDLWKKGYSSIDIVTTSFRVTKNLAQVKESVRLEMIKEIGLTHMRILEGVGTYLQLASMLAKIHKLN
NKA
;
B
3 'polypeptide(L)'
;MSTSTEKRSKENLPWVEKYRPETLDEVYGQNEVITTVRKFVDEGKLPHLLFYGPPGTGKTSTIVALAREIYGKNYSNMVL
ELNASDDRGIDVVRNQIKDFASTRQIFSKGFKLIILDEADAMTNAAQNALRRVIERYTKNTRFCVLANYAHKLTPALLSR
CTRFRFQPLPQEAIERRIANVLVHEKLKLSPNAEKALIELSNGDMRRVLNVLQSCKATLDNPDEDEISDDVIYECCGAPR
PSDLKAVLKSILEDDWGTAHYTLNKVRSAKGLALIDLIEGIVKILEDYELQNEETRVHLLTKLADIEYSISKGGNDQIQG
SAVIGAIKASFENETVKANV
;
C
4 'polypeptide(L)'
;MFEGFGPNKKRKISKLAAEQSLAQQPWVEKYRPKNLDEVTAQDHAVTVLKKTLKSANLPHMLFYGPPGTGKTSTILALTK
ELYGPDLMKSRILELNASDERGISIVREKVKNFARLTVSKPSKHDLENYPCPPYKIIILDEADSMTADAQSALRRTMETY
SGVTRFCLICNYVTRIIDPLASRCSKFRFKALDASNAIDRLRFISEQENVKCDDGVLERILDISAGDLRRGITLLQSASK
GAQYLGDGKNITSTQVEELAGVVPHDILIEIVEKVKSGDFDEIKKYVNTFMKSGWSAASVVNQLHEYYITNDNFDTNFKN
QISWLLFTTDSRLNNGTNEHIQLLNLLVKISQL
;
D
5 'polypeptide(L)'
;MSLWVDKYRPKSLNALSHNEELTNFLKSLSDQPRDLPHLLLYGPNGTGKKTRCMALLESIFGPGVYRLKIDVRQFVTASN
RKLELNVVSSPYHLEITPSDMGNNDRIVIQELLKEVAQMEQVDFQDSKDGLAHRYKCVIINEANSLTKDAQAALRRTMEK
YSKNIRLIMVCDSMSPIIAPIKSRCLLIRCPAPSDSEISTILSDVVTNERIQLETKDILKRIAQASNGNLRVSLLMLESM
ALNNELALKSSSPIIKPDWIIVIHKLTRKIVKERSVNSLIECRAVLYDLLAHCIPANIILKELTFSLLDVETLNTTNKSS
IIEYSSVFDERLSLGNKAIFHLEGFIAKVMCCLD
;
E
6 'polypeptide(L)'
;AS(MSE)LEAKFEEASLFKRIIDGFKDCVQLVNFQCKEDGIIAQAVDDSRVLLVSLEIGVEAFQEYRCDHPVTLG(MSE)
DLTSLSKILRCGNNTDTLTLIADNTPDSIILLFEDTKKDRIAEYSLKL(MSE)DIDADFLKIEELQYDSTLSLPSSEFSK
IVRDLSQLSDSINI(MSE)ITKETIKFVADGDIGSGSVIIKPFVD(MSE)EHPETSIKLE(MSE)DQPVDLTFGAKYLLD
IIKGSSLSDRVGIRLSSEAPALFQFDLKSGFLQFFLAPKFNDEE
;
F,G,H
7 'polydeoxyribonucleotide'
;(DT)(DT)(DT)(DT)(DT)(DT)(DT)(DT)(DT)(DT)(DT)(DA)(DT)(DG)(DT)(DA)(DC)(DT)(DC)(DG)
(DT)(DA)(DG)(DT)(DG)(DT)(DC)(DT)(DG)(DC)(DT)(DT)(DT)(DT)(DT)(DT)(DT)(DT)(DT)(DT)
;
I
8 'polydeoxyribonucleotide' (DG)(DC)(DA)(DG)(DA)(DC)(DA)(DC)(DT)(DA)(DC)(DG)(DA)(DG)(DT)(DA)(DC)(DA)(DT)(DA) J
#
loop_
_chem_comp.id
_chem_comp.type
_chem_comp.name
_chem_comp.formula
ADP non-polymer ADENOSINE-5'-DIPHOSPHATE 'C10 H15 N5 O10 P2'
AGS non-polymer 'PHOSPHOTHIOPHOSPHORIC ACID-ADENYLATE ESTER' 'C10 H16 N5 O12 P3 S'
DA DNA linking 2'-DEOXYADENOSINE-5'-MONOPHOSPHATE 'C10 H14 N5 O6 P'
DC DNA linking 2'-DEOXYCYTIDINE-5'-MONOPHOSPHATE 'C9 H14 N3 O7 P'
DG DNA linking 2'-DEOXYGUANOSINE-5'-MONOPHOSPHATE 'C10 H14 N5 O7 P'
DT DNA linking THYMIDINE-5'-MONOPHOSPHATE 'C10 H15 N2 O8 P'
MG non-polymer 'MAGNESIUM ION' 'Mg 2'
#
# COMPACT_ATOMS: atom_id res chain seq x y z
N ARG A 292 -27.32 -13.29 42.20
CA ARG A 292 -27.27 -14.58 41.50
C ARG A 292 -25.84 -15.09 41.39
N GLU A 293 -25.52 -16.10 42.19
CA GLU A 293 -24.20 -16.68 42.24
C GLU A 293 -24.16 -17.99 41.43
N GLU A 294 -23.04 -18.71 41.54
CA GLU A 294 -22.70 -19.97 40.87
C GLU A 294 -22.86 -19.89 39.35
N ASP A 295 -22.95 -18.70 38.77
CA ASP A 295 -22.82 -18.52 37.34
C ASP A 295 -21.64 -17.64 36.96
N LYS A 296 -21.11 -16.85 37.90
CA LYS A 296 -20.01 -15.95 37.62
C LYS A 296 -18.73 -16.75 37.38
N LEU A 297 -17.77 -16.10 36.74
CA LEU A 297 -16.46 -16.70 36.56
C LEU A 297 -15.76 -16.88 37.90
N TRP A 298 -14.89 -17.89 37.99
CA TRP A 298 -14.13 -18.08 39.21
C TRP A 298 -13.13 -16.98 39.45
N THR A 299 -12.81 -16.20 38.42
CA THR A 299 -11.85 -15.11 38.54
C THR A 299 -12.49 -13.81 39.00
N VAL A 300 -13.82 -13.77 39.14
CA VAL A 300 -14.51 -12.58 39.62
C VAL A 300 -15.20 -12.81 40.96
N LYS A 301 -15.73 -14.01 41.18
CA LYS A 301 -16.33 -14.30 42.49
C LYS A 301 -15.26 -14.46 43.56
N TYR A 302 -14.11 -15.03 43.20
CA TYR A 302 -12.98 -15.15 44.11
C TYR A 302 -11.96 -14.05 43.82
N ALA A 303 -12.40 -12.81 44.02
CA ALA A 303 -11.58 -11.65 43.75
C ALA A 303 -11.17 -10.97 45.06
N PRO A 304 -10.01 -10.34 45.09
CA PRO A 304 -9.58 -9.63 46.32
C PRO A 304 -10.52 -8.47 46.62
N THR A 305 -11.15 -8.54 47.79
CA THR A 305 -12.05 -7.48 48.24
C THR A 305 -11.29 -6.40 48.99
N ASN A 306 -10.36 -6.79 49.86
CA ASN A 306 -9.54 -5.86 50.61
C ASN A 306 -8.07 -6.05 50.24
N LEU A 307 -7.23 -5.16 50.75
CA LEU A 307 -5.86 -5.04 50.24
C LEU A 307 -4.97 -6.21 50.61
N GLN A 308 -5.31 -6.98 51.64
CA GLN A 308 -4.48 -8.11 52.04
C GLN A 308 -4.88 -9.42 51.36
N GLN A 309 -5.87 -9.40 50.47
CA GLN A 309 -6.21 -10.55 49.67
C GLN A 309 -5.49 -10.58 48.33
N VAL A 310 -4.73 -9.54 48.00
CA VAL A 310 -3.96 -9.51 46.75
C VAL A 310 -2.68 -10.29 46.95
N CYS A 311 -2.68 -11.55 46.56
CA CYS A 311 -1.52 -12.42 46.78
C CYS A 311 -0.36 -11.99 45.91
N GLY A 312 0.82 -11.84 46.54
CA GLY A 312 2.02 -11.48 45.82
C GLY A 312 2.17 -9.99 45.61
N ASN A 313 3.41 -9.53 45.41
CA ASN A 313 3.73 -8.13 45.14
C ASN A 313 3.17 -7.20 46.22
N LYS A 314 3.42 -7.57 47.47
CA LYS A 314 2.99 -6.73 48.59
C LYS A 314 3.71 -5.38 48.58
N GLY A 315 4.99 -5.38 48.23
CA GLY A 315 5.74 -4.14 48.21
C GLY A 315 5.21 -3.13 47.21
N SER A 316 4.83 -3.60 46.02
CA SER A 316 4.27 -2.71 45.02
C SER A 316 2.94 -2.11 45.50
N VAL A 317 2.09 -2.93 46.11
CA VAL A 317 0.80 -2.45 46.58
C VAL A 317 0.98 -1.43 47.70
N MET A 318 1.88 -1.71 48.66
CA MET A 318 2.05 -0.77 49.77
C MET A 318 2.71 0.51 49.29
N LYS A 319 3.63 0.43 48.32
CA LYS A 319 4.21 1.65 47.75
C LYS A 319 3.16 2.48 47.03
N LEU A 320 2.28 1.82 46.27
CA LEU A 320 1.22 2.53 45.57
C LEU A 320 0.28 3.20 46.57
N LYS A 321 -0.08 2.51 47.64
CA LYS A 321 -0.95 3.09 48.65
C LYS A 321 -0.28 4.26 49.35
N ASN A 322 1.02 4.15 49.64
CA ASN A 322 1.74 5.25 50.27
C ASN A 322 1.79 6.47 49.36
N TRP A 323 2.01 6.24 48.06
CA TRP A 323 2.01 7.35 47.10
C TRP A 323 0.63 8.01 47.02
N LEU A 324 -0.42 7.20 46.96
CA LEU A 324 -1.76 7.76 46.79
C LEU A 324 -2.28 8.40 48.06
N ALA A 325 -1.73 8.03 49.21
CA ALA A 325 -2.18 8.57 50.49
C ALA A 325 -1.51 9.88 50.86
N ASN A 326 -0.44 10.28 50.16
CA ASN A 326 0.31 11.47 50.52
C ASN A 326 0.35 12.47 49.36
N TRP A 327 -0.58 12.33 48.41
CA TRP A 327 -0.64 13.27 47.30
C TRP A 327 -1.19 14.64 47.69
N GLU A 328 -1.93 14.73 48.80
CA GLU A 328 -2.50 16.00 49.22
C GLU A 328 -1.41 16.98 49.63
N ASN A 329 -0.59 16.60 50.62
CA ASN A 329 0.48 17.48 51.07
C ASN A 329 1.49 17.76 49.97
N SER A 330 1.74 16.78 49.10
CA SER A 330 2.61 17.01 47.95
C SER A 330 2.01 18.05 47.01
N LYS A 331 0.69 18.02 46.83
CA LYS A 331 0.02 19.05 46.03
C LYS A 331 0.17 20.42 46.67
N LYS A 332 -0.01 20.50 47.99
CA LYS A 332 0.24 21.76 48.69
C LYS A 332 1.72 22.10 48.77
N ASN A 333 2.61 21.17 48.43
CA ASN A 333 4.05 21.44 48.37
C ASN A 333 4.53 21.82 46.98
N SER A 334 3.62 21.95 46.01
CA SER A 334 3.94 22.30 44.63
C SER A 334 4.96 21.33 44.02
N PHE A 335 4.73 20.04 44.27
CA PHE A 335 5.47 18.89 43.74
C PHE A 335 6.99 19.10 43.70
N LYS A 336 7.51 19.87 44.66
CA LYS A 336 8.92 20.21 44.72
C LYS A 336 9.67 19.38 45.74
N HIS A 337 9.12 19.21 46.94
CA HIS A 337 9.77 18.48 48.02
C HIS A 337 9.19 17.06 48.09
N ALA A 338 10.07 16.08 48.15
CA ALA A 338 9.69 14.67 48.22
C ALA A 338 10.53 13.96 49.28
N GLY A 339 10.00 12.85 49.76
CA GLY A 339 10.67 12.05 50.77
C GLY A 339 11.72 11.13 50.17
N LYS A 340 12.05 10.09 50.94
CA LYS A 340 13.04 9.12 50.48
C LYS A 340 12.54 8.37 49.25
N ASP A 341 11.25 7.99 49.25
CA ASP A 341 10.70 7.26 48.11
C ASP A 341 10.54 8.14 46.88
N GLY A 342 10.34 9.44 47.08
CA GLY A 342 10.14 10.35 45.96
C GLY A 342 8.72 10.48 45.48
N SER A 343 7.73 10.08 46.30
CA SER A 343 6.34 10.16 45.90
C SER A 343 5.85 11.60 45.76
N GLY A 344 6.51 12.55 46.42
CA GLY A 344 6.06 13.94 46.34
C GLY A 344 6.23 14.54 44.96
N VAL A 345 7.36 14.29 44.30
CA VAL A 345 7.66 14.90 43.01
C VAL A 345 7.05 14.14 41.84
N PHE A 346 6.47 12.96 42.07
CA PHE A 346 5.86 12.17 41.01
C PHE A 346 4.37 12.44 41.02
N ARG A 347 3.92 13.26 40.06
CA ARG A 347 2.51 13.66 40.01
C ARG A 347 1.61 12.50 39.63
N ALA A 348 2.11 11.55 38.84
CA ALA A 348 1.33 10.40 38.41
C ALA A 348 2.17 9.13 38.58
N ALA A 349 1.48 8.01 38.75
CA ALA A 349 2.13 6.71 38.91
C ALA A 349 1.56 5.74 37.89
N MET A 350 2.42 5.03 37.18
CA MET A 350 2.00 4.06 36.18
C MET A 350 2.40 2.66 36.61
N LEU A 351 1.59 1.69 36.19
CA LEU A 351 1.75 0.30 36.59
C LEU A 351 2.04 -0.54 35.35
N TYR A 352 3.01 -1.45 35.46
CA TYR A 352 3.34 -2.32 34.35
C TYR A 352 3.82 -3.67 34.87
N GLY A 353 3.61 -4.70 34.06
CA GLY A 353 3.98 -6.04 34.44
C GLY A 353 3.23 -7.08 33.62
N PRO A 354 3.51 -8.36 33.86
CA PRO A 354 2.83 -9.43 33.13
C PRO A 354 1.34 -9.43 33.44
N PRO A 355 0.53 -10.01 32.55
CA PRO A 355 -0.92 -10.05 32.80
C PRO A 355 -1.28 -10.96 33.96
N GLY A 356 -2.47 -10.73 34.50
CA GLY A 356 -3.05 -11.62 35.48
C GLY A 356 -2.37 -11.63 36.84
N ILE A 357 -1.67 -10.57 37.21
CA ILE A 357 -0.96 -10.52 38.49
C ILE A 357 -1.59 -9.55 39.48
N GLY A 358 -2.54 -8.72 39.06
CA GLY A 358 -3.28 -7.88 39.96
C GLY A 358 -3.05 -6.38 39.87
N LYS A 359 -2.61 -5.86 38.72
CA LYS A 359 -2.45 -4.43 38.57
C LYS A 359 -3.80 -3.72 38.67
N THR A 360 -4.77 -4.16 37.88
CA THR A 360 -6.10 -3.54 37.88
C THR A 360 -6.77 -3.70 39.25
N THR A 361 -6.71 -4.91 39.81
CA THR A 361 -7.38 -5.17 41.07
C THR A 361 -6.78 -4.34 42.20
N ALA A 362 -5.45 -4.31 42.30
CA ALA A 362 -4.80 -3.53 43.36
C ALA A 362 -5.07 -2.04 43.18
N ALA A 363 -5.01 -1.54 41.94
CA ALA A 363 -5.30 -0.14 41.71
C ALA A 363 -6.73 0.21 42.11
N HIS A 364 -7.69 -0.64 41.76
CA HIS A 364 -9.08 -0.38 42.10
C HIS A 364 -9.31 -0.44 43.60
N LEU A 365 -8.71 -1.41 44.29
CA LEU A 365 -8.87 -1.49 45.75
C LEU A 365 -8.25 -0.28 46.45
N VAL A 366 -7.07 0.15 46.00
CA VAL A 366 -6.46 1.33 46.60
C VAL A 366 -7.32 2.57 46.35
N ALA A 367 -7.83 2.72 45.12
CA ALA A 367 -8.66 3.88 44.81
C ALA A 367 -9.95 3.88 45.62
N GLN A 368 -10.57 2.71 45.80
CA GLN A 368 -11.84 2.64 46.52
C GLN A 368 -11.65 2.81 48.02
N GLU A 369 -10.56 2.27 48.56
CA GLU A 369 -10.38 2.25 50.01
C GLU A 369 -10.20 3.65 50.58
N LEU A 370 -9.44 4.49 49.91
CA LEU A 370 -9.09 5.81 50.45
C LEU A 370 -10.12 6.88 50.10
N GLY A 371 -11.33 6.49 49.72
CA GLY A 371 -12.42 7.44 49.54
C GLY A 371 -12.42 8.18 48.21
N TYR A 372 -11.45 7.94 47.34
CA TYR A 372 -11.45 8.58 46.04
C TYR A 372 -12.51 7.97 45.14
N ASP A 373 -12.96 8.75 44.16
CA ASP A 373 -13.96 8.31 43.19
C ASP A 373 -13.25 7.82 41.95
N ILE A 374 -13.51 6.57 41.56
CA ILE A 374 -12.80 5.97 40.45
C ILE A 374 -13.29 6.55 39.13
N LEU A 375 -12.37 6.73 38.19
CA LEU A 375 -12.69 7.14 36.83
C LEU A 375 -11.80 6.30 35.91
N GLU A 376 -12.34 5.20 35.42
CA GLU A 376 -11.57 4.23 34.65
C GLU A 376 -11.73 4.50 33.16
N GLN A 377 -10.63 4.45 32.44
CA GLN A 377 -10.62 4.54 30.99
C GLN A 377 -10.04 3.26 30.41
N ASN A 378 -10.07 3.16 29.08
CA ASN A 378 -9.84 1.90 28.40
C ASN A 378 -9.60 2.16 26.92
N ALA A 379 -9.13 1.12 26.22
CA ALA A 379 -8.96 1.19 24.78
C ALA A 379 -10.26 0.96 24.02
N SER A 380 -11.30 0.45 24.68
CA SER A 380 -12.60 0.34 24.03
C SER A 380 -13.21 1.70 23.76
N ASP A 381 -12.85 2.72 24.54
CA ASP A 381 -13.21 4.10 24.27
C ASP A 381 -12.05 4.75 23.52
N VAL A 382 -12.35 5.32 22.36
CA VAL A 382 -11.31 5.87 21.50
C VAL A 382 -10.63 7.04 22.21
N ARG A 383 -9.30 7.05 22.18
CA ARG A 383 -8.53 8.07 22.89
C ARG A 383 -7.55 8.76 21.96
N SER A 384 -8.02 9.18 20.79
CA SER A 384 -7.19 9.95 19.87
C SER A 384 -7.07 11.39 20.39
N LYS A 385 -6.43 12.26 19.62
CA LYS A 385 -6.21 13.63 20.08
C LYS A 385 -7.52 14.36 20.32
N THR A 386 -8.48 14.22 19.39
CA THR A 386 -9.75 14.93 19.53
C THR A 386 -10.56 14.40 20.70
N LEU A 387 -10.70 13.07 20.79
CA LEU A 387 -11.58 12.51 21.81
C LEU A 387 -10.93 12.52 23.19
N LEU A 388 -9.61 12.71 23.26
CA LEU A 388 -8.96 12.88 24.56
C LEU A 388 -8.90 14.33 24.99
N ASN A 389 -8.71 15.27 24.05
CA ASN A 389 -8.82 16.68 24.38
C ASN A 389 -10.25 17.06 24.73
N ALA A 390 -11.24 16.38 24.16
CA ALA A 390 -12.63 16.52 24.55
C ALA A 390 -13.10 15.37 25.41
N GLY A 391 -12.18 14.73 26.14
CA GLY A 391 -12.53 13.64 27.01
C GLY A 391 -12.33 13.97 28.48
N VAL A 392 -11.22 13.50 29.05
CA VAL A 392 -10.94 13.71 30.47
C VAL A 392 -10.04 14.92 30.66
N LYS A 393 -9.85 15.69 29.60
CA LYS A 393 -9.09 16.94 29.73
C LYS A 393 -9.81 17.91 30.65
N ASN A 394 -11.13 18.00 30.53
CA ASN A 394 -11.91 18.84 31.44
C ASN A 394 -11.95 18.28 32.85
N ALA A 395 -11.93 16.96 33.01
CA ALA A 395 -12.04 16.34 34.33
C ALA A 395 -10.72 16.32 35.11
N LEU A 396 -9.61 16.72 34.50
CA LEU A 396 -8.35 16.75 35.22
C LEU A 396 -8.34 17.82 36.29
N ASP A 397 -8.93 18.98 36.01
CA ASP A 397 -8.99 20.08 36.96
C ASP A 397 -10.42 20.32 37.45
N ASN A 398 -11.28 19.31 37.34
CA ASN A 398 -12.66 19.40 37.78
C ASN A 398 -12.95 18.27 38.75
N MET A 399 -13.88 18.53 39.66
CA MET A 399 -14.23 17.57 40.70
C MET A 399 -15.53 16.86 40.36
N SER A 400 -15.76 15.74 41.04
CA SER A 400 -16.87 14.84 40.72
C SER A 400 -18.20 15.45 41.13
N VAL A 401 -19.27 14.87 40.58
CA VAL A 401 -20.63 15.30 40.91
C VAL A 401 -21.32 14.21 41.71
N VAL A 402 -20.88 12.96 41.54
CA VAL A 402 -21.51 11.86 42.27
C VAL A 402 -21.07 11.85 43.73
N GLY A 403 -19.92 12.47 44.05
CA GLY A 403 -19.47 12.55 45.43
C GLY A 403 -20.32 13.44 46.31
N TYR A 404 -21.07 14.37 45.71
CA TYR A 404 -21.96 15.22 46.48
C TYR A 404 -23.06 14.40 47.16
N PHE A 405 -23.73 13.55 46.40
CA PHE A 405 -24.90 12.82 46.89
C PHE A 405 -24.55 11.49 47.53
N LYS A 406 -23.27 11.10 47.52
CA LYS A 406 -22.83 9.89 48.20
C LYS A 406 -22.34 10.16 49.61
N HIS A 407 -22.36 11.41 50.06
CA HIS A 407 -21.93 11.75 51.41
C HIS A 407 -23.09 12.33 52.22
N GLN A 412 -16.55 9.83 57.95
CA GLN A 412 -16.44 10.96 57.04
C GLN A 412 -15.48 10.66 55.90
N ASN A 413 -15.71 11.30 54.74
CA ASN A 413 -14.89 11.14 53.56
C ASN A 413 -14.32 12.49 53.17
N LEU A 414 -13.00 12.60 53.16
CA LEU A 414 -12.34 13.86 52.80
C LEU A 414 -11.89 13.90 51.34
N ASN A 415 -11.79 12.74 50.68
CA ASN A 415 -11.41 12.67 49.28
C ASN A 415 -12.54 12.15 48.40
N GLY A 416 -13.79 12.28 48.86
CA GLY A 416 -14.92 11.85 48.07
C GLY A 416 -15.35 12.81 46.98
N LYS A 417 -14.73 13.98 46.92
CA LYS A 417 -15.01 14.99 45.90
C LYS A 417 -13.82 15.15 44.97
N HIS A 418 -13.16 14.05 44.65
CA HIS A 418 -11.98 14.06 43.80
C HIS A 418 -12.07 12.91 42.81
N PHE A 419 -11.13 12.89 41.88
CA PHE A 419 -11.05 11.84 40.87
C PHE A 419 -9.70 11.16 40.92
N VAL A 420 -9.70 9.86 40.63
CA VAL A 420 -8.48 9.12 40.32
C VAL A 420 -8.65 8.53 38.93
N ILE A 421 -7.70 8.84 38.05
CA ILE A 421 -7.79 8.46 36.65
C ILE A 421 -7.07 7.13 36.48
N ILE A 422 -7.84 6.06 36.34
CA ILE A 422 -7.28 4.72 36.14
C ILE A 422 -7.32 4.40 34.65
N MET A 423 -6.23 4.71 33.94
CA MET A 423 -6.17 4.48 32.49
C MET A 423 -5.58 3.11 32.24
N ASP A 424 -6.45 2.12 32.11
CA ASP A 424 -6.02 0.78 31.71
C ASP A 424 -5.78 0.73 30.21
N GLU A 425 -5.08 -0.33 29.79
CA GLU A 425 -4.89 -0.65 28.37
C GLU A 425 -4.21 0.49 27.61
N VAL A 426 -3.24 1.17 28.24
CA VAL A 426 -2.57 2.27 27.56
C VAL A 426 -1.60 1.74 26.50
N ASP A 427 -1.20 0.48 26.60
CA ASP A 427 -0.47 -0.14 25.51
C ASP A 427 -1.38 -0.48 24.34
N GLY A 428 -2.69 -0.54 24.58
CA GLY A 428 -3.62 -0.82 23.50
C GLY A 428 -3.74 0.33 22.52
N MET A 429 -3.32 1.53 22.92
CA MET A 429 -3.32 2.70 22.04
C MET A 429 -2.05 2.69 21.22
N SER A 430 -2.13 2.15 20.00
CA SER A 430 -1.00 2.11 19.09
C SER A 430 -0.97 3.30 18.15
N GLY A 431 -1.53 4.44 18.55
CA GLY A 431 -1.57 5.59 17.67
C GLY A 431 -0.19 6.17 17.37
N GLY A 432 0.70 6.16 18.34
CA GLY A 432 2.01 6.73 18.13
C GLY A 432 1.93 8.23 18.04
N ASP A 433 2.40 8.78 16.92
CA ASP A 433 2.34 10.23 16.71
C ASP A 433 0.90 10.68 16.57
N ARG A 434 0.50 11.65 17.41
CA ARG A 434 -0.90 12.16 17.38
C ARG A 434 -1.86 11.03 17.73
N GLY A 435 -1.40 10.04 18.51
CA GLY A 435 -2.23 8.94 18.92
C GLY A 435 -2.67 8.97 20.37
N GLY A 436 -2.41 10.05 21.09
CA GLY A 436 -2.80 10.18 22.47
C GLY A 436 -1.68 10.04 23.48
N VAL A 437 -0.51 9.52 23.08
CA VAL A 437 0.59 9.35 24.03
C VAL A 437 1.17 10.70 24.42
N GLY A 438 1.29 11.62 23.45
CA GLY A 438 1.73 12.96 23.78
C GLY A 438 0.72 13.70 24.65
N GLN A 439 -0.56 13.46 24.39
CA GLN A 439 -1.61 14.05 25.22
C GLN A 439 -1.52 13.52 26.65
N LEU A 440 -1.23 12.23 26.81
CA LEU A 440 -1.07 11.69 28.15
C LEU A 440 0.19 12.21 28.82
N ALA A 441 1.25 12.47 28.05
CA ALA A 441 2.42 13.11 28.61
C ALA A 441 2.09 14.50 29.12
N GLN A 442 1.29 15.25 28.36
CA GLN A 442 0.84 16.56 28.80
C GLN A 442 -0.02 16.44 30.07
N PHE A 443 -0.87 15.41 30.13
CA PHE A 443 -1.69 15.20 31.31
C PHE A 443 -0.84 14.90 32.54
N CYS A 444 0.20 14.07 32.37
CA CYS A 444 1.12 13.81 33.47
C CYS A 444 1.83 15.09 33.90
N ARG A 445 2.18 15.94 32.93
CA ARG A 445 2.81 17.21 33.26
C ARG A 445 1.88 18.11 34.06
N LYS A 446 0.59 18.13 33.71
CA LYS A 446 -0.38 19.03 34.34
C LYS A 446 -1.70 18.29 34.59
N THR A 447 -1.87 17.79 35.82
CA THR A 447 -3.13 17.23 36.28
C THR A 447 -3.34 17.63 37.73
N SER A 448 -4.60 17.89 38.11
CA SER A 448 -4.91 18.28 39.48
C SER A 448 -5.51 17.12 40.26
N THR A 449 -5.54 15.94 39.65
CA THR A 449 -6.06 14.74 40.28
C THR A 449 -5.05 13.62 40.08
N PRO A 450 -5.04 12.60 40.95
CA PRO A 450 -4.14 11.46 40.75
C PRO A 450 -4.40 10.77 39.41
N LEU A 451 -3.32 10.37 38.75
CA LEU A 451 -3.39 9.73 37.45
C LEU A 451 -2.65 8.40 37.51
N ILE A 452 -3.34 7.31 37.17
CA ILE A 452 -2.80 5.96 37.26
C ILE A 452 -2.91 5.32 35.89
N LEU A 453 -1.79 4.77 35.40
CA LEU A 453 -1.74 4.09 34.11
C LEU A 453 -1.35 2.64 34.32
N ILE A 454 -1.95 1.75 33.52
CA ILE A 454 -1.69 0.32 33.60
C ILE A 454 -1.36 -0.19 32.21
N CYS A 455 -0.18 -0.79 32.06
CA CYS A 455 0.25 -1.37 30.79
C CYS A 455 0.94 -2.69 31.08
N ASN A 456 1.61 -3.25 30.08
CA ASN A 456 2.25 -4.56 30.19
C ASN A 456 3.75 -4.48 30.32
N GLU A 457 4.45 -3.83 29.39
CA GLU A 457 5.89 -3.72 29.47
C GLU A 457 6.35 -2.45 28.77
N ARG A 458 7.58 -2.03 29.10
CA ARG A 458 8.05 -0.69 28.81
C ARG A 458 8.98 -0.58 27.61
N ASN A 459 9.35 -1.70 26.98
CA ASN A 459 10.38 -1.67 25.96
C ASN A 459 9.84 -1.25 24.58
N LEU A 460 8.64 -0.69 24.52
CA LEU A 460 8.14 -0.19 23.24
C LEU A 460 8.79 1.15 22.92
N PRO A 461 9.16 1.40 21.67
CA PRO A 461 9.52 2.76 21.26
C PRO A 461 8.36 3.73 21.34
N LYS A 462 7.12 3.21 21.31
CA LYS A 462 5.95 4.05 21.55
C LYS A 462 5.90 4.54 22.98
N MET A 463 6.39 3.74 23.92
CA MET A 463 6.32 4.04 25.35
C MET A 463 7.47 4.93 25.82
N ARG A 464 8.31 5.39 24.91
CA ARG A 464 9.47 6.20 25.29
C ARG A 464 9.14 7.50 26.04
N PRO A 465 8.14 8.33 25.64
CA PRO A 465 7.98 9.65 26.29
C PRO A 465 7.65 9.60 27.78
N PHE A 466 7.45 8.42 28.34
CA PHE A 466 7.22 8.26 29.78
C PHE A 466 8.46 7.74 30.49
N ASP A 467 9.65 8.22 30.08
CA ASP A 467 10.90 7.70 30.64
C ASP A 467 11.00 7.98 32.13
N ARG A 468 10.81 9.24 32.53
CA ARG A 468 10.90 9.59 33.94
C ARG A 468 9.85 10.58 34.40
N VAL A 469 8.90 10.96 33.53
CA VAL A 469 7.89 11.93 33.93
C VAL A 469 6.88 11.29 34.88
N CYS A 470 6.79 9.97 34.88
CA CYS A 470 5.82 9.23 35.68
C CYS A 470 6.54 8.29 36.64
N LEU A 471 5.86 7.98 37.75
CA LEU A 471 6.42 7.07 38.74
C LEU A 471 6.56 5.66 38.14
N ASP A 472 7.55 4.93 38.64
CA ASP A 472 8.00 3.68 38.02
C ASP A 472 7.76 2.45 38.88
N ILE A 473 6.59 2.35 39.51
CA ILE A 473 6.29 1.15 40.29
C ILE A 473 6.03 -0.01 39.36
N GLN A 474 6.57 -1.18 39.68
CA GLN A 474 6.49 -2.34 38.82
C GLN A 474 6.08 -3.56 39.64
N PHE A 475 5.22 -4.38 39.05
CA PHE A 475 4.79 -5.63 39.65
C PHE A 475 5.58 -6.80 39.05
N ARG A 476 5.78 -7.84 39.84
CA ARG A 476 6.51 -9.03 39.41
C ARG A 476 5.62 -10.26 39.53
N ARG A 477 6.18 -11.40 39.17
CA ARG A 477 5.48 -12.67 39.30
C ARG A 477 5.27 -13.00 40.77
N PRO A 478 4.05 -13.26 41.21
CA PRO A 478 3.82 -13.56 42.63
C PRO A 478 4.48 -14.85 43.06
N ASP A 479 4.88 -14.88 44.33
CA ASP A 479 5.55 -16.04 44.89
C ASP A 479 4.60 -17.23 44.99
N ALA A 480 5.18 -18.43 45.02
CA ALA A 480 4.39 -19.65 45.02
C ALA A 480 3.63 -19.87 46.32
N ASN A 481 4.09 -19.29 47.43
CA ASN A 481 3.44 -19.54 48.71
C ASN A 481 2.09 -18.84 48.82
N SER A 482 2.03 -17.57 48.41
CA SER A 482 0.76 -16.84 48.45
C SER A 482 -0.26 -17.45 47.50
N ILE A 483 0.17 -17.79 46.29
CA ILE A 483 -0.71 -18.46 45.34
C ILE A 483 -1.14 -19.81 45.89
N LYS A 484 -0.24 -20.50 46.58
CA LYS A 484 -0.58 -21.80 47.14
C LYS A 484 -1.65 -21.67 48.21
N SER A 485 -1.53 -20.68 49.09
CA SER A 485 -2.57 -20.46 50.10
C SER A 485 -3.90 -20.07 49.46
N ARG A 486 -3.85 -19.19 48.45
CA ARG A 486 -5.07 -18.78 47.76
C ARG A 486 -5.76 -19.98 47.11
N LEU A 487 -5.00 -20.84 46.44
CA LEU A 487 -5.57 -22.00 45.79
C LEU A 487 -6.01 -23.08 46.78
N MET A 488 -5.39 -23.16 47.95
CA MET A 488 -5.94 -24.02 49.00
C MET A 488 -7.31 -23.52 49.44
N THR A 489 -7.46 -22.20 49.60
CA THR A 489 -8.77 -21.65 49.93
C THR A 489 -9.78 -21.93 48.81
N ILE A 490 -9.33 -21.80 47.56
CA ILE A 490 -10.21 -22.06 46.41
C ILE A 490 -10.64 -23.53 46.40
N ALA A 491 -9.70 -24.45 46.66
CA ALA A 491 -10.03 -25.86 46.68
C ALA A 491 -11.00 -26.20 47.80
N ILE A 492 -10.83 -25.56 48.96
CA ILE A 492 -11.78 -25.75 50.05
C ILE A 492 -13.17 -25.26 49.65
N ARG A 493 -13.23 -24.08 49.01
CA ARG A 493 -14.51 -23.51 48.64
C ARG A 493 -15.22 -24.33 47.56
N GLU A 494 -14.48 -24.81 46.57
CA GLU A 494 -15.05 -25.50 45.42
C GLU A 494 -14.94 -27.02 45.51
N LYS A 495 -14.60 -27.55 46.69
CA LYS A 495 -14.64 -28.98 47.03
C LYS A 495 -14.01 -29.89 45.96
N PHE A 496 -12.96 -29.39 45.31
CA PHE A 496 -12.20 -30.20 44.38
C PHE A 496 -10.82 -30.50 44.97
N LYS A 497 -10.32 -31.70 44.70
CA LYS A 497 -9.04 -32.13 45.25
C LYS A 497 -7.89 -31.39 44.57
N LEU A 498 -6.99 -30.84 45.37
CA LEU A 498 -5.81 -30.12 44.87
C LEU A 498 -4.61 -30.55 45.70
N ASP A 499 -3.71 -31.32 45.09
CA ASP A 499 -2.51 -31.75 45.79
C ASP A 499 -1.59 -30.56 46.04
N PRO A 500 -0.91 -30.52 47.20
CA PRO A 500 -0.01 -29.39 47.49
C PRO A 500 1.24 -29.33 46.65
N ASN A 501 1.51 -30.35 45.83
CA ASN A 501 2.76 -30.42 45.07
C ASN A 501 2.58 -30.22 43.57
N VAL A 502 1.39 -30.52 43.03
CA VAL A 502 1.14 -30.25 41.62
C VAL A 502 1.00 -28.75 41.35
N ILE A 503 0.76 -27.97 42.41
CA ILE A 503 0.49 -26.54 42.23
C ILE A 503 1.72 -25.80 41.74
N ASP A 504 2.92 -26.24 42.13
CA ASP A 504 4.14 -25.61 41.62
C ASP A 504 4.23 -25.76 40.11
N ARG A 505 3.96 -26.96 39.60
CA ARG A 505 3.95 -27.16 38.16
C ARG A 505 2.83 -26.38 37.48
N LEU A 506 1.65 -26.32 38.10
CA LEU A 506 0.57 -25.53 37.52
C LEU A 506 0.93 -24.05 37.41
N ILE A 507 1.62 -23.52 38.42
CA ILE A 507 2.06 -22.13 38.36
C ILE A 507 3.14 -21.93 37.30
N GLN A 508 4.14 -22.83 37.27
CA GLN A 508 5.28 -22.58 36.39
C GLN A 508 4.92 -22.80 34.92
N THR A 509 3.92 -23.64 34.64
CA THR A 509 3.43 -23.75 33.27
C THR A 509 2.74 -22.46 32.82
N THR A 510 1.96 -21.85 33.70
CA THR A 510 1.18 -20.66 33.37
C THR A 510 2.01 -19.38 33.53
N ARG A 511 3.25 -19.49 34.03
CA ARG A 511 4.16 -18.36 34.20
C ARG A 511 3.59 -17.32 35.17
N GLY A 512 2.95 -17.80 36.24
CA GLY A 512 2.47 -16.91 37.28
C GLY A 512 1.21 -16.14 36.96
N ASP A 513 0.55 -16.45 35.84
CA ASP A 513 -0.69 -15.77 35.48
C ASP A 513 -1.81 -16.40 36.29
N ILE A 514 -2.24 -15.71 37.34
CA ILE A 514 -3.16 -16.30 38.31
C ILE A 514 -4.53 -16.53 37.70
N ARG A 515 -4.99 -15.61 36.84
CA ARG A 515 -6.32 -15.72 36.27
C ARG A 515 -6.46 -16.98 35.42
N GLN A 516 -5.48 -17.25 34.56
CA GLN A 516 -5.52 -18.48 33.78
C GLN A 516 -5.37 -19.70 34.67
N VAL A 517 -4.68 -19.56 35.81
CA VAL A 517 -4.59 -20.68 36.75
C VAL A 517 -5.96 -21.02 37.30
N ILE A 518 -6.71 -20.01 37.75
CA ILE A 518 -8.05 -20.27 38.28
C ILE A 518 -8.95 -20.83 37.19
N ASN A 519 -8.87 -20.30 35.98
CA ASN A 519 -9.64 -20.84 34.87
C ASN A 519 -9.27 -22.29 34.58
N LEU A 520 -7.98 -22.61 34.67
CA LEU A 520 -7.49 -23.96 34.41
C LEU A 520 -8.03 -24.94 35.44
N LEU A 521 -7.94 -24.60 36.72
CA LEU A 521 -8.52 -25.47 37.75
C LEU A 521 -10.02 -25.62 37.58
N SER A 522 -10.71 -24.54 37.19
CA SER A 522 -12.15 -24.64 36.98
C SER A 522 -12.48 -25.62 35.85
N THR A 523 -11.82 -25.46 34.70
CA THR A 523 -12.15 -26.29 33.55
C THR A 523 -11.71 -27.73 33.75
N ILE A 524 -10.66 -27.96 34.54
CA ILE A 524 -10.27 -29.34 34.87
C ILE A 524 -11.28 -29.95 35.82
N SER A 525 -11.67 -29.22 36.86
CA SER A 525 -12.60 -29.74 37.85
C SER A 525 -14.02 -29.87 37.33
N THR A 526 -14.32 -29.30 36.15
CA THR A 526 -15.64 -29.52 35.55
C THR A 526 -15.91 -31.01 35.35
N THR A 527 -14.94 -31.73 34.79
CA THR A 527 -15.11 -33.15 34.50
C THR A 527 -14.31 -34.07 35.41
N THR A 528 -13.21 -33.61 35.98
CA THR A 528 -12.38 -34.42 36.87
C THR A 528 -11.80 -33.48 37.93
N LYS A 529 -12.40 -33.50 39.11
CA LYS A 529 -12.05 -32.56 40.18
C LYS A 529 -10.84 -33.01 40.99
N THR A 530 -10.27 -34.16 40.70
CA THR A 530 -9.10 -34.68 41.41
C THR A 530 -7.91 -34.67 40.47
N ILE A 531 -6.81 -34.07 40.91
CA ILE A 531 -5.57 -34.00 40.15
C ILE A 531 -4.44 -34.54 41.01
N ASN A 532 -3.52 -35.26 40.37
CA ASN A 532 -2.41 -35.90 41.07
C ASN A 532 -1.24 -35.97 40.10
N HIS A 533 -0.23 -36.80 40.44
CA HIS A 533 0.93 -36.97 39.56
C HIS A 533 0.58 -37.64 38.26
N GLU A 534 -0.57 -38.33 38.18
CA GLU A 534 -0.90 -39.08 36.98
C GLU A 534 -1.27 -38.17 35.82
N ASN A 535 -2.06 -37.13 36.08
CA ASN A 535 -2.56 -36.25 35.03
C ASN A 535 -1.80 -34.94 34.91
N ILE A 536 -0.80 -34.71 35.76
CA ILE A 536 -0.13 -33.41 35.78
C ILE A 536 0.63 -33.16 34.49
N ASN A 537 1.25 -34.20 33.92
CA ASN A 537 1.98 -34.03 32.67
C ASN A 537 1.05 -33.70 31.52
N GLU A 538 -0.10 -34.39 31.45
CA GLU A 538 -1.08 -34.09 30.41
C GLU A 538 -1.62 -32.67 30.55
N ILE A 539 -1.93 -32.26 31.78
CA ILE A 539 -2.42 -30.90 32.01
C ILE A 539 -1.37 -29.87 31.61
N SER A 540 -0.11 -30.12 31.95
CA SER A 540 0.95 -29.19 31.60
C SER A 540 1.12 -29.08 30.08
N LYS A 541 1.15 -30.22 29.39
CA LYS A 541 1.34 -30.17 27.94
C LYS A 541 0.12 -29.62 27.22
N ALA A 542 -1.06 -29.68 27.84
CA ALA A 542 -2.26 -29.14 27.22
C ALA A 542 -2.50 -27.67 27.56
N TRP A 543 -1.89 -27.15 28.63
CA TRP A 543 -2.14 -25.79 29.05
C TRP A 543 -0.85 -25.00 29.29
N GLU A 544 0.21 -25.38 28.58
CA GLU A 544 1.39 -24.52 28.50
C GLU A 544 1.00 -23.11 28.02
N LYS A 545 1.59 -22.11 28.68
CA LYS A 545 1.23 -20.72 28.39
C LYS A 545 1.67 -20.29 27.00
N ASN A 546 2.90 -20.66 26.61
CA ASN A 546 3.45 -20.33 25.30
C ASN A 546 3.50 -18.82 25.06
N ILE A 547 4.32 -18.14 25.87
CA ILE A 547 4.52 -16.70 25.75
C ILE A 547 5.45 -16.42 24.57
N ALA A 548 5.16 -15.36 23.84
CA ALA A 548 6.11 -14.83 22.88
C ALA A 548 7.34 -14.32 23.62
N LEU A 549 8.52 -14.77 23.20
CA LEU A 549 9.73 -14.54 23.97
C LEU A 549 10.22 -13.10 23.83
N LYS A 550 10.94 -12.65 24.86
CA LYS A 550 11.52 -11.32 24.87
C LYS A 550 12.80 -11.30 24.01
N PRO A 551 13.05 -10.18 23.28
CA PRO A 551 14.20 -10.13 22.34
C PRO A 551 15.52 -10.62 22.91
N PHE A 552 15.75 -10.39 24.21
CA PHE A 552 16.89 -11.04 24.87
C PHE A 552 16.70 -12.54 24.93
N ASP A 553 15.48 -13.00 25.18
CA ASP A 553 15.24 -14.43 25.39
C ASP A 553 15.37 -15.23 24.11
N ILE A 554 15.00 -14.66 22.95
CA ILE A 554 15.23 -15.37 21.70
C ILE A 554 16.71 -15.66 21.50
N ALA A 555 17.56 -14.64 21.70
CA ALA A 555 19.00 -14.85 21.54
C ALA A 555 19.54 -15.82 22.59
N HIS A 556 19.06 -15.71 23.83
CA HIS A 556 19.54 -16.60 24.89
C HIS A 556 19.19 -18.05 24.58
N LYS A 557 17.97 -18.30 24.10
CA LYS A 557 17.59 -19.67 23.77
C LYS A 557 18.29 -20.16 22.51
N MET A 558 18.53 -19.26 21.54
CA MET A 558 19.11 -19.67 20.28
C MET A 558 20.60 -19.96 20.41
N LEU A 559 21.28 -19.30 21.34
CA LEU A 559 22.71 -19.50 21.53
C LEU A 559 23.02 -20.68 22.46
N ASP A 560 22.00 -21.36 22.96
CA ASP A 560 22.23 -22.53 23.80
C ASP A 560 22.73 -23.69 22.95
N GLY A 561 23.81 -24.33 23.41
CA GLY A 561 24.33 -25.49 22.71
C GLY A 561 23.56 -26.77 22.90
N GLN A 562 22.68 -26.81 23.91
CA GLN A 562 21.92 -28.02 24.18
C GLN A 562 20.92 -28.31 23.07
N ILE A 563 20.32 -27.27 22.49
CA ILE A 563 19.28 -27.48 21.49
C ILE A 563 19.83 -28.02 20.17
N TYR A 564 21.10 -27.80 19.87
CA TYR A 564 21.68 -28.27 18.63
C TYR A 564 22.33 -29.64 18.74
N SER A 565 22.29 -30.26 19.92
CA SER A 565 22.77 -31.62 20.06
C SER A 565 21.77 -32.61 19.45
N ASP A 566 22.17 -33.88 19.41
CA ASP A 566 21.31 -34.90 18.84
C ASP A 566 20.01 -35.05 19.63
N ILE A 567 20.11 -35.02 20.96
CA ILE A 567 18.91 -35.08 21.80
C ILE A 567 18.13 -33.76 21.69
N GLY A 568 18.85 -32.64 21.67
CA GLY A 568 18.19 -31.34 21.59
C GLY A 568 17.46 -31.13 20.27
N SER A 569 18.01 -31.64 19.18
CA SER A 569 17.36 -31.49 17.88
C SER A 569 16.02 -32.23 17.85
N ARG A 570 15.97 -33.42 18.46
CA ARG A 570 14.72 -34.17 18.50
C ARG A 570 13.68 -33.45 19.34
N ASN A 571 14.07 -32.96 20.52
CA ASN A 571 13.12 -32.28 21.38
C ASN A 571 12.77 -30.89 20.87
N PHE A 572 13.78 -30.16 20.40
CA PHE A 572 13.60 -28.79 19.89
C PHE A 572 13.92 -28.84 18.39
N THR A 573 12.89 -29.07 17.58
CA THR A 573 13.08 -29.30 16.16
C THR A 573 13.49 -28.01 15.45
N LEU A 574 13.84 -28.14 14.18
CA LEU A 574 14.24 -27.00 13.37
C LEU A 574 13.09 -26.03 13.17
N ASN A 575 11.88 -26.55 12.99
CA ASN A 575 10.69 -25.69 12.87
C ASN A 575 10.51 -24.85 14.12
N ASP A 576 10.84 -25.40 15.29
CA ASP A 576 10.79 -24.62 16.52
C ASP A 576 11.76 -23.46 16.48
N LYS A 577 12.96 -23.67 15.94
CA LYS A 577 13.92 -22.59 15.82
C LYS A 577 13.45 -21.53 14.83
N ILE A 578 12.81 -21.96 13.74
CA ILE A 578 12.26 -21.00 12.77
C ILE A 578 11.18 -20.15 13.43
N ALA A 579 10.29 -20.80 14.20
CA ALA A 579 9.27 -20.05 14.93
C ALA A 579 9.89 -19.12 15.97
N LEU A 580 10.99 -19.54 16.59
CA LEU A 580 11.69 -18.70 17.55
C LEU A 580 12.24 -17.45 16.87
N TYR A 581 12.79 -17.59 15.66
CA TYR A 581 13.20 -16.41 14.91
C TYR A 581 12.02 -15.52 14.57
N PHE A 582 10.93 -16.13 14.08
CA PHE A 582 9.77 -15.36 13.67
C PHE A 582 9.00 -14.75 14.84
N ASP A 583 9.34 -15.11 16.07
CA ASP A 583 8.77 -14.44 17.24
C ASP A 583 9.10 -12.95 17.21
N ASP A 584 10.36 -12.61 16.93
CA ASP A 584 10.85 -11.23 16.88
C ASP A 584 11.73 -11.03 15.64
N PHE A 585 11.20 -11.40 14.48
CA PHE A 585 11.97 -11.40 13.23
C PHE A 585 12.59 -10.05 12.88
N ASP A 586 12.18 -8.97 13.55
CA ASP A 586 12.77 -7.67 13.27
C ASP A 586 14.11 -7.53 13.98
N PHE A 587 14.16 -7.85 15.28
CA PHE A 587 15.35 -7.65 16.08
C PHE A 587 16.23 -8.89 16.21
N THR A 588 15.68 -10.08 15.97
CA THR A 588 16.48 -11.30 16.09
C THR A 588 17.68 -11.35 15.17
N PRO A 589 17.60 -11.01 13.87
CA PRO A 589 18.81 -11.09 13.03
C PRO A 589 19.95 -10.21 13.51
N LEU A 590 19.65 -9.02 14.03
CA LEU A 590 20.71 -8.20 14.62
C LEU A 590 21.19 -8.80 15.94
N MET A 591 20.25 -9.12 16.83
CA MET A 591 20.59 -9.56 18.19
C MET A 591 21.44 -10.82 18.18
N ILE A 592 21.26 -11.67 17.16
CA ILE A 592 22.21 -12.75 16.95
C ILE A 592 23.59 -12.20 16.62
N GLN A 593 23.65 -11.18 15.77
CA GLN A 593 24.93 -10.73 15.24
C GLN A 593 25.79 -10.00 16.26
N GLU A 594 25.19 -9.18 17.13
CA GLU A 594 26.06 -8.43 18.06
C GLU A 594 26.79 -9.35 19.03
N ASN A 595 26.26 -10.55 19.29
CA ASN A 595 26.91 -11.43 20.25
C ASN A 595 26.97 -12.86 19.74
N TYR A 596 27.31 -13.04 18.47
CA TYR A 596 27.60 -14.35 17.92
C TYR A 596 29.05 -14.77 18.14
N LEU A 597 29.89 -13.89 18.66
CA LEU A 597 31.29 -14.22 18.91
C LEU A 597 31.67 -14.12 20.38
N SER A 598 30.76 -13.68 21.24
CA SER A 598 31.03 -13.58 22.67
C SER A 598 30.57 -14.82 23.43
N THR A 599 30.54 -15.97 22.77
CA THR A 599 30.12 -17.23 23.39
C THR A 599 31.25 -18.24 23.29
N ARG A 600 31.51 -18.94 24.38
CA ARG A 600 32.47 -20.04 24.35
C ARG A 600 31.83 -21.21 23.61
N PRO A 601 32.42 -21.69 22.52
CA PRO A 601 31.76 -22.70 21.71
C PRO A 601 31.71 -24.06 22.38
N SER A 602 30.67 -24.82 22.05
CA SER A 602 30.51 -26.19 22.51
C SER A 602 30.11 -27.15 21.40
N VAL A 603 29.88 -26.64 20.19
CA VAL A 603 29.49 -27.46 19.06
C VAL A 603 30.58 -27.48 17.98
N LEU A 604 31.83 -27.29 18.38
CA LEU A 604 32.94 -27.25 17.43
C LEU A 604 33.16 -28.62 16.82
N LYS A 605 33.35 -28.64 15.49
CA LYS A 605 33.74 -29.88 14.83
C LYS A 605 35.18 -30.23 15.20
N PRO A 606 35.50 -31.53 15.32
CA PRO A 606 36.89 -31.93 15.57
C PRO A 606 37.86 -31.34 14.57
N GLY A 607 38.88 -30.63 15.07
CA GLY A 607 39.84 -29.96 14.23
C GLY A 607 39.47 -28.56 13.82
N GLN A 608 38.30 -28.06 14.21
CA GLN A 608 37.84 -26.72 13.86
C GLN A 608 38.01 -25.80 15.05
N SER A 609 38.74 -24.70 14.86
CA SER A 609 38.96 -23.73 15.91
C SER A 609 37.73 -22.83 16.08
N HIS A 610 37.73 -22.08 17.19
CA HIS A 610 36.62 -21.16 17.44
C HIS A 610 36.57 -20.05 16.40
N LEU A 611 37.73 -19.55 15.99
CA LEU A 611 37.77 -18.46 15.01
C LEU A 611 37.24 -18.92 13.66
N GLU A 612 37.49 -20.18 13.29
CA GLU A 612 36.93 -20.72 12.05
C GLU A 612 35.41 -20.78 12.12
N ALA A 613 34.86 -21.18 13.26
CA ALA A 613 33.41 -21.19 13.42
C ALA A 613 32.83 -19.78 13.36
N VAL A 614 33.54 -18.81 13.96
CA VAL A 614 33.08 -17.43 13.90
C VAL A 614 33.08 -16.93 12.46
N ALA A 615 34.12 -17.26 11.69
CA ALA A 615 34.17 -16.87 10.29
C ALA A 615 33.04 -17.52 9.49
N GLU A 616 32.76 -18.81 9.77
CA GLU A 616 31.65 -19.48 9.10
C GLU A 616 30.32 -18.80 9.41
N ALA A 617 30.11 -18.41 10.67
CA ALA A 617 28.89 -17.71 11.04
C ALA A 617 28.81 -16.34 10.35
N ALA A 618 29.94 -15.63 10.29
CA ALA A 618 29.96 -14.32 9.66
C ALA A 618 29.66 -14.40 8.18
N ASN A 619 30.12 -15.46 7.51
CA ASN A 619 29.81 -15.64 6.09
C ASN A 619 28.32 -15.74 5.85
N CYS A 620 27.61 -16.50 6.70
CA CYS A 620 26.17 -16.62 6.55
C CYS A 620 25.42 -15.37 7.00
N ILE A 621 25.94 -14.62 7.97
CA ILE A 621 25.36 -13.31 8.26
C ILE A 621 25.44 -12.41 7.03
N SER A 622 26.60 -12.40 6.36
CA SER A 622 26.76 -11.61 5.15
C SER A 622 25.81 -12.09 4.05
N LEU A 623 25.64 -13.42 3.92
CA LEU A 623 24.73 -13.96 2.92
C LEU A 623 23.29 -13.57 3.21
N GLY A 624 22.87 -13.63 4.47
CA GLY A 624 21.51 -13.23 4.83
C GLY A 624 21.27 -11.75 4.72
N ASP A 625 22.32 -10.94 4.77
CA ASP A 625 22.18 -9.51 4.52
C ASP A 625 21.61 -9.26 3.12
N ILE A 626 22.09 -10.00 2.13
CA ILE A 626 21.61 -9.82 0.76
C ILE A 626 20.14 -10.21 0.66
N VAL A 627 19.75 -11.29 1.34
CA VAL A 627 18.35 -11.73 1.30
C VAL A 627 17.46 -10.68 1.96
N GLU A 628 17.93 -10.10 3.08
CA GLU A 628 17.15 -9.02 3.72
C GLU A 628 17.02 -7.81 2.80
N LYS A 629 18.10 -7.45 2.10
CA LYS A 629 18.00 -6.33 1.15
C LYS A 629 17.01 -6.64 0.04
N LYS A 630 17.03 -7.87 -0.48
CA LYS A 630 16.11 -8.23 -1.56
C LYS A 630 14.67 -8.28 -1.07
N ILE A 631 14.44 -8.67 0.18
CA ILE A 631 13.11 -8.61 0.76
C ILE A 631 12.65 -7.16 0.85
N ARG A 632 13.49 -6.29 1.39
CA ARG A 632 13.15 -4.89 1.56
C ARG A 632 13.72 -4.07 0.40
N SER A 633 13.10 -4.23 -0.76
CA SER A 633 13.55 -3.56 -1.98
C SER A 633 12.30 -3.12 -2.74
N SER A 634 12.48 -2.75 -4.01
CA SER A 634 11.34 -2.35 -4.83
C SER A 634 10.39 -3.52 -5.07
N GLU A 635 10.94 -4.72 -5.29
CA GLU A 635 10.11 -5.88 -5.58
C GLU A 635 9.29 -6.33 -4.37
N GLN A 636 9.87 -6.21 -3.17
CA GLN A 636 9.22 -6.61 -1.92
C GLN A 636 8.81 -8.09 -1.98
N LEU A 637 9.82 -8.95 -2.11
CA LEU A 637 9.62 -10.39 -2.14
C LEU A 637 9.62 -10.90 -0.72
N TRP A 638 8.44 -10.90 -0.10
CA TRP A 638 8.30 -11.24 1.31
C TRP A 638 8.12 -12.73 1.56
N SER A 639 8.20 -13.55 0.51
CA SER A 639 8.20 -15.00 0.69
C SER A 639 9.57 -15.54 1.05
N LEU A 640 10.58 -14.68 1.12
CA LEU A 640 11.94 -15.08 1.47
C LEU A 640 12.22 -14.96 2.97
N LEU A 641 11.22 -14.63 3.78
CA LEU A 641 11.43 -14.54 5.22
C LEU A 641 11.88 -15.85 5.85
N PRO A 642 11.28 -17.01 5.55
CA PRO A 642 11.84 -18.27 6.08
C PRO A 642 13.27 -18.52 5.66
N LEU A 643 13.66 -18.08 4.46
CA LEU A 643 15.08 -18.12 4.08
C LEU A 643 15.92 -17.25 5.00
N HIS A 644 15.44 -16.03 5.28
CA HIS A 644 16.20 -15.12 6.13
C HIS A 644 16.34 -15.66 7.53
N ALA A 645 15.34 -16.40 8.02
CA ALA A 645 15.45 -17.07 9.31
C ALA A 645 16.71 -17.92 9.38
N VAL A 646 16.82 -18.91 8.49
CA VAL A 646 17.97 -19.81 8.50
C VAL A 646 19.26 -19.05 8.22
N LEU A 647 19.24 -18.14 7.24
CA LEU A 647 20.49 -17.52 6.82
C LEU A 647 21.00 -16.50 7.82
N SER A 648 20.16 -16.02 8.73
CA SER A 648 20.59 -14.97 9.63
C SER A 648 20.61 -15.35 11.10
N SER A 649 19.79 -16.29 11.54
CA SER A 649 19.75 -16.63 12.96
C SER A 649 20.06 -18.09 13.25
N VAL A 650 19.54 -19.00 12.43
CA VAL A 650 19.69 -20.43 12.73
C VAL A 650 21.13 -20.88 12.46
N TYR A 651 21.58 -20.73 11.22
CA TYR A 651 22.93 -21.19 10.86
C TYR A 651 24.03 -20.44 11.60
N PRO A 652 24.05 -19.11 11.68
CA PRO A 652 25.15 -18.46 12.42
C PRO A 652 25.21 -18.84 13.88
N ALA A 653 24.07 -19.10 14.53
CA ALA A 653 24.08 -19.56 15.90
C ALA A 653 24.34 -21.05 16.02
N SER A 654 24.30 -21.79 14.90
CA SER A 654 24.57 -23.23 14.94
C SER A 654 26.05 -23.54 14.98
N LYS A 655 26.92 -22.54 14.86
CA LYS A 655 28.36 -22.74 14.88
C LYS A 655 29.04 -22.16 16.11
N VAL A 656 28.35 -21.34 16.89
CA VAL A 656 28.98 -20.64 18.01
C VAL A 656 28.19 -20.90 19.29
N ALA A 657 27.43 -21.98 19.32
CA ALA A 657 26.60 -22.28 20.47
C ALA A 657 27.45 -22.77 21.65
N GLY A 658 26.90 -22.61 22.84
CA GLY A 658 27.56 -23.02 24.06
C GLY A 658 27.31 -22.00 25.15
N HIS A 659 27.97 -22.20 26.29
CA HIS A 659 27.85 -21.25 27.38
C HIS A 659 28.54 -19.94 27.03
N MET A 660 28.11 -18.86 27.65
CA MET A 660 28.42 -17.51 27.23
C MET A 660 29.56 -16.91 28.05
N ALA A 661 30.26 -15.95 27.43
CA ALA A 661 31.24 -15.17 28.17
C ALA A 661 30.58 -14.10 29.02
N GLY A 662 29.46 -13.54 28.55
CA GLY A 662 28.77 -12.50 29.28
C GLY A 662 27.28 -12.51 28.97
N ARG A 663 26.59 -11.53 29.55
CA ARG A 663 25.15 -11.38 29.37
C ARG A 663 24.86 -10.82 27.98
N ILE A 664 23.67 -11.15 27.46
CA ILE A 664 23.28 -10.76 26.10
C ILE A 664 23.39 -9.26 25.93
N ASN A 665 24.11 -8.83 24.90
CA ASN A 665 24.32 -7.42 24.63
C ASN A 665 23.27 -6.94 23.64
N PHE A 666 22.62 -5.83 23.96
CA PHE A 666 21.58 -5.28 23.11
C PHE A 666 22.16 -4.84 21.77
N THR A 667 21.31 -4.83 20.75
CA THR A 667 21.72 -4.41 19.41
C THR A 667 22.35 -3.03 19.45
N ALA A 668 23.66 -2.99 19.26
CA ALA A 668 24.38 -1.73 19.21
C ALA A 668 24.34 -1.10 17.83
N TRP A 669 23.88 -1.82 16.80
CA TRP A 669 23.83 -1.27 15.46
C TRP A 669 22.86 -0.11 15.35
N LEU A 670 21.82 -0.08 16.19
CA LEU A 670 20.84 0.99 16.13
C LEU A 670 21.46 2.34 16.52
N GLY A 671 22.18 2.37 17.65
CA GLY A 671 22.77 3.61 18.11
C GLY A 671 23.87 4.13 17.20
N GLN A 672 24.74 3.23 16.73
CA GLN A 672 25.78 3.65 15.80
C GLN A 672 25.19 4.05 14.45
N ASN A 673 24.08 3.42 14.04
CA ASN A 673 23.40 3.88 12.83
C ASN A 673 22.85 5.28 13.01
N SER A 674 22.29 5.57 14.19
CA SER A 674 21.81 6.92 14.45
C SER A 674 22.94 7.94 14.43
N LYS A 675 24.07 7.60 15.06
CA LYS A 675 25.22 8.52 15.08
C LYS A 675 25.78 8.70 13.66
N SER A 676 25.82 7.64 12.88
CA SER A 676 26.27 7.74 11.49
C SER A 676 25.34 8.62 10.68
N ALA A 677 24.03 8.50 10.89
CA ALA A 677 23.08 9.35 10.18
C ALA A 677 23.26 10.81 10.54
N LYS A 678 23.49 11.09 11.83
CA LYS A 678 23.75 12.48 12.23
C LYS A 678 25.04 13.00 11.61
N TYR A 679 26.08 12.16 11.56
CA TYR A 679 27.32 12.56 10.92
C TYR A 679 27.12 12.84 9.43
N TYR A 680 26.34 11.99 8.76
CA TYR A 680 26.01 12.25 7.37
C TYR A 680 25.34 13.61 7.22
N ARG A 681 24.26 13.83 7.98
CA ARG A 681 23.50 15.07 7.87
C ARG A 681 24.40 16.28 8.09
N LEU A 682 25.32 16.18 9.05
CA LEU A 682 26.31 17.24 9.23
C LEU A 682 27.19 17.42 8.00
N LEU A 683 27.58 16.31 7.36
CA LEU A 683 28.50 16.44 6.23
C LEU A 683 27.81 17.05 5.01
N GLN A 684 26.58 16.62 4.68
CA GLN A 684 25.87 17.32 3.61
C GLN A 684 25.54 18.75 4.00
N GLU A 685 25.33 19.04 5.28
CA GLU A 685 25.10 20.42 5.69
C GLU A 685 26.33 21.29 5.40
N ILE A 686 27.51 20.84 5.83
CA ILE A 686 28.71 21.62 5.60
C ILE A 686 29.09 21.61 4.12
N HIS A 687 28.61 20.63 3.36
CA HIS A 687 28.85 20.62 1.92
C HIS A 687 27.96 21.65 1.21
N TYR A 688 26.71 21.80 1.67
CA TYR A 688 25.87 22.88 1.15
C TYR A 688 26.45 24.24 1.52
N HIS A 689 26.96 24.37 2.75
CA HIS A 689 27.47 25.66 3.20
C HIS A 689 28.77 26.04 2.49
N THR A 690 29.60 25.05 2.16
CA THR A 690 30.93 25.36 1.62
C THR A 690 30.91 25.75 0.15
N ARG A 691 29.79 25.58 -0.55
CA ARG A 691 29.75 25.91 -1.97
C ARG A 691 29.22 27.32 -2.19
N THR B 4 -30.59 -24.15 -16.32
CA THR B 4 -29.53 -24.45 -15.36
C THR B 4 -29.96 -25.54 -14.39
N LEU B 5 -29.14 -26.58 -14.28
CA LEU B 5 -29.46 -27.70 -13.42
C LEU B 5 -29.29 -27.33 -11.95
N SER B 6 -29.99 -28.07 -11.09
CA SER B 6 -29.86 -27.90 -9.66
C SER B 6 -28.61 -28.65 -9.16
N LEU B 7 -28.21 -28.35 -7.93
CA LEU B 7 -27.04 -28.96 -7.33
C LEU B 7 -27.40 -29.66 -6.04
N GLN B 8 -26.86 -30.86 -5.85
CA GLN B 8 -27.02 -31.59 -4.60
C GLN B 8 -26.14 -30.98 -3.52
N LEU B 9 -26.62 -31.03 -2.29
CA LEU B 9 -25.87 -30.47 -1.18
C LEU B 9 -24.60 -31.29 -0.97
N PRO B 10 -23.44 -30.64 -0.87
CA PRO B 10 -22.19 -31.39 -0.68
C PRO B 10 -22.19 -32.16 0.64
N TRP B 11 -21.46 -33.28 0.65
CA TRP B 11 -21.41 -34.15 1.82
C TRP B 11 -20.75 -33.47 3.02
N VAL B 12 -20.04 -32.36 2.79
CA VAL B 12 -19.37 -31.65 3.88
C VAL B 12 -20.39 -31.16 4.89
N GLU B 13 -21.48 -30.54 4.43
CA GLU B 13 -22.51 -30.06 5.33
C GLU B 13 -23.81 -30.83 5.24
N LYS B 14 -23.95 -31.74 4.27
CA LYS B 14 -25.09 -32.65 4.27
C LYS B 14 -25.00 -33.62 5.44
N TYR B 15 -23.79 -33.95 5.87
CA TYR B 15 -23.55 -34.81 7.02
C TYR B 15 -22.79 -34.06 8.12
N ARG B 16 -22.95 -32.75 8.19
CA ARG B 16 -22.32 -31.97 9.25
C ARG B 16 -22.91 -32.37 10.60
N PRO B 17 -22.08 -32.66 11.59
CA PRO B 17 -22.60 -33.08 12.90
C PRO B 17 -23.44 -32.00 13.56
N GLN B 18 -24.44 -32.45 14.31
CA GLN B 18 -25.29 -31.55 15.09
C GLN B 18 -25.24 -31.81 16.58
N VAL B 19 -24.64 -32.92 17.01
CA VAL B 19 -24.54 -33.30 18.41
C VAL B 19 -23.07 -33.51 18.74
N LEU B 20 -22.69 -33.19 19.97
CA LEU B 20 -21.29 -33.34 20.38
C LEU B 20 -20.83 -34.79 20.35
N SER B 21 -21.75 -35.75 20.43
CA SER B 21 -21.38 -37.15 20.30
C SER B 21 -21.08 -37.56 18.87
N ASP B 22 -21.51 -36.76 17.89
CA ASP B 22 -21.28 -37.11 16.48
C ASP B 22 -19.83 -36.88 16.09
N ILE B 23 -19.23 -35.78 16.53
CA ILE B 23 -17.86 -35.48 16.16
C ILE B 23 -16.91 -36.45 16.83
N VAL B 24 -15.98 -37.00 16.06
CA VAL B 24 -14.98 -37.95 16.54
C VAL B 24 -13.61 -37.29 16.42
N GLY B 25 -12.82 -37.38 17.49
CA GLY B 25 -11.53 -36.74 17.53
C GLY B 25 -10.85 -36.90 18.87
N ASN B 26 -10.33 -35.80 19.42
CA ASN B 26 -9.75 -35.82 20.75
C ASN B 26 -10.80 -36.18 21.78
N LYS B 27 -10.69 -37.38 22.35
CA LYS B 27 -11.75 -37.89 23.24
C LYS B 27 -11.87 -37.03 24.50
N GLU B 28 -10.74 -36.63 25.08
CA GLU B 28 -10.77 -35.80 26.28
C GLU B 28 -11.42 -34.45 26.00
N THR B 29 -11.10 -33.85 24.85
CA THR B 29 -11.68 -32.56 24.49
C THR B 29 -13.19 -32.66 24.31
N ILE B 30 -13.65 -33.69 23.62
CA ILE B 30 -15.08 -33.85 23.39
C ILE B 30 -15.81 -34.17 24.69
N ASP B 31 -15.19 -34.97 25.55
CA ASP B 31 -15.79 -35.23 26.87
C ASP B 31 -15.88 -33.95 27.70
N ARG B 32 -14.86 -33.10 27.63
CA ARG B 32 -14.92 -31.82 28.32
C ARG B 32 -16.02 -30.94 27.76
N LEU B 33 -16.18 -30.92 26.43
CA LEU B 33 -17.25 -30.14 25.83
C LEU B 33 -18.62 -30.67 26.24
N GLN B 34 -18.77 -31.99 26.31
CA GLN B 34 -20.03 -32.58 26.77
C GLN B 34 -20.29 -32.24 28.23
N GLN B 35 -19.25 -32.22 29.06
CA GLN B 35 -19.42 -31.85 30.46
C GLN B 35 -19.85 -30.40 30.60
N ILE B 36 -19.25 -29.51 29.81
CA ILE B 36 -19.69 -28.11 29.80
C ILE B 36 -21.13 -28.01 29.31
N ALA B 37 -21.49 -28.84 28.33
CA ALA B 37 -22.86 -28.84 27.81
C ALA B 37 -23.86 -29.24 28.89
N LYS B 38 -23.55 -30.29 29.66
CA LYS B 38 -24.46 -30.74 30.71
C LYS B 38 -24.50 -29.73 31.85
N ASP B 39 -23.35 -29.20 32.26
CA ASP B 39 -23.30 -28.27 33.39
C ASP B 39 -23.94 -26.94 33.01
N GLY B 40 -23.39 -26.28 32.01
CA GLY B 40 -23.94 -25.01 31.56
C GLY B 40 -22.99 -23.84 31.69
N ASN B 41 -22.19 -23.82 32.75
CA ASN B 41 -21.27 -22.72 33.02
C ASN B 41 -20.10 -22.82 32.05
N MET B 42 -20.31 -22.26 30.86
CA MET B 42 -19.27 -22.28 29.82
C MET B 42 -18.27 -21.17 30.08
N PRO B 43 -16.98 -21.48 30.16
CA PRO B 43 -15.96 -20.43 30.26
C PRO B 43 -15.51 -19.99 28.87
N HIS B 44 -14.81 -18.86 28.84
CA HIS B 44 -14.25 -18.37 27.59
C HIS B 44 -13.20 -19.34 27.08
N MET B 45 -13.30 -19.71 25.80
CA MET B 45 -12.42 -20.72 25.24
C MET B 45 -11.83 -20.24 23.92
N ILE B 46 -10.62 -20.70 23.64
CA ILE B 46 -9.92 -20.41 22.40
C ILE B 46 -9.57 -21.76 21.78
N ILE B 47 -10.35 -22.16 20.77
CA ILE B 47 -10.12 -23.44 20.10
C ILE B 47 -9.17 -23.24 18.94
N SER B 48 -8.07 -23.99 18.94
CA SER B 48 -7.05 -23.86 17.90
C SER B 48 -6.62 -25.23 17.43
N GLY B 49 -6.16 -25.29 16.18
CA GLY B 49 -5.71 -26.54 15.62
C GLY B 49 -5.54 -26.41 14.11
N MET B 50 -5.23 -27.54 13.48
CA MET B 50 -5.06 -27.58 12.04
C MET B 50 -6.39 -27.37 11.34
N PRO B 51 -6.37 -26.91 10.09
CA PRO B 51 -7.63 -26.78 9.34
C PRO B 51 -8.29 -28.12 9.09
N GLY B 52 -9.62 -28.11 9.12
CA GLY B 52 -10.41 -29.26 8.72
C GLY B 52 -10.56 -30.36 9.75
N ILE B 53 -10.10 -30.15 10.98
CA ILE B 53 -10.17 -31.19 12.00
C ILE B 53 -11.36 -30.97 12.94
N GLY B 54 -12.32 -30.16 12.54
CA GLY B 54 -13.55 -30.01 13.31
C GLY B 54 -13.44 -29.04 14.47
N LYS B 55 -13.15 -27.77 14.19
CA LYS B 55 -13.10 -26.75 15.22
C LYS B 55 -14.40 -25.95 15.32
N THR B 56 -14.81 -25.33 14.21
CA THR B 56 -16.00 -24.49 14.26
C THR B 56 -17.28 -25.31 14.37
N THR B 57 -17.27 -26.55 13.88
CA THR B 57 -18.46 -27.39 14.00
C THR B 57 -18.72 -27.77 15.46
N SER B 58 -17.65 -28.02 16.23
CA SER B 58 -17.81 -28.31 17.64
C SER B 58 -18.37 -27.09 18.39
N VAL B 59 -17.88 -25.90 18.05
CA VAL B 59 -18.39 -24.68 18.68
C VAL B 59 -19.87 -24.49 18.36
N HIS B 60 -20.24 -24.69 17.09
CA HIS B 60 -21.64 -24.52 16.71
C HIS B 60 -22.53 -25.55 17.39
N CYS B 61 -22.07 -26.81 17.48
CA CYS B 61 -22.87 -27.83 18.15
C CYS B 61 -23.02 -27.54 19.64
N LEU B 62 -21.94 -27.07 20.28
CA LEU B 62 -22.01 -26.72 21.70
C LEU B 62 -22.98 -25.57 21.92
N ALA B 63 -22.92 -24.54 21.07
CA ALA B 63 -23.84 -23.42 21.20
C ALA B 63 -25.28 -23.86 20.98
N HIS B 64 -25.51 -24.74 19.99
CA HIS B 64 -26.85 -25.24 19.75
C HIS B 64 -27.38 -26.01 20.95
N GLU B 65 -26.55 -26.88 21.52
CA GLU B 65 -27.00 -27.63 22.69
C GLU B 65 -27.27 -26.71 23.88
N LEU B 66 -26.45 -25.69 24.07
CA LEU B 66 -26.64 -24.77 25.20
C LEU B 66 -27.83 -23.86 25.03
N LEU B 67 -28.17 -23.45 23.80
CA LEU B 67 -29.22 -22.47 23.57
C LEU B 67 -30.20 -22.98 22.50
N GLY B 68 -30.61 -24.24 22.61
CA GLY B 68 -31.66 -24.80 21.78
C GLY B 68 -32.84 -23.91 21.42
N ARG B 69 -33.34 -23.14 22.38
CA ARG B 69 -34.51 -22.31 22.13
C ARG B 69 -34.17 -20.86 21.81
N SER B 70 -33.00 -20.37 22.23
CA SER B 70 -32.64 -18.96 22.06
C SER B 70 -31.35 -18.79 21.26
N TYR B 71 -31.07 -19.73 20.37
CA TYR B 71 -29.89 -19.61 19.50
C TYR B 71 -30.00 -18.40 18.59
N ALA B 72 -31.18 -18.16 18.03
CA ALA B 72 -31.35 -17.06 17.09
C ALA B 72 -31.27 -15.70 17.77
N ASP B 73 -31.36 -15.64 19.09
CA ASP B 73 -31.40 -14.38 19.81
C ASP B 73 -30.14 -14.12 20.65
N GLY B 74 -29.57 -15.16 21.26
CA GLY B 74 -28.47 -14.97 22.18
C GLY B 74 -27.15 -15.56 21.75
N VAL B 75 -26.95 -15.73 20.44
CA VAL B 75 -25.69 -16.19 19.89
C VAL B 75 -25.31 -15.26 18.75
N LEU B 76 -24.14 -14.62 18.87
CA LEU B 76 -23.64 -13.72 17.84
C LEU B 76 -22.49 -14.41 17.11
N GLU B 77 -22.59 -14.44 15.79
CA GLU B 77 -21.59 -15.10 14.94
C GLU B 77 -20.93 -14.05 14.06
N LEU B 78 -19.63 -13.84 14.24
CA LEU B 78 -18.87 -12.93 13.41
C LEU B 78 -17.62 -13.63 12.91
N ASN B 79 -17.10 -13.15 11.78
CA ASN B 79 -15.96 -13.76 11.11
C ASN B 79 -15.27 -12.69 10.28
N ALA B 80 -14.25 -13.11 9.51
CA ALA B 80 -13.54 -12.15 8.67
C ALA B 80 -14.42 -11.60 7.55
N SER B 81 -15.50 -12.31 7.19
CA SER B 81 -16.42 -11.79 6.19
C SER B 81 -17.18 -10.57 6.69
N ASP B 82 -17.26 -10.37 8.00
CA ASP B 82 -17.87 -9.18 8.57
C ASP B 82 -16.82 -8.12 8.83
N ASP B 83 -17.30 -6.88 9.03
CA ASP B 83 -16.42 -5.74 9.24
C ASP B 83 -15.86 -5.73 10.66
N ARG B 84 -15.01 -6.71 10.95
CA ARG B 84 -14.44 -6.80 12.29
C ARG B 84 -13.38 -5.73 12.50
N GLY B 85 -13.80 -4.49 12.74
CA GLY B 85 -12.90 -3.40 13.06
C GLY B 85 -13.31 -2.79 14.38
N ILE B 86 -12.51 -1.81 14.82
CA ILE B 86 -12.67 -1.27 16.17
C ILE B 86 -14.05 -0.66 16.38
N ASP B 87 -14.56 0.08 15.39
CA ASP B 87 -15.87 0.70 15.53
C ASP B 87 -16.98 -0.34 15.58
N VAL B 88 -16.96 -1.29 14.62
CA VAL B 88 -18.02 -2.28 14.56
C VAL B 88 -17.91 -3.25 15.73
N VAL B 89 -16.69 -3.67 16.08
CA VAL B 89 -16.54 -4.53 17.25
C VAL B 89 -17.07 -3.85 18.50
N ARG B 90 -16.65 -2.59 18.73
CA ARG B 90 -17.13 -1.85 19.88
C ARG B 90 -18.66 -1.79 19.91
N ASN B 91 -19.26 -1.24 18.85
CA ASN B 91 -20.70 -1.01 18.84
C ASN B 91 -21.48 -2.32 18.96
N GLN B 92 -21.18 -3.29 18.09
CA GLN B 92 -21.98 -4.51 18.05
C GLN B 92 -21.77 -5.37 19.29
N ILE B 93 -20.51 -5.59 19.70
CA ILE B 93 -20.25 -6.44 20.85
C ILE B 93 -20.77 -5.80 22.13
N LYS B 94 -20.67 -4.46 22.25
CA LYS B 94 -21.21 -3.82 23.44
C LYS B 94 -22.74 -3.80 23.44
N HIS B 95 -23.36 -3.73 22.27
CA HIS B 95 -24.82 -3.82 22.23
C HIS B 95 -25.28 -5.23 22.57
N PHE B 96 -24.52 -6.25 22.14
CA PHE B 96 -24.90 -7.63 22.42
C PHE B 96 -24.62 -8.01 23.88
N ALA B 97 -23.53 -7.52 24.44
CA ALA B 97 -23.14 -7.91 25.79
C ALA B 97 -23.98 -7.24 26.87
N GLN B 98 -24.67 -6.15 26.53
CA GLN B 98 -25.56 -5.49 27.47
C GLN B 98 -27.03 -5.79 27.22
N LYS B 99 -27.36 -6.46 26.11
CA LYS B 99 -28.75 -6.79 25.81
C LYS B 99 -29.31 -7.69 26.90
N LYS B 100 -30.52 -7.38 27.35
CA LYS B 100 -31.16 -8.11 28.43
C LYS B 100 -31.97 -9.25 27.85
N LEU B 101 -31.45 -10.47 27.93
CA LEU B 101 -32.12 -11.66 27.45
C LEU B 101 -32.17 -12.67 28.60
N HIS B 102 -33.37 -13.13 28.94
CA HIS B 102 -33.56 -14.01 30.10
C HIS B 102 -33.30 -15.44 29.68
N LEU B 103 -32.04 -15.84 29.73
CA LEU B 103 -31.64 -17.20 29.45
C LEU B 103 -31.96 -18.10 30.65
N PRO B 104 -31.98 -19.42 30.46
CA PRO B 104 -32.07 -20.33 31.60
C PRO B 104 -30.92 -20.12 32.57
N PRO B 105 -31.09 -20.51 33.84
CA PRO B 105 -30.10 -20.14 34.87
C PRO B 105 -28.67 -20.58 34.56
N GLY B 106 -28.49 -21.74 33.95
CA GLY B 106 -27.16 -22.19 33.61
C GLY B 106 -26.64 -21.77 32.26
N LYS B 107 -27.45 -21.05 31.48
CA LYS B 107 -27.10 -20.71 30.10
C LYS B 107 -26.72 -19.24 29.99
N HIS B 108 -25.63 -18.96 29.28
CA HIS B 108 -25.14 -17.62 29.06
C HIS B 108 -25.12 -17.31 27.58
N LYS B 109 -25.10 -16.02 27.25
CA LYS B 109 -24.91 -15.61 25.86
C LYS B 109 -23.53 -16.02 25.38
N ILE B 110 -23.45 -16.41 24.11
CA ILE B 110 -22.21 -16.91 23.52
C ILE B 110 -21.90 -16.07 22.30
N VAL B 111 -20.72 -15.46 22.28
CA VAL B 111 -20.28 -14.64 21.16
C VAL B 111 -19.18 -15.43 20.46
N ILE B 112 -19.51 -16.01 19.31
CA ILE B 112 -18.59 -16.86 18.57
C ILE B 112 -17.83 -15.98 17.57
N LEU B 113 -16.50 -16.07 17.59
CA LEU B 113 -15.65 -15.34 16.66
C LEU B 113 -14.85 -16.36 15.85
N ASP B 114 -15.39 -16.77 14.70
CA ASP B 114 -14.65 -17.64 13.81
C ASP B 114 -13.42 -16.92 13.26
N GLU B 115 -12.34 -17.68 13.09
CA GLU B 115 -11.07 -17.23 12.52
C GLU B 115 -10.63 -15.87 13.08
N ALA B 116 -10.45 -15.85 14.39
CA ALA B 116 -10.03 -14.66 15.11
C ALA B 116 -8.55 -14.36 14.93
N ASP B 117 -7.80 -15.21 14.23
CA ASP B 117 -6.38 -14.96 14.01
C ASP B 117 -6.14 -13.70 13.17
N SER B 118 -6.97 -13.46 12.16
CA SER B 118 -6.82 -12.31 11.28
C SER B 118 -7.46 -11.05 11.84
N MET B 119 -7.69 -10.98 13.15
CA MET B 119 -8.38 -9.84 13.72
C MET B 119 -7.39 -8.84 14.28
N THR B 120 -7.69 -7.55 14.08
CA THR B 120 -6.74 -6.49 14.34
C THR B 120 -6.44 -6.36 15.84
N ALA B 121 -5.26 -5.80 16.15
CA ALA B 121 -4.79 -5.73 17.52
C ALA B 121 -5.68 -4.82 18.37
N GLY B 122 -6.08 -3.67 17.84
CA GLY B 122 -6.92 -2.76 18.61
C GLY B 122 -8.28 -3.35 18.93
N ALA B 123 -8.84 -4.12 18.00
CA ALA B 123 -10.09 -4.82 18.25
C ALA B 123 -9.94 -5.83 19.37
N GLN B 124 -8.82 -6.55 19.40
CA GLN B 124 -8.56 -7.47 20.51
C GLN B 124 -8.37 -6.73 21.82
N GLN B 125 -7.74 -5.56 21.79
CA GLN B 125 -7.60 -4.76 23.00
C GLN B 125 -8.95 -4.32 23.54
N ALA B 126 -9.86 -3.91 22.66
CA ALA B 126 -11.21 -3.58 23.09
C ALA B 126 -11.93 -4.81 23.62
N LEU B 127 -11.74 -5.96 22.97
CA LEU B 127 -12.35 -7.19 23.43
C LEU B 127 -11.89 -7.57 24.82
N ARG B 128 -10.64 -7.30 25.16
CA ARG B 128 -10.14 -7.59 26.50
C ARG B 128 -11.00 -6.88 27.55
N ARG B 129 -11.23 -5.58 27.35
CA ARG B 129 -12.00 -4.80 28.31
C ARG B 129 -13.45 -5.28 28.34
N THR B 130 -14.01 -5.61 27.17
CA THR B 130 -15.39 -6.09 27.10
C THR B 130 -15.55 -7.41 27.85
N MET B 131 -14.61 -8.33 27.67
CA MET B 131 -14.63 -9.60 28.41
C MET B 131 -14.51 -9.36 29.90
N GLU B 132 -13.67 -8.41 30.32
CA GLU B 132 -13.50 -8.19 31.75
C GLU B 132 -14.74 -7.58 32.38
N LEU B 133 -15.43 -6.69 31.66
CA LEU B 133 -16.69 -6.16 32.19
C LEU B 133 -17.80 -7.22 32.17
N TYR B 134 -18.17 -7.69 31.00
CA TYR B 134 -19.34 -8.54 30.83
C TYR B 134 -18.88 -10.00 30.74
N SER B 135 -18.85 -10.67 31.89
CA SER B 135 -18.50 -12.08 31.97
C SER B 135 -19.55 -12.94 32.64
N ASN B 136 -20.44 -12.34 33.44
CA ASN B 136 -21.52 -13.08 34.07
C ASN B 136 -22.78 -13.12 33.22
N SER B 137 -22.75 -12.54 32.03
CA SER B 137 -23.88 -12.57 31.11
C SER B 137 -23.51 -13.12 29.74
N THR B 138 -22.31 -12.84 29.25
CA THR B 138 -21.87 -13.31 27.95
C THR B 138 -20.50 -13.95 28.06
N ARG B 139 -20.28 -15.00 27.25
CA ARG B 139 -19.01 -15.73 27.23
C ARG B 139 -18.53 -15.82 25.80
N PHE B 140 -17.28 -15.44 25.56
CA PHE B 140 -16.72 -15.44 24.22
C PHE B 140 -16.25 -16.84 23.84
N ALA B 141 -16.03 -17.02 22.53
CA ALA B 141 -15.58 -18.32 22.02
C ALA B 141 -14.87 -18.08 20.70
N PHE B 142 -13.55 -18.23 20.69
CA PHE B 142 -12.74 -18.05 19.49
C PHE B 142 -12.47 -19.39 18.82
N ALA B 143 -12.15 -19.32 17.52
CA ALA B 143 -11.78 -20.52 16.76
C ALA B 143 -10.84 -20.08 15.65
N CYS B 144 -9.54 -20.23 15.90
CA CYS B 144 -8.50 -19.78 14.97
C CYS B 144 -7.56 -20.94 14.66
N ASN B 145 -6.98 -20.90 13.46
CA ASN B 145 -6.04 -21.95 13.07
C ASN B 145 -4.80 -21.93 13.95
N GLN B 146 -4.25 -20.75 14.21
CA GLN B 146 -3.11 -20.58 15.10
C GLN B 146 -3.46 -19.58 16.20
N SER B 147 -3.08 -19.91 17.42
CA SER B 147 -3.37 -19.06 18.58
C SER B 147 -2.26 -18.04 18.84
N ASN B 148 -1.21 -18.03 18.01
CA ASN B 148 -0.13 -17.06 18.21
C ASN B 148 -0.58 -15.64 17.86
N LYS B 149 -1.54 -15.51 16.94
CA LYS B 149 -2.00 -14.18 16.55
C LYS B 149 -2.75 -13.48 17.68
N ILE B 150 -3.50 -14.25 18.47
CA ILE B 150 -4.27 -13.67 19.58
C ILE B 150 -3.31 -13.15 20.64
N ILE B 151 -3.60 -11.96 21.16
CA ILE B 151 -2.69 -11.32 22.11
C ILE B 151 -2.68 -12.10 23.42
N GLU B 152 -1.64 -11.83 24.23
CA GLU B 152 -1.47 -12.56 25.49
C GLU B 152 -2.59 -12.34 26.49
N PRO B 153 -3.09 -11.12 26.77
CA PRO B 153 -4.16 -10.99 27.77
C PRO B 153 -5.43 -11.75 27.41
N LEU B 154 -5.77 -11.85 26.12
CA LEU B 154 -6.96 -12.60 25.74
C LEU B 154 -6.81 -14.07 26.08
N GLN B 155 -5.63 -14.64 25.85
CA GLN B 155 -5.36 -16.01 26.28
C GLN B 155 -5.34 -16.11 27.80
N SER B 156 -4.93 -15.03 28.48
CA SER B 156 -4.93 -15.03 29.94
C SER B 156 -6.33 -15.13 30.50
N ARG B 157 -7.29 -14.43 29.90
CA ARG B 157 -8.66 -14.41 30.41
C ARG B 157 -9.55 -15.49 29.81
N CYS B 158 -9.01 -16.33 28.93
CA CYS B 158 -9.77 -17.42 28.32
C CYS B 158 -9.25 -18.76 28.84
N ALA B 159 -9.81 -19.83 28.29
CA ALA B 159 -9.42 -21.20 28.62
C ALA B 159 -8.94 -21.87 27.33
N ILE B 160 -7.62 -21.96 27.16
CA ILE B 160 -7.05 -22.47 25.91
C ILE B 160 -7.37 -23.94 25.77
N LEU B 161 -7.95 -24.30 24.63
CA LEU B 161 -8.35 -25.67 24.34
C LEU B 161 -7.90 -25.99 22.92
N ARG B 162 -6.82 -26.77 22.80
CA ARG B 162 -6.20 -27.05 21.51
C ARG B 162 -6.66 -28.40 20.98
N TYR B 163 -6.94 -28.44 19.68
CA TYR B 163 -7.25 -29.68 18.99
C TYR B 163 -5.98 -30.28 18.40
N SER B 164 -6.09 -31.55 17.98
CA SER B 164 -4.97 -32.27 17.38
C SER B 164 -5.45 -32.99 16.14
N LYS B 165 -4.50 -33.30 15.25
CA LYS B 165 -4.82 -33.99 14.02
C LYS B 165 -5.42 -35.36 14.31
N LEU B 166 -6.48 -35.70 13.60
CA LEU B 166 -7.16 -36.97 13.82
C LEU B 166 -6.30 -38.12 13.36
N SER B 167 -6.37 -39.22 14.10
CA SER B 167 -5.73 -40.45 13.67
C SER B 167 -6.52 -41.04 12.50
N ASP B 168 -5.86 -41.96 11.78
CA ASP B 168 -6.51 -42.61 10.64
C ASP B 168 -7.70 -43.45 11.06
N GLU B 169 -7.73 -43.94 12.30
CA GLU B 169 -8.86 -44.74 12.76
C GLU B 169 -10.14 -43.91 12.82
N ASP B 170 -10.04 -42.67 13.31
CA ASP B 170 -11.24 -41.84 13.42
C ASP B 170 -11.76 -41.42 12.05
N VAL B 171 -10.85 -41.09 11.12
CA VAL B 171 -11.25 -40.76 9.76
C VAL B 171 -11.90 -41.98 9.10
N LEU B 172 -11.34 -43.16 9.32
CA LEU B 172 -11.94 -44.38 8.80
C LEU B 172 -13.32 -44.61 9.37
N LYS B 173 -13.49 -44.38 10.68
CA LYS B 173 -14.79 -44.58 11.32
C LYS B 173 -15.83 -43.63 10.74
N ARG B 174 -15.47 -42.36 10.58
CA ARG B 174 -16.42 -41.41 10.01
C ARG B 174 -16.74 -41.75 8.55
N LEU B 175 -15.74 -42.18 7.79
CA LEU B 175 -15.97 -42.54 6.40
C LEU B 175 -16.92 -43.72 6.29
N LEU B 176 -16.73 -44.75 7.11
CA LEU B 176 -17.67 -45.88 7.12
C LEU B 176 -19.05 -45.46 7.59
N GLN B 177 -19.13 -44.53 8.54
CA GLN B 177 -20.45 -44.04 8.96
C GLN B 177 -21.18 -43.36 7.81
N ILE B 178 -20.48 -42.52 7.05
CA ILE B 178 -21.11 -41.84 5.92
C ILE B 178 -21.46 -42.84 4.82
N ILE B 179 -20.60 -43.84 4.60
CA ILE B 179 -20.87 -44.84 3.57
C ILE B 179 -22.07 -45.70 3.97
N LYS B 180 -22.27 -45.93 5.26
CA LYS B 180 -23.49 -46.59 5.69
C LYS B 180 -24.70 -45.68 5.53
N LEU B 181 -24.50 -44.37 5.72
CA LEU B 181 -25.60 -43.42 5.57
C LEU B 181 -26.09 -43.36 4.13
N GLU B 182 -25.18 -43.31 3.16
CA GLU B 182 -25.55 -43.25 1.75
C GLU B 182 -24.90 -44.41 1.01
N ASP B 183 -25.69 -45.12 0.22
CA ASP B 183 -25.22 -46.35 -0.41
C ASP B 183 -24.16 -46.06 -1.45
N VAL B 184 -23.03 -46.77 -1.37
CA VAL B 184 -21.94 -46.64 -2.33
C VAL B 184 -21.04 -47.87 -2.24
N LYS B 185 -20.56 -48.33 -3.39
CA LYS B 185 -19.64 -49.46 -3.44
C LYS B 185 -18.20 -48.97 -3.25
N TYR B 186 -17.47 -49.61 -2.34
CA TYR B 186 -16.12 -49.17 -2.02
C TYR B 186 -15.19 -50.37 -1.93
N THR B 187 -13.91 -50.11 -2.15
CA THR B 187 -12.85 -51.08 -1.92
C THR B 187 -11.98 -50.57 -0.79
N ASN B 188 -11.53 -51.49 0.07
CA ASN B 188 -10.70 -51.10 1.20
C ASN B 188 -9.43 -50.38 0.76
N ASP B 189 -8.87 -50.78 -0.39
CA ASP B 189 -7.71 -50.07 -0.93
C ASP B 189 -8.07 -48.63 -1.27
N GLY B 190 -9.26 -48.40 -1.82
CA GLY B 190 -9.68 -47.03 -2.10
C GLY B 190 -9.82 -46.19 -0.86
N LEU B 191 -10.40 -46.76 0.20
CA LEU B 191 -10.52 -46.02 1.46
C LEU B 191 -9.16 -45.73 2.06
N GLU B 192 -8.22 -46.69 2.00
CA GLU B 192 -6.88 -46.43 2.50
C GLU B 192 -6.18 -45.35 1.69
N ALA B 193 -6.38 -45.35 0.37
CA ALA B 193 -5.81 -44.29 -0.45
C ALA B 193 -6.39 -42.93 -0.11
N ILE B 194 -7.70 -42.87 0.12
CA ILE B 194 -8.34 -41.61 0.50
C ILE B 194 -7.81 -41.11 1.83
N ILE B 195 -7.67 -42.01 2.81
CA ILE B 195 -7.14 -41.62 4.12
C ILE B 195 -5.71 -41.14 4.01
N PHE B 196 -4.89 -41.83 3.19
CA PHE B 196 -3.50 -41.42 3.01
C PHE B 196 -3.43 -40.05 2.35
N THR B 197 -4.31 -39.78 1.38
CA THR B 197 -4.32 -38.47 0.73
C THR B 197 -4.79 -37.38 1.68
N ALA B 198 -5.75 -37.69 2.55
CA ALA B 198 -6.32 -36.69 3.44
C ALA B 198 -5.29 -36.17 4.44
N GLU B 199 -4.44 -37.06 4.97
CA GLU B 199 -3.39 -36.70 5.93
C GLU B 199 -3.97 -36.04 7.18
N GLY B 200 -5.07 -36.60 7.69
CA GLY B 200 -5.71 -36.12 8.89
C GLY B 200 -6.80 -35.11 8.66
N ASP B 201 -6.89 -34.53 7.46
CA ASP B 201 -7.92 -33.56 7.14
C ASP B 201 -9.20 -34.30 6.79
N MET B 202 -10.19 -34.24 7.69
CA MET B 202 -11.45 -34.93 7.44
C MET B 202 -12.22 -34.30 6.28
N ARG B 203 -12.20 -32.97 6.19
CA ARG B 203 -12.89 -32.30 5.08
C ARG B 203 -12.28 -32.68 3.74
N GLN B 204 -10.96 -32.79 3.67
CA GLN B 204 -10.31 -33.25 2.45
C GLN B 204 -10.72 -34.67 2.10
N ALA B 205 -10.82 -35.54 3.11
CA ALA B 205 -11.26 -36.91 2.87
C ALA B 205 -12.67 -36.94 2.32
N ILE B 206 -13.57 -36.13 2.88
CA ILE B 206 -14.96 -36.11 2.41
C ILE B 206 -15.04 -35.58 0.99
N ASN B 207 -14.29 -34.51 0.70
CA ASN B 207 -14.28 -33.97 -0.67
C ASN B 207 -13.75 -34.98 -1.66
N ASN B 208 -12.66 -35.67 -1.31
CA ASN B 208 -12.09 -36.67 -2.21
C ASN B 208 -13.05 -37.83 -2.42
N LEU B 209 -13.72 -38.28 -1.35
CA LEU B 209 -14.69 -39.37 -1.48
C LEU B 209 -15.85 -38.96 -2.38
N GLN B 210 -16.39 -37.75 -2.18
CA GLN B 210 -17.49 -37.29 -3.00
C GLN B 210 -17.09 -37.16 -4.47
N SER B 211 -15.90 -36.59 -4.71
CA SER B 211 -15.43 -36.44 -6.08
C SER B 211 -15.23 -37.79 -6.75
N THR B 212 -14.65 -38.76 -6.02
CA THR B 212 -14.44 -40.09 -6.60
C THR B 212 -15.76 -40.78 -6.89
N VAL B 213 -16.73 -40.69 -5.98
CA VAL B 213 -18.03 -41.31 -6.19
C VAL B 213 -18.73 -40.69 -7.41
N ALA B 214 -18.68 -39.36 -7.53
CA ALA B 214 -19.32 -38.72 -8.67
C ALA B 214 -18.61 -39.04 -9.97
N GLY B 215 -17.28 -39.11 -9.96
CA GLY B 215 -16.54 -39.36 -11.18
C GLY B 215 -16.65 -40.79 -11.69
N HIS B 216 -16.61 -41.76 -10.78
CA HIS B 216 -16.62 -43.16 -11.17
C HIS B 216 -17.80 -43.94 -10.60
N GLY B 217 -18.08 -43.79 -9.30
CA GLY B 217 -19.11 -44.55 -8.63
C GLY B 217 -18.59 -45.68 -7.78
N LEU B 218 -17.34 -46.08 -7.97
CA LEU B 218 -16.70 -47.10 -7.16
C LEU B 218 -15.47 -46.50 -6.49
N VAL B 219 -15.36 -46.66 -5.17
CA VAL B 219 -14.25 -46.10 -4.40
C VAL B 219 -13.14 -47.15 -4.46
N ASN B 220 -12.34 -47.09 -5.52
CA ASN B 220 -11.21 -47.98 -5.72
C ASN B 220 -9.93 -47.17 -5.78
N ALA B 221 -8.80 -47.86 -5.61
CA ALA B 221 -7.51 -47.17 -5.56
C ALA B 221 -7.21 -46.43 -6.86
N ASP B 222 -7.46 -47.09 -8.00
CA ASP B 222 -7.20 -46.45 -9.29
C ASP B 222 -8.08 -45.23 -9.50
N ASN B 223 -9.37 -45.33 -9.15
CA ASN B 223 -10.26 -44.19 -9.29
C ASN B 223 -9.84 -43.03 -8.40
N VAL B 224 -9.46 -43.34 -7.15
CA VAL B 224 -9.05 -42.29 -6.22
C VAL B 224 -7.79 -41.60 -6.73
N PHE B 225 -6.80 -42.38 -7.18
CA PHE B 225 -5.59 -41.78 -7.71
C PHE B 225 -5.82 -41.05 -9.01
N LYS B 226 -6.87 -41.39 -9.75
CA LYS B 226 -7.21 -40.61 -10.95
C LYS B 226 -7.84 -39.27 -10.57
N ILE B 227 -8.73 -39.26 -9.58
CA ILE B 227 -9.39 -38.01 -9.18
C ILE B 227 -8.39 -37.07 -8.52
N VAL B 228 -7.60 -37.57 -7.56
CA VAL B 228 -6.63 -36.77 -6.85
C VAL B 228 -5.24 -37.36 -7.06
N ASP B 229 -4.29 -36.49 -7.39
CA ASP B 229 -2.92 -36.92 -7.59
C ASP B 229 -2.20 -37.11 -6.26
N SER B 230 -1.02 -37.71 -6.33
CA SER B 230 -0.20 -37.84 -5.13
C SER B 230 0.22 -36.46 -4.65
N PRO B 231 0.21 -36.21 -3.34
CA PRO B 231 0.60 -34.89 -2.84
C PRO B 231 2.05 -34.57 -3.17
N HIS B 232 2.29 -33.31 -3.52
CA HIS B 232 3.63 -32.88 -3.90
C HIS B 232 4.65 -32.89 -2.77
N PRO B 233 4.29 -32.67 -1.49
CA PRO B 233 5.31 -32.84 -0.43
C PRO B 233 5.92 -34.23 -0.40
N LEU B 234 5.12 -35.28 -0.65
CA LEU B 234 5.66 -36.64 -0.58
C LEU B 234 6.63 -36.91 -1.73
N ILE B 235 6.27 -36.51 -2.96
CA ILE B 235 7.16 -36.75 -4.08
C ILE B 235 8.41 -35.89 -3.96
N VAL B 236 8.27 -34.67 -3.44
CA VAL B 236 9.45 -33.82 -3.23
C VAL B 236 10.37 -34.42 -2.17
N LYS B 237 9.79 -34.96 -1.09
CA LYS B 237 10.59 -35.60 -0.06
C LYS B 237 11.30 -36.84 -0.60
N LYS B 238 10.62 -37.60 -1.46
CA LYS B 238 11.26 -38.73 -2.12
C LYS B 238 12.41 -38.26 -3.00
N MET B 239 12.22 -37.14 -3.69
CA MET B 239 13.28 -36.58 -4.53
C MET B 239 14.49 -36.17 -3.70
N LEU B 240 14.26 -35.54 -2.55
CA LEU B 240 15.37 -35.02 -1.75
C LEU B 240 16.09 -36.14 -1.01
N LEU B 241 15.35 -37.10 -0.47
CA LEU B 241 15.97 -38.16 0.33
C LEU B 241 16.77 -39.14 -0.53
N ALA B 242 16.34 -39.35 -1.77
CA ALA B 242 17.00 -40.34 -2.62
C ALA B 242 18.39 -39.88 -3.01
N SER B 243 19.34 -40.81 -2.94
CA SER B 243 20.70 -40.59 -3.42
C SER B 243 20.75 -40.93 -4.91
N ASN B 244 21.95 -41.09 -5.47
CA ASN B 244 22.13 -41.46 -6.88
C ASN B 244 21.48 -40.42 -7.80
N LEU B 245 22.14 -39.25 -7.83
CA LEU B 245 21.67 -38.01 -8.44
C LEU B 245 20.80 -38.19 -9.68
N GLU B 246 21.20 -39.10 -10.58
CA GLU B 246 20.40 -39.36 -11.78
C GLU B 246 18.98 -39.76 -11.42
N ASP B 247 18.81 -40.53 -10.34
CA ASP B 247 17.47 -40.94 -9.93
C ASP B 247 16.64 -39.74 -9.49
N SER B 248 17.21 -38.82 -8.72
CA SER B 248 16.48 -37.63 -8.32
C SER B 248 16.16 -36.75 -9.53
N ILE B 249 17.10 -36.66 -10.48
CA ILE B 249 16.88 -35.87 -11.69
C ILE B 249 15.70 -36.43 -12.49
N GLN B 250 15.66 -37.75 -12.66
CA GLN B 250 14.57 -38.33 -13.43
C GLN B 250 13.26 -38.30 -12.65
N ILE B 251 13.32 -38.42 -11.32
CA ILE B 251 12.11 -38.28 -10.51
C ILE B 251 11.52 -36.88 -10.69
N LEU B 252 12.37 -35.86 -10.65
CA LEU B 252 11.91 -34.49 -10.90
C LEU B 252 11.31 -34.38 -12.29
N ARG B 253 12.09 -34.71 -13.32
CA ARG B 253 11.65 -34.53 -14.70
C ARG B 253 10.40 -35.34 -15.03
N THR B 254 10.12 -36.42 -14.31
CA THR B 254 8.95 -37.23 -14.58
C THR B 254 7.72 -36.84 -13.76
N ASP B 255 7.88 -36.56 -12.47
CA ASP B 255 6.75 -36.36 -11.59
C ASP B 255 6.49 -34.91 -11.20
N LEU B 256 7.32 -33.97 -11.62
CA LEU B 256 7.06 -32.57 -11.29
C LEU B 256 7.11 -31.65 -12.50
N TRP B 257 7.97 -31.94 -13.47
CA TRP B 257 8.08 -31.06 -14.63
C TRP B 257 7.01 -31.38 -15.67
N LYS B 258 6.96 -32.64 -16.11
CA LYS B 258 5.97 -33.04 -17.11
C LYS B 258 4.55 -33.10 -16.54
N LYS B 259 4.39 -33.03 -15.22
CA LYS B 259 3.07 -32.98 -14.61
C LYS B 259 2.60 -31.56 -14.36
N GLY B 260 3.30 -30.56 -14.92
CA GLY B 260 2.86 -29.18 -14.83
C GLY B 260 2.89 -28.56 -13.47
N TYR B 261 3.95 -28.78 -12.70
CA TYR B 261 4.16 -28.09 -11.44
C TYR B 261 5.12 -26.94 -11.66
N SER B 262 4.74 -25.75 -11.19
CA SER B 262 5.57 -24.57 -11.36
C SER B 262 6.85 -24.70 -10.55
N SER B 263 7.92 -24.06 -11.06
CA SER B 263 9.21 -24.14 -10.40
C SER B 263 9.17 -23.51 -9.01
N ILE B 264 8.42 -22.42 -8.86
CA ILE B 264 8.29 -21.78 -7.56
C ILE B 264 7.66 -22.72 -6.56
N ASP B 265 6.63 -23.46 -6.98
CA ASP B 265 5.97 -24.43 -6.11
C ASP B 265 6.93 -25.52 -5.70
N ILE B 266 7.74 -26.02 -6.65
CA ILE B 266 8.70 -27.08 -6.34
C ILE B 266 9.73 -26.60 -5.33
N VAL B 267 10.24 -25.37 -5.52
CA VAL B 267 11.27 -24.86 -4.62
C VAL B 267 10.70 -24.62 -3.22
N THR B 268 9.50 -24.04 -3.13
CA THR B 268 8.89 -23.81 -1.82
C THR B 268 8.57 -25.12 -1.12
N THR B 269 8.08 -26.11 -1.87
CA THR B 269 7.81 -27.42 -1.28
C THR B 269 9.10 -28.07 -0.79
N SER B 270 10.19 -27.93 -1.55
CA SER B 270 11.48 -28.46 -1.12
C SER B 270 11.94 -27.79 0.15
N PHE B 271 11.76 -26.47 0.25
CA PHE B 271 12.14 -25.76 1.46
C PHE B 271 11.34 -26.26 2.65
N ARG B 272 10.03 -26.42 2.49
CA ARG B 272 9.21 -26.90 3.60
C ARG B 272 9.57 -28.33 4.00
N VAL B 273 9.82 -29.19 3.02
CA VAL B 273 10.16 -30.58 3.30
C VAL B 273 11.49 -30.66 4.05
N THR B 274 12.50 -29.96 3.55
CA THR B 274 13.81 -29.99 4.22
C THR B 274 13.80 -29.24 5.54
N LYS B 275 12.83 -28.36 5.77
CA LYS B 275 12.67 -27.78 7.10
C LYS B 275 12.07 -28.79 8.07
N ASN B 276 11.06 -29.53 7.62
CA ASN B 276 10.38 -30.51 8.46
C ASN B 276 11.02 -31.90 8.40
N LEU B 277 12.11 -32.06 7.66
CA LEU B 277 12.76 -33.36 7.56
C LEU B 277 13.39 -33.75 8.89
N ALA B 278 13.37 -35.05 9.18
CA ALA B 278 13.90 -35.56 10.44
C ALA B 278 14.87 -36.72 10.30
N GLN B 279 14.97 -37.35 9.12
CA GLN B 279 15.86 -38.49 8.96
C GLN B 279 17.33 -38.09 9.03
N VAL B 280 17.67 -36.93 8.48
CA VAL B 280 19.06 -36.51 8.41
C VAL B 280 19.38 -35.55 9.55
N LYS B 281 20.67 -35.35 9.79
CA LYS B 281 21.13 -34.53 10.91
C LYS B 281 20.87 -33.05 10.65
N GLU B 282 21.24 -32.23 11.64
CA GLU B 282 20.91 -30.81 11.57
C GLU B 282 21.78 -30.06 10.57
N SER B 283 23.08 -30.36 10.53
CA SER B 283 24.00 -29.60 9.69
C SER B 283 23.68 -29.77 8.22
N VAL B 284 23.39 -31.01 7.79
CA VAL B 284 23.05 -31.25 6.39
C VAL B 284 21.75 -30.56 6.04
N ARG B 285 20.79 -30.55 6.97
CA ARG B 285 19.55 -29.81 6.72
C ARG B 285 19.82 -28.32 6.56
N LEU B 286 20.70 -27.76 7.38
CA LEU B 286 21.01 -26.34 7.27
C LEU B 286 21.65 -26.01 5.92
N GLU B 287 22.62 -26.83 5.52
CA GLU B 287 23.28 -26.61 4.21
C GLU B 287 22.23 -26.73 3.10
N MET B 288 21.41 -27.79 3.13
CA MET B 288 20.41 -27.99 2.08
C MET B 288 19.45 -26.80 2.02
N ILE B 289 19.07 -26.26 3.18
CA ILE B 289 18.23 -25.07 3.19
C ILE B 289 18.96 -23.90 2.53
N LYS B 290 20.26 -23.78 2.80
CA LYS B 290 21.04 -22.70 2.19
C LYS B 290 21.05 -22.82 0.67
N GLU B 291 21.29 -24.03 0.14
CA GLU B 291 21.33 -24.21 -1.31
C GLU B 291 19.96 -24.02 -1.95
N ILE B 292 18.91 -24.57 -1.31
CA ILE B 292 17.55 -24.39 -1.82
C ILE B 292 17.15 -22.93 -1.78
N GLY B 293 17.63 -22.19 -0.77
CA GLY B 293 17.36 -20.76 -0.72
C GLY B 293 18.07 -19.98 -1.81
N LEU B 294 19.30 -20.37 -2.13
CA LEU B 294 19.98 -19.76 -3.28
C LEU B 294 19.21 -19.99 -4.56
N THR B 295 18.72 -21.22 -4.75
CA THR B 295 17.90 -21.52 -5.92
C THR B 295 16.58 -20.75 -5.89
N HIS B 296 15.99 -20.58 -4.71
CA HIS B 296 14.76 -19.79 -4.58
C HIS B 296 14.99 -18.33 -4.96
N MET B 297 16.12 -17.78 -4.55
CA MET B 297 16.47 -16.41 -4.94
C MET B 297 16.61 -16.31 -6.46
N ARG B 298 17.27 -17.29 -7.07
CA ARG B 298 17.40 -17.29 -8.53
C ARG B 298 16.05 -17.39 -9.22
N ILE B 299 15.16 -18.25 -8.70
CA ILE B 299 13.85 -18.42 -9.31
C ILE B 299 13.02 -17.14 -9.18
N LEU B 300 13.02 -16.54 -7.99
CA LEU B 300 12.24 -15.33 -7.77
C LEU B 300 12.78 -14.15 -8.55
N GLU B 301 14.09 -14.12 -8.82
CA GLU B 301 14.64 -13.05 -9.64
C GLU B 301 14.14 -13.12 -11.07
N GLY B 302 13.70 -14.31 -11.52
CA GLY B 302 13.09 -14.43 -12.82
C GLY B 302 13.59 -15.61 -13.63
N VAL B 303 14.70 -16.21 -13.21
CA VAL B 303 15.33 -17.28 -14.00
C VAL B 303 14.67 -18.59 -13.55
N GLY B 304 13.51 -18.86 -14.14
CA GLY B 304 12.80 -20.09 -13.85
C GLY B 304 12.86 -21.09 -14.97
N THR B 305 13.72 -22.11 -14.83
CA THR B 305 13.89 -23.14 -15.84
C THR B 305 14.08 -24.48 -15.15
N TYR B 306 14.12 -25.54 -15.96
CA TYR B 306 14.41 -26.87 -15.43
C TYR B 306 15.85 -26.98 -14.96
N LEU B 307 16.77 -26.25 -15.60
CA LEU B 307 18.18 -26.40 -15.27
C LEU B 307 18.51 -25.84 -13.90
N GLN B 308 17.78 -24.83 -13.44
CA GLN B 308 18.00 -24.33 -12.08
C GLN B 308 17.64 -25.37 -11.03
N LEU B 309 16.51 -26.06 -11.22
CA LEU B 309 16.14 -27.14 -10.30
C LEU B 309 17.12 -28.29 -10.38
N ALA B 310 17.59 -28.62 -11.59
CA ALA B 310 18.59 -29.67 -11.73
C ALA B 310 19.88 -29.30 -11.02
N SER B 311 20.29 -28.04 -11.11
CA SER B 311 21.49 -27.59 -10.41
C SER B 311 21.30 -27.60 -8.90
N MET B 312 20.10 -27.25 -8.43
CA MET B 312 19.84 -27.34 -6.99
C MET B 312 19.96 -28.78 -6.51
N LEU B 313 19.40 -29.72 -7.27
CA LEU B 313 19.53 -31.13 -6.92
C LEU B 313 20.99 -31.58 -6.98
N ALA B 314 21.75 -31.09 -7.97
CA ALA B 314 23.15 -31.46 -8.07
C ALA B 314 23.95 -30.95 -6.88
N LYS B 315 23.71 -29.72 -6.45
CA LYS B 315 24.38 -29.19 -5.27
C LYS B 315 23.99 -29.96 -4.01
N ILE B 316 22.71 -30.32 -3.90
CA ILE B 316 22.25 -31.14 -2.78
C ILE B 316 22.95 -32.49 -2.76
N HIS B 317 23.12 -33.11 -3.93
CA HIS B 317 23.74 -34.43 -3.97
C HIS B 317 25.24 -34.34 -3.72
N LYS B 318 25.90 -33.28 -4.20
CA LYS B 318 27.30 -33.07 -3.90
C LYS B 318 27.50 -32.86 -2.39
N LEU B 319 26.56 -32.17 -1.75
CA LEU B 319 26.55 -32.08 -0.30
C LEU B 319 26.38 -33.44 0.34
N ASN B 320 25.45 -34.25 -0.18
CA ASN B 320 25.12 -35.53 0.43
C ASN B 320 26.30 -36.50 0.37
N ASN B 321 27.01 -36.53 -0.75
CA ASN B 321 28.18 -37.41 -0.87
C ASN B 321 29.42 -36.83 -0.19
N LYS B 322 29.28 -35.71 0.52
CA LYS B 322 30.37 -35.08 1.27
C LYS B 322 31.55 -34.75 0.37
N ALA B 323 31.24 -34.15 -0.79
CA ALA B 323 32.23 -33.75 -1.78
C ALA B 323 33.13 -34.90 -2.21
N GLU C 6 -15.07 -5.92 -28.78
CA GLU C 6 -14.11 -5.88 -29.87
C GLU C 6 -14.55 -4.91 -30.96
N LYS C 7 -13.83 -4.89 -32.08
CA LYS C 7 -14.10 -3.97 -33.17
C LYS C 7 -13.88 -4.67 -34.50
N ARG C 8 -14.77 -4.39 -35.46
CA ARG C 8 -14.65 -4.89 -36.84
C ARG C 8 -14.66 -6.42 -36.88
N SER C 9 -15.43 -7.04 -35.98
CA SER C 9 -15.64 -8.48 -35.95
C SER C 9 -14.32 -9.25 -35.80
N LYS C 10 -14.34 -10.54 -36.13
CA LYS C 10 -13.13 -11.35 -36.11
C LYS C 10 -12.33 -11.08 -37.38
N GLU C 11 -11.30 -11.91 -37.61
CA GLU C 11 -10.32 -11.80 -38.68
C GLU C 11 -9.42 -10.58 -38.53
N ASN C 12 -9.64 -9.74 -37.52
CA ASN C 12 -8.73 -8.68 -37.13
C ASN C 12 -8.17 -8.91 -35.73
N LEU C 13 -8.25 -10.15 -35.25
CA LEU C 13 -7.76 -10.56 -33.95
C LEU C 13 -6.53 -11.42 -34.09
N PRO C 14 -5.67 -11.48 -33.08
CA PRO C 14 -4.56 -12.42 -33.10
C PRO C 14 -5.08 -13.86 -33.05
N TRP C 15 -4.29 -14.78 -33.61
CA TRP C 15 -4.68 -16.18 -33.61
C TRP C 15 -4.73 -16.78 -32.22
N VAL C 16 -4.16 -16.11 -31.23
CA VAL C 16 -4.25 -16.58 -29.84
C VAL C 16 -5.70 -16.61 -29.39
N GLU C 17 -6.45 -15.55 -29.70
CA GLU C 17 -7.82 -15.42 -29.24
C GLU C 17 -8.85 -15.51 -30.36
N LYS C 18 -8.43 -15.49 -31.63
CA LYS C 18 -9.35 -15.83 -32.70
C LYS C 18 -9.74 -17.30 -32.64
N TYR C 19 -8.90 -18.15 -32.07
CA TYR C 19 -9.17 -19.56 -31.87
C TYR C 19 -9.22 -19.80 -30.36
N ARG C 20 -10.40 -19.57 -29.78
CA ARG C 20 -10.62 -19.78 -28.37
C ARG C 20 -11.71 -20.83 -28.19
N PRO C 21 -11.53 -21.82 -27.33
CA PRO C 21 -12.54 -22.87 -27.18
C PRO C 21 -13.84 -22.32 -26.61
N GLU C 22 -14.90 -22.41 -27.41
CA GLU C 22 -16.23 -22.01 -27.00
C GLU C 22 -17.10 -23.20 -26.62
N THR C 23 -16.52 -24.40 -26.58
CA THR C 23 -17.25 -25.62 -26.23
C THR C 23 -16.28 -26.55 -25.53
N LEU C 24 -16.78 -27.31 -24.55
CA LEU C 24 -15.94 -28.24 -23.83
C LEU C 24 -15.41 -29.37 -24.70
N ASP C 25 -16.02 -29.59 -25.87
CA ASP C 25 -15.49 -30.58 -26.80
C ASP C 25 -14.25 -30.07 -27.51
N GLU C 26 -14.13 -28.76 -27.72
CA GLU C 26 -13.01 -28.20 -28.46
C GLU C 26 -11.76 -28.08 -27.61
N VAL C 27 -11.84 -28.30 -26.30
CA VAL C 27 -10.67 -28.22 -25.43
C VAL C 27 -9.90 -29.53 -25.56
N TYR C 28 -8.76 -29.49 -26.25
CA TYR C 28 -7.93 -30.67 -26.46
C TYR C 28 -6.91 -30.82 -25.34
N GLY C 29 -6.24 -31.97 -25.31
CA GLY C 29 -5.19 -32.20 -24.32
C GLY C 29 -5.63 -32.62 -22.96
N GLN C 30 -6.61 -31.92 -22.38
CA GLN C 30 -7.12 -32.27 -21.07
C GLN C 30 -8.31 -33.20 -21.25
N ASN C 31 -8.11 -34.48 -20.96
CA ASN C 31 -9.14 -35.48 -21.14
C ASN C 31 -9.82 -35.88 -19.83
N GLU C 32 -9.03 -36.25 -18.81
CA GLU C 32 -9.61 -36.61 -17.53
C GLU C 32 -10.36 -35.43 -16.91
N VAL C 33 -9.76 -34.24 -16.97
CA VAL C 33 -10.39 -33.06 -16.37
C VAL C 33 -11.70 -32.73 -17.07
N ILE C 34 -11.70 -32.72 -18.40
CA ILE C 34 -12.90 -32.36 -19.15
C ILE C 34 -13.99 -33.40 -18.95
N THR C 35 -13.64 -34.69 -19.00
CA THR C 35 -14.64 -35.73 -18.82
C THR C 35 -15.22 -35.70 -17.41
N THR C 36 -14.38 -35.50 -16.40
CA THR C 36 -14.87 -35.43 -15.03
C THR C 36 -15.78 -34.22 -14.84
N VAL C 37 -15.42 -33.07 -15.42
CA VAL C 37 -16.25 -31.88 -15.29
C VAL C 37 -17.59 -32.07 -15.99
N ARG C 38 -17.58 -32.70 -17.18
CA ARG C 38 -18.82 -32.98 -17.89
C ARG C 38 -19.71 -33.92 -17.09
N LYS C 39 -19.11 -34.96 -16.49
CA LYS C 39 -19.90 -35.86 -15.65
C LYS C 39 -20.45 -35.14 -14.43
N PHE C 40 -19.66 -34.24 -13.84
CA PHE C 40 -20.12 -33.44 -12.71
C PHE C 40 -21.36 -32.65 -13.07
N VAL C 41 -21.30 -31.91 -14.19
CA VAL C 41 -22.43 -31.03 -14.52
C VAL C 41 -23.63 -31.83 -15.02
N ASP C 42 -23.41 -32.95 -15.71
CA ASP C 42 -24.53 -33.75 -16.17
C ASP C 42 -25.23 -34.46 -15.02
N GLU C 43 -24.46 -35.00 -14.07
CA GLU C 43 -25.06 -35.65 -12.92
C GLU C 43 -25.77 -34.65 -12.02
N GLY C 44 -25.29 -33.40 -12.00
CA GLY C 44 -25.91 -32.35 -11.23
C GLY C 44 -25.10 -31.87 -10.04
N LYS C 45 -24.03 -32.56 -9.64
CA LYS C 45 -23.21 -32.16 -8.51
C LYS C 45 -21.97 -31.47 -9.03
N LEU C 46 -21.77 -30.21 -8.63
CA LEU C 46 -20.63 -29.41 -9.07
C LEU C 46 -19.91 -28.86 -7.85
N PRO C 47 -18.85 -29.51 -7.39
CA PRO C 47 -18.11 -29.02 -6.23
C PRO C 47 -17.29 -27.79 -6.58
N HIS C 48 -16.74 -27.16 -5.55
CA HIS C 48 -15.88 -26.00 -5.74
C HIS C 48 -14.63 -26.40 -6.51
N LEU C 49 -14.54 -25.95 -7.76
CA LEU C 49 -13.45 -26.34 -8.64
C LEU C 49 -12.23 -25.49 -8.40
N LEU C 50 -11.05 -26.10 -8.54
CA LEU C 50 -9.78 -25.40 -8.46
C LEU C 50 -8.92 -25.89 -9.63
N PHE C 51 -8.66 -25.00 -10.58
CA PHE C 51 -7.90 -25.35 -11.77
C PHE C 51 -6.47 -24.85 -11.62
N TYR C 52 -5.52 -25.77 -11.73
CA TYR C 52 -4.11 -25.48 -11.52
C TYR C 52 -3.29 -26.07 -12.65
N GLY C 53 -2.38 -25.27 -13.21
CA GLY C 53 -1.54 -25.73 -14.29
C GLY C 53 -0.70 -24.63 -14.90
N PRO C 54 0.20 -25.00 -15.80
CA PRO C 54 1.06 -24.02 -16.47
C PRO C 54 0.25 -23.14 -17.40
N PRO C 55 0.77 -21.96 -17.75
CA PRO C 55 0.05 -21.10 -18.69
C PRO C 55 -0.13 -21.74 -20.05
N GLY C 56 -1.25 -21.43 -20.69
CA GLY C 56 -1.56 -21.93 -22.01
C GLY C 56 -2.16 -23.31 -22.04
N THR C 57 -2.41 -23.94 -20.88
CA THR C 57 -2.96 -25.29 -20.87
C THR C 57 -4.45 -25.30 -21.17
N GLY C 58 -5.16 -24.23 -20.87
CA GLY C 58 -6.58 -24.18 -21.17
C GLY C 58 -7.48 -24.10 -19.97
N LYS C 59 -7.02 -23.43 -18.91
CA LYS C 59 -7.80 -23.37 -17.68
C LYS C 59 -8.98 -22.41 -17.82
N THR C 60 -8.70 -21.14 -18.12
CA THR C 60 -9.78 -20.17 -18.24
C THR C 60 -10.66 -20.46 -19.45
N SER C 61 -10.09 -21.03 -20.52
CA SER C 61 -10.91 -21.48 -21.63
C SER C 61 -11.89 -22.56 -21.20
N THR C 62 -11.41 -23.52 -20.40
CA THR C 62 -12.28 -24.58 -19.91
C THR C 62 -13.38 -24.02 -19.02
N ILE C 63 -13.05 -23.10 -18.10
CA ILE C 63 -14.09 -22.60 -17.20
C ILE C 63 -15.08 -21.71 -17.95
N VAL C 64 -14.63 -20.96 -18.95
CA VAL C 64 -15.55 -20.14 -19.72
C VAL C 64 -16.49 -21.02 -20.55
N ALA C 65 -15.95 -22.06 -21.19
CA ALA C 65 -16.80 -22.99 -21.93
C ALA C 65 -17.77 -23.70 -20.99
N LEU C 66 -17.32 -24.05 -19.78
CA LEU C 66 -18.19 -24.69 -18.81
C LEU C 66 -19.32 -23.77 -18.39
N ALA C 67 -19.01 -22.51 -18.10
CA ALA C 67 -20.06 -21.55 -17.74
C ALA C 67 -21.04 -21.35 -18.89
N ARG C 68 -20.53 -21.29 -20.12
CA ARG C 68 -21.41 -21.15 -21.27
C ARG C 68 -22.32 -22.37 -21.42
N GLU C 69 -21.80 -23.56 -21.18
CA GLU C 69 -22.63 -24.76 -21.29
C GLU C 69 -23.66 -24.82 -20.17
N ILE C 70 -23.28 -24.42 -18.96
CA ILE C 70 -24.22 -24.45 -17.83
C ILE C 70 -25.35 -23.45 -18.03
N TYR C 71 -25.00 -22.21 -18.36
CA TYR C 71 -25.99 -21.13 -18.40
C TYR C 71 -26.56 -20.92 -19.80
N GLY C 72 -25.68 -20.64 -20.78
CA GLY C 72 -26.14 -20.38 -22.13
C GLY C 72 -25.35 -19.29 -22.81
N LYS C 73 -26.00 -18.53 -23.68
CA LYS C 73 -25.33 -17.45 -24.41
C LYS C 73 -25.19 -16.18 -23.57
N ASN C 74 -25.86 -16.09 -22.43
CA ASN C 74 -25.81 -14.92 -21.57
C ASN C 74 -25.00 -15.20 -20.30
N TYR C 75 -23.94 -16.00 -20.41
CA TYR C 75 -23.13 -16.33 -19.24
C TYR C 75 -22.33 -15.15 -18.72
N SER C 76 -22.13 -14.12 -19.55
CA SER C 76 -21.24 -13.02 -19.16
C SER C 76 -21.78 -12.28 -17.94
N ASN C 77 -23.08 -12.01 -17.91
CA ASN C 77 -23.70 -11.31 -16.79
C ASN C 77 -24.33 -12.23 -15.76
N MET C 78 -24.32 -13.55 -15.99
CA MET C 78 -24.82 -14.50 -15.02
C MET C 78 -23.73 -15.01 -14.08
N VAL C 79 -22.47 -14.70 -14.33
CA VAL C 79 -21.36 -15.11 -13.48
C VAL C 79 -20.64 -13.85 -13.00
N LEU C 80 -19.83 -14.03 -11.97
CA LEU C 80 -19.04 -12.95 -11.38
C LEU C 80 -17.58 -13.33 -11.50
N GLU C 81 -16.92 -12.87 -12.56
CA GLU C 81 -15.51 -13.13 -12.77
C GLU C 81 -14.70 -11.96 -12.25
N LEU C 82 -13.83 -12.22 -11.29
CA LEU C 82 -13.03 -11.19 -10.64
C LEU C 82 -11.56 -11.47 -10.92
N ASN C 83 -10.95 -10.63 -11.75
CA ASN C 83 -9.56 -10.77 -12.14
C ASN C 83 -8.65 -9.94 -11.24
N ALA C 84 -7.34 -10.17 -11.37
CA ALA C 84 -6.38 -9.28 -10.73
C ALA C 84 -6.39 -7.89 -11.36
N SER C 85 -6.86 -7.78 -12.60
CA SER C 85 -7.05 -6.47 -13.21
C SER C 85 -8.11 -5.68 -12.45
N ASP C 86 -9.17 -6.34 -12.02
CA ASP C 86 -10.16 -5.71 -11.17
C ASP C 86 -9.66 -5.71 -9.71
N ASP C 87 -10.18 -4.78 -8.93
CA ASP C 87 -9.84 -4.73 -7.52
C ASP C 87 -10.44 -5.93 -6.79
N ARG C 88 -9.62 -6.60 -5.99
CA ARG C 88 -10.06 -7.77 -5.25
C ARG C 88 -9.55 -7.72 -3.81
N GLY C 89 -9.65 -6.54 -3.19
CA GLY C 89 -9.34 -6.41 -1.79
C GLY C 89 -10.38 -7.08 -0.94
N ILE C 90 -10.16 -7.03 0.38
CA ILE C 90 -11.13 -7.65 1.28
C ILE C 90 -12.44 -6.88 1.32
N ASP C 91 -12.43 -5.60 0.90
CA ASP C 91 -13.68 -4.89 0.73
C ASP C 91 -14.53 -5.51 -0.38
N VAL C 92 -13.88 -5.89 -1.49
CA VAL C 92 -14.59 -6.55 -2.57
C VAL C 92 -15.16 -7.88 -2.11
N VAL C 93 -14.36 -8.65 -1.37
CA VAL C 93 -14.84 -9.94 -0.84
C VAL C 93 -16.01 -9.72 0.11
N ARG C 94 -15.93 -8.71 0.96
CA ARG C 94 -16.97 -8.46 1.95
C ARG C 94 -18.25 -7.89 1.35
N ASN C 95 -18.17 -7.25 0.19
CA ASN C 95 -19.37 -6.63 -0.39
C ASN C 95 -19.87 -7.36 -1.63
N GLN C 96 -19.05 -7.44 -2.69
CA GLN C 96 -19.55 -7.88 -3.99
C GLN C 96 -19.77 -9.38 -4.04
N ILE C 97 -18.76 -10.14 -3.61
CA ILE C 97 -18.91 -11.60 -3.54
C ILE C 97 -20.02 -11.95 -2.56
N LYS C 98 -20.12 -11.21 -1.46
CA LYS C 98 -21.12 -11.49 -0.44
C LYS C 98 -22.53 -11.34 -1.00
N ASP C 99 -22.85 -10.21 -1.64
CA ASP C 99 -24.23 -10.04 -2.09
C ASP C 99 -24.50 -10.74 -3.41
N PHE C 100 -23.46 -11.14 -4.15
CA PHE C 100 -23.70 -11.97 -5.32
C PHE C 100 -24.00 -13.41 -4.92
N ALA C 101 -23.35 -13.90 -3.86
CA ALA C 101 -23.66 -15.23 -3.37
C ALA C 101 -24.98 -15.25 -2.60
N SER C 102 -25.32 -14.14 -1.92
CA SER C 102 -26.53 -14.11 -1.10
C SER C 102 -27.78 -14.08 -1.96
N THR C 103 -27.81 -13.21 -2.97
CA THR C 103 -29.03 -12.95 -3.71
C THR C 103 -29.36 -14.10 -4.67
N ARG C 104 -30.61 -14.13 -5.10
CA ARG C 104 -31.07 -15.09 -6.10
C ARG C 104 -30.64 -14.64 -7.49
N GLN C 105 -30.69 -15.56 -8.44
CA GLN C 105 -30.36 -15.23 -9.81
C GLN C 105 -31.42 -14.31 -10.40
N ILE C 106 -30.97 -13.31 -11.15
CA ILE C 106 -31.88 -12.34 -11.74
C ILE C 106 -32.43 -12.79 -13.08
N PHE C 107 -31.70 -13.62 -13.83
CA PHE C 107 -32.14 -14.05 -15.15
C PHE C 107 -32.70 -15.47 -15.20
N SER C 108 -32.42 -16.30 -14.20
CA SER C 108 -32.85 -17.69 -14.24
C SER C 108 -33.10 -18.17 -12.81
N LYS C 109 -33.19 -19.48 -12.64
CA LYS C 109 -33.43 -20.10 -11.35
C LYS C 109 -32.21 -20.84 -10.82
N GLY C 110 -31.22 -21.09 -11.67
CA GLY C 110 -30.09 -21.92 -11.30
C GLY C 110 -29.15 -21.23 -10.31
N PHE C 111 -28.05 -21.91 -10.05
CA PHE C 111 -27.08 -21.50 -9.05
C PHE C 111 -26.22 -20.35 -9.57
N LYS C 112 -25.41 -19.81 -8.67
CA LYS C 112 -24.48 -18.73 -8.98
C LYS C 112 -23.08 -19.30 -9.11
N LEU C 113 -22.38 -18.90 -10.18
CA LEU C 113 -21.01 -19.32 -10.42
C LEU C 113 -20.09 -18.12 -10.29
N ILE C 114 -19.09 -18.23 -9.43
CA ILE C 114 -18.11 -17.17 -9.21
C ILE C 114 -16.77 -17.70 -9.69
N ILE C 115 -16.17 -16.99 -10.64
CA ILE C 115 -14.92 -17.42 -11.25
C ILE C 115 -13.82 -16.47 -10.79
N LEU C 116 -13.01 -16.92 -9.82
CA LEU C 116 -11.90 -16.13 -9.32
C LEU C 116 -10.67 -16.43 -10.17
N ASP C 117 -10.64 -15.80 -11.35
CA ASP C 117 -9.55 -16.01 -12.28
C ASP C 117 -8.27 -15.41 -11.69
N GLU C 118 -7.15 -16.08 -11.95
CA GLU C 118 -5.83 -15.81 -11.37
C GLU C 118 -5.93 -15.38 -9.90
N ALA C 119 -6.54 -16.27 -9.12
CA ALA C 119 -6.80 -16.01 -7.70
C ALA C 119 -5.56 -16.11 -6.82
N ASP C 120 -4.44 -16.57 -7.37
CA ASP C 120 -3.21 -16.60 -6.58
C ASP C 120 -2.72 -15.21 -6.22
N ALA C 121 -3.14 -14.19 -6.97
CA ALA C 121 -2.75 -12.81 -6.70
C ALA C 121 -3.81 -12.10 -5.85
N MET C 122 -3.98 -12.61 -4.64
CA MET C 122 -4.90 -12.01 -3.67
C MET C 122 -4.23 -11.95 -2.30
N THR C 123 -4.64 -10.98 -1.50
CA THR C 123 -4.12 -10.84 -0.15
C THR C 123 -4.60 -11.99 0.71
N ASN C 124 -3.76 -12.40 1.66
CA ASN C 124 -4.14 -13.48 2.58
C ASN C 124 -5.38 -13.12 3.39
N ALA C 125 -5.56 -11.84 3.72
CA ALA C 125 -6.78 -11.40 4.38
C ALA C 125 -8.00 -11.61 3.49
N ALA C 126 -7.85 -11.35 2.19
CA ALA C 126 -8.95 -11.58 1.26
C ALA C 126 -9.33 -13.05 1.20
N GLN C 127 -8.33 -13.94 1.15
CA GLN C 127 -8.62 -15.37 1.13
C GLN C 127 -9.27 -15.82 2.43
N ASN C 128 -8.80 -15.29 3.56
CA ASN C 128 -9.41 -15.63 4.84
C ASN C 128 -10.88 -15.19 4.89
N ALA C 129 -11.17 -13.98 4.41
CA ALA C 129 -12.55 -13.53 4.37
C ALA C 129 -13.38 -14.33 3.39
N LEU C 130 -12.75 -14.80 2.30
CA LEU C 130 -13.47 -15.53 1.27
C LEU C 130 -13.78 -16.97 1.67
N ARG C 131 -12.99 -17.55 2.56
CA ARG C 131 -13.23 -18.95 2.93
C ARG C 131 -14.57 -19.11 3.64
N ARG C 132 -14.96 -18.15 4.47
CA ARG C 132 -16.26 -18.23 5.14
C ARG C 132 -17.40 -18.00 4.16
N VAL C 133 -17.20 -17.16 3.15
CA VAL C 133 -18.22 -16.99 2.12
C VAL C 133 -18.38 -18.28 1.33
N ILE C 134 -17.28 -18.98 1.06
CA ILE C 134 -17.34 -20.26 0.36
C ILE C 134 -18.10 -21.27 1.20
N GLU C 135 -17.78 -21.35 2.49
CA GLU C 135 -18.39 -22.35 3.36
C GLU C 135 -19.85 -22.05 3.69
N ARG C 136 -20.24 -20.78 3.69
CA ARG C 136 -21.59 -20.38 4.10
C ARG C 136 -22.63 -20.57 2.99
N TYR C 137 -22.39 -19.98 1.82
CA TYR C 137 -23.37 -19.99 0.74
C TYR C 137 -23.06 -21.08 -0.30
N THR C 138 -22.53 -22.22 0.15
CA THR C 138 -22.23 -23.31 -0.77
C THR C 138 -23.44 -24.16 -1.11
N LYS C 139 -24.59 -23.90 -0.49
CA LYS C 139 -25.80 -24.65 -0.82
C LYS C 139 -26.24 -24.39 -2.24
N ASN C 140 -26.17 -23.14 -2.69
CA ASN C 140 -26.67 -22.77 -4.01
C ASN C 140 -25.77 -21.77 -4.72
N THR C 141 -24.46 -21.82 -4.45
CA THR C 141 -23.50 -20.96 -5.13
C THR C 141 -22.15 -21.66 -5.12
N ARG C 142 -21.49 -21.73 -6.27
CA ARG C 142 -20.25 -22.46 -6.42
C ARG C 142 -19.11 -21.54 -6.80
N PHE C 143 -17.95 -21.76 -6.20
CA PHE C 143 -16.75 -20.99 -6.47
C PHE C 143 -15.80 -21.79 -7.33
N CYS C 144 -15.23 -21.15 -8.35
CA CYS C 144 -14.16 -21.73 -9.15
C CYS C 144 -12.93 -20.86 -9.03
N VAL C 145 -11.79 -21.48 -8.75
CA VAL C 145 -10.53 -20.77 -8.51
C VAL C 145 -9.52 -21.22 -9.54
N LEU C 146 -8.95 -20.28 -10.28
CA LEU C 146 -7.87 -20.54 -11.22
C LEU C 146 -6.58 -20.00 -10.64
N ALA C 147 -5.57 -20.85 -10.53
CA ALA C 147 -4.31 -20.47 -9.89
C ALA C 147 -3.15 -21.07 -10.66
N ASN C 148 -2.23 -20.22 -11.11
CA ASN C 148 -1.01 -20.70 -11.74
C ASN C 148 -0.04 -21.26 -10.69
N TYR C 149 0.02 -20.63 -9.53
CA TYR C 149 0.85 -21.09 -8.42
C TYR C 149 -0.04 -21.44 -7.24
N ALA C 150 0.13 -22.65 -6.72
CA ALA C 150 -0.66 -23.11 -5.58
C ALA C 150 -0.02 -22.76 -4.24
N HIS C 151 1.18 -22.20 -4.25
CA HIS C 151 1.84 -21.82 -2.99
C HIS C 151 1.38 -20.49 -2.46
N LYS C 152 0.71 -19.67 -3.29
CA LYS C 152 0.19 -18.38 -2.85
C LYS C 152 -1.20 -18.48 -2.26
N LEU C 153 -1.76 -19.68 -2.17
CA LEU C 153 -3.11 -19.90 -1.66
C LEU C 153 -3.05 -20.41 -0.24
N THR C 154 -3.95 -19.91 0.60
CA THR C 154 -4.05 -20.37 1.97
C THR C 154 -4.41 -21.85 1.99
N PRO C 155 -3.81 -22.65 2.88
CA PRO C 155 -4.15 -24.08 2.92
C PRO C 155 -5.62 -24.36 3.18
N ALA C 156 -6.31 -23.49 3.93
CA ALA C 156 -7.75 -23.65 4.10
C ALA C 156 -8.49 -23.47 2.78
N LEU C 157 -8.08 -22.47 1.98
CA LEU C 157 -8.71 -22.25 0.69
C LEU C 157 -8.50 -23.44 -0.25
N LEU C 158 -7.33 -24.08 -0.17
CA LEU C 158 -7.12 -25.32 -0.91
C LEU C 158 -7.97 -26.45 -0.33
N SER C 159 -8.20 -26.44 0.98
CA SER C 159 -8.99 -27.49 1.61
C SER C 159 -10.45 -27.45 1.16
N ARG C 160 -11.01 -26.25 1.03
CA ARG C 160 -12.41 -26.15 0.60
C ARG C 160 -12.63 -26.61 -0.84
N CYS C 161 -11.66 -26.42 -1.72
CA CYS C 161 -11.85 -26.63 -3.15
C CYS C 161 -11.29 -27.97 -3.58
N THR C 162 -11.91 -28.57 -4.59
CA THR C 162 -11.44 -29.83 -5.15
C THR C 162 -10.28 -29.57 -6.12
N ARG C 163 -9.22 -30.35 -5.97
CA ARG C 163 -7.99 -30.13 -6.73
C ARG C 163 -8.12 -30.72 -8.13
N PHE C 164 -7.95 -29.88 -9.15
CA PHE C 164 -7.88 -30.32 -10.53
C PHE C 164 -6.58 -29.79 -11.14
N ARG C 165 -5.84 -30.67 -11.80
CA ARG C 165 -4.54 -30.32 -12.37
C ARG C 165 -4.61 -30.35 -13.89
N PHE C 166 -4.18 -29.26 -14.52
CA PHE C 166 -4.13 -29.16 -15.97
C PHE C 166 -2.70 -29.49 -16.41
N GLN C 167 -2.53 -30.69 -16.95
CA GLN C 167 -1.22 -31.13 -17.37
C GLN C 167 -0.77 -30.37 -18.62
N PRO C 168 0.53 -30.31 -18.88
CA PRO C 168 1.01 -29.71 -20.13
C PRO C 168 0.47 -30.47 -21.33
N LEU C 169 0.23 -29.73 -22.41
CA LEU C 169 -0.46 -30.28 -23.57
C LEU C 169 0.41 -31.32 -24.28
N PRO C 170 -0.10 -32.51 -24.52
CA PRO C 170 0.70 -33.54 -25.22
C PRO C 170 0.82 -33.21 -26.70
N GLN C 171 1.52 -34.11 -27.40
CA GLN C 171 1.78 -33.91 -28.82
C GLN C 171 0.50 -33.94 -29.65
N GLU C 172 -0.40 -34.89 -29.35
CA GLU C 172 -1.56 -35.10 -30.19
C GLU C 172 -2.49 -33.89 -30.17
N ALA C 173 -2.68 -33.27 -29.01
CA ALA C 173 -3.56 -32.12 -28.91
C ALA C 173 -3.04 -30.95 -29.74
N ILE C 174 -1.75 -30.67 -29.64
CA ILE C 174 -1.18 -29.57 -30.41
C ILE C 174 -1.23 -29.87 -31.90
N GLU C 175 -0.98 -31.13 -32.28
CA GLU C 175 -1.09 -31.49 -33.69
C GLU C 175 -2.51 -31.31 -34.20
N ARG C 176 -3.52 -31.70 -33.42
CA ARG C 176 -4.90 -31.56 -33.84
C ARG C 176 -5.31 -30.10 -33.95
N ARG C 177 -4.92 -29.28 -32.96
CA ARG C 177 -5.23 -27.86 -33.02
C ARG C 177 -4.55 -27.19 -34.20
N ILE C 178 -3.29 -27.58 -34.47
CA ILE C 178 -2.58 -27.05 -35.63
C ILE C 178 -3.30 -27.44 -36.91
N ALA C 179 -3.76 -28.69 -37.00
CA ALA C 179 -4.48 -29.13 -38.19
C ALA C 179 -5.75 -28.31 -38.39
N ASN C 180 -6.49 -28.07 -37.32
CA ASN C 180 -7.71 -27.25 -37.43
C ASN C 180 -7.37 -25.81 -37.84
N VAL C 181 -6.28 -25.26 -37.31
CA VAL C 181 -5.88 -23.91 -37.67
C VAL C 181 -5.54 -23.82 -39.16
N LEU C 182 -4.79 -24.80 -39.68
CA LEU C 182 -4.49 -24.82 -41.11
C LEU C 182 -5.74 -25.03 -41.94
N VAL C 183 -6.69 -25.84 -41.45
CA VAL C 183 -7.95 -26.04 -42.17
C VAL C 183 -8.70 -24.72 -42.29
N HIS C 184 -8.77 -23.96 -41.20
CA HIS C 184 -9.52 -22.70 -41.27
C HIS C 184 -8.77 -21.63 -42.04
N GLU C 185 -7.44 -21.63 -41.99
CA GLU C 185 -6.65 -20.59 -42.63
C GLU C 185 -6.26 -20.90 -44.07
N LYS C 186 -6.57 -22.09 -44.56
CA LYS C 186 -6.17 -22.55 -45.89
C LYS C 186 -4.66 -22.41 -46.10
N LEU C 187 -3.92 -22.96 -45.14
CA LEU C 187 -2.47 -22.86 -45.11
C LEU C 187 -1.90 -24.26 -45.00
N LYS C 188 -0.73 -24.47 -45.60
CA LYS C 188 -0.09 -25.77 -45.67
C LYS C 188 1.11 -25.82 -44.74
N LEU C 189 1.40 -27.01 -44.21
CA LEU C 189 2.51 -27.22 -43.30
C LEU C 189 3.22 -28.52 -43.65
N SER C 190 4.49 -28.63 -43.17
CA SER C 190 5.29 -29.83 -43.35
C SER C 190 5.39 -30.62 -42.06
N PRO C 191 5.46 -31.96 -42.14
CA PRO C 191 5.55 -32.76 -40.91
C PRO C 191 6.76 -32.44 -40.06
N ASN C 192 7.91 -32.17 -40.69
CA ASN C 192 9.08 -31.75 -39.93
C ASN C 192 8.84 -30.41 -39.25
N ALA C 193 8.18 -29.48 -39.95
CA ALA C 193 7.82 -28.21 -39.33
C ALA C 193 6.83 -28.41 -38.20
N GLU C 194 5.93 -29.38 -38.34
CA GLU C 194 5.00 -29.70 -37.25
C GLU C 194 5.77 -30.20 -36.03
N LYS C 195 6.76 -31.06 -36.24
CA LYS C 195 7.58 -31.54 -35.13
C LYS C 195 8.36 -30.39 -34.48
N ALA C 196 8.87 -29.48 -35.31
CA ALA C 196 9.57 -28.31 -34.77
C ALA C 196 8.63 -27.44 -33.93
N LEU C 197 7.39 -27.27 -34.39
CA LEU C 197 6.40 -26.54 -33.61
C LEU C 197 6.12 -27.23 -32.27
N ILE C 198 6.03 -28.56 -32.29
CA ILE C 198 5.83 -29.30 -31.05
C ILE C 198 6.99 -29.06 -30.09
N GLU C 199 8.22 -29.11 -30.61
CA GLU C 199 9.39 -28.91 -29.75
C GLU C 199 9.44 -27.48 -29.21
N LEU C 200 9.02 -26.50 -30.01
CA LEU C 200 9.01 -25.12 -29.54
C LEU C 200 7.83 -24.83 -28.62
N SER C 201 6.82 -25.70 -28.58
CA SER C 201 5.64 -25.46 -27.76
C SER C 201 6.00 -25.46 -26.28
N ASN C 202 6.68 -26.51 -25.81
CA ASN C 202 6.98 -26.70 -24.39
C ASN C 202 5.71 -26.68 -23.54
N GLY C 203 4.66 -27.35 -24.02
CA GLY C 203 3.40 -27.39 -23.31
C GLY C 203 2.68 -26.06 -23.22
N ASP C 204 2.64 -25.32 -24.33
CA ASP C 204 2.02 -23.99 -24.37
C ASP C 204 1.47 -23.78 -25.76
N MET C 205 0.15 -23.84 -25.90
CA MET C 205 -0.46 -23.71 -27.22
C MET C 205 -0.45 -22.27 -27.72
N ARG C 206 -0.39 -21.31 -26.79
CA ARG C 206 -0.30 -19.91 -27.18
C ARG C 206 0.97 -19.64 -27.98
N ARG C 207 2.08 -20.26 -27.58
CA ARG C 207 3.33 -20.12 -28.32
C ARG C 207 3.18 -20.68 -29.73
N VAL C 208 2.50 -21.83 -29.86
CA VAL C 208 2.29 -22.42 -31.18
C VAL C 208 1.46 -21.51 -32.06
N LEU C 209 0.38 -20.94 -31.51
CA LEU C 209 -0.46 -20.05 -32.31
C LEU C 209 0.30 -18.79 -32.72
N ASN C 210 1.10 -18.22 -31.81
CA ASN C 210 1.89 -17.06 -32.15
C ASN C 210 2.90 -17.36 -33.25
N VAL C 211 3.59 -18.50 -33.13
CA VAL C 211 4.60 -18.86 -34.13
C VAL C 211 3.95 -19.14 -35.47
N LEU C 212 2.78 -19.77 -35.48
CA LEU C 212 2.07 -20.02 -36.73
C LEU C 212 1.65 -18.71 -37.40
N GLN C 213 1.12 -17.77 -36.61
CA GLN C 213 0.75 -16.47 -37.18
C GLN C 213 1.95 -15.76 -37.77
N SER C 214 3.05 -15.72 -37.02
CA SER C 214 4.24 -15.03 -37.49
C SER C 214 4.86 -15.73 -38.70
N CYS C 215 4.74 -17.05 -38.78
CA CYS C 215 5.29 -17.78 -39.93
C CYS C 215 4.44 -17.58 -41.17
N LYS C 216 3.12 -17.51 -41.01
CA LYS C 216 2.27 -17.15 -42.15
C LYS C 216 2.58 -15.75 -42.62
N ALA C 217 2.80 -14.82 -41.68
CA ALA C 217 3.22 -13.48 -42.06
C ALA C 217 4.56 -13.46 -42.76
N THR C 218 5.46 -14.39 -42.39
CA THR C 218 6.78 -14.45 -43.01
C THR C 218 6.68 -14.82 -44.49
N LEU C 219 5.78 -15.74 -44.84
CA LEU C 219 5.64 -16.18 -46.22
C LEU C 219 5.22 -15.03 -47.12
N ASP C 220 5.89 -14.93 -48.28
CA ASP C 220 5.52 -13.90 -49.25
C ASP C 220 4.12 -14.17 -49.82
N ASN C 221 3.82 -15.43 -50.14
CA ASN C 221 2.52 -15.82 -50.65
C ASN C 221 1.85 -16.76 -49.66
N PRO C 222 0.75 -16.36 -49.02
CA PRO C 222 0.08 -17.28 -48.07
C PRO C 222 -0.51 -18.51 -48.75
N ASP C 223 -0.80 -18.44 -50.03
CA ASP C 223 -1.31 -19.58 -50.79
C ASP C 223 -0.22 -20.12 -51.72
N GLU C 224 -0.38 -21.38 -52.10
CA GLU C 224 0.59 -22.10 -52.95
C GLU C 224 1.98 -22.08 -52.33
N ASP C 225 2.05 -22.24 -51.02
CA ASP C 225 3.32 -22.27 -50.31
C ASP C 225 3.17 -23.09 -49.04
N GLU C 226 4.30 -23.61 -48.56
CA GLU C 226 4.32 -24.43 -47.36
C GLU C 226 5.41 -23.91 -46.41
N ILE C 227 5.21 -24.17 -45.12
CA ILE C 227 6.18 -23.80 -44.10
C ILE C 227 7.05 -25.02 -43.81
N SER C 228 8.34 -24.91 -44.11
CA SER C 228 9.31 -25.95 -43.79
C SER C 228 9.98 -25.62 -42.46
N ASP C 229 11.04 -26.35 -42.12
CA ASP C 229 11.79 -26.04 -40.91
C ASP C 229 12.51 -24.70 -41.02
N ASP C 230 12.91 -24.32 -42.22
CA ASP C 230 13.64 -23.06 -42.40
C ASP C 230 12.80 -21.87 -41.96
N VAL C 231 11.54 -21.85 -42.38
CA VAL C 231 10.66 -20.73 -42.02
C VAL C 231 10.43 -20.69 -40.51
N ILE C 232 10.18 -21.86 -39.90
CA ILE C 232 9.92 -21.92 -38.46
C ILE C 232 11.13 -21.41 -37.68
N TYR C 233 12.32 -21.92 -38.02
CA TYR C 233 13.50 -21.57 -37.25
C TYR C 233 13.96 -20.15 -37.54
N GLU C 234 13.69 -19.61 -38.73
CA GLU C 234 14.05 -18.23 -39.02
C GLU C 234 13.11 -17.27 -38.31
N CYS C 235 11.80 -17.56 -38.32
CA CYS C 235 10.84 -16.64 -37.72
C CYS C 235 10.88 -16.69 -36.20
N CYS C 236 11.07 -17.88 -35.62
CA CYS C 236 11.18 -18.00 -34.18
C CYS C 236 12.56 -17.59 -33.66
N GLY C 237 13.57 -17.57 -34.52
CA GLY C 237 14.93 -17.29 -34.09
C GLY C 237 15.47 -18.35 -33.16
N ALA C 238 15.23 -19.62 -33.50
CA ALA C 238 15.63 -20.74 -32.68
C ALA C 238 16.75 -21.53 -33.34
N PRO C 239 17.62 -22.15 -32.55
CA PRO C 239 18.68 -22.97 -33.15
C PRO C 239 18.13 -24.23 -33.79
N ARG C 240 18.67 -24.57 -34.95
CA ARG C 240 18.31 -25.82 -35.59
C ARG C 240 19.00 -26.98 -34.88
N PRO C 241 18.37 -28.17 -34.89
CA PRO C 241 19.04 -29.33 -34.27
C PRO C 241 20.38 -29.67 -34.88
N SER C 242 20.53 -29.47 -36.19
CA SER C 242 21.82 -29.74 -36.83
C SER C 242 22.89 -28.79 -36.32
N ASP C 243 22.57 -27.51 -36.17
CA ASP C 243 23.54 -26.54 -35.66
C ASP C 243 23.94 -26.85 -34.23
N LEU C 244 22.96 -27.21 -33.38
CA LEU C 244 23.28 -27.57 -32.00
C LEU C 244 24.15 -28.81 -31.94
N LYS C 245 23.83 -29.82 -32.75
CA LYS C 245 24.64 -31.04 -32.76
C LYS C 245 26.05 -30.77 -33.25
N ALA C 246 26.20 -29.93 -34.29
CA ALA C 246 27.52 -29.59 -34.79
C ALA C 246 28.33 -28.83 -33.74
N VAL C 247 27.69 -27.89 -33.05
CA VAL C 247 28.40 -27.12 -32.02
C VAL C 247 28.84 -28.04 -30.88
N LEU C 248 27.94 -28.94 -30.45
CA LEU C 248 28.29 -29.85 -29.36
C LEU C 248 29.41 -30.80 -29.78
N LYS C 249 29.37 -31.30 -31.03
CA LYS C 249 30.42 -32.17 -31.51
C LYS C 249 31.76 -31.45 -31.56
N SER C 250 31.76 -30.20 -32.04
CA SER C 250 33.01 -29.44 -32.10
C SER C 250 33.55 -29.16 -30.71
N ILE C 251 32.67 -28.89 -29.75
CA ILE C 251 33.12 -28.63 -28.38
C ILE C 251 33.68 -29.90 -27.76
N LEU C 252 32.98 -31.02 -27.91
CA LEU C 252 33.37 -32.25 -27.24
C LEU C 252 34.58 -32.94 -27.88
N GLU C 253 34.80 -32.73 -29.19
CA GLU C 253 35.85 -33.45 -29.90
C GLU C 253 37.03 -32.58 -30.28
N ASP C 254 36.79 -31.47 -30.98
CA ASP C 254 37.86 -30.66 -31.52
C ASP C 254 38.46 -29.75 -30.44
N ASP C 255 39.61 -29.17 -30.78
CA ASP C 255 40.35 -28.34 -29.84
C ASP C 255 39.68 -26.97 -29.66
N TRP C 256 40.33 -26.10 -28.89
CA TRP C 256 39.70 -24.84 -28.51
C TRP C 256 39.51 -23.90 -29.70
N GLY C 257 40.55 -23.73 -30.52
CA GLY C 257 40.47 -22.77 -31.60
C GLY C 257 39.38 -23.10 -32.60
N THR C 258 39.33 -24.36 -33.03
CA THR C 258 38.32 -24.79 -33.98
C THR C 258 36.92 -24.76 -33.36
N ALA C 259 36.80 -25.18 -32.10
CA ALA C 259 35.50 -25.14 -31.44
C ALA C 259 34.99 -23.71 -31.27
N HIS C 260 35.88 -22.80 -30.87
CA HIS C 260 35.51 -21.40 -30.74
C HIS C 260 35.11 -20.81 -32.08
N TYR C 261 35.87 -21.12 -33.13
CA TYR C 261 35.54 -20.63 -34.48
C TYR C 261 34.19 -21.17 -34.94
N THR C 262 33.93 -22.46 -34.69
CA THR C 262 32.66 -23.07 -35.08
C THR C 262 31.49 -22.44 -34.34
N LEU C 263 31.64 -22.23 -33.03
CA LEU C 263 30.55 -21.62 -32.27
C LEU C 263 30.29 -20.19 -32.72
N ASN C 264 31.37 -19.42 -32.96
CA ASN C 264 31.19 -18.04 -33.42
C ASN C 264 30.53 -18.00 -34.79
N LYS C 265 30.93 -18.90 -35.70
CA LYS C 265 30.32 -18.94 -37.03
C LYS C 265 28.85 -19.34 -36.94
N VAL C 266 28.51 -20.31 -36.09
CA VAL C 266 27.12 -20.71 -35.94
C VAL C 266 26.28 -19.57 -35.38
N ARG C 267 26.82 -18.85 -34.38
CA ARG C 267 26.09 -17.73 -33.81
C ARG C 267 25.90 -16.61 -34.83
N SER C 268 26.92 -16.32 -35.63
CA SER C 268 26.84 -15.21 -36.57
C SER C 268 26.15 -15.56 -37.88
N ALA C 269 25.91 -16.84 -38.14
CA ALA C 269 25.24 -17.21 -39.38
C ALA C 269 23.80 -16.70 -39.43
N LYS C 270 23.07 -16.86 -38.32
CA LYS C 270 21.67 -16.44 -38.27
C LYS C 270 21.35 -15.66 -37.00
N GLY C 271 22.37 -15.10 -36.34
CA GLY C 271 22.13 -14.33 -35.12
C GLY C 271 21.54 -15.15 -33.99
N LEU C 272 22.03 -16.36 -33.79
CA LEU C 272 21.50 -17.23 -32.75
C LEU C 272 21.82 -16.66 -31.38
N ALA C 273 20.81 -16.63 -30.51
CA ALA C 273 21.03 -16.20 -29.14
C ALA C 273 21.79 -17.27 -28.36
N LEU C 274 22.65 -16.82 -27.45
CA LEU C 274 23.43 -17.76 -26.65
C LEU C 274 22.55 -18.57 -25.73
N ILE C 275 21.48 -17.97 -25.20
CA ILE C 275 20.63 -18.66 -24.24
C ILE C 275 19.92 -19.85 -24.88
N ASP C 276 19.44 -19.69 -26.11
CA ASP C 276 18.74 -20.78 -26.77
C ASP C 276 19.70 -21.90 -27.14
N LEU C 277 20.91 -21.56 -27.58
CA LEU C 277 21.93 -22.56 -27.85
C LEU C 277 22.28 -23.34 -26.58
N ILE C 278 22.37 -22.64 -25.45
CA ILE C 278 22.71 -23.30 -24.19
C ILE C 278 21.59 -24.24 -23.77
N GLU C 279 20.33 -23.81 -23.91
CA GLU C 279 19.21 -24.70 -23.59
C GLU C 279 19.20 -25.92 -24.49
N GLY C 280 19.49 -25.74 -25.78
CA GLY C 280 19.58 -26.88 -26.67
C GLY C 280 20.70 -27.84 -26.29
N ILE C 281 21.85 -27.28 -25.89
CA ILE C 281 22.97 -28.11 -25.44
C ILE C 281 22.58 -28.91 -24.19
N VAL C 282 21.89 -28.25 -23.26
CA VAL C 282 21.46 -28.94 -22.04
C VAL C 282 20.48 -30.05 -22.39
N LYS C 283 19.54 -29.79 -23.30
CA LYS C 283 18.57 -30.81 -23.69
C LYS C 283 19.26 -32.00 -24.35
N ILE C 284 20.26 -31.75 -25.21
CA ILE C 284 20.95 -32.84 -25.86
C ILE C 284 21.79 -33.63 -24.86
N LEU C 285 22.45 -32.93 -23.93
CA LEU C 285 23.33 -33.60 -22.97
C LEU C 285 22.55 -34.45 -21.97
N GLU C 286 21.24 -34.25 -21.84
CA GLU C 286 20.45 -35.11 -20.97
C GLU C 286 20.39 -36.54 -21.49
N ASP C 287 20.30 -36.71 -22.81
CA ASP C 287 20.27 -38.04 -23.40
C ASP C 287 21.62 -38.75 -23.31
N TYR C 288 22.69 -38.01 -23.06
CA TYR C 288 24.01 -38.62 -22.95
C TYR C 288 24.09 -39.52 -21.71
N GLU C 289 24.78 -40.65 -21.86
CA GLU C 289 25.03 -41.55 -20.75
C GLU C 289 26.38 -41.18 -20.13
N LEU C 290 26.37 -40.92 -18.82
CA LEU C 290 27.54 -40.36 -18.14
C LEU C 290 27.91 -41.27 -16.99
N GLN C 291 29.12 -41.84 -17.05
CA GLN C 291 29.53 -42.80 -16.04
C GLN C 291 29.87 -42.11 -14.72
N ASN C 292 30.50 -40.94 -14.78
CA ASN C 292 30.87 -40.19 -13.59
C ASN C 292 29.71 -39.31 -13.16
N GLU C 293 29.31 -39.44 -11.89
CA GLU C 293 28.26 -38.57 -11.36
C GLU C 293 28.77 -37.14 -11.21
N GLU C 294 30.06 -36.96 -10.90
CA GLU C 294 30.61 -35.63 -10.69
C GLU C 294 30.54 -34.80 -11.97
N THR C 295 30.61 -35.44 -13.14
CA THR C 295 30.44 -34.72 -14.40
C THR C 295 29.08 -34.08 -14.49
N ARG C 296 28.03 -34.81 -14.09
CA ARG C 296 26.68 -34.24 -14.07
C ARG C 296 26.61 -33.04 -13.16
N VAL C 297 27.20 -33.14 -11.97
CA VAL C 297 27.15 -32.04 -11.00
C VAL C 297 27.85 -30.81 -11.57
N HIS C 298 29.04 -31.00 -12.15
CA HIS C 298 29.79 -29.89 -12.71
C HIS C 298 29.02 -29.24 -13.86
N LEU C 299 28.48 -30.06 -14.78
CA LEU C 299 27.71 -29.53 -15.89
C LEU C 299 26.53 -28.70 -15.40
N LEU C 300 25.72 -29.27 -14.51
CA LEU C 300 24.52 -28.57 -14.06
C LEU C 300 24.87 -27.27 -13.34
N THR C 301 25.81 -27.32 -12.40
CA THR C 301 26.13 -26.14 -11.61
C THR C 301 26.73 -25.03 -12.48
N LYS C 302 27.73 -25.37 -13.29
CA LYS C 302 28.37 -24.37 -14.12
C LYS C 302 27.40 -23.78 -15.15
N LEU C 303 26.62 -24.64 -15.80
CA LEU C 303 25.67 -24.12 -16.78
C LEU C 303 24.62 -23.23 -16.13
N ALA C 304 24.12 -23.63 -14.94
CA ALA C 304 23.12 -22.81 -14.25
C ALA C 304 23.67 -21.44 -13.92
N ASP C 305 24.92 -21.39 -13.44
CA ASP C 305 25.57 -20.11 -13.23
C ASP C 305 25.64 -19.32 -14.53
N ILE C 306 25.83 -20.02 -15.65
CA ILE C 306 25.94 -19.33 -16.94
C ILE C 306 24.61 -18.67 -17.31
N GLU C 307 23.48 -19.38 -17.19
CA GLU C 307 22.25 -18.68 -17.58
C GLU C 307 21.88 -17.61 -16.56
N TYR C 308 22.24 -17.79 -15.29
CA TYR C 308 21.98 -16.72 -14.33
C TYR C 308 22.74 -15.46 -14.70
N SER C 309 24.02 -15.60 -15.07
CA SER C 309 24.80 -14.44 -15.49
C SER C 309 24.27 -13.85 -16.79
N ILE C 310 23.82 -14.71 -17.71
CA ILE C 310 23.26 -14.22 -18.98
C ILE C 310 22.00 -13.41 -18.72
N SER C 311 21.13 -13.91 -17.85
CA SER C 311 19.93 -13.17 -17.49
C SER C 311 20.24 -11.85 -16.82
N LYS C 312 21.29 -11.81 -15.99
CA LYS C 312 21.75 -10.54 -15.46
C LYS C 312 22.41 -9.66 -16.51
N GLY C 313 22.69 -10.19 -17.70
CA GLY C 313 23.33 -9.43 -18.75
C GLY C 313 24.84 -9.47 -18.65
N GLY C 314 25.48 -8.96 -19.69
CA GLY C 314 26.93 -8.85 -19.71
C GLY C 314 27.46 -9.08 -21.11
N ASN C 315 28.72 -9.49 -21.17
CA ASN C 315 29.41 -9.75 -22.43
C ASN C 315 29.08 -11.15 -22.92
N ASP C 316 28.78 -11.27 -24.21
CA ASP C 316 28.39 -12.56 -24.77
C ASP C 316 29.59 -13.40 -25.19
N GLN C 317 30.70 -12.77 -25.59
CA GLN C 317 31.88 -13.54 -25.97
C GLN C 317 32.45 -14.31 -24.79
N ILE C 318 32.58 -13.63 -23.64
CA ILE C 318 33.11 -14.29 -22.45
C ILE C 318 32.18 -15.41 -22.00
N GLN C 319 30.87 -15.19 -22.13
CA GLN C 319 29.92 -16.22 -21.71
C GLN C 319 29.95 -17.42 -22.64
N GLY C 320 30.11 -17.20 -23.95
CA GLY C 320 30.26 -18.32 -24.87
C GLY C 320 31.52 -19.11 -24.61
N SER C 321 32.64 -18.41 -24.38
CA SER C 321 33.87 -19.10 -24.02
C SER C 321 33.71 -19.85 -22.70
N ALA C 322 32.96 -19.29 -21.76
CA ALA C 322 32.68 -19.98 -20.50
C ALA C 322 31.87 -21.24 -20.74
N VAL C 323 30.91 -21.20 -21.66
CA VAL C 323 30.13 -22.40 -21.99
C VAL C 323 31.03 -23.48 -22.56
N ILE C 324 31.89 -23.11 -23.50
CA ILE C 324 32.80 -24.08 -24.10
C ILE C 324 33.72 -24.67 -23.03
N GLY C 325 34.29 -23.81 -22.18
CA GLY C 325 35.18 -24.29 -21.14
C GLY C 325 34.47 -25.17 -20.13
N ALA C 326 33.24 -24.83 -19.77
CA ALA C 326 32.50 -25.64 -18.81
C ALA C 326 32.21 -27.02 -19.37
N ILE C 327 31.77 -27.09 -20.64
CA ILE C 327 31.48 -28.39 -21.24
C ILE C 327 32.75 -29.22 -21.34
N LYS C 328 33.84 -28.62 -21.82
CA LYS C 328 35.08 -29.37 -21.98
C LYS C 328 35.64 -29.83 -20.65
N ALA C 329 35.62 -28.97 -19.62
CA ALA C 329 36.16 -29.33 -18.32
C ALA C 329 35.30 -30.37 -17.64
N SER C 330 33.98 -30.32 -17.83
CA SER C 330 33.11 -31.33 -17.24
C SER C 330 33.28 -32.68 -17.92
N PHE C 331 33.48 -32.68 -19.24
CA PHE C 331 33.69 -33.95 -19.93
C PHE C 331 35.14 -34.41 -19.86
N GLU C 332 36.04 -33.60 -19.29
CA GLU C 332 37.44 -33.99 -19.22
C GLU C 332 37.70 -35.08 -18.19
N ASN C 333 36.89 -35.14 -17.13
CA ASN C 333 37.14 -36.08 -16.03
C ASN C 333 36.56 -37.47 -16.35
N GLU C 334 36.97 -38.00 -17.49
CA GLU C 334 36.62 -39.34 -17.95
C GLU C 334 35.11 -39.55 -18.00
N THR C 335 34.46 -38.66 -18.76
CA THR C 335 33.00 -38.63 -18.98
C THR C 335 32.14 -39.17 -17.84
N ALA D 23 21.30 18.38 -39.40
CA ALA D 23 20.51 19.22 -38.52
C ALA D 23 21.26 19.55 -37.24
N GLN D 24 20.54 20.05 -36.24
CA GLN D 24 21.11 20.40 -34.94
C GLN D 24 20.99 19.28 -33.93
N GLN D 25 21.02 18.03 -34.38
CA GLN D 25 20.86 16.86 -33.54
C GLN D 25 22.05 15.93 -33.69
N PRO D 26 22.34 15.11 -32.67
CA PRO D 26 23.39 14.10 -32.82
C PRO D 26 23.02 13.09 -33.89
N TRP D 27 24.05 12.46 -34.46
CA TRP D 27 23.85 11.52 -35.57
C TRP D 27 22.98 10.35 -35.17
N VAL D 28 22.89 10.03 -33.88
CA VAL D 28 22.00 8.96 -33.43
C VAL D 28 20.55 9.35 -33.65
N GLU D 29 20.17 10.55 -33.23
CA GLU D 29 18.81 11.02 -33.43
C GLU D 29 18.54 11.46 -34.86
N LYS D 30 19.57 11.98 -35.54
CA LYS D 30 19.38 12.47 -36.91
C LYS D 30 19.15 11.32 -37.88
N TYR D 31 19.79 10.16 -37.67
CA TYR D 31 19.69 9.04 -38.59
C TYR D 31 18.82 7.92 -38.06
N ARG D 32 17.90 8.22 -37.14
CA ARG D 32 16.96 7.22 -36.67
C ARG D 32 16.03 6.82 -37.81
N PRO D 33 15.76 5.53 -37.98
CA PRO D 33 14.89 5.09 -39.08
C PRO D 33 13.49 5.68 -38.97
N LYS D 34 12.92 6.02 -40.12
CA LYS D 34 11.59 6.60 -40.20
C LYS D 34 10.53 5.55 -40.50
N ASN D 35 10.71 4.79 -41.57
CA ASN D 35 9.83 3.68 -41.89
C ASN D 35 10.50 2.36 -41.52
N LEU D 36 9.78 1.26 -41.74
CA LEU D 36 10.33 -0.05 -41.42
C LEU D 36 11.37 -0.52 -42.42
N ASP D 37 11.49 0.15 -43.57
CA ASP D 37 12.48 -0.26 -44.56
C ASP D 37 13.90 0.10 -44.12
N GLU D 38 14.06 1.21 -43.39
CA GLU D 38 15.39 1.65 -43.00
C GLU D 38 15.98 0.81 -41.88
N VAL D 39 15.19 -0.05 -41.25
CA VAL D 39 15.69 -0.85 -40.12
C VAL D 39 16.59 -1.93 -40.68
N THR D 40 17.91 -1.73 -40.58
CA THR D 40 18.86 -2.72 -41.06
C THR D 40 18.88 -3.93 -40.12
N ALA D 41 19.13 -5.09 -40.71
CA ALA D 41 19.06 -6.40 -40.04
C ALA D 41 17.63 -6.56 -39.50
N GLN D 42 17.45 -7.46 -38.54
CA GLN D 42 16.14 -7.76 -37.95
C GLN D 42 15.10 -8.03 -39.03
N ASP D 43 15.50 -8.83 -40.02
CA ASP D 43 14.64 -9.05 -41.18
C ASP D 43 13.38 -9.83 -40.83
N HIS D 44 13.46 -10.75 -39.87
CA HIS D 44 12.28 -11.52 -39.50
C HIS D 44 11.20 -10.63 -38.91
N ALA D 45 11.55 -9.84 -37.89
CA ALA D 45 10.57 -8.98 -37.25
C ALA D 45 10.03 -7.92 -38.19
N VAL D 46 10.92 -7.30 -38.97
CA VAL D 46 10.50 -6.25 -39.89
C VAL D 46 9.58 -6.82 -40.97
N THR D 47 9.92 -7.99 -41.51
CA THR D 47 9.08 -8.61 -42.51
C THR D 47 7.71 -8.99 -41.95
N VAL D 48 7.69 -9.53 -40.73
CA VAL D 48 6.41 -9.89 -40.10
C VAL D 48 5.55 -8.65 -39.91
N LEU D 49 6.15 -7.57 -39.41
CA LEU D 49 5.38 -6.35 -39.17
C LEU D 49 4.90 -5.72 -40.47
N LYS D 50 5.73 -5.73 -41.51
CA LYS D 50 5.32 -5.15 -42.79
C LYS D 50 4.21 -5.96 -43.45
N LYS D 51 4.23 -7.28 -43.32
CA LYS D 51 3.13 -8.08 -43.85
C LYS D 51 1.89 -7.97 -42.99
N THR D 52 2.05 -7.70 -41.69
CA THR D 52 0.91 -7.46 -40.81
C THR D 52 0.28 -6.10 -41.10
N LEU D 53 1.06 -5.17 -41.66
CA LEU D 53 0.55 -3.84 -41.96
C LEU D 53 -0.63 -3.89 -42.93
N LYS D 54 -0.54 -4.75 -43.94
CA LYS D 54 -1.65 -4.88 -44.90
C LYS D 54 -2.90 -5.42 -44.23
N SER D 55 -2.74 -6.41 -43.36
CA SER D 55 -3.86 -6.99 -42.63
C SER D 55 -4.10 -6.18 -41.34
N ALA D 56 -4.91 -6.72 -40.44
CA ALA D 56 -5.17 -6.09 -39.15
C ALA D 56 -5.01 -7.09 -38.02
N ASN D 57 -4.13 -8.08 -38.18
CA ASN D 57 -3.92 -9.15 -37.22
C ASN D 57 -2.72 -8.92 -36.33
N LEU D 58 -2.46 -7.67 -35.95
CA LEU D 58 -1.31 -7.36 -35.12
C LEU D 58 -1.49 -7.98 -33.73
N PRO D 59 -0.58 -8.83 -33.30
CA PRO D 59 -0.69 -9.44 -31.98
C PRO D 59 0.04 -8.63 -30.92
N HIS D 60 -0.16 -9.04 -29.67
CA HIS D 60 0.63 -8.45 -28.59
C HIS D 60 2.09 -8.83 -28.78
N MET D 61 2.95 -7.81 -28.87
CA MET D 61 4.35 -8.02 -29.19
C MET D 61 5.20 -7.92 -27.92
N LEU D 62 6.32 -8.64 -27.93
CA LEU D 62 7.32 -8.57 -26.86
C LEU D 62 8.68 -8.43 -27.53
N PHE D 63 9.10 -7.20 -27.75
CA PHE D 63 10.40 -6.93 -28.36
C PHE D 63 11.48 -7.03 -27.29
N TYR D 64 12.54 -7.78 -27.58
CA TYR D 64 13.64 -7.89 -26.65
C TYR D 64 14.94 -8.12 -27.39
N GLY D 65 16.04 -7.84 -26.71
CA GLY D 65 17.35 -7.98 -27.29
C GLY D 65 18.37 -7.07 -26.61
N PRO D 66 19.60 -7.08 -27.11
CA PRO D 66 20.64 -6.23 -26.54
C PRO D 66 20.33 -4.76 -26.78
N PRO D 67 20.89 -3.86 -25.98
CA PRO D 67 20.66 -2.43 -26.20
C PRO D 67 21.21 -1.97 -27.54
N GLY D 68 20.52 -1.02 -28.16
CA GLY D 68 20.93 -0.46 -29.42
C GLY D 68 20.53 -1.25 -30.64
N THR D 69 19.80 -2.34 -30.49
CA THR D 69 19.43 -3.17 -31.64
C THR D 69 18.33 -2.55 -32.49
N GLY D 70 17.49 -1.70 -31.90
CA GLY D 70 16.51 -0.99 -32.70
C GLY D 70 15.06 -1.31 -32.38
N LYS D 71 14.77 -1.64 -31.12
CA LYS D 71 13.39 -1.94 -30.75
C LYS D 71 12.52 -0.69 -30.78
N THR D 72 12.98 0.39 -30.15
CA THR D 72 12.20 1.62 -30.14
C THR D 72 12.07 2.21 -31.53
N SER D 73 13.13 2.15 -32.33
CA SER D 73 13.06 2.63 -33.70
C SER D 73 12.04 1.83 -34.50
N THR D 74 12.03 0.51 -34.34
CA THR D 74 11.08 -0.33 -35.05
C THR D 74 9.64 -0.01 -34.65
N ILE D 75 9.38 0.13 -33.34
CA ILE D 75 8.01 0.37 -32.91
C ILE D 75 7.55 1.76 -33.35
N LEU D 76 8.44 2.76 -33.32
CA LEU D 76 8.06 4.09 -33.79
C LEU D 76 7.80 4.10 -35.29
N ALA D 77 8.62 3.37 -36.06
CA ALA D 77 8.38 3.29 -37.50
C ALA D 77 7.06 2.59 -37.81
N LEU D 78 6.75 1.52 -37.07
CA LEU D 78 5.47 0.85 -37.27
C LEU D 78 4.31 1.77 -36.91
N THR D 79 4.45 2.53 -35.83
CA THR D 79 3.41 3.50 -35.46
C THR D 79 3.21 4.55 -36.55
N LYS D 80 4.31 5.08 -37.09
CA LYS D 80 4.20 6.07 -38.17
C LYS D 80 3.57 5.47 -39.42
N GLU D 81 3.88 4.20 -39.70
CA GLU D 81 3.39 3.58 -40.92
C GLU D 81 1.90 3.24 -40.84
N LEU D 82 1.45 2.74 -39.69
CA LEU D 82 0.04 2.35 -39.57
C LEU D 82 -0.89 3.56 -39.61
N TYR D 83 -0.59 4.58 -38.83
CA TYR D 83 -1.50 5.70 -38.63
C TYR D 83 -1.09 6.95 -39.40
N GLY D 84 0.13 7.43 -39.20
CA GLY D 84 0.55 8.69 -39.75
C GLY D 84 0.67 9.73 -38.66
N PRO D 85 1.38 10.83 -38.94
CA PRO D 85 1.70 11.82 -37.90
C PRO D 85 0.48 12.53 -37.31
N ASP D 86 -0.74 12.25 -37.79
CA ASP D 86 -1.93 12.85 -37.22
C ASP D 86 -2.51 12.01 -36.09
N LEU D 87 -2.68 10.71 -36.32
CA LEU D 87 -3.33 9.83 -35.36
C LEU D 87 -2.38 9.23 -34.33
N MET D 88 -1.08 9.52 -34.42
CA MET D 88 -0.13 8.99 -33.43
C MET D 88 -0.46 9.51 -32.04
N LYS D 89 -0.75 10.81 -31.92
CA LYS D 89 -0.98 11.39 -30.61
C LYS D 89 -2.29 10.90 -30.00
N SER D 90 -3.21 10.41 -30.83
CA SER D 90 -4.53 10.03 -30.35
C SER D 90 -4.69 8.53 -30.13
N ARG D 91 -3.96 7.70 -30.88
CA ARG D 91 -4.15 6.26 -30.81
C ARG D 91 -2.93 5.52 -30.28
N ILE D 92 -2.00 6.22 -29.65
CA ILE D 92 -0.80 5.63 -29.07
C ILE D 92 -0.65 6.11 -27.64
N LEU D 93 -0.43 5.17 -26.73
CA LEU D 93 -0.08 5.48 -25.35
C LEU D 93 1.22 4.78 -25.01
N GLU D 94 2.20 5.56 -24.55
CA GLU D 94 3.50 5.02 -24.18
C GLU D 94 3.79 5.31 -22.71
N LEU D 95 4.36 4.33 -22.03
CA LEU D 95 4.71 4.46 -20.62
C LEU D 95 6.13 3.95 -20.43
N ASN D 96 7.03 4.84 -20.07
CA ASN D 96 8.43 4.52 -19.82
C ASN D 96 8.66 4.42 -18.32
N ALA D 97 9.94 4.32 -17.93
CA ALA D 97 10.26 4.46 -16.52
C ALA D 97 10.26 5.92 -16.08
N SER D 98 10.13 6.86 -17.01
CA SER D 98 10.06 8.27 -16.65
C SER D 98 8.79 8.61 -15.90
N ASP D 99 7.76 7.78 -16.02
CA ASP D 99 6.55 7.90 -15.22
C ASP D 99 6.30 6.60 -14.47
N GLU D 100 5.66 6.71 -13.30
CA GLU D 100 5.51 5.58 -12.40
C GLU D 100 4.67 4.48 -13.05
N ARG D 101 5.07 3.23 -12.84
CA ARG D 101 4.43 2.05 -13.40
C ARG D 101 4.20 1.01 -12.31
N GLY D 102 3.62 1.45 -11.20
CA GLY D 102 3.21 0.55 -10.14
C GLY D 102 1.88 -0.11 -10.46
N ILE D 103 1.38 -0.87 -9.49
CA ILE D 103 0.15 -1.63 -9.71
C ILE D 103 -1.06 -0.72 -9.87
N SER D 104 -1.10 0.41 -9.17
CA SER D 104 -2.28 1.27 -9.21
C SER D 104 -2.42 1.95 -10.55
N ILE D 105 -1.32 2.45 -11.11
CA ILE D 105 -1.40 3.16 -12.39
C ILE D 105 -1.76 2.20 -13.52
N VAL D 106 -1.23 0.97 -13.46
CA VAL D 106 -1.59 -0.03 -14.45
C VAL D 106 -3.05 -0.43 -14.28
N ARG D 107 -3.52 -0.51 -13.04
CA ARG D 107 -4.90 -0.90 -12.77
C ARG D 107 -5.89 0.17 -13.20
N GLU D 108 -5.48 1.43 -13.21
CA GLU D 108 -6.41 2.52 -13.49
C GLU D 108 -6.20 3.15 -14.86
N LYS D 109 -5.02 3.71 -15.13
CA LYS D 109 -4.81 4.46 -16.37
C LYS D 109 -4.77 3.53 -17.58
N VAL D 110 -4.04 2.43 -17.48
CA VAL D 110 -3.94 1.50 -18.60
C VAL D 110 -5.30 0.88 -18.90
N LYS D 111 -6.03 0.49 -17.86
CA LYS D 111 -7.36 -0.09 -18.07
C LYS D 111 -8.32 0.94 -18.65
N ASN D 112 -8.25 2.20 -18.19
CA ASN D 112 -9.12 3.24 -18.71
C ASN D 112 -8.82 3.47 -20.19
N PHE D 113 -7.54 3.55 -20.56
CA PHE D 113 -7.19 3.73 -21.97
C PHE D 113 -7.61 2.54 -22.82
N ALA D 114 -7.45 1.32 -22.29
CA ALA D 114 -7.84 0.14 -23.04
C ALA D 114 -9.35 0.09 -23.26
N ARG D 115 -10.12 0.49 -22.26
CA ARG D 115 -11.58 0.41 -22.38
C ARG D 115 -12.12 1.44 -23.37
N LEU D 116 -11.40 2.53 -23.61
CA LEU D 116 -11.88 3.58 -24.50
C LEU D 116 -12.01 3.06 -25.93
N THR D 117 -13.00 3.59 -26.64
CA THR D 117 -13.14 3.26 -28.05
C THR D 117 -12.04 3.93 -28.86
N VAL D 118 -11.80 3.38 -30.05
CA VAL D 118 -10.76 3.91 -30.91
C VAL D 118 -11.13 5.31 -31.39
N SER D 119 -10.12 6.13 -31.64
CA SER D 119 -10.35 7.49 -32.11
C SER D 119 -10.90 7.47 -33.53
N LYS D 120 -11.48 8.60 -33.93
CA LYS D 120 -12.12 8.71 -35.23
C LYS D 120 -11.10 9.13 -36.28
N PRO D 121 -10.82 8.31 -37.28
CA PRO D 121 -9.87 8.72 -38.32
C PRO D 121 -10.44 9.84 -39.17
N SER D 122 -9.54 10.68 -39.67
CA SER D 122 -9.96 11.71 -40.61
C SER D 122 -10.05 11.13 -42.02
N LYS D 123 -10.67 11.90 -42.91
CA LYS D 123 -10.87 11.45 -44.29
C LYS D 123 -9.52 11.30 -44.99
N HIS D 124 -8.60 12.25 -44.75
CA HIS D 124 -7.27 12.18 -45.35
C HIS D 124 -6.51 10.93 -44.91
N ASP D 125 -6.59 10.60 -43.61
CA ASP D 125 -5.93 9.40 -43.11
C ASP D 125 -6.52 8.15 -43.76
N LEU D 126 -7.83 8.11 -43.93
CA LEU D 126 -8.45 6.98 -44.60
C LEU D 126 -8.03 6.90 -46.07
N GLU D 127 -7.77 8.04 -46.70
CA GLU D 127 -7.27 8.00 -48.08
C GLU D 127 -5.86 7.43 -48.14
N ASN D 128 -4.97 7.93 -47.29
CA ASN D 128 -3.54 7.61 -47.43
C ASN D 128 -3.06 6.50 -46.51
N TYR D 129 -3.53 6.49 -45.26
CA TYR D 129 -2.87 5.48 -44.44
C TYR D 129 -3.83 4.35 -44.11
N PRO D 130 -3.34 3.12 -43.95
CA PRO D 130 -4.23 2.00 -43.57
C PRO D 130 -4.44 1.93 -42.06
N CYS D 131 -5.29 2.81 -41.55
CA CYS D 131 -5.52 2.90 -40.11
C CYS D 131 -6.28 1.68 -39.63
N PRO D 132 -5.71 0.88 -38.72
CA PRO D 132 -6.42 -0.30 -38.23
C PRO D 132 -7.39 0.06 -37.14
N PRO D 133 -8.37 -0.80 -36.84
CA PRO D 133 -9.37 -0.51 -35.80
C PRO D 133 -8.90 -0.85 -34.38
N TYR D 134 -7.70 -0.40 -34.03
CA TYR D 134 -7.17 -0.61 -32.69
C TYR D 134 -6.12 0.45 -32.40
N LYS D 135 -5.77 0.56 -31.12
CA LYS D 135 -4.76 1.49 -30.65
C LYS D 135 -3.66 0.70 -29.92
N ILE D 136 -2.42 1.13 -30.12
CA ILE D 136 -1.25 0.42 -29.61
C ILE D 136 -0.82 1.04 -28.28
N ILE D 137 -0.62 0.20 -27.28
CA ILE D 137 -0.16 0.64 -25.97
C ILE D 137 1.28 0.17 -25.81
N ILE D 138 2.23 1.07 -26.04
CA ILE D 138 3.64 0.74 -25.91
C ILE D 138 4.05 0.85 -24.45
N LEU D 139 4.82 -0.13 -23.98
CA LEU D 139 5.30 -0.17 -22.59
C LEU D 139 6.80 -0.41 -22.63
N ASP D 140 7.57 0.68 -22.76
CA ASP D 140 9.02 0.56 -22.72
C ASP D 140 9.49 0.16 -21.34
N GLU D 141 10.57 -0.64 -21.30
CA GLU D 141 11.17 -1.12 -20.06
C GLU D 141 10.16 -1.85 -19.19
N ALA D 142 9.42 -2.78 -19.80
CA ALA D 142 8.46 -3.60 -19.06
C ALA D 142 9.14 -4.54 -18.08
N ASP D 143 10.45 -4.74 -18.19
CA ASP D 143 11.15 -5.58 -17.22
C ASP D 143 11.25 -4.91 -15.86
N SER D 144 11.19 -3.58 -15.81
CA SER D 144 11.27 -2.86 -14.56
C SER D 144 9.96 -2.87 -13.77
N MET D 145 8.87 -3.36 -14.36
CA MET D 145 7.62 -3.49 -13.62
C MET D 145 7.74 -4.55 -12.54
N THR D 146 6.93 -4.39 -11.49
CA THR D 146 6.86 -5.40 -10.45
C THR D 146 6.05 -6.60 -10.95
N ALA D 147 6.09 -7.68 -10.17
CA ALA D 147 5.31 -8.87 -10.51
C ALA D 147 3.80 -8.59 -10.42
N ASP D 148 3.39 -7.82 -9.41
CA ASP D 148 1.97 -7.54 -9.22
C ASP D 148 1.41 -6.71 -10.36
N ALA D 149 2.18 -5.73 -10.85
CA ALA D 149 1.72 -4.92 -11.98
C ALA D 149 1.52 -5.76 -13.22
N GLN D 150 2.46 -6.68 -13.49
CA GLN D 150 2.32 -7.56 -14.65
C GLN D 150 1.14 -8.51 -14.49
N SER D 151 0.93 -9.03 -13.28
CA SER D 151 -0.23 -9.89 -13.05
C SER D 151 -1.53 -9.13 -13.27
N ALA D 152 -1.60 -7.87 -12.85
CA ALA D 152 -2.77 -7.05 -13.15
C ALA D 152 -2.90 -6.80 -14.64
N LEU D 153 -1.77 -6.67 -15.34
CA LEU D 153 -1.81 -6.38 -16.78
C LEU D 153 -2.26 -7.58 -17.59
N ARG D 154 -2.10 -8.79 -17.06
CA ARG D 154 -2.42 -10.00 -17.82
C ARG D 154 -3.85 -10.00 -18.37
N ARG D 155 -4.84 -9.94 -17.48
CA ARG D 155 -6.23 -10.06 -17.92
C ARG D 155 -6.71 -8.83 -18.65
N THR D 156 -6.16 -7.65 -18.34
CA THR D 156 -6.46 -6.47 -19.16
C THR D 156 -5.97 -6.67 -20.59
N MET D 157 -4.78 -7.26 -20.74
CA MET D 157 -4.27 -7.58 -22.07
C MET D 157 -5.17 -8.58 -22.79
N GLU D 158 -5.63 -9.60 -22.06
CA GLU D 158 -6.40 -10.66 -22.70
C GLU D 158 -7.84 -10.28 -23.00
N THR D 159 -8.43 -9.35 -22.24
CA THR D 159 -9.86 -9.06 -22.35
C THR D 159 -10.18 -8.02 -23.41
N TYR D 160 -9.63 -6.81 -23.28
CA TYR D 160 -9.89 -5.72 -24.21
C TYR D 160 -8.98 -5.76 -25.42
N SER D 161 -8.44 -6.93 -25.76
CA SER D 161 -7.53 -7.08 -26.89
C SER D 161 -8.21 -6.86 -28.23
N GLY D 162 -9.55 -6.91 -28.30
CA GLY D 162 -10.23 -6.64 -29.55
C GLY D 162 -10.16 -5.20 -29.98
N VAL D 163 -9.90 -4.28 -29.04
CA VAL D 163 -9.87 -2.86 -29.35
C VAL D 163 -8.48 -2.24 -29.15
N THR D 164 -7.58 -2.90 -28.42
CA THR D 164 -6.24 -2.36 -28.20
C THR D 164 -5.21 -3.48 -28.34
N ARG D 165 -3.98 -3.07 -28.63
CA ARG D 165 -2.85 -3.99 -28.73
C ARG D 165 -1.74 -3.51 -27.81
N PHE D 166 -1.21 -4.43 -26.99
CA PHE D 166 -0.08 -4.11 -26.16
C PHE D 166 1.22 -4.46 -26.85
N CYS D 167 2.29 -3.74 -26.52
CA CYS D 167 3.61 -3.96 -27.09
C CYS D 167 4.64 -3.74 -25.99
N LEU D 168 5.01 -4.83 -25.30
CA LEU D 168 6.04 -4.73 -24.28
C LEU D 168 7.41 -4.67 -24.91
N ILE D 169 8.27 -3.81 -24.36
CA ILE D 169 9.66 -3.70 -24.80
C ILE D 169 10.54 -3.80 -23.55
N CYS D 170 11.45 -4.76 -23.55
CA CYS D 170 12.33 -4.97 -22.41
C CYS D 170 13.62 -5.63 -22.89
N ASN D 171 14.71 -5.36 -22.17
CA ASN D 171 15.99 -5.97 -22.49
C ASN D 171 16.18 -7.34 -21.86
N TYR D 172 15.36 -7.70 -20.87
CA TYR D 172 15.47 -8.98 -20.17
C TYR D 172 14.11 -9.65 -20.17
N VAL D 173 14.01 -10.82 -20.81
CA VAL D 173 12.76 -11.57 -20.79
C VAL D 173 12.51 -12.16 -19.41
N THR D 174 13.57 -12.52 -18.69
CA THR D 174 13.43 -13.24 -17.43
C THR D 174 12.66 -12.42 -16.39
N ARG D 175 12.79 -11.10 -16.41
CA ARG D 175 12.04 -10.27 -15.48
C ARG D 175 10.55 -10.32 -15.76
N ILE D 176 10.16 -10.58 -17.01
CA ILE D 176 8.75 -10.71 -17.36
C ILE D 176 8.23 -12.06 -16.85
N ILE D 177 7.07 -12.04 -16.19
CA ILE D 177 6.46 -13.28 -15.75
C ILE D 177 6.03 -14.10 -16.96
N ASP D 178 5.92 -15.41 -16.74
CA ASP D 178 5.64 -16.33 -17.84
C ASP D 178 4.24 -16.21 -18.47
N PRO D 179 3.17 -15.75 -17.79
CA PRO D 179 1.91 -15.55 -18.53
C PRO D 179 1.99 -14.46 -19.59
N LEU D 180 2.64 -13.34 -19.27
CA LEU D 180 2.82 -12.29 -20.27
C LEU D 180 3.72 -12.76 -21.41
N ALA D 181 4.75 -13.56 -21.10
CA ALA D 181 5.56 -14.15 -22.16
C ALA D 181 4.75 -15.10 -23.02
N SER D 182 3.75 -15.76 -22.43
CA SER D 182 2.89 -16.65 -23.20
C SER D 182 1.98 -15.85 -24.13
N ARG D 183 1.33 -14.81 -23.61
CA ARG D 183 0.38 -14.06 -24.42
C ARG D 183 1.07 -13.23 -25.51
N CYS D 184 2.18 -12.57 -25.16
CA CYS D 184 2.84 -11.67 -26.09
C CYS D 184 3.70 -12.44 -27.09
N SER D 185 3.52 -12.15 -28.37
CA SER D 185 4.37 -12.73 -29.39
C SER D 185 5.77 -12.14 -29.27
N LYS D 186 6.78 -13.00 -29.24
CA LYS D 186 8.15 -12.59 -28.96
C LYS D 186 8.90 -12.37 -30.27
N PHE D 187 9.56 -11.22 -30.37
CA PHE D 187 10.40 -10.87 -31.51
C PHE D 187 11.78 -10.52 -30.98
N ARG D 188 12.68 -11.50 -30.97
CA ARG D 188 14.04 -11.25 -30.53
C ARG D 188 14.77 -10.38 -31.55
N PHE D 189 15.43 -9.33 -31.06
CA PHE D 189 16.18 -8.41 -31.91
C PHE D 189 17.65 -8.80 -31.87
N LYS D 190 18.16 -9.27 -33.01
CA LYS D 190 19.51 -9.80 -33.06
C LYS D 190 20.53 -8.68 -32.89
N ALA D 191 21.65 -9.02 -32.26
CA ALA D 191 22.74 -8.06 -32.08
C ALA D 191 23.35 -7.72 -33.44
N LEU D 192 23.67 -6.44 -33.64
CA LEU D 192 24.21 -5.99 -34.91
C LEU D 192 25.73 -6.00 -34.87
N ASP D 193 26.34 -6.66 -35.84
CA ASP D 193 27.78 -6.82 -35.92
C ASP D 193 28.28 -6.33 -37.27
N ALA D 194 29.56 -6.62 -37.57
CA ALA D 194 30.18 -6.15 -38.79
C ALA D 194 29.56 -6.75 -40.05
N SER D 195 28.76 -7.82 -39.90
CA SER D 195 28.13 -8.43 -41.06
C SER D 195 26.73 -7.88 -41.32
N ASN D 196 25.99 -7.57 -40.26
CA ASN D 196 24.59 -7.14 -40.41
C ASN D 196 24.44 -5.63 -40.61
N ALA D 197 25.17 -4.82 -39.86
CA ALA D 197 24.96 -3.38 -39.84
C ALA D 197 26.06 -2.60 -40.54
N ILE D 198 26.83 -3.26 -41.40
CA ILE D 198 27.88 -2.54 -42.13
C ILE D 198 27.27 -1.60 -43.18
N ASP D 199 26.13 -1.97 -43.74
CA ASP D 199 25.49 -1.13 -44.75
C ASP D 199 24.99 0.18 -44.14
N ARG D 200 24.45 0.12 -42.92
CA ARG D 200 23.97 1.33 -42.27
C ARG D 200 25.11 2.30 -41.98
N LEU D 201 26.23 1.79 -41.47
CA LEU D 201 27.38 2.66 -41.20
C LEU D 201 27.97 3.20 -42.50
N ARG D 202 28.00 2.39 -43.55
CA ARG D 202 28.47 2.88 -44.84
C ARG D 202 27.59 4.00 -45.36
N PHE D 203 26.26 3.84 -45.24
CA PHE D 203 25.34 4.87 -45.67
C PHE D 203 25.52 6.15 -44.86
N ILE D 204 25.69 6.02 -43.54
CA ILE D 204 25.89 7.20 -42.69
C ILE D 204 27.18 7.91 -43.07
N SER D 205 28.26 7.16 -43.28
CA SER D 205 29.53 7.77 -43.67
C SER D 205 29.43 8.48 -45.01
N GLU D 206 28.78 7.85 -45.98
CA GLU D 206 28.67 8.45 -47.31
C GLU D 206 27.76 9.68 -47.28
N GLN D 207 26.72 9.66 -46.43
CA GLN D 207 25.81 10.80 -46.37
C GLN D 207 26.43 11.98 -45.63
N GLU D 208 27.20 11.70 -44.58
CA GLU D 208 27.82 12.76 -43.80
C GLU D 208 29.19 13.16 -44.30
N ASN D 209 29.67 12.54 -45.39
CA ASN D 209 30.95 12.88 -46.01
C ASN D 209 32.10 12.73 -45.03
N VAL D 210 32.29 11.50 -44.55
CA VAL D 210 33.37 11.16 -43.62
C VAL D 210 34.29 10.19 -44.32
N LYS D 211 35.58 10.54 -44.40
CA LYS D 211 36.58 9.72 -45.05
C LYS D 211 37.21 8.78 -44.04
N CYS D 212 37.25 7.49 -44.37
CA CYS D 212 37.80 6.48 -43.48
C CYS D 212 38.45 5.39 -44.30
N ASP D 213 39.29 4.60 -43.63
CA ASP D 213 39.99 3.50 -44.28
C ASP D 213 39.02 2.37 -44.61
N ASP D 214 39.55 1.31 -45.22
CA ASP D 214 38.72 0.17 -45.60
C ASP D 214 38.19 -0.56 -44.37
N GLY D 215 39.02 -0.74 -43.35
CA GLY D 215 38.66 -1.49 -42.17
C GLY D 215 38.22 -0.67 -40.97
N VAL D 216 37.98 0.62 -41.14
CA VAL D 216 37.59 1.46 -40.00
C VAL D 216 36.20 1.09 -39.51
N LEU D 217 35.25 0.96 -40.44
CA LEU D 217 33.87 0.66 -40.04
C LEU D 217 33.75 -0.73 -39.44
N GLU D 218 34.53 -1.69 -39.96
CA GLU D 218 34.55 -3.03 -39.37
C GLU D 218 35.07 -2.97 -37.94
N ARG D 219 36.11 -2.18 -37.69
CA ARG D 219 36.61 -2.01 -36.34
C ARG D 219 35.58 -1.34 -35.44
N ILE D 220 34.85 -0.36 -35.98
CA ILE D 220 33.82 0.32 -35.20
C ILE D 220 32.72 -0.66 -34.78
N LEU D 221 32.28 -1.51 -35.71
CA LEU D 221 31.24 -2.46 -35.38
C LEU D 221 31.76 -3.60 -34.50
N ASP D 222 33.06 -3.91 -34.58
CA ASP D 222 33.62 -4.93 -33.70
C ASP D 222 33.78 -4.42 -32.28
N ILE D 223 34.10 -3.14 -32.10
CA ILE D 223 34.24 -2.58 -30.76
C ILE D 223 32.91 -2.64 -30.02
N SER D 224 31.84 -2.23 -30.69
CA SER D 224 30.51 -2.36 -30.12
C SER D 224 30.06 -3.81 -30.13
N ALA D 225 29.19 -4.15 -29.19
CA ALA D 225 28.63 -5.50 -29.07
C ALA D 225 27.12 -5.42 -29.30
N GLY D 226 26.71 -5.47 -30.57
CA GLY D 226 25.31 -5.29 -30.91
C GLY D 226 24.77 -3.95 -30.48
N ASP D 227 25.56 -2.90 -30.66
CA ASP D 227 25.32 -1.57 -30.08
C ASP D 227 25.50 -0.49 -31.13
N LEU D 228 24.79 -0.63 -32.25
CA LEU D 228 24.99 0.25 -33.40
C LEU D 228 24.88 1.73 -33.05
N ARG D 229 24.10 2.07 -32.01
CA ARG D 229 24.08 3.44 -31.53
C ARG D 229 25.45 3.87 -31.05
N ARG D 230 26.14 3.01 -30.30
CA ARG D 230 27.49 3.33 -29.85
C ARG D 230 28.44 3.46 -31.03
N GLY D 231 28.26 2.63 -32.05
CA GLY D 231 29.07 2.77 -33.26
C GLY D 231 28.83 4.10 -33.95
N ILE D 232 27.58 4.55 -34.00
CA ILE D 232 27.27 5.84 -34.60
C ILE D 232 27.91 6.97 -33.78
N THR D 233 27.87 6.87 -32.44
CA THR D 233 28.51 7.89 -31.62
C THR D 233 30.02 7.92 -31.84
N LEU D 234 30.65 6.73 -31.94
CA LEU D 234 32.09 6.68 -32.21
C LEU D 234 32.43 7.28 -33.55
N LEU D 235 31.62 6.98 -34.58
CA LEU D 235 31.86 7.55 -35.90
C LEU D 235 31.71 9.07 -35.87
N GLN D 236 30.70 9.58 -35.16
CA GLN D 236 30.51 11.01 -35.06
C GLN D 236 31.67 11.67 -34.33
N SER D 237 32.16 11.06 -33.26
CA SER D 237 33.29 11.62 -32.53
C SER D 237 34.55 11.63 -33.39
N ALA D 238 34.78 10.56 -34.16
CA ALA D 238 35.92 10.53 -35.06
C ALA D 238 35.80 11.62 -36.13
N SER D 239 34.61 11.81 -36.67
CA SER D 239 34.40 12.86 -37.66
C SER D 239 34.63 14.25 -37.06
N LYS D 240 34.19 14.46 -35.83
CA LYS D 240 34.43 15.74 -35.17
C LYS D 240 35.92 15.97 -34.95
N GLY D 241 36.65 14.93 -34.55
CA GLY D 241 38.09 15.07 -34.39
C GLY D 241 38.78 15.38 -35.71
N ALA D 242 38.36 14.73 -36.79
CA ALA D 242 38.92 15.02 -38.11
C ALA D 242 38.63 16.45 -38.53
N GLN D 243 37.42 16.93 -38.26
CA GLN D 243 37.07 18.32 -38.58
C GLN D 243 37.92 19.29 -37.78
N TYR D 244 38.15 19.00 -36.50
CA TYR D 244 38.98 19.88 -35.67
C TYR D 244 40.42 19.90 -36.17
N LEU D 245 40.97 18.74 -36.54
CA LEU D 245 42.31 18.72 -37.11
C LEU D 245 42.36 19.47 -38.44
N GLY D 246 41.34 19.29 -39.28
CA GLY D 246 41.27 20.00 -40.54
C GLY D 246 42.33 19.64 -41.55
N ASP D 247 42.97 18.49 -41.39
CA ASP D 247 44.02 18.06 -42.31
C ASP D 247 43.49 17.35 -43.54
N GLY D 248 42.21 17.03 -43.58
CA GLY D 248 41.65 16.29 -44.70
C GLY D 248 42.21 14.88 -44.82
N LYS D 249 42.38 14.20 -43.71
CA LYS D 249 42.97 12.87 -43.68
C LYS D 249 41.92 11.84 -43.27
N ASN D 250 41.96 10.67 -43.91
CA ASN D 250 41.03 9.61 -43.58
C ASN D 250 41.28 9.10 -42.16
N ILE D 251 40.19 8.68 -41.49
CA ILE D 251 40.31 8.13 -40.16
C ILE D 251 41.07 6.81 -40.21
N THR D 252 41.98 6.62 -39.25
CA THR D 252 42.69 5.37 -39.10
C THR D 252 42.07 4.56 -37.98
N SER D 253 42.39 3.26 -37.96
CA SER D 253 41.84 2.38 -36.92
C SER D 253 42.36 2.75 -35.54
N THR D 254 43.57 3.32 -35.47
CA THR D 254 44.14 3.68 -34.17
C THR D 254 43.37 4.82 -33.52
N GLN D 255 42.89 5.78 -34.33
CA GLN D 255 42.13 6.90 -33.77
C GLN D 255 40.82 6.42 -33.15
N VAL D 256 40.06 5.62 -33.91
CA VAL D 256 38.81 5.07 -33.39
C VAL D 256 39.08 4.18 -32.19
N GLU D 257 40.19 3.43 -32.23
CA GLU D 257 40.58 2.59 -31.11
C GLU D 257 40.81 3.41 -29.85
N GLU D 258 41.48 4.56 -29.98
CA GLU D 258 41.77 5.38 -28.81
C GLU D 258 40.51 6.10 -28.31
N LEU D 259 39.66 6.56 -29.21
CA LEU D 259 38.42 7.21 -28.78
C LEU D 259 37.47 6.24 -28.08
N ALA D 260 37.42 4.99 -28.55
CA ALA D 260 36.46 4.03 -28.03
C ALA D 260 36.79 3.55 -26.62
N GLY D 261 37.95 3.92 -26.09
CA GLY D 261 38.42 3.38 -24.83
C GLY D 261 39.13 2.05 -24.94
N VAL D 262 39.46 1.63 -26.16
CA VAL D 262 40.12 0.35 -26.38
C VAL D 262 41.55 0.41 -25.88
N VAL D 263 41.94 -0.55 -25.06
CA VAL D 263 43.29 -0.57 -24.50
C VAL D 263 44.29 -0.88 -25.61
N PRO D 264 45.38 -0.12 -25.74
CA PRO D 264 46.38 -0.44 -26.76
C PRO D 264 47.03 -1.79 -26.50
N HIS D 265 47.45 -2.44 -27.59
CA HIS D 265 47.94 -3.81 -27.49
C HIS D 265 49.26 -3.92 -26.73
N ASP D 266 50.08 -2.87 -26.72
CA ASP D 266 51.34 -2.96 -25.99
C ASP D 266 51.11 -3.08 -24.49
N ILE D 267 50.13 -2.36 -23.95
CA ILE D 267 49.83 -2.47 -22.53
C ILE D 267 49.28 -3.86 -22.22
N LEU D 268 48.48 -4.43 -23.13
CA LEU D 268 47.98 -5.78 -22.93
C LEU D 268 49.13 -6.79 -22.94
N ILE D 269 50.10 -6.61 -23.83
CA ILE D 269 51.26 -7.49 -23.87
C ILE D 269 52.06 -7.36 -22.57
N GLU D 270 52.21 -6.14 -22.08
CA GLU D 270 52.90 -5.94 -20.80
C GLU D 270 52.15 -6.62 -19.66
N ILE D 271 50.82 -6.54 -19.66
CA ILE D 271 50.01 -7.20 -18.64
C ILE D 271 50.23 -8.71 -18.68
N VAL D 272 50.22 -9.28 -19.88
CA VAL D 272 50.42 -10.72 -20.03
C VAL D 272 51.83 -11.11 -19.59
N GLU D 273 52.82 -10.29 -19.91
CA GLU D 273 54.19 -10.57 -19.48
C GLU D 273 54.31 -10.55 -17.96
N LYS D 274 53.66 -9.58 -17.32
CA LYS D 274 53.67 -9.54 -15.85
C LYS D 274 52.96 -10.77 -15.27
N VAL D 275 51.85 -11.18 -15.88
CA VAL D 275 51.09 -12.32 -15.38
C VAL D 275 51.91 -13.60 -15.50
N LYS D 276 52.58 -13.80 -16.63
CA LYS D 276 53.32 -15.03 -16.85
C LYS D 276 54.50 -15.17 -15.89
N SER D 277 55.06 -14.05 -15.43
CA SER D 277 56.24 -14.06 -14.59
C SER D 277 55.92 -14.26 -13.11
N GLY D 278 54.65 -14.32 -12.73
CA GLY D 278 54.32 -14.43 -11.31
C GLY D 278 54.69 -13.16 -10.57
N ASP D 279 55.33 -13.32 -9.41
CA ASP D 279 55.84 -12.21 -8.61
C ASP D 279 54.71 -11.23 -8.26
N PHE D 280 53.81 -11.73 -7.42
CA PHE D 280 52.58 -11.06 -7.00
C PHE D 280 52.74 -9.57 -6.72
N ASP D 281 53.85 -9.18 -6.08
CA ASP D 281 54.06 -7.77 -5.78
C ASP D 281 54.21 -6.93 -7.04
N GLU D 282 54.95 -7.44 -8.02
CA GLU D 282 55.11 -6.74 -9.29
C GLU D 282 53.77 -6.59 -10.00
N ILE D 283 52.96 -7.65 -9.99
CA ILE D 283 51.63 -7.58 -10.58
C ILE D 283 50.78 -6.55 -9.86
N LYS D 284 50.88 -6.49 -8.53
CA LYS D 284 50.11 -5.52 -7.77
C LYS D 284 50.50 -4.09 -8.11
N LYS D 285 51.81 -3.83 -8.22
CA LYS D 285 52.27 -2.48 -8.57
C LYS D 285 51.82 -2.10 -9.98
N TYR D 286 51.94 -3.04 -10.92
CA TYR D 286 51.51 -2.74 -12.28
C TYR D 286 50.00 -2.53 -12.35
N VAL D 287 49.23 -3.26 -11.53
CA VAL D 287 47.78 -3.07 -11.52
C VAL D 287 47.43 -1.71 -10.93
N ASN D 288 48.17 -1.27 -9.91
CA ASN D 288 47.94 0.07 -9.36
C ASN D 288 48.21 1.14 -10.41
N THR D 289 49.32 1.01 -11.14
CA THR D 289 49.61 1.96 -12.21
C THR D 289 48.56 1.90 -13.32
N PHE D 290 48.10 0.70 -13.65
CA PHE D 290 47.07 0.53 -14.67
C PHE D 290 45.76 1.19 -14.26
N MET D 291 45.38 1.05 -13.00
CA MET D 291 44.17 1.71 -12.51
C MET D 291 44.37 3.22 -12.46
N LYS D 292 45.60 3.69 -12.25
CA LYS D 292 45.87 5.11 -12.42
C LYS D 292 45.63 5.54 -13.87
N SER D 293 45.99 4.69 -14.82
CA SER D 293 45.79 5.04 -16.23
C SER D 293 44.32 5.26 -16.60
N GLY D 294 43.39 4.75 -15.80
CA GLY D 294 41.98 5.05 -16.00
C GLY D 294 41.24 4.15 -16.96
N TRP D 295 41.78 2.98 -17.28
CA TRP D 295 41.12 2.07 -18.21
C TRP D 295 39.91 1.41 -17.55
N SER D 296 38.85 1.23 -18.32
CA SER D 296 37.67 0.54 -17.83
C SER D 296 37.93 -0.96 -17.77
N ALA D 297 37.57 -1.59 -16.65
CA ALA D 297 37.93 -2.98 -16.43
C ALA D 297 37.22 -3.94 -17.40
N ALA D 298 36.04 -3.57 -17.88
CA ALA D 298 35.31 -4.45 -18.79
C ALA D 298 36.07 -4.64 -20.09
N SER D 299 36.60 -3.56 -20.65
CA SER D 299 37.38 -3.68 -21.89
C SER D 299 38.65 -4.47 -21.66
N VAL D 300 39.29 -4.31 -20.50
CA VAL D 300 40.50 -5.05 -20.19
C VAL D 300 40.20 -6.55 -20.10
N VAL D 301 39.11 -6.91 -19.43
CA VAL D 301 38.75 -8.32 -19.33
C VAL D 301 38.40 -8.89 -20.70
N ASN D 302 37.68 -8.11 -21.52
CA ASN D 302 37.34 -8.56 -22.86
C ASN D 302 38.59 -8.79 -23.71
N GLN D 303 39.56 -7.89 -23.62
CA GLN D 303 40.79 -8.07 -24.39
C GLN D 303 41.64 -9.21 -23.85
N LEU D 304 41.63 -9.42 -22.53
CA LEU D 304 42.33 -10.57 -21.97
C LEU D 304 41.73 -11.87 -22.49
N HIS D 305 40.40 -11.93 -22.57
CA HIS D 305 39.74 -13.10 -23.14
C HIS D 305 40.12 -13.29 -24.61
N GLU D 306 40.05 -12.21 -25.39
CA GLU D 306 40.35 -12.30 -26.81
C GLU D 306 41.82 -12.62 -27.09
N TYR D 307 42.72 -12.29 -26.17
CA TYR D 307 44.13 -12.64 -26.31
C TYR D 307 44.43 -14.05 -25.84
N TYR D 308 43.74 -14.52 -24.80
CA TYR D 308 44.10 -15.80 -24.21
C TYR D 308 43.40 -16.96 -24.92
N ILE D 309 42.11 -16.82 -25.23
CA ILE D 309 41.39 -17.93 -25.85
C ILE D 309 41.85 -18.17 -27.28
N THR D 310 42.05 -17.10 -28.06
CA THR D 310 42.44 -17.26 -29.45
C THR D 310 43.90 -17.66 -29.62
N ASN D 311 44.72 -17.49 -28.59
CA ASN D 311 46.13 -17.84 -28.70
C ASN D 311 46.31 -19.35 -28.76
N ASP D 312 47.35 -19.78 -29.47
CA ASP D 312 47.65 -21.19 -29.67
C ASP D 312 48.85 -21.66 -28.84
N ASN D 313 49.36 -20.83 -27.95
CA ASN D 313 50.49 -21.19 -27.11
C ASN D 313 50.06 -21.78 -25.76
N PHE D 314 48.76 -22.00 -25.57
CA PHE D 314 48.23 -22.48 -24.30
C PHE D 314 47.47 -23.78 -24.53
N ASP D 315 47.60 -24.72 -23.60
CA ASP D 315 46.99 -26.02 -23.75
C ASP D 315 45.49 -25.95 -23.39
N THR D 316 44.86 -27.13 -23.34
CA THR D 316 43.42 -27.19 -23.11
C THR D 316 43.06 -26.85 -21.67
N ASN D 317 43.85 -27.34 -20.71
CA ASN D 317 43.53 -27.12 -19.30
C ASN D 317 43.63 -25.64 -18.93
N PHE D 318 44.64 -24.95 -19.44
CA PHE D 318 44.81 -23.53 -19.15
C PHE D 318 43.61 -22.73 -19.64
N LYS D 319 43.17 -22.99 -20.87
CA LYS D 319 42.00 -22.29 -21.39
C LYS D 319 40.73 -22.67 -20.63
N ASN D 320 40.62 -23.94 -20.23
CA ASN D 320 39.45 -24.39 -19.49
C ASN D 320 39.33 -23.65 -18.16
N GLN D 321 40.45 -23.45 -17.48
CA GLN D 321 40.40 -22.72 -16.21
C GLN D 321 40.22 -21.22 -16.45
N ILE D 322 40.88 -20.67 -17.47
CA ILE D 322 40.87 -19.23 -17.65
C ILE D 322 39.52 -18.74 -18.17
N SER D 323 38.78 -19.59 -18.90
CA SER D 323 37.45 -19.20 -19.31
C SER D 323 36.55 -19.00 -18.10
N TRP D 324 36.61 -19.91 -17.14
CA TRP D 324 35.82 -19.76 -15.93
C TRP D 324 36.30 -18.57 -15.09
N LEU D 325 37.61 -18.34 -15.04
CA LEU D 325 38.12 -17.19 -14.30
C LEU D 325 37.60 -15.88 -14.89
N LEU D 326 37.68 -15.74 -16.21
CA LEU D 326 37.20 -14.54 -16.87
C LEU D 326 35.69 -14.39 -16.73
N PHE D 327 34.96 -15.50 -16.81
CA PHE D 327 33.51 -15.44 -16.63
C PHE D 327 33.13 -14.98 -15.23
N THR D 328 33.82 -15.51 -14.21
CA THR D 328 33.54 -15.10 -12.84
C THR D 328 33.86 -13.62 -12.65
N THR D 329 34.99 -13.16 -13.20
CA THR D 329 35.34 -11.75 -13.09
C THR D 329 34.30 -10.87 -13.79
N ASP D 330 33.83 -11.29 -14.96
CA ASP D 330 32.81 -10.51 -15.68
C ASP D 330 31.51 -10.47 -14.89
N SER D 331 31.09 -11.61 -14.32
CA SER D 331 29.86 -11.64 -13.56
C SER D 331 29.96 -10.76 -12.31
N ARG D 332 31.12 -10.76 -11.65
CA ARG D 332 31.30 -9.90 -10.49
C ARG D 332 31.35 -8.43 -10.87
N LEU D 333 31.94 -8.12 -12.04
CA LEU D 333 32.00 -6.73 -12.48
C LEU D 333 30.64 -6.23 -12.94
N ASN D 334 29.75 -7.14 -13.36
CA ASN D 334 28.40 -6.73 -13.74
C ASN D 334 27.64 -6.14 -12.57
N ASN D 335 27.89 -6.63 -11.36
CA ASN D 335 27.19 -6.18 -10.17
C ASN D 335 27.95 -5.05 -9.47
N GLY D 336 28.30 -4.02 -10.23
CA GLY D 336 29.03 -2.89 -9.69
C GLY D 336 30.45 -3.23 -9.27
N THR D 337 30.71 -3.20 -7.96
CA THR D 337 31.98 -3.55 -7.34
C THR D 337 33.13 -2.64 -7.76
N ASN D 338 34.25 -2.73 -7.04
CA ASN D 338 35.44 -1.94 -7.34
C ASN D 338 36.25 -2.65 -8.42
N GLU D 339 36.53 -1.93 -9.51
CA GLU D 339 37.26 -2.54 -10.62
C GLU D 339 38.67 -2.94 -10.24
N HIS D 340 39.29 -2.19 -9.32
CA HIS D 340 40.68 -2.46 -8.94
C HIS D 340 40.83 -3.85 -8.33
N ILE D 341 39.98 -4.17 -7.35
CA ILE D 341 40.09 -5.46 -6.66
C ILE D 341 39.77 -6.60 -7.60
N GLN D 342 38.72 -6.46 -8.42
CA GLN D 342 38.34 -7.52 -9.33
C GLN D 342 39.44 -7.78 -10.36
N LEU D 343 40.02 -6.72 -10.93
CA LEU D 343 41.09 -6.90 -11.90
C LEU D 343 42.33 -7.52 -11.26
N LEU D 344 42.68 -7.06 -10.04
CA LEU D 344 43.83 -7.63 -9.35
C LEU D 344 43.62 -9.12 -9.06
N ASN D 345 42.42 -9.49 -8.60
CA ASN D 345 42.15 -10.88 -8.29
C ASN D 345 42.19 -11.73 -9.55
N LEU D 346 41.62 -11.22 -10.66
CA LEU D 346 41.67 -11.95 -11.92
C LEU D 346 43.11 -12.18 -12.37
N LEU D 347 43.94 -11.14 -12.31
CA LEU D 347 45.32 -11.30 -12.73
C LEU D 347 46.10 -12.22 -11.80
N VAL D 348 45.77 -12.21 -10.51
CA VAL D 348 46.45 -13.11 -9.57
C VAL D 348 46.09 -14.56 -9.87
N LYS D 349 44.79 -14.84 -10.08
CA LYS D 349 44.38 -16.21 -10.37
C LYS D 349 44.94 -16.68 -11.71
N ILE D 350 44.99 -15.81 -12.71
CA ILE D 350 45.60 -16.21 -13.98
C ILE D 350 47.10 -16.44 -13.81
N SER D 351 47.75 -15.65 -12.95
CA SER D 351 49.18 -15.84 -12.70
C SER D 351 49.46 -17.20 -12.07
N GLN D 352 48.62 -17.64 -11.15
CA GLN D 352 48.81 -18.93 -10.49
C GLN D 352 48.54 -20.12 -11.40
N LEU D 353 47.95 -19.90 -12.57
CA LEU D 353 47.69 -20.98 -13.51
C LEU D 353 48.99 -21.46 -14.16
N MET E 1 39.00 31.68 -1.42
CA MET E 1 38.82 31.12 -0.09
C MET E 1 40.20 30.70 0.43
N SER E 2 40.31 30.52 1.75
CA SER E 2 41.60 30.22 2.38
C SER E 2 42.22 28.94 1.84
N LEU E 3 41.40 27.99 1.40
CA LEU E 3 41.92 26.77 0.79
C LEU E 3 42.54 27.10 -0.55
N TRP E 4 43.70 26.50 -0.84
CA TRP E 4 44.38 26.72 -2.10
C TRP E 4 43.92 25.77 -3.21
N VAL E 5 43.19 24.72 -2.85
CA VAL E 5 42.76 23.74 -3.85
C VAL E 5 41.69 24.33 -4.75
N ASP E 6 40.77 25.12 -4.20
CA ASP E 6 39.62 25.58 -4.97
C ASP E 6 39.91 26.83 -5.80
N LYS E 7 40.66 27.79 -5.25
CA LYS E 7 40.90 29.04 -5.96
C LYS E 7 42.11 28.98 -6.88
N TYR E 8 42.86 27.88 -6.85
CA TYR E 8 43.82 27.58 -7.92
C TYR E 8 43.20 26.55 -8.87
N ARG E 9 42.25 27.03 -9.68
CA ARG E 9 41.48 26.16 -10.55
C ARG E 9 41.40 26.79 -11.94
N PRO E 10 41.75 26.05 -12.99
CA PRO E 10 41.62 26.59 -14.35
C PRO E 10 40.17 26.89 -14.69
N LYS E 11 39.98 27.92 -15.51
CA LYS E 11 38.65 28.35 -15.92
C LYS E 11 38.35 28.13 -17.38
N SER E 12 39.33 27.69 -18.17
CA SER E 12 39.11 27.50 -19.60
C SER E 12 40.02 26.39 -20.11
N LEU E 13 39.72 25.92 -21.31
CA LEU E 13 40.51 24.84 -21.90
C LEU E 13 41.94 25.27 -22.19
N ASN E 14 42.17 26.56 -22.44
CA ASN E 14 43.52 27.04 -22.68
C ASN E 14 44.38 26.91 -21.43
N ALA E 15 43.80 27.17 -20.26
CA ALA E 15 44.55 27.05 -19.01
C ALA E 15 44.88 25.60 -18.68
N LEU E 16 44.15 24.65 -19.24
CA LEU E 16 44.38 23.25 -18.96
C LEU E 16 45.52 22.72 -19.83
N SER E 17 46.68 22.48 -19.20
CA SER E 17 47.82 21.88 -19.89
C SER E 17 48.13 20.49 -19.34
N HIS E 18 47.20 19.90 -18.61
CA HIS E 18 47.44 18.60 -18.00
C HIS E 18 47.57 17.50 -19.06
N ASN E 19 46.61 17.42 -19.97
CA ASN E 19 46.60 16.40 -21.02
C ASN E 19 46.33 17.08 -22.35
N GLU E 20 47.27 16.96 -23.29
CA GLU E 20 47.09 17.61 -24.58
C GLU E 20 46.05 16.90 -25.43
N GLU E 21 45.99 15.57 -25.37
CA GLU E 21 45.06 14.84 -26.21
C GLU E 21 43.62 14.99 -25.71
N LEU E 22 43.43 14.94 -24.39
CA LEU E 22 42.09 15.14 -23.84
C LEU E 22 41.60 16.57 -24.09
N THR E 23 42.48 17.55 -23.95
CA THR E 23 42.10 18.93 -24.23
C THR E 23 41.79 19.13 -25.70
N ASN E 24 42.56 18.48 -26.58
CA ASN E 24 42.26 18.56 -28.02
C ASN E 24 40.92 17.94 -28.34
N PHE E 25 40.60 16.80 -27.71
CA PHE E 25 39.31 16.17 -27.92
C PHE E 25 38.17 17.05 -27.42
N LEU E 26 38.36 17.69 -26.26
CA LEU E 26 37.34 18.59 -25.74
C LEU E 26 37.16 19.80 -26.65
N LYS E 27 38.26 20.34 -27.19
CA LYS E 27 38.14 21.44 -28.15
C LYS E 27 37.41 20.99 -29.41
N SER E 28 37.67 19.77 -29.87
CA SER E 28 36.97 19.22 -31.03
C SER E 28 35.47 19.14 -30.75
N LEU E 29 35.10 18.70 -29.56
CA LEU E 29 33.68 18.68 -29.19
C LEU E 29 33.11 20.09 -29.14
N SER E 30 33.88 21.05 -28.63
CA SER E 30 33.39 22.41 -28.44
C SER E 30 33.41 23.26 -29.71
N ASP E 31 34.03 22.77 -30.79
CA ASP E 31 34.03 23.55 -32.04
C ASP E 31 32.63 23.75 -32.60
N GLN E 32 31.82 22.69 -32.57
CA GLN E 32 30.45 22.73 -33.08
C GLN E 32 29.49 22.38 -31.94
N PRO E 33 28.98 23.37 -31.21
CA PRO E 33 28.02 23.07 -30.13
C PRO E 33 26.68 22.58 -30.62
N ARG E 34 26.37 22.74 -31.91
CA ARG E 34 25.05 22.37 -32.42
C ARG E 34 24.83 20.86 -32.31
N ASP E 35 25.82 20.07 -32.65
CA ASP E 35 25.72 18.61 -32.61
C ASP E 35 26.63 18.11 -31.49
N LEU E 36 26.10 18.08 -30.28
CA LEU E 36 26.85 17.63 -29.11
C LEU E 36 26.15 16.45 -28.46
N PRO E 37 26.72 15.25 -28.52
CA PRO E 37 26.08 14.10 -27.87
C PRO E 37 26.21 14.18 -26.36
N HIS E 38 25.49 13.29 -25.70
CA HIS E 38 25.55 13.20 -24.24
C HIS E 38 26.88 12.64 -23.80
N LEU E 39 27.52 13.31 -22.85
CA LEU E 39 28.85 12.95 -22.40
C LEU E 39 28.79 12.12 -21.11
N LEU E 40 29.85 11.36 -20.88
CA LEU E 40 30.00 10.61 -19.63
C LEU E 40 31.51 10.49 -19.37
N LEU E 41 32.02 11.36 -18.50
CA LEU E 41 33.43 11.37 -18.16
C LEU E 41 33.69 10.39 -17.03
N TYR E 42 34.59 9.43 -17.26
CA TYR E 42 34.94 8.44 -16.26
C TYR E 42 36.45 8.38 -16.11
N GLY E 43 36.86 7.91 -14.94
CA GLY E 43 38.27 7.82 -14.60
C GLY E 43 38.46 7.75 -13.11
N PRO E 44 39.72 7.76 -12.65
CA PRO E 44 39.97 7.76 -11.21
C PRO E 44 39.53 9.06 -10.57
N ASN E 45 39.28 8.99 -9.27
CA ASN E 45 38.77 10.14 -8.55
C ASN E 45 39.84 11.20 -8.33
N GLY E 46 39.43 12.46 -8.36
CA GLY E 46 40.28 13.58 -8.01
C GLY E 46 41.19 14.09 -9.10
N THR E 47 41.07 13.59 -10.33
CA THR E 47 41.94 14.06 -11.41
C THR E 47 41.46 15.38 -12.00
N GLY E 48 40.26 15.83 -11.67
CA GLY E 48 39.76 17.08 -12.19
C GLY E 48 38.74 16.92 -13.30
N LYS E 49 37.85 15.93 -13.16
CA LYS E 49 36.81 15.74 -14.17
C LYS E 49 35.84 16.92 -14.20
N LYS E 50 35.44 17.40 -13.02
CA LYS E 50 34.54 18.55 -12.97
C LYS E 50 35.20 19.80 -13.54
N THR E 51 36.51 19.93 -13.37
CA THR E 51 37.22 21.05 -13.99
C THR E 51 37.12 20.98 -15.51
N ARG E 52 37.31 19.79 -16.09
CA ARG E 52 37.15 19.63 -17.53
C ARG E 52 35.73 19.92 -17.96
N CYS E 53 34.75 19.48 -17.19
CA CYS E 53 33.35 19.71 -17.54
C CYS E 53 33.02 21.21 -17.54
N MET E 54 33.49 21.93 -16.52
CA MET E 54 33.21 23.36 -16.46
C MET E 54 33.96 24.12 -17.54
N ALA E 55 35.20 23.70 -17.84
CA ALA E 55 35.95 24.33 -18.92
C ALA E 55 35.26 24.11 -20.27
N LEU E 56 34.75 22.90 -20.50
CA LEU E 56 34.01 22.64 -21.73
C LEU E 56 32.72 23.45 -21.79
N LEU E 57 32.04 23.60 -20.65
CA LEU E 57 30.82 24.39 -20.63
C LEU E 57 31.11 25.85 -20.95
N GLU E 58 32.20 26.41 -20.41
CA GLU E 58 32.56 27.77 -20.76
C GLU E 58 32.99 27.89 -22.22
N SER E 59 33.66 26.85 -22.75
CA SER E 59 34.05 26.87 -24.15
C SER E 59 32.86 26.73 -25.09
N ILE E 60 31.74 26.20 -24.61
CA ILE E 60 30.56 26.03 -25.44
C ILE E 60 29.60 27.19 -25.25
N PHE E 61 29.11 27.37 -24.01
CA PHE E 61 28.12 28.40 -23.77
C PHE E 61 28.73 29.80 -23.76
N GLY E 62 29.90 29.95 -23.14
CA GLY E 62 30.51 31.24 -22.95
C GLY E 62 30.80 31.48 -21.48
N PRO E 63 31.03 32.73 -21.11
CA PRO E 63 31.30 33.05 -19.70
C PRO E 63 30.05 33.13 -18.85
N GLY E 64 30.28 33.24 -17.54
CA GLY E 64 29.21 33.27 -16.59
C GLY E 64 28.74 31.92 -16.11
N VAL E 65 29.27 30.82 -16.66
CA VAL E 65 28.88 29.49 -16.23
C VAL E 65 29.36 29.16 -14.83
N TYR E 66 30.29 29.94 -14.29
CA TYR E 66 30.74 29.78 -12.91
C TYR E 66 29.94 30.61 -11.92
N ARG E 67 28.91 31.33 -12.39
CA ARG E 67 28.06 32.12 -11.50
C ARG E 67 26.95 31.23 -10.94
N LEU E 68 27.37 30.33 -10.04
CA LEU E 68 26.48 29.35 -9.47
C LEU E 68 25.56 29.98 -8.43
N LYS E 69 24.27 29.65 -8.50
CA LYS E 69 23.27 30.12 -7.56
C LYS E 69 22.69 28.92 -6.82
N ILE E 70 22.66 29.01 -5.50
CA ILE E 70 22.19 27.91 -4.65
C ILE E 70 20.68 28.09 -4.49
N ASP E 71 19.92 27.35 -5.30
CA ASP E 71 18.47 27.36 -5.24
C ASP E 71 17.98 26.11 -4.52
N VAL E 72 17.02 26.29 -3.61
CA VAL E 72 16.48 25.21 -2.80
C VAL E 72 15.16 24.75 -3.41
N ARG E 73 14.90 23.44 -3.35
CA ARG E 73 13.68 22.86 -3.88
C ARG E 73 13.09 21.90 -2.87
N GLN E 74 11.77 21.70 -2.97
CA GLN E 74 11.05 20.81 -2.08
C GLN E 74 10.50 19.63 -2.86
N PHE E 75 10.38 18.48 -2.18
CA PHE E 75 9.98 17.24 -2.82
C PHE E 75 8.96 16.53 -1.95
N VAL E 76 8.13 15.71 -2.60
CA VAL E 76 7.09 14.93 -1.92
C VAL E 76 7.38 13.45 -2.15
N THR E 77 7.53 12.72 -1.05
CA THR E 77 7.80 11.28 -1.08
C THR E 77 6.65 10.55 -0.40
N ALA E 78 6.84 9.24 -0.21
CA ALA E 78 5.83 8.42 0.44
C ALA E 78 5.64 8.84 1.90
N SER E 79 4.40 8.76 2.37
CA SER E 79 3.99 9.13 3.72
C SER E 79 4.32 10.61 3.94
N ASN E 80 4.70 10.97 5.17
CA ASN E 80 5.03 12.34 5.52
C ASN E 80 6.52 12.65 5.37
N ARG E 81 7.31 11.69 4.89
CA ARG E 81 8.75 11.87 4.77
C ARG E 81 9.07 12.95 3.73
N LYS E 82 9.50 14.11 4.20
CA LYS E 82 9.81 15.24 3.33
C LYS E 82 11.33 15.40 3.21
N LEU E 83 11.80 15.52 1.98
CA LEU E 83 13.22 15.70 1.68
C LEU E 83 13.42 17.06 1.05
N GLU E 84 14.39 17.81 1.55
CA GLU E 84 14.77 19.11 0.99
C GLU E 84 16.17 19.00 0.42
N LEU E 85 16.29 19.17 -0.89
CA LEU E 85 17.58 19.16 -1.57
C LEU E 85 17.71 20.46 -2.36
N ASN E 86 18.85 21.12 -2.21
CA ASN E 86 19.13 22.35 -2.93
C ASN E 86 19.84 22.02 -4.24
N VAL E 87 19.35 22.58 -5.33
CA VAL E 87 19.97 22.39 -6.64
C VAL E 87 20.94 23.53 -6.89
N VAL E 88 22.14 23.19 -7.32
CA VAL E 88 23.20 24.20 -7.54
C VAL E 88 23.03 24.66 -8.99
N SER E 89 22.11 25.59 -9.18
CA SER E 89 21.77 26.05 -10.51
C SER E 89 22.73 27.13 -11.00
N SER E 90 22.61 27.46 -12.27
CA SER E 90 23.49 28.43 -12.93
C SER E 90 22.83 28.84 -14.24
N PRO E 91 23.22 29.99 -14.79
CA PRO E 91 22.84 30.28 -16.18
C PRO E 91 23.43 29.28 -17.13
N TYR E 92 22.67 28.95 -18.18
CA TYR E 92 23.09 28.13 -19.31
C TYR E 92 23.26 26.65 -19.00
N HIS E 93 23.15 26.25 -17.73
CA HIS E 93 23.27 24.84 -17.39
C HIS E 93 22.68 24.62 -16.00
N LEU E 94 22.90 23.42 -15.45
CA LEU E 94 22.35 23.05 -14.15
C LEU E 94 23.15 21.88 -13.60
N GLU E 95 23.35 21.88 -12.28
CA GLU E 95 24.06 20.82 -11.59
C GLU E 95 23.12 20.12 -10.61
N ILE E 96 23.22 18.80 -10.55
CA ILE E 96 22.42 17.98 -9.65
C ILE E 96 23.30 16.84 -9.13
N THR E 97 23.07 16.47 -7.87
CA THR E 97 23.82 15.40 -7.23
C THR E 97 22.86 14.52 -6.44
N PRO E 98 23.17 13.23 -6.29
CA PRO E 98 22.33 12.35 -5.47
C PRO E 98 22.62 12.48 -3.98
N SER E 99 22.64 13.70 -3.46
CA SER E 99 22.88 13.93 -2.05
C SER E 99 21.71 13.53 -1.17
N ASP E 100 20.53 13.31 -1.76
CA ASP E 100 19.37 12.86 -1.00
C ASP E 100 19.56 11.40 -0.57
N MET E 101 18.52 10.88 0.09
CA MET E 101 18.57 9.49 0.57
C MET E 101 18.67 8.55 -0.62
N GLY E 102 19.47 7.49 -0.45
CA GLY E 102 19.84 6.65 -1.58
C GLY E 102 18.65 5.93 -2.19
N ASN E 103 17.74 5.44 -1.35
CA ASN E 103 16.62 4.65 -1.87
C ASN E 103 15.64 5.47 -2.68
N ASN E 104 15.45 6.75 -2.34
CA ASN E 104 14.52 7.61 -3.06
C ASN E 104 15.28 8.80 -3.67
N ASP E 105 15.86 8.58 -4.84
CA ASP E 105 16.36 9.63 -5.70
C ASP E 105 15.73 9.62 -7.09
N ARG E 106 14.93 8.61 -7.39
CA ARG E 106 14.29 8.48 -8.69
C ARG E 106 13.32 9.61 -8.96
N ILE E 107 12.51 9.98 -7.96
CA ILE E 107 11.52 11.04 -8.15
C ILE E 107 12.20 12.39 -8.33
N VAL E 108 13.29 12.63 -7.60
CA VAL E 108 13.97 13.92 -7.66
C VAL E 108 14.60 14.12 -9.04
N ILE E 109 15.39 13.15 -9.49
CA ILE E 109 16.03 13.26 -10.80
C ILE E 109 14.97 13.33 -11.88
N GLN E 110 13.87 12.61 -11.66
CA GLN E 110 12.75 12.60 -12.64
C GLN E 110 12.16 14.00 -12.80
N GLU E 111 11.76 14.67 -11.70
CA GLU E 111 11.05 15.92 -11.86
C GLU E 111 12.00 17.08 -12.17
N LEU E 112 13.27 17.00 -11.74
CA LEU E 112 14.23 18.00 -12.19
C LEU E 112 14.44 17.96 -13.71
N LEU E 113 14.69 16.77 -14.28
CA LEU E 113 14.87 16.75 -15.73
C LEU E 113 13.58 17.07 -16.48
N LYS E 114 12.42 16.68 -15.95
CA LYS E 114 11.17 17.05 -16.61
C LYS E 114 10.93 18.56 -16.56
N GLU E 115 11.25 19.19 -15.44
CA GLU E 115 11.03 20.64 -15.32
C GLU E 115 12.01 21.42 -16.20
N VAL E 116 13.30 21.05 -16.17
CA VAL E 116 14.28 21.78 -16.97
C VAL E 116 14.08 21.50 -18.45
N ALA E 117 13.58 20.32 -18.81
CA ALA E 117 13.37 19.99 -20.21
C ALA E 117 12.34 20.90 -20.87
N GLN E 118 11.39 21.42 -20.09
CA GLN E 118 10.38 22.33 -20.64
C GLN E 118 11.04 23.63 -21.12
N MET E 119 11.82 24.26 -20.26
CA MET E 119 12.55 25.48 -20.62
C MET E 119 13.95 25.46 -19.99
N HIS E 133 23.91 26.76 -26.51
CA HIS E 133 23.11 27.91 -26.91
C HIS E 133 21.61 27.62 -26.74
N ARG E 134 21.07 26.78 -27.62
CA ARG E 134 19.64 26.48 -27.57
C ARG E 134 19.31 25.54 -26.41
N TYR E 135 20.18 24.59 -26.10
CA TYR E 135 19.92 23.63 -25.04
C TYR E 135 20.54 24.08 -23.72
N LYS E 136 20.15 23.40 -22.66
CA LYS E 136 20.64 23.68 -21.31
C LYS E 136 21.27 22.40 -20.77
N CYS E 137 22.59 22.43 -20.55
CA CYS E 137 23.31 21.25 -20.10
C CYS E 137 22.94 20.90 -18.66
N VAL E 138 23.09 19.62 -18.33
CA VAL E 138 22.86 19.13 -16.98
C VAL E 138 24.05 18.28 -16.57
N ILE E 139 24.64 18.60 -15.41
CA ILE E 139 25.79 17.88 -14.89
C ILE E 139 25.35 17.08 -13.67
N ILE E 140 25.64 15.79 -13.68
CA ILE E 140 25.27 14.88 -12.59
C ILE E 140 26.56 14.40 -11.95
N ASN E 141 26.93 15.00 -10.82
CA ASN E 141 28.13 14.60 -10.12
C ASN E 141 27.90 13.32 -9.34
N GLU E 142 28.95 12.51 -9.23
CA GLU E 142 28.91 11.23 -8.51
C GLU E 142 27.80 10.33 -9.05
N ALA E 143 27.85 10.08 -10.36
CA ALA E 143 26.76 9.35 -11.02
C ALA E 143 26.80 7.86 -10.74
N ASN E 144 27.92 7.32 -10.25
CA ASN E 144 27.97 5.90 -9.94
C ASN E 144 27.15 5.54 -8.71
N SER E 145 26.68 6.53 -7.95
CA SER E 145 25.92 6.29 -6.74
C SER E 145 24.41 6.20 -6.98
N LEU E 146 23.96 6.40 -8.21
CA LEU E 146 22.53 6.27 -8.50
C LEU E 146 22.07 4.83 -8.35
N THR E 147 20.87 4.67 -7.81
CA THR E 147 20.23 3.36 -7.80
C THR E 147 19.84 2.98 -9.22
N LYS E 148 19.81 1.68 -9.50
CA LYS E 148 19.62 1.20 -10.86
C LYS E 148 18.26 1.60 -11.43
N ASP E 149 17.25 1.75 -10.59
CA ASP E 149 15.95 2.21 -11.08
C ASP E 149 16.00 3.67 -11.51
N ALA E 150 16.78 4.49 -10.80
CA ALA E 150 16.92 5.90 -11.17
C ALA E 150 17.57 6.04 -12.54
N GLN E 151 18.60 5.23 -12.81
CA GLN E 151 19.22 5.27 -14.13
C GLN E 151 18.26 4.78 -15.21
N ALA E 152 17.43 3.78 -14.89
CA ALA E 152 16.43 3.32 -15.84
C ALA E 152 15.43 4.42 -16.18
N ALA E 153 15.01 5.18 -15.16
CA ALA E 153 14.14 6.33 -15.43
C ALA E 153 14.87 7.40 -16.23
N LEU E 154 16.13 7.64 -15.92
CA LEU E 154 16.92 8.65 -16.62
C LEU E 154 17.11 8.30 -18.08
N ARG E 155 17.10 7.01 -18.41
CA ARG E 155 17.35 6.56 -19.79
C ARG E 155 16.38 7.18 -20.78
N ARG E 156 15.08 6.90 -20.60
CA ARG E 156 14.08 7.43 -21.53
C ARG E 156 13.96 8.94 -21.43
N THR E 157 14.19 9.50 -20.23
CA THR E 157 14.14 10.95 -20.06
C THR E 157 15.20 11.63 -20.92
N MET E 158 16.42 11.10 -20.94
CA MET E 158 17.46 11.69 -21.76
C MET E 158 17.32 11.32 -23.23
N GLU E 159 16.67 10.19 -23.54
CA GLU E 159 16.51 9.83 -24.95
C GLU E 159 15.41 10.63 -25.64
N LYS E 160 14.29 10.87 -24.96
CA LYS E 160 13.18 11.57 -25.58
C LYS E 160 13.53 13.02 -25.87
N TYR E 161 14.04 13.73 -24.86
CA TYR E 161 14.38 15.14 -25.00
C TYR E 161 15.86 15.26 -25.31
N SER E 162 16.18 15.69 -26.51
CA SER E 162 17.56 15.88 -26.91
C SER E 162 17.83 17.29 -27.43
N LYS E 163 16.86 17.89 -28.11
CA LYS E 163 17.03 19.27 -28.59
C LYS E 163 17.01 20.27 -27.45
N ASN E 164 16.41 19.91 -26.32
CA ASN E 164 16.25 20.82 -25.19
C ASN E 164 17.26 20.59 -24.08
N ILE E 165 17.58 19.34 -23.78
CA ILE E 165 18.46 19.00 -22.65
C ILE E 165 19.65 18.21 -23.17
N ARG E 166 20.78 18.36 -22.49
CA ARG E 166 21.96 17.55 -22.74
C ARG E 166 22.59 17.21 -21.39
N LEU E 167 23.08 15.99 -21.25
CA LEU E 167 23.60 15.51 -19.99
C LEU E 167 25.10 15.28 -20.09
N ILE E 168 25.85 15.91 -19.19
CA ILE E 168 27.26 15.63 -18.99
C ILE E 168 27.37 14.93 -17.65
N MET E 169 27.53 13.62 -17.69
CA MET E 169 27.33 12.76 -16.52
C MET E 169 28.69 12.35 -15.98
N VAL E 170 29.00 12.81 -14.76
CA VAL E 170 30.33 12.64 -14.17
C VAL E 170 30.28 11.49 -13.18
N CYS E 171 31.20 10.54 -13.34
CA CYS E 171 31.25 9.39 -12.45
C CYS E 171 32.65 8.80 -12.49
N ASP E 172 33.06 8.20 -11.37
CA ASP E 172 34.29 7.43 -11.26
C ASP E 172 33.94 5.98 -11.00
N SER E 173 34.68 5.05 -11.62
CA SER E 173 34.44 3.62 -11.53
C SER E 173 33.02 3.29 -12.01
N MET E 174 32.82 3.48 -13.31
CA MET E 174 31.51 3.48 -13.94
C MET E 174 30.87 2.10 -14.09
N SER E 175 31.39 1.10 -13.37
CA SER E 175 30.80 -0.23 -13.42
C SER E 175 29.35 -0.28 -12.97
N PRO E 176 28.93 0.36 -11.87
CA PRO E 176 27.50 0.31 -11.49
C PRO E 176 26.56 0.96 -12.51
N ILE E 177 27.07 1.79 -13.42
CA ILE E 177 26.21 2.36 -14.45
C ILE E 177 25.67 1.24 -15.34
N ILE E 178 24.37 1.28 -15.61
CA ILE E 178 23.75 0.20 -16.36
C ILE E 178 24.14 0.30 -17.83
N ALA E 179 23.90 -0.79 -18.56
CA ALA E 179 24.34 -0.88 -19.96
C ALA E 179 23.68 0.14 -20.88
N PRO E 180 22.35 0.35 -20.87
CA PRO E 180 21.79 1.34 -21.81
C PRO E 180 22.32 2.76 -21.62
N ILE E 181 22.56 3.17 -20.38
CA ILE E 181 23.09 4.51 -20.13
C ILE E 181 24.48 4.65 -20.74
N LYS E 182 25.34 3.63 -20.55
CA LYS E 182 26.64 3.63 -21.21
C LYS E 182 26.50 3.54 -22.71
N SER E 183 25.40 2.99 -23.22
CA SER E 183 25.21 2.89 -24.66
C SER E 183 24.91 4.26 -25.28
N ARG E 184 24.03 5.04 -24.64
CA ARG E 184 23.63 6.32 -25.22
C ARG E 184 24.52 7.48 -24.77
N CYS E 185 25.56 7.22 -23.98
CA CYS E 185 26.47 8.26 -23.51
C CYS E 185 27.82 8.11 -24.19
N LEU E 186 28.31 9.21 -24.78
CA LEU E 186 29.65 9.24 -25.31
C LEU E 186 30.64 9.16 -24.15
N LEU E 187 31.52 8.16 -24.18
CA LEU E 187 32.41 7.89 -23.06
C LEU E 187 33.75 8.59 -23.27
N ILE E 188 34.18 9.34 -22.26
CA ILE E 188 35.46 10.05 -22.27
C ILE E 188 36.28 9.58 -21.09
N ARG E 189 37.52 9.18 -21.34
CA ARG E 189 38.41 8.67 -20.31
C ARG E 189 39.33 9.78 -19.82
N CYS E 190 39.41 9.94 -18.50
CA CYS E 190 40.27 10.95 -17.89
C CYS E 190 41.33 10.25 -17.05
N PRO E 191 42.55 10.07 -17.58
CA PRO E 191 43.59 9.39 -16.81
C PRO E 191 44.07 10.21 -15.62
N ALA E 192 44.60 9.51 -14.62
CA ALA E 192 45.09 10.16 -13.42
C ALA E 192 46.34 10.98 -13.73
N PRO E 193 46.62 12.00 -12.91
CA PRO E 193 47.85 12.78 -13.11
C PRO E 193 49.09 11.91 -12.93
N SER E 194 50.11 12.21 -13.74
CA SER E 194 51.40 11.58 -13.54
C SER E 194 52.15 12.28 -12.43
N ASP E 195 53.29 11.69 -12.02
CA ASP E 195 54.12 12.32 -10.99
C ASP E 195 54.68 13.65 -11.49
N SER E 196 55.08 13.71 -12.75
CA SER E 196 55.63 14.96 -13.30
C SER E 196 54.57 16.06 -13.33
N GLU E 197 53.34 15.71 -13.71
CA GLU E 197 52.27 16.72 -13.77
C GLU E 197 51.93 17.23 -12.38
N ILE E 198 51.83 16.34 -11.39
CA ILE E 198 51.57 16.77 -10.02
C ILE E 198 52.70 17.66 -9.52
N SER E 199 53.94 17.26 -9.81
CA SER E 199 55.09 18.07 -9.38
C SER E 199 55.06 19.45 -10.02
N THR E 200 54.71 19.53 -11.31
CA THR E 200 54.64 20.83 -11.99
C THR E 200 53.54 21.69 -11.41
N ILE E 201 52.36 21.12 -11.16
CA ILE E 201 51.26 21.89 -10.59
C ILE E 201 51.61 22.39 -9.20
N LEU E 202 52.21 21.53 -8.37
CA LEU E 202 52.59 21.94 -7.03
C LEU E 202 53.70 23.00 -7.07
N SER E 203 54.62 22.89 -8.04
CA SER E 203 55.63 23.92 -8.21
C SER E 203 55.01 25.26 -8.59
N ASP E 204 54.01 25.23 -9.47
CA ASP E 204 53.31 26.45 -9.83
C ASP E 204 52.64 27.06 -8.60
N VAL E 205 52.00 26.22 -7.78
CA VAL E 205 51.32 26.71 -6.58
C VAL E 205 52.30 27.32 -5.60
N VAL E 206 53.43 26.63 -5.36
CA VAL E 206 54.38 27.12 -4.37
C VAL E 206 55.10 28.38 -4.89
N THR E 207 55.29 28.49 -6.21
CA THR E 207 55.87 29.70 -6.76
C THR E 207 54.92 30.89 -6.66
N ASN E 208 53.63 30.66 -6.93
CA ASN E 208 52.65 31.74 -6.82
C ASN E 208 52.47 32.15 -5.37
N GLU E 209 52.54 31.20 -4.44
CA GLU E 209 52.43 31.49 -3.02
C GLU E 209 53.83 31.72 -2.45
N ARG E 210 53.94 31.76 -1.12
CA ARG E 210 55.20 32.00 -0.43
C ARG E 210 55.45 30.88 0.55
N ILE E 211 56.27 29.90 0.16
CA ILE E 211 56.70 28.81 1.03
C ILE E 211 58.21 28.66 0.88
N GLN E 212 58.92 28.61 2.00
CA GLN E 212 60.37 28.47 1.98
C GLN E 212 60.72 27.03 1.62
N LEU E 213 60.85 26.78 0.32
CA LEU E 213 61.15 25.46 -0.21
C LEU E 213 62.56 25.46 -0.80
N GLU E 214 63.32 24.41 -0.50
CA GLU E 214 64.72 24.33 -0.92
C GLU E 214 65.02 23.14 -1.81
N THR E 215 64.25 22.06 -1.74
CA THR E 215 64.53 20.85 -2.50
C THR E 215 63.25 20.37 -3.19
N LYS E 216 63.38 19.98 -4.46
CA LYS E 216 62.26 19.46 -5.22
C LYS E 216 61.83 18.06 -4.76
N ASP E 217 62.60 17.43 -3.88
CA ASP E 217 62.28 16.08 -3.45
C ASP E 217 60.98 16.03 -2.66
N ILE E 218 60.67 17.09 -1.90
CA ILE E 218 59.45 17.08 -1.11
C ILE E 218 58.21 17.11 -2.01
N LEU E 219 58.28 17.83 -3.13
CA LEU E 219 57.15 17.87 -4.06
C LEU E 219 56.92 16.50 -4.69
N LYS E 220 57.99 15.81 -5.07
CA LYS E 220 57.85 14.47 -5.61
C LYS E 220 57.36 13.49 -4.55
N ARG E 221 57.73 13.70 -3.28
CA ARG E 221 57.19 12.87 -2.21
C ARG E 221 55.69 13.10 -2.04
N ILE E 222 55.24 14.35 -2.20
CA ILE E 222 53.81 14.61 -2.20
C ILE E 222 53.13 13.89 -3.36
N ALA E 223 53.75 13.94 -4.54
CA ALA E 223 53.18 13.27 -5.71
C ALA E 223 53.08 11.76 -5.49
N GLN E 224 54.11 11.16 -4.89
CA GLN E 224 54.06 9.73 -4.60
C GLN E 224 53.01 9.42 -3.55
N ALA E 225 52.89 10.25 -2.51
CA ALA E 225 51.95 9.97 -1.43
C ALA E 225 50.51 10.22 -1.83
N SER E 226 50.26 11.05 -2.85
CA SER E 226 48.89 11.35 -3.25
C SER E 226 48.28 10.22 -4.07
N ASN E 227 49.11 9.38 -4.69
CA ASN E 227 48.65 8.31 -5.59
C ASN E 227 47.80 8.88 -6.74
N GLY E 228 48.37 9.86 -7.42
CA GLY E 228 47.69 10.48 -8.55
C GLY E 228 46.41 11.19 -8.19
N ASN E 229 46.39 11.91 -7.07
CA ASN E 229 45.22 12.62 -6.58
C ASN E 229 45.59 14.08 -6.40
N LEU E 230 45.16 14.93 -7.33
CA LEU E 230 45.50 16.35 -7.27
C LEU E 230 44.90 17.02 -6.04
N ARG E 231 43.63 16.71 -5.73
CA ARG E 231 42.97 17.35 -4.59
C ARG E 231 43.64 16.94 -3.28
N VAL E 232 43.94 15.66 -3.12
CA VAL E 232 44.59 15.19 -1.89
C VAL E 232 46.00 15.74 -1.79
N SER E 233 46.70 15.85 -2.93
CA SER E 233 48.05 16.43 -2.91
C SER E 233 48.00 17.90 -2.48
N LEU E 234 47.04 18.66 -3.00
CA LEU E 234 46.91 20.06 -2.62
C LEU E 234 46.53 20.21 -1.14
N LEU E 235 45.64 19.35 -0.65
CA LEU E 235 45.28 19.38 0.76
C LEU E 235 46.48 19.04 1.64
N MET E 236 47.28 18.06 1.25
CA MET E 236 48.50 17.73 1.97
C MET E 236 49.47 18.90 1.98
N LEU E 237 49.64 19.54 0.83
CA LEU E 237 50.54 20.69 0.73
C LEU E 237 50.09 21.81 1.65
N GLU E 238 48.79 22.14 1.63
CA GLU E 238 48.27 23.17 2.53
C GLU E 238 48.45 22.80 3.98
N SER E 239 48.15 21.54 4.33
CA SER E 239 48.19 21.12 5.72
C SER E 239 49.61 21.23 6.29
N MET E 240 50.59 20.65 5.61
CA MET E 240 51.93 20.71 6.17
C MET E 240 52.63 22.03 5.86
N ALA E 241 52.06 22.86 4.97
CA ALA E 241 52.58 24.22 4.82
C ALA E 241 52.18 25.08 6.01
N LEU E 242 50.92 25.00 6.45
CA LEU E 242 50.53 25.69 7.67
C LEU E 242 51.17 25.05 8.90
N ASN E 243 51.47 23.75 8.85
CA ASN E 243 52.14 23.11 9.98
C ASN E 243 53.60 23.52 10.07
N ASN E 244 54.29 23.64 8.93
CA ASN E 244 55.71 23.94 8.91
C ASN E 244 56.01 25.43 8.86
N GLU E 245 55.03 26.28 9.17
CA GLU E 245 55.19 27.74 9.17
C GLU E 245 55.71 28.25 7.82
N LEU E 246 55.10 27.73 6.74
CA LEU E 246 55.42 28.12 5.37
C LEU E 246 56.90 27.91 5.05
N ALA E 247 57.47 26.81 5.58
CA ALA E 247 58.88 26.49 5.32
C ALA E 247 58.98 24.96 5.30
N LEU E 248 58.91 24.40 4.09
CA LEU E 248 59.00 22.95 3.93
C LEU E 248 60.41 22.48 4.19
N LYS E 249 60.53 21.34 4.87
CA LYS E 249 61.81 20.73 5.18
C LYS E 249 61.99 19.46 4.37
N SER E 250 63.23 19.20 3.97
CA SER E 250 63.53 18.01 3.17
C SER E 250 63.23 16.71 3.91
N SER E 251 63.19 16.73 5.23
CA SER E 251 62.85 15.56 6.03
C SER E 251 61.50 15.70 6.71
N SER E 252 60.59 16.45 6.08
CA SER E 252 59.25 16.62 6.65
C SER E 252 58.49 15.31 6.63
N PRO E 253 57.93 14.87 7.75
CA PRO E 253 57.15 13.64 7.76
C PRO E 253 55.89 13.77 6.90
N ILE E 254 55.48 12.66 6.31
CA ILE E 254 54.30 12.63 5.46
C ILE E 254 53.06 12.55 6.33
N ILE E 255 52.19 13.55 6.22
CA ILE E 255 50.95 13.56 6.98
C ILE E 255 49.87 12.83 6.21
N LYS E 256 49.11 11.99 6.91
CA LYS E 256 48.06 11.19 6.30
C LYS E 256 46.74 11.44 7.01
N PRO E 257 45.61 11.27 6.33
CA PRO E 257 44.31 11.45 6.98
C PRO E 257 44.13 10.45 8.12
N ASP E 258 43.37 10.88 9.13
CA ASP E 258 43.14 10.03 10.30
C ASP E 258 42.47 8.72 9.93
N TRP E 259 41.63 8.72 8.89
CA TRP E 259 41.04 7.48 8.41
C TRP E 259 42.12 6.51 7.92
N ILE E 260 43.11 7.02 7.18
CA ILE E 260 44.22 6.17 6.75
C ILE E 260 44.98 5.63 7.96
N ILE E 261 45.21 6.48 8.97
CA ILE E 261 45.97 6.07 10.13
C ILE E 261 45.25 4.96 10.88
N VAL E 262 43.94 5.11 11.08
CA VAL E 262 43.20 4.09 11.83
C VAL E 262 43.05 2.82 11.00
N ILE E 263 42.93 2.93 9.67
CA ILE E 263 42.90 1.74 8.83
C ILE E 263 44.22 0.98 8.93
N HIS E 264 45.34 1.70 8.90
CA HIS E 264 46.64 1.05 9.06
C HIS E 264 46.78 0.41 10.44
N LYS E 265 46.28 1.09 11.48
CA LYS E 265 46.32 0.53 12.82
C LYS E 265 45.51 -0.75 12.90
N LEU E 266 44.33 -0.77 12.28
CA LEU E 266 43.53 -1.99 12.22
C LEU E 266 44.25 -3.09 11.47
N THR E 267 44.97 -2.73 10.40
CA THR E 267 45.73 -3.72 9.64
C THR E 267 46.82 -4.35 10.50
N ARG E 268 47.56 -3.51 11.24
CA ARG E 268 48.60 -4.06 12.12
C ARG E 268 47.99 -4.90 13.23
N LYS E 269 46.83 -4.49 13.76
CA LYS E 269 46.17 -5.29 14.80
C LYS E 269 45.76 -6.66 14.26
N ILE E 270 45.22 -6.70 13.04
CA ILE E 270 44.84 -7.97 12.44
C ILE E 270 46.07 -8.84 12.19
N VAL E 271 47.16 -8.23 11.74
CA VAL E 271 48.36 -9.01 11.41
C VAL E 271 49.00 -9.58 12.68
N LYS E 272 49.13 -8.76 13.73
CA LYS E 272 49.96 -9.17 14.86
C LYS E 272 49.25 -10.19 15.75
N GLU E 273 47.93 -10.09 15.87
CA GLU E 273 47.17 -11.01 16.73
C GLU E 273 45.94 -11.52 15.99
N ARG E 274 45.56 -12.76 16.30
CA ARG E 274 44.40 -13.42 15.72
C ARG E 274 43.59 -14.00 16.88
N SER E 275 42.68 -13.20 17.44
CA SER E 275 41.89 -13.62 18.58
C SER E 275 40.49 -13.02 18.48
N VAL E 276 39.55 -13.64 19.19
CA VAL E 276 38.17 -13.18 19.17
C VAL E 276 38.03 -11.83 19.86
N ASN E 277 38.80 -11.58 20.92
CA ASN E 277 38.81 -10.26 21.54
C ASN E 277 39.32 -9.21 20.56
N SER E 278 40.36 -9.54 19.80
CA SER E 278 40.79 -8.67 18.72
C SER E 278 39.68 -8.48 17.71
N LEU E 279 38.85 -9.49 17.49
CA LEU E 279 37.75 -9.37 16.54
C LEU E 279 36.68 -8.41 17.05
N ILE E 280 36.36 -8.46 18.34
CA ILE E 280 35.35 -7.54 18.86
C ILE E 280 35.92 -6.11 18.90
N GLU E 281 37.21 -5.95 19.15
CA GLU E 281 37.82 -4.63 19.06
C GLU E 281 37.78 -4.11 17.62
N CYS E 282 38.02 -5.00 16.65
CA CYS E 282 37.91 -4.63 15.25
C CYS E 282 36.48 -4.25 14.90
N ARG E 283 35.50 -4.94 15.49
CA ARG E 283 34.10 -4.56 15.28
C ARG E 283 33.83 -3.16 15.79
N ALA E 284 34.34 -2.83 16.99
CA ALA E 284 34.15 -1.49 17.52
C ALA E 284 34.80 -0.44 16.63
N VAL E 285 36.02 -0.72 16.16
CA VAL E 285 36.72 0.21 15.28
C VAL E 285 35.96 0.38 13.97
N LEU E 286 35.45 -0.72 13.40
CA LEU E 286 34.71 -0.65 12.15
C LEU E 286 33.42 0.16 12.32
N TYR E 287 32.72 -0.03 13.44
CA TYR E 287 31.53 0.77 13.70
C TYR E 287 31.87 2.25 13.80
N ASP E 288 33.00 2.57 14.44
CA ASP E 288 33.42 3.96 14.52
C ASP E 288 33.72 4.54 13.13
N LEU E 289 34.43 3.78 12.30
CA LEU E 289 34.75 4.26 10.95
C LEU E 289 33.51 4.43 10.09
N LEU E 290 32.57 3.48 10.18
CA LEU E 290 31.32 3.63 9.43
C LEU E 290 30.51 4.82 9.93
N ALA E 291 30.55 5.09 11.23
CA ALA E 291 29.92 6.30 11.76
C ALA E 291 30.66 7.56 11.34
N HIS E 292 31.93 7.45 10.95
CA HIS E 292 32.71 8.59 10.50
C HIS E 292 32.47 8.94 9.04
N CYS E 293 31.46 8.33 8.41
CA CYS E 293 31.04 8.62 7.03
C CYS E 293 32.18 8.40 6.04
N ILE E 294 32.56 7.14 5.91
CA ILE E 294 33.39 6.70 4.80
C ILE E 294 32.67 5.53 4.13
N PRO E 295 32.52 5.55 2.80
CA PRO E 295 31.81 4.44 2.13
C PRO E 295 32.52 3.11 2.38
N ALA E 296 31.71 2.06 2.53
CA ALA E 296 32.26 0.75 2.89
C ALA E 296 33.12 0.16 1.78
N ASN E 297 32.82 0.51 0.53
CA ASN E 297 33.62 0.01 -0.59
C ASN E 297 35.07 0.49 -0.49
N ILE E 298 35.25 1.78 -0.23
CA ILE E 298 36.60 2.32 -0.11
C ILE E 298 37.29 1.79 1.14
N ILE E 299 36.53 1.58 2.22
CA ILE E 299 37.10 1.00 3.44
C ILE E 299 37.64 -0.40 3.15
N LEU E 300 36.84 -1.22 2.46
CA LEU E 300 37.29 -2.57 2.13
C LEU E 300 38.49 -2.56 1.20
N LYS E 301 38.47 -1.66 0.20
CA LYS E 301 39.60 -1.57 -0.72
C LYS E 301 40.88 -1.18 0.00
N GLU E 302 40.79 -0.18 0.88
CA GLU E 302 41.99 0.28 1.58
C GLU E 302 42.48 -0.76 2.58
N LEU E 303 41.57 -1.44 3.27
CA LEU E 303 41.98 -2.49 4.19
C LEU E 303 42.65 -3.64 3.44
N THR E 304 42.10 -4.03 2.29
CA THR E 304 42.71 -5.09 1.50
C THR E 304 44.09 -4.68 1.00
N PHE E 305 44.23 -3.46 0.49
CA PHE E 305 45.51 -3.00 -0.03
C PHE E 305 46.52 -2.70 1.06
N SER E 306 46.08 -2.51 2.31
CA SER E 306 47.01 -2.41 3.42
C SER E 306 47.44 -3.80 3.90
N LEU E 307 46.53 -4.77 3.86
CA LEU E 307 46.88 -6.13 4.22
C LEU E 307 47.90 -6.72 3.26
N LEU E 308 47.73 -6.48 1.96
CA LEU E 308 48.64 -7.04 0.96
C LEU E 308 50.03 -6.41 1.01
N ASP E 309 50.16 -5.22 1.60
CA ASP E 309 51.45 -4.55 1.68
C ASP E 309 52.30 -5.03 2.85
N VAL E 310 51.77 -5.86 3.73
CA VAL E 310 52.56 -6.38 4.84
C VAL E 310 53.50 -7.46 4.32
N GLU E 311 54.80 -7.30 4.61
CA GLU E 311 55.80 -8.23 4.11
C GLU E 311 55.82 -9.56 4.85
N THR E 312 55.21 -9.62 6.03
CA THR E 312 55.18 -10.87 6.79
C THR E 312 54.31 -11.91 6.12
N LEU E 313 53.25 -11.50 5.42
CA LEU E 313 52.31 -12.42 4.82
C LEU E 313 52.95 -13.17 3.65
N ASN E 314 52.63 -14.45 3.53
CA ASN E 314 53.08 -15.25 2.41
C ASN E 314 52.16 -15.04 1.20
N THR E 315 52.61 -15.54 0.04
CA THR E 315 51.87 -15.30 -1.19
C THR E 315 50.53 -16.02 -1.22
N THR E 316 50.45 -17.21 -0.63
CA THR E 316 49.17 -17.93 -0.57
C THR E 316 48.16 -17.17 0.28
N ASN E 317 48.61 -16.62 1.41
CA ASN E 317 47.73 -15.80 2.23
C ASN E 317 47.27 -14.57 1.48
N LYS E 318 48.16 -13.95 0.71
CA LYS E 318 47.78 -12.79 -0.10
C LYS E 318 46.73 -13.15 -1.14
N SER E 319 46.89 -14.31 -1.79
CA SER E 319 45.90 -14.74 -2.78
C SER E 319 44.56 -15.01 -2.14
N SER E 320 44.55 -15.68 -0.98
CA SER E 320 43.30 -15.93 -0.28
C SER E 320 42.64 -14.62 0.16
N ILE E 321 43.46 -13.67 0.63
CA ILE E 321 42.94 -12.38 1.06
C ILE E 321 42.29 -11.65 -0.09
N ILE E 322 42.95 -11.62 -1.26
CA ILE E 322 42.38 -10.89 -2.39
C ILE E 322 41.13 -11.60 -2.92
N GLU E 323 41.09 -12.93 -2.86
CA GLU E 323 39.88 -13.64 -3.30
C GLU E 323 38.71 -13.33 -2.39
N TYR E 324 38.91 -13.40 -1.06
CA TYR E 324 37.85 -13.06 -0.14
C TYR E 324 37.47 -11.58 -0.25
N SER E 325 38.44 -10.73 -0.56
CA SER E 325 38.14 -9.31 -0.75
C SER E 325 37.24 -9.09 -1.94
N SER E 326 37.49 -9.80 -3.04
CA SER E 326 36.60 -9.70 -4.20
C SER E 326 35.20 -10.20 -3.86
N VAL E 327 35.12 -11.34 -3.17
CA VAL E 327 33.81 -11.89 -2.83
C VAL E 327 33.02 -10.93 -1.95
N PHE E 328 33.67 -10.39 -0.92
CA PHE E 328 32.97 -9.48 -0.03
C PHE E 328 32.74 -8.10 -0.64
N ASP E 329 33.53 -7.70 -1.64
CA ASP E 329 33.20 -6.50 -2.39
C ASP E 329 31.93 -6.70 -3.20
N GLU E 330 31.78 -7.87 -3.82
CA GLU E 330 30.52 -8.19 -4.48
C GLU E 330 29.35 -8.18 -3.50
N ARG E 331 29.56 -8.76 -2.32
CA ARG E 331 28.51 -8.78 -1.30
C ARG E 331 28.16 -7.37 -0.83
N LEU E 332 29.17 -6.50 -0.68
CA LEU E 332 28.92 -5.11 -0.31
C LEU E 332 28.11 -4.39 -1.39
N SER E 333 28.42 -4.64 -2.65
CA SER E 333 27.61 -4.09 -3.72
C SER E 333 26.20 -4.67 -3.75
N LEU E 334 26.00 -5.86 -3.17
CA LEU E 334 24.68 -6.46 -3.08
C LEU E 334 24.12 -6.44 -1.65
N GLY E 335 24.59 -5.50 -0.82
CA GLY E 335 24.16 -5.44 0.56
C GLY E 335 23.71 -4.03 0.94
N ASN E 336 23.12 -3.93 2.13
CA ASN E 336 22.60 -2.66 2.62
C ASN E 336 23.00 -2.34 4.05
N LYS E 337 23.66 -3.27 4.75
CA LYS E 337 24.12 -3.01 6.11
C LYS E 337 25.55 -2.51 6.17
N ALA E 338 26.42 -2.96 5.27
CA ALA E 338 27.77 -2.43 5.07
C ALA E 338 28.69 -2.68 6.26
N ILE E 339 28.19 -3.32 7.32
CA ILE E 339 29.07 -3.67 8.43
C ILE E 339 29.21 -5.18 8.56
N PHE E 340 28.14 -5.92 8.25
CA PHE E 340 28.19 -7.38 8.32
C PHE E 340 29.21 -7.92 7.34
N HIS E 341 29.27 -7.35 6.14
CA HIS E 341 30.21 -7.83 5.13
C HIS E 341 31.65 -7.56 5.52
N LEU E 342 31.93 -6.38 6.07
CA LEU E 342 33.30 -6.09 6.51
C LEU E 342 33.70 -6.99 7.68
N GLU E 343 32.78 -7.22 8.62
CA GLU E 343 33.08 -8.13 9.72
C GLU E 343 33.36 -9.54 9.21
N GLY E 344 32.55 -10.02 8.26
CA GLY E 344 32.81 -11.32 7.67
C GLY E 344 34.14 -11.39 6.95
N PHE E 345 34.49 -10.32 6.24
CA PHE E 345 35.77 -10.29 5.54
C PHE E 345 36.92 -10.36 6.52
N ILE E 346 36.84 -9.60 7.62
CA ILE E 346 37.91 -9.62 8.61
C ILE E 346 38.01 -10.98 9.27
N ALA E 347 36.87 -11.61 9.56
CA ALA E 347 36.88 -12.94 10.16
C ALA E 347 37.51 -13.96 9.21
N LYS E 348 37.18 -13.89 7.91
CA LYS E 348 37.79 -14.80 6.95
C LYS E 348 39.29 -14.55 6.82
N VAL E 349 39.71 -13.28 6.86
CA VAL E 349 41.13 -12.96 6.76
C VAL E 349 41.89 -13.51 7.97
N MET E 350 41.35 -13.33 9.17
CA MET E 350 42.04 -13.86 10.34
C MET E 350 42.02 -15.39 10.38
N CYS E 351 40.96 -16.01 9.85
CA CYS E 351 40.96 -17.46 9.72
C CYS E 351 42.06 -17.92 8.75
N CYS E 352 42.23 -17.19 7.64
CA CYS E 352 43.28 -17.52 6.69
C CYS E 352 44.66 -17.34 7.31
N LEU E 353 44.86 -16.27 8.09
CA LEU E 353 46.14 -15.99 8.71
C LEU E 353 46.41 -16.83 9.95
N ALA F 1 -23.77 17.65 -41.21
CA ALA F 1 -24.76 17.57 -40.14
C ALA F 1 -24.54 16.31 -39.29
N SER F 2 -24.56 16.49 -37.97
CA SER F 2 -24.39 15.37 -37.07
C SER F 2 -25.58 14.44 -37.14
N MSE F 3 -25.32 13.14 -37.19
CA MSE F 3 -26.37 12.15 -37.41
C MSE F 3 -27.28 12.00 -36.19
O MSE F 3 -28.46 11.72 -36.34
CB MSE F 3 -25.74 10.82 -37.80
CG MSE F 3 -24.77 10.24 -36.80
SE MSE F 3 -25.64 9.02 -35.56
CE MSE F 3 -25.46 7.39 -36.63
N LEU F 4 -26.73 12.17 -34.99
CA LEU F 4 -27.52 12.15 -33.77
C LEU F 4 -27.74 13.58 -33.29
N GLU F 5 -29.01 13.98 -33.18
CA GLU F 5 -29.38 15.34 -32.77
C GLU F 5 -30.57 15.22 -31.82
N ALA F 6 -30.30 15.14 -30.53
CA ALA F 6 -31.32 15.04 -29.50
C ALA F 6 -31.32 16.32 -28.67
N LYS F 7 -32.47 16.98 -28.61
CA LYS F 7 -32.63 18.23 -27.88
C LYS F 7 -33.44 18.01 -26.63
N PHE F 8 -32.95 18.52 -25.50
CA PHE F 8 -33.62 18.40 -24.21
C PHE F 8 -34.27 19.74 -23.84
N GLU F 9 -35.57 19.71 -23.58
CA GLU F 9 -36.22 20.82 -22.89
C GLU F 9 -36.10 20.62 -21.39
N GLU F 10 -35.76 21.71 -20.69
CA GLU F 10 -35.53 21.67 -19.24
C GLU F 10 -34.43 20.67 -18.89
N ALA F 11 -33.21 21.02 -19.32
CA ALA F 11 -32.04 20.15 -19.27
C ALA F 11 -31.77 19.53 -17.89
N SER F 12 -32.44 20.02 -16.85
CA SER F 12 -32.39 19.34 -15.55
C SER F 12 -32.99 17.94 -15.63
N LEU F 13 -33.76 17.65 -16.67
CA LEU F 13 -34.33 16.32 -16.87
C LEU F 13 -33.24 15.27 -16.96
N PHE F 14 -32.40 15.36 -18.00
CA PHE F 14 -31.36 14.36 -18.23
C PHE F 14 -30.45 14.23 -17.02
N LYS F 15 -30.20 15.33 -16.32
CA LYS F 15 -29.45 15.24 -15.07
C LYS F 15 -30.19 14.39 -14.04
N ARG F 16 -31.53 14.51 -13.99
CA ARG F 16 -32.29 13.70 -13.04
C ARG F 16 -32.25 12.22 -13.40
N ILE F 17 -32.39 11.89 -14.69
CA ILE F 17 -32.26 10.47 -15.08
C ILE F 17 -30.86 9.95 -14.77
N ILE F 18 -29.84 10.74 -15.05
CA ILE F 18 -28.47 10.28 -14.80
C ILE F 18 -28.25 10.06 -13.31
N ASP F 19 -28.70 10.99 -12.47
CA ASP F 19 -28.58 10.84 -11.03
C ASP F 19 -29.47 9.72 -10.48
N GLY F 20 -30.48 9.30 -11.25
CA GLY F 20 -31.31 8.20 -10.80
C GLY F 20 -30.55 6.91 -10.60
N PHE F 21 -29.57 6.63 -11.48
CA PHE F 21 -28.81 5.40 -11.37
C PHE F 21 -27.31 5.65 -11.51
N LYS F 22 -26.85 6.86 -11.19
CA LYS F 22 -25.42 7.12 -11.17
C LYS F 22 -24.73 6.31 -10.08
N ASP F 23 -25.34 6.19 -8.91
CA ASP F 23 -24.68 5.55 -7.78
C ASP F 23 -24.62 4.03 -7.94
N CYS F 24 -25.71 3.42 -8.39
CA CYS F 24 -25.76 1.96 -8.43
C CYS F 24 -24.98 1.40 -9.62
N VAL F 25 -25.01 2.07 -10.76
CA VAL F 25 -24.33 1.61 -11.97
C VAL F 25 -23.16 2.53 -12.27
N GLN F 26 -22.02 1.94 -12.64
CA GLN F 26 -20.85 2.70 -13.03
C GLN F 26 -20.62 2.71 -14.54
N LEU F 27 -21.16 1.74 -15.27
CA LEU F 27 -20.93 1.65 -16.71
C LEU F 27 -22.24 1.29 -17.41
N VAL F 28 -22.66 2.14 -18.34
CA VAL F 28 -23.89 1.95 -19.08
C VAL F 28 -23.58 2.02 -20.57
N ASN F 29 -24.62 1.80 -21.38
CA ASN F 29 -24.56 2.02 -22.81
C ASN F 29 -25.94 2.45 -23.30
N PHE F 30 -25.97 3.29 -24.32
CA PHE F 30 -27.20 3.90 -24.82
C PHE F 30 -27.42 3.47 -26.26
N GLN F 31 -28.34 2.52 -26.46
CA GLN F 31 -28.72 2.12 -27.82
C GLN F 31 -29.69 3.16 -28.37
N CYS F 32 -29.16 4.16 -29.05
CA CYS F 32 -29.96 5.23 -29.62
C CYS F 32 -30.49 4.79 -30.98
N LYS F 33 -31.82 4.70 -31.10
CA LYS F 33 -32.48 4.36 -32.35
C LYS F 33 -33.50 5.43 -32.66
N GLU F 34 -34.31 5.17 -33.70
CA GLU F 34 -35.34 6.13 -34.08
C GLU F 34 -36.47 6.22 -33.06
N ASP F 35 -36.69 5.17 -32.27
CA ASP F 35 -37.76 5.20 -31.27
C ASP F 35 -37.37 6.03 -30.06
N GLY F 36 -36.11 5.98 -29.65
CA GLY F 36 -35.66 6.73 -28.50
C GLY F 36 -34.37 6.17 -27.95
N ILE F 37 -33.82 6.89 -26.97
CA ILE F 37 -32.54 6.54 -26.37
C ILE F 37 -32.81 5.60 -25.22
N ILE F 38 -32.61 4.31 -25.46
CA ILE F 38 -32.79 3.31 -24.41
C ILE F 38 -31.43 2.95 -23.83
N ALA F 39 -31.45 2.36 -22.63
CA ALA F 39 -30.24 1.96 -21.95
C ALA F 39 -30.52 0.75 -21.08
N GLN F 40 -29.48 -0.01 -20.79
CA GLN F 40 -29.59 -1.18 -19.93
C GLN F 40 -28.23 -1.61 -19.43
N ALA F 41 -28.07 -1.72 -18.11
CA ALA F 41 -26.78 -2.05 -17.54
C ALA F 41 -26.97 -2.84 -16.25
N VAL F 42 -25.96 -3.64 -15.91
CA VAL F 42 -25.97 -4.49 -14.73
C VAL F 42 -24.79 -4.08 -13.86
N ASP F 43 -25.00 -4.09 -12.54
CA ASP F 43 -23.98 -3.64 -11.61
C ASP F 43 -22.78 -4.59 -11.63
N ASP F 44 -21.75 -4.21 -10.88
CA ASP F 44 -20.57 -5.07 -10.74
C ASP F 44 -20.90 -6.34 -9.96
N SER F 45 -21.85 -6.26 -9.03
CA SER F 45 -22.24 -7.41 -8.22
C SER F 45 -23.32 -8.25 -8.87
N ARG F 46 -23.80 -7.87 -10.06
CA ARG F 46 -24.78 -8.66 -10.83
C ARG F 46 -26.04 -8.93 -10.03
N VAL F 47 -26.49 -7.94 -9.26
CA VAL F 47 -27.70 -8.05 -8.46
C VAL F 47 -28.82 -7.19 -9.00
N LEU F 48 -28.51 -5.96 -9.41
CA LEU F 48 -29.52 -4.97 -9.76
C LEU F 48 -29.34 -4.57 -11.22
N LEU F 49 -30.44 -4.54 -11.97
CA LEU F 49 -30.45 -4.16 -13.38
C LEU F 49 -31.21 -2.84 -13.53
N VAL F 50 -30.76 -2.01 -14.46
CA VAL F 50 -31.37 -0.70 -14.70
C VAL F 50 -31.72 -0.63 -16.18
N SER F 51 -32.99 -0.87 -16.50
CA SER F 51 -33.46 -0.59 -17.85
C SER F 51 -33.91 0.87 -17.94
N LEU F 52 -33.91 1.39 -19.16
CA LEU F 52 -34.24 2.79 -19.38
C LEU F 52 -34.78 2.96 -20.78
N GLU F 53 -35.71 3.90 -20.94
CA GLU F 53 -36.23 4.25 -22.26
C GLU F 53 -36.72 5.69 -22.20
N ILE F 54 -36.32 6.49 -23.18
CA ILE F 54 -36.77 7.88 -23.31
C ILE F 54 -37.38 8.00 -24.69
N GLY F 55 -38.68 8.27 -24.74
CA GLY F 55 -39.37 8.37 -26.01
C GLY F 55 -39.07 9.66 -26.74
N VAL F 56 -39.57 9.75 -27.97
CA VAL F 56 -39.39 10.95 -28.77
C VAL F 56 -40.18 12.12 -28.24
N GLU F 57 -41.15 11.88 -27.35
CA GLU F 57 -41.94 12.97 -26.79
C GLU F 57 -41.12 13.85 -25.87
N ALA F 58 -40.17 13.25 -25.14
CA ALA F 58 -39.37 14.02 -24.20
C ALA F 58 -38.39 14.95 -24.90
N PHE F 59 -38.08 14.67 -26.18
CA PHE F 59 -37.15 15.50 -26.92
C PHE F 59 -37.89 16.55 -27.73
N GLN F 60 -37.36 17.77 -27.75
CA GLN F 60 -37.89 18.81 -28.63
C GLN F 60 -37.76 18.40 -30.09
N GLU F 61 -36.57 17.90 -30.46
CA GLU F 61 -36.31 17.45 -31.82
C GLU F 61 -35.32 16.29 -31.75
N TYR F 62 -35.74 15.13 -32.22
CA TYR F 62 -34.92 13.92 -32.16
C TYR F 62 -34.77 13.35 -33.56
N ARG F 63 -33.52 13.03 -33.93
CA ARG F 63 -33.23 12.47 -35.24
C ARG F 63 -32.03 11.54 -35.09
N CYS F 64 -32.24 10.25 -35.32
CA CYS F 64 -31.19 9.24 -35.20
C CYS F 64 -31.29 8.32 -36.41
N ASP F 65 -30.42 8.54 -37.40
CA ASP F 65 -30.53 7.83 -38.67
C ASP F 65 -30.23 6.35 -38.52
N HIS F 66 -29.18 6.01 -37.79
CA HIS F 66 -28.75 4.63 -37.63
C HIS F 66 -28.66 4.29 -36.15
N PRO F 67 -28.78 3.01 -35.80
CA PRO F 67 -28.60 2.62 -34.38
C PRO F 67 -27.20 2.96 -33.90
N VAL F 68 -27.15 3.63 -32.75
CA VAL F 68 -25.89 4.07 -32.14
C VAL F 68 -25.76 3.43 -30.77
N THR F 69 -24.56 2.97 -30.45
CA THR F 69 -24.22 2.47 -29.13
C THR F 69 -23.21 3.41 -28.48
N LEU F 70 -23.54 3.91 -27.29
CA LEU F 70 -22.69 4.87 -26.58
C LEU F 70 -22.37 4.29 -25.21
N GLY F 71 -21.32 3.46 -25.14
CA GLY F 71 -20.85 2.97 -23.86
C GLY F 71 -20.20 4.09 -23.07
N MSE F 72 -20.64 4.27 -21.82
CA MSE F 72 -20.22 5.44 -21.05
C MSE F 72 -19.85 5.16 -19.61
O MSE F 72 -20.33 4.19 -19.01
CB MSE F 72 -21.33 6.48 -21.09
CG MSE F 72 -21.48 7.15 -22.42
SE MSE F 72 -23.18 8.05 -22.59
CE MSE F 72 -22.50 9.63 -23.46
N ASP F 73 -19.00 6.00 -19.05
CA ASP F 73 -18.70 6.01 -17.63
C ASP F 73 -19.64 7.01 -16.96
N LEU F 74 -20.48 6.51 -16.04
CA LEU F 74 -21.54 7.34 -15.49
C LEU F 74 -21.02 8.45 -14.59
N THR F 75 -19.86 8.24 -13.95
CA THR F 75 -19.31 9.29 -13.09
C THR F 75 -18.95 10.52 -13.90
N SER F 76 -18.21 10.34 -14.98
CA SER F 76 -17.82 11.47 -15.83
C SER F 76 -19.04 12.10 -16.50
N LEU F 77 -20.00 11.28 -16.91
CA LEU F 77 -21.22 11.81 -17.51
C LEU F 77 -22.00 12.67 -16.52
N SER F 78 -22.12 12.20 -15.28
CA SER F 78 -22.82 12.99 -14.26
C SER F 78 -22.06 14.27 -13.93
N LYS F 79 -20.73 14.22 -13.93
CA LYS F 79 -19.94 15.43 -13.76
C LYS F 79 -20.20 16.43 -14.88
N ILE F 80 -20.28 15.94 -16.12
CA ILE F 80 -20.57 16.82 -17.25
C ILE F 80 -21.96 17.43 -17.12
N LEU F 81 -22.96 16.62 -16.75
CA LEU F 81 -24.30 17.12 -16.52
C LEU F 81 -24.33 18.18 -15.41
N ARG F 82 -23.51 18.01 -14.38
CA ARG F 82 -23.46 19.01 -13.32
C ARG F 82 -22.81 20.32 -13.76
N CYS F 83 -22.19 20.35 -14.94
CA CYS F 83 -21.54 21.55 -15.44
C CYS F 83 -22.51 22.46 -16.19
N GLY F 84 -23.64 22.79 -15.57
CA GLY F 84 -24.62 23.61 -16.26
C GLY F 84 -25.76 23.98 -15.34
N ASN F 85 -26.69 24.76 -15.90
CA ASN F 85 -27.84 25.26 -15.18
C ASN F 85 -29.11 24.67 -15.81
N ASN F 86 -30.16 24.57 -14.98
CA ASN F 86 -31.43 24.05 -15.46
C ASN F 86 -32.09 24.95 -16.50
N THR F 87 -31.75 26.24 -16.50
CA THR F 87 -32.30 27.14 -17.51
C THR F 87 -31.80 26.80 -18.90
N ASP F 88 -30.55 26.36 -19.01
CA ASP F 88 -29.95 26.06 -20.30
C ASP F 88 -30.63 24.86 -20.95
N THR F 89 -30.44 24.73 -22.26
CA THR F 89 -30.97 23.61 -23.03
C THR F 89 -29.81 22.72 -23.46
N LEU F 90 -29.95 21.41 -23.22
CA LEU F 90 -28.90 20.46 -23.52
C LEU F 90 -29.16 19.78 -24.86
N THR F 91 -28.08 19.47 -25.57
CA THR F 91 -28.18 18.79 -26.85
C THR F 91 -27.09 17.72 -26.94
N LEU F 92 -27.48 16.52 -27.34
CA LEU F 92 -26.53 15.45 -27.58
C LEU F 92 -26.19 15.41 -29.07
N ILE F 93 -24.92 15.49 -29.39
CA ILE F 93 -24.45 15.55 -30.77
C ILE F 93 -23.40 14.47 -30.96
N ALA F 94 -23.65 13.56 -31.90
CA ALA F 94 -22.71 12.49 -32.22
C ALA F 94 -22.66 12.29 -33.73
N ASP F 95 -21.47 12.03 -34.25
CA ASP F 95 -21.26 11.81 -35.67
C ASP F 95 -21.23 10.33 -35.97
N ASN F 96 -20.97 10.00 -37.24
CA ASN F 96 -20.89 8.60 -37.64
C ASN F 96 -19.67 7.92 -37.02
N THR F 97 -19.87 6.70 -36.52
CA THR F 97 -18.87 5.94 -35.77
C THR F 97 -18.28 6.82 -34.68
N PRO F 98 -19.05 7.12 -33.63
CA PRO F 98 -18.65 8.18 -32.70
C PRO F 98 -17.51 7.76 -31.79
N ASP F 99 -16.60 8.69 -31.57
CA ASP F 99 -15.58 8.59 -30.53
C ASP F 99 -15.97 9.31 -29.25
N SER F 100 -16.77 10.37 -29.37
CA SER F 100 -17.26 11.13 -28.24
C SER F 100 -18.52 11.86 -28.67
N ILE F 101 -19.29 12.32 -27.70
CA ILE F 101 -20.47 13.11 -27.98
C ILE F 101 -20.13 14.59 -27.74
N ILE F 102 -21.03 15.45 -28.19
CA ILE F 102 -20.92 16.89 -27.95
C ILE F 102 -22.16 17.32 -27.18
N LEU F 103 -21.95 17.93 -26.02
CA LEU F 103 -23.04 18.43 -25.18
C LEU F 103 -23.01 19.95 -25.20
N LEU F 104 -24.12 20.56 -25.60
CA LEU F 104 -24.24 22.01 -25.72
C LEU F 104 -25.15 22.54 -24.64
N PHE F 105 -24.75 23.65 -24.02
CA PHE F 105 -25.53 24.32 -22.99
C PHE F 105 -25.84 25.73 -23.49
N GLU F 106 -26.97 25.89 -24.16
CA GLU F 106 -27.35 27.14 -24.81
C GLU F 106 -28.54 27.75 -24.09
N ASP F 107 -28.65 29.08 -24.17
CA ASP F 107 -29.77 29.81 -23.60
C ASP F 107 -29.87 31.15 -24.29
N THR F 108 -31.09 31.55 -24.67
CA THR F 108 -31.30 32.84 -25.31
C THR F 108 -31.31 34.00 -24.35
N LYS F 109 -31.43 33.74 -23.03
CA LYS F 109 -31.40 34.82 -22.05
C LYS F 109 -30.03 35.49 -22.02
N LYS F 110 -28.97 34.70 -22.10
CA LYS F 110 -27.61 35.22 -22.14
C LYS F 110 -26.75 34.26 -22.96
N ASP F 111 -26.06 34.81 -23.95
CA ASP F 111 -25.25 33.98 -24.86
C ASP F 111 -23.99 33.52 -24.13
N ARG F 112 -24.06 32.33 -23.53
CA ARG F 112 -22.93 31.75 -22.80
C ARG F 112 -22.82 30.26 -23.14
N ILE F 113 -22.96 29.95 -24.44
CA ILE F 113 -22.95 28.56 -24.90
C ILE F 113 -21.66 27.87 -24.48
N ALA F 114 -21.81 26.72 -23.82
CA ALA F 114 -20.69 25.92 -23.35
C ALA F 114 -20.78 24.55 -24.01
N GLU F 115 -19.69 24.15 -24.66
CA GLU F 115 -19.63 22.89 -25.41
C GLU F 115 -18.71 21.93 -24.69
N TYR F 116 -19.27 20.81 -24.21
CA TYR F 116 -18.52 19.77 -23.55
C TYR F 116 -18.50 18.51 -24.39
N SER F 117 -17.38 17.79 -24.33
CA SER F 117 -17.22 16.52 -25.01
C SER F 117 -16.84 15.45 -23.99
N LEU F 118 -17.51 14.31 -24.06
CA LEU F 118 -17.25 13.20 -23.15
C LEU F 118 -16.82 11.99 -23.96
N LYS F 119 -15.67 11.41 -23.59
CA LYS F 119 -15.12 10.28 -24.33
C LYS F 119 -16.02 9.06 -24.17
N LEU F 120 -16.20 8.33 -25.27
CA LEU F 120 -17.05 7.15 -25.27
C LEU F 120 -16.27 5.96 -24.71
N MSE F 121 -16.85 4.77 -24.79
CA MSE F 121 -16.24 3.58 -24.23
C MSE F 121 -16.82 2.32 -24.84
O MSE F 121 -17.98 2.30 -25.25
CB MSE F 121 -16.42 3.58 -22.70
CG MSE F 121 -15.72 2.47 -21.96
SE MSE F 121 -15.89 2.72 -20.06
CE MSE F 121 -14.54 4.11 -19.82
N ASP F 122 -16.01 1.25 -24.93
CA ASP F 122 -16.43 -0.01 -25.54
C ASP F 122 -16.79 -0.97 -24.40
N ILE F 123 -18.06 -0.92 -23.96
CA ILE F 123 -18.52 -1.83 -22.94
C ILE F 123 -18.62 -3.25 -23.48
N ASP F 124 -19.14 -3.40 -24.71
CA ASP F 124 -19.30 -4.70 -25.37
C ASP F 124 -20.14 -5.66 -24.54
N ALA F 125 -21.23 -5.16 -23.97
CA ALA F 125 -22.17 -5.97 -23.21
C ALA F 125 -23.45 -6.08 -24.02
N ASP F 126 -23.68 -7.26 -24.60
CA ASP F 126 -24.86 -7.46 -25.45
C ASP F 126 -26.13 -7.64 -24.64
N PHE F 127 -26.02 -8.06 -23.37
CA PHE F 127 -27.11 -8.36 -22.45
C PHE F 127 -28.22 -9.16 -23.11
N LEU F 128 -29.47 -8.92 -22.68
CA LEU F 128 -30.64 -9.56 -23.28
C LEU F 128 -31.87 -8.77 -22.86
N LYS F 129 -32.96 -9.02 -23.59
CA LYS F 129 -34.23 -8.35 -23.30
C LYS F 129 -34.84 -8.90 -22.02
N ILE F 130 -35.80 -8.14 -21.47
CA ILE F 130 -36.53 -8.60 -20.30
C ILE F 130 -37.48 -9.72 -20.70
N GLU F 131 -37.40 -10.83 -19.97
CA GLU F 131 -38.22 -12.01 -20.26
C GLU F 131 -39.14 -12.29 -19.08
N GLU F 132 -39.52 -11.24 -18.34
CA GLU F 132 -40.46 -11.36 -17.22
C GLU F 132 -41.67 -10.50 -17.54
N LEU F 133 -42.85 -11.12 -17.56
CA LEU F 133 -44.09 -10.43 -17.90
C LEU F 133 -45.21 -10.68 -16.90
N GLN F 134 -45.20 -11.81 -16.19
CA GLN F 134 -46.25 -12.15 -15.24
C GLN F 134 -45.76 -11.90 -13.83
N TYR F 135 -46.55 -11.14 -13.06
CA TYR F 135 -46.22 -10.85 -11.67
C TYR F 135 -47.46 -11.08 -10.80
N ASP F 136 -47.22 -11.50 -9.57
CA ASP F 136 -48.33 -11.78 -8.66
C ASP F 136 -48.93 -10.48 -8.12
N SER F 137 -48.13 -9.68 -7.43
CA SER F 137 -48.61 -8.45 -6.82
C SER F 137 -48.13 -7.25 -7.63
N THR F 138 -49.06 -6.35 -7.93
CA THR F 138 -48.77 -5.12 -8.67
C THR F 138 -49.31 -3.96 -7.84
N LEU F 139 -48.41 -3.24 -7.16
CA LEU F 139 -48.80 -2.16 -6.27
C LEU F 139 -48.09 -0.88 -6.68
N SER F 140 -48.79 0.24 -6.52
CA SER F 140 -48.23 1.56 -6.79
C SER F 140 -48.47 2.45 -5.58
N LEU F 141 -47.41 3.05 -5.06
CA LEU F 141 -47.47 3.93 -3.91
C LEU F 141 -46.65 5.16 -4.20
N PRO F 142 -46.93 6.27 -3.53
CA PRO F 142 -46.16 7.50 -3.79
C PRO F 142 -44.67 7.31 -3.51
N SER F 143 -43.86 7.95 -4.35
CA SER F 143 -42.41 7.78 -4.25
C SER F 143 -41.86 8.31 -2.94
N SER F 144 -42.42 9.43 -2.44
CA SER F 144 -41.95 9.99 -1.19
C SER F 144 -42.18 9.05 -0.02
N GLU F 145 -43.37 8.43 0.03
CA GLU F 145 -43.69 7.51 1.13
C GLU F 145 -42.79 6.28 1.09
N PHE F 146 -42.59 5.70 -0.10
CA PHE F 146 -41.74 4.52 -0.22
C PHE F 146 -40.29 4.85 0.12
N SER F 147 -39.79 6.00 -0.35
CA SER F 147 -38.43 6.40 -0.02
C SER F 147 -38.27 6.62 1.48
N LYS F 148 -39.27 7.25 2.11
CA LYS F 148 -39.20 7.44 3.55
C LYS F 148 -39.19 6.11 4.29
N ILE F 149 -40.04 5.16 3.86
CA ILE F 149 -40.11 3.86 4.52
C ILE F 149 -38.78 3.13 4.41
N VAL F 150 -38.20 3.11 3.21
CA VAL F 150 -36.92 2.46 3.01
C VAL F 150 -35.84 3.14 3.85
N ARG F 151 -35.88 4.47 3.92
CA ARG F 151 -34.87 5.20 4.67
C ARG F 151 -34.94 4.88 6.16
N ASP F 152 -36.14 4.83 6.75
CA ASP F 152 -36.12 4.61 8.18
C ASP F 152 -36.06 3.13 8.54
N LEU F 153 -36.22 2.24 7.57
CA LEU F 153 -36.04 0.82 7.86
C LEU F 153 -34.64 0.31 7.53
N SER F 154 -33.87 1.05 6.72
CA SER F 154 -32.52 0.60 6.41
C SER F 154 -31.57 0.82 7.58
N GLN F 155 -31.92 1.70 8.51
CA GLN F 155 -31.04 1.94 9.65
C GLN F 155 -31.11 0.81 10.65
N LEU F 156 -32.24 0.11 10.73
CA LEU F 156 -32.37 -0.98 11.69
C LEU F 156 -31.60 -2.22 11.26
N SER F 157 -31.67 -2.58 9.98
CA SER F 157 -31.10 -3.83 9.51
C SER F 157 -30.61 -3.67 8.08
N ASP F 158 -30.06 -4.76 7.54
CA ASP F 158 -29.60 -4.80 6.16
C ASP F 158 -30.55 -5.54 5.24
N SER F 159 -31.57 -6.21 5.78
CA SER F 159 -32.54 -6.94 4.99
C SER F 159 -33.92 -6.38 5.25
N ILE F 160 -34.63 -6.03 4.18
CA ILE F 160 -35.97 -5.47 4.26
C ILE F 160 -36.93 -6.46 3.62
N ASN F 161 -37.83 -7.02 4.42
CA ASN F 161 -38.75 -8.06 3.98
C ASN F 161 -40.07 -7.41 3.62
N ILE F 162 -40.42 -7.44 2.34
CA ILE F 162 -41.70 -6.89 1.86
C ILE F 162 -42.69 -8.03 1.73
N MSE F 163 -43.77 -7.96 2.51
CA MSE F 163 -44.81 -8.98 2.51
C MSE F 163 -46.12 -8.42 1.98
O MSE F 163 -46.50 -7.29 2.32
CB MSE F 163 -45.01 -9.54 3.91
CG MSE F 163 -43.85 -10.39 4.41
SE MSE F 163 -43.75 -10.43 6.35
CE MSE F 163 -45.26 -11.62 6.71
N ILE F 164 -46.82 -9.18 1.15
CA ILE F 164 -48.06 -8.75 0.52
C ILE F 164 -49.18 -9.66 1.00
N THR F 165 -50.28 -9.05 1.45
CA THR F 165 -51.43 -9.79 1.94
C THR F 165 -52.68 -9.20 1.30
N LYS F 166 -53.88 -9.65 1.70
CA LYS F 166 -55.13 -9.13 1.16
C LYS F 166 -55.32 -7.69 1.64
N GLU F 167 -55.09 -6.73 0.73
CA GLU F 167 -55.18 -5.29 1.03
C GLU F 167 -54.35 -4.92 2.26
N THR F 168 -53.12 -5.44 2.31
CA THR F 168 -52.21 -5.13 3.40
C THR F 168 -50.79 -5.29 2.90
N ILE F 169 -50.00 -4.23 3.00
CA ILE F 169 -48.60 -4.22 2.58
C ILE F 169 -47.75 -4.08 3.83
N LYS F 170 -46.81 -5.01 4.04
CA LYS F 170 -46.04 -5.06 5.26
C LYS F 170 -44.55 -5.05 4.93
N PHE F 171 -43.81 -4.19 5.64
CA PHE F 171 -42.35 -4.12 5.54
C PHE F 171 -41.78 -4.52 6.89
N VAL F 172 -40.97 -5.57 6.92
CA VAL F 172 -40.34 -6.06 8.15
C VAL F 172 -38.84 -5.92 7.99
N ALA F 173 -38.20 -5.29 8.98
CA ALA F 173 -36.78 -4.98 8.93
C ALA F 173 -36.10 -5.34 10.26
N ASP F 174 -36.34 -6.56 10.73
CA ASP F 174 -35.75 -7.02 11.99
C ASP F 174 -34.23 -7.00 11.91
N GLY F 175 -33.60 -6.45 12.93
CA GLY F 175 -32.15 -6.32 12.95
C GLY F 175 -31.52 -6.53 14.30
N ASP F 176 -30.27 -6.09 14.45
CA ASP F 176 -29.55 -6.32 15.71
C ASP F 176 -30.04 -5.41 16.81
N ILE F 177 -30.27 -4.12 16.50
CA ILE F 177 -30.65 -3.15 17.53
C ILE F 177 -32.14 -3.14 17.79
N GLY F 178 -32.92 -3.93 17.07
CA GLY F 178 -34.36 -3.96 17.27
C GLY F 178 -35.05 -4.56 16.07
N SER F 179 -36.29 -4.13 15.85
CA SER F 179 -37.10 -4.62 14.75
C SER F 179 -37.93 -3.47 14.20
N GLY F 180 -38.66 -3.75 13.12
CA GLY F 180 -39.53 -2.76 12.52
C GLY F 180 -40.64 -3.43 11.77
N SER F 181 -41.78 -2.74 11.68
CA SER F 181 -42.95 -3.28 11.00
C SER F 181 -43.81 -2.11 10.53
N VAL F 182 -43.74 -1.80 9.25
CA VAL F 182 -44.54 -0.74 8.65
C VAL F 182 -45.69 -1.39 7.88
N ILE F 183 -46.92 -1.14 8.32
CA ILE F 183 -48.11 -1.69 7.70
C ILE F 183 -48.89 -0.55 7.07
N ILE F 184 -49.05 -0.59 5.75
CA ILE F 184 -49.78 0.42 5.00
C ILE F 184 -50.88 -0.27 4.19
N LYS F 185 -52.09 0.28 4.27
CA LYS F 185 -53.25 -0.29 3.61
C LYS F 185 -53.68 0.58 2.43
N PRO F 186 -54.24 -0.03 1.38
CA PRO F 186 -54.67 0.77 0.23
C PRO F 186 -55.77 1.76 0.60
N PHE F 187 -55.70 2.95 0.02
CA PHE F 187 -56.77 3.93 0.12
C PHE F 187 -56.68 4.87 -1.07
N VAL F 188 -57.84 5.40 -1.46
CA VAL F 188 -57.95 6.29 -2.61
C VAL F 188 -58.20 7.69 -2.08
N ASP F 189 -57.22 8.59 -2.23
CA ASP F 189 -57.35 9.97 -1.79
C ASP F 189 -57.94 10.77 -2.94
N MSE F 190 -59.22 11.12 -2.82
CA MSE F 190 -59.90 11.89 -3.84
C MSE F 190 -59.33 13.30 -3.98
O MSE F 190 -59.19 13.82 -5.08
CB MSE F 190 -61.41 11.98 -3.54
CG MSE F 190 -62.21 12.69 -4.61
SE MSE F 190 -62.24 11.74 -6.31
CE MSE F 190 -63.48 10.32 -5.84
N GLU F 191 -58.99 13.90 -2.84
CA GLU F 191 -58.43 15.26 -2.85
C GLU F 191 -57.09 15.28 -3.55
N HIS F 192 -56.23 14.29 -3.29
CA HIS F 192 -54.91 14.21 -3.91
C HIS F 192 -54.75 12.82 -4.51
N PRO F 193 -55.16 12.62 -5.76
CA PRO F 193 -55.01 11.30 -6.39
C PRO F 193 -53.56 10.84 -6.51
N GLU F 194 -52.61 11.78 -6.54
CA GLU F 194 -51.19 11.41 -6.61
C GLU F 194 -50.71 10.76 -5.32
N THR F 195 -51.37 11.00 -4.20
CA THR F 195 -51.00 10.41 -2.92
C THR F 195 -51.73 9.12 -2.62
N SER F 196 -52.56 8.63 -3.53
CA SER F 196 -53.25 7.37 -3.33
C SER F 196 -52.27 6.20 -3.49
N ILE F 197 -52.65 5.07 -2.90
CA ILE F 197 -51.89 3.83 -3.00
C ILE F 197 -52.82 2.73 -3.50
N LYS F 198 -52.38 1.99 -4.51
CA LYS F 198 -53.18 0.96 -5.14
C LYS F 198 -52.53 -0.40 -4.93
N LEU F 199 -53.36 -1.44 -4.91
CA LEU F 199 -52.90 -2.81 -4.71
C LEU F 199 -53.68 -3.73 -5.62
N GLU F 200 -52.98 -4.71 -6.20
CA GLU F 200 -53.58 -5.73 -7.06
C GLU F 200 -52.91 -7.06 -6.69
N MSE F 201 -53.56 -7.82 -5.83
CA MSE F 201 -52.96 -9.04 -5.28
C MSE F 201 -53.52 -10.28 -5.97
O MSE F 201 -54.73 -10.49 -6.01
CB MSE F 201 -53.22 -9.11 -3.78
CG MSE F 201 -52.17 -9.86 -2.98
SE MSE F 201 -52.08 -11.78 -3.33
CE MSE F 201 -53.72 -12.35 -2.46
N ASP F 202 -52.62 -11.10 -6.53
CA ASP F 202 -53.02 -12.36 -7.13
C ASP F 202 -52.56 -13.56 -6.31
N GLN F 203 -51.26 -13.65 -6.04
CA GLN F 203 -50.69 -14.70 -5.21
C GLN F 203 -49.83 -14.09 -4.12
N PRO F 204 -49.80 -14.69 -2.94
CA PRO F 204 -49.03 -14.10 -1.83
C PRO F 204 -47.55 -14.03 -2.16
N VAL F 205 -46.92 -12.94 -1.71
CA VAL F 205 -45.52 -12.66 -2.00
C VAL F 205 -44.80 -12.41 -0.68
N ASP F 206 -43.62 -13.00 -0.54
CA ASP F 206 -42.80 -12.84 0.66
C ASP F 206 -41.34 -12.83 0.23
N LEU F 207 -40.79 -11.64 0.01
CA LEU F 207 -39.45 -11.49 -0.53
C LEU F 207 -38.65 -10.52 0.34
N THR F 208 -37.37 -10.82 0.52
CA THR F 208 -36.45 -9.95 1.24
C THR F 208 -35.45 -9.36 0.26
N PHE F 209 -35.03 -8.13 0.54
CA PHE F 209 -34.13 -7.41 -0.35
C PHE F 209 -33.00 -6.78 0.46
N GLY F 210 -31.89 -6.50 -0.22
CA GLY F 210 -30.79 -5.83 0.43
C GLY F 210 -31.10 -4.37 0.68
N ALA F 211 -30.56 -3.84 1.78
CA ALA F 211 -30.86 -2.47 2.17
C ALA F 211 -30.16 -1.46 1.26
N LYS F 212 -28.88 -1.71 0.93
CA LYS F 212 -28.11 -0.76 0.15
C LYS F 212 -28.68 -0.60 -1.26
N TYR F 213 -29.03 -1.71 -1.91
CA TYR F 213 -29.61 -1.61 -3.24
C TYR F 213 -31.00 -1.00 -3.21
N LEU F 214 -31.78 -1.25 -2.16
CA LEU F 214 -33.08 -0.62 -2.07
C LEU F 214 -32.96 0.89 -1.85
N LEU F 215 -31.94 1.31 -1.11
CA LEU F 215 -31.63 2.73 -1.01
C LEU F 215 -31.22 3.30 -2.36
N ASP F 216 -30.45 2.54 -3.14
CA ASP F 216 -30.12 2.97 -4.49
C ASP F 216 -31.35 3.09 -5.37
N ILE F 217 -32.33 2.21 -5.16
CA ILE F 217 -33.60 2.31 -5.88
C ILE F 217 -34.32 3.60 -5.52
N ILE F 218 -34.46 3.87 -4.22
CA ILE F 218 -35.22 5.04 -3.78
C ILE F 218 -34.46 6.34 -4.02
N LYS F 219 -33.18 6.27 -4.35
CA LYS F 219 -32.46 7.48 -4.76
C LYS F 219 -33.05 8.10 -6.02
N GLY F 220 -33.78 7.33 -6.81
CA GLY F 220 -34.47 7.82 -7.99
C GLY F 220 -35.87 8.33 -7.73
N SER F 221 -36.26 8.54 -6.48
CA SER F 221 -37.60 9.01 -6.16
C SER F 221 -37.81 10.47 -6.56
N SER F 222 -36.74 11.22 -6.80
CA SER F 222 -36.89 12.57 -7.31
C SER F 222 -37.25 12.59 -8.79
N LEU F 223 -37.06 11.49 -9.49
CA LEU F 223 -37.40 11.43 -10.91
C LEU F 223 -38.90 11.47 -11.13
N SER F 224 -39.66 10.69 -10.36
CA SER F 224 -41.10 10.63 -10.51
C SER F 224 -41.75 10.59 -9.13
N ASP F 225 -42.98 11.10 -9.05
CA ASP F 225 -43.68 11.18 -7.79
C ASP F 225 -44.32 9.86 -7.36
N ARG F 226 -44.42 8.88 -8.26
CA ARG F 226 -45.06 7.61 -7.94
C ARG F 226 -44.23 6.48 -8.51
N VAL F 227 -44.11 5.40 -7.73
CA VAL F 227 -43.36 4.21 -8.12
C VAL F 227 -44.28 3.01 -8.04
N GLY F 228 -44.26 2.17 -9.08
CA GLY F 228 -45.08 0.98 -9.10
C GLY F 228 -44.29 -0.30 -8.92
N ILE F 229 -44.37 -0.89 -7.74
CA ILE F 229 -43.65 -2.13 -7.46
C ILE F 229 -44.47 -3.31 -7.96
N ARG F 230 -43.83 -4.21 -8.70
CA ARG F 230 -44.49 -5.39 -9.26
C ARG F 230 -43.71 -6.61 -8.79
N LEU F 231 -44.11 -7.17 -7.65
CA LEU F 231 -43.44 -8.30 -7.04
C LEU F 231 -44.01 -9.61 -7.56
N SER F 232 -43.18 -10.66 -7.47
CA SER F 232 -43.57 -12.02 -7.82
C SER F 232 -42.48 -12.96 -7.33
N SER F 233 -42.90 -14.15 -6.87
CA SER F 233 -41.93 -15.16 -6.49
C SER F 233 -41.20 -15.68 -7.73
N GLU F 234 -39.94 -16.07 -7.53
CA GLU F 234 -39.08 -16.57 -8.61
C GLU F 234 -39.01 -15.54 -9.74
N ALA F 235 -39.02 -14.27 -9.37
CA ALA F 235 -38.96 -13.17 -10.33
C ALA F 235 -38.42 -11.92 -9.66
N PRO F 236 -37.53 -11.18 -10.33
CA PRO F 236 -37.03 -9.94 -9.73
C PRO F 236 -38.12 -8.89 -9.57
N ALA F 237 -37.98 -8.07 -8.54
CA ALA F 237 -38.91 -6.97 -8.34
C ALA F 237 -38.70 -5.89 -9.40
N LEU F 238 -39.79 -5.27 -9.81
CA LEU F 238 -39.77 -4.26 -10.88
C LEU F 238 -40.24 -2.94 -10.29
N PHE F 239 -39.30 -2.04 -10.00
CA PHE F 239 -39.60 -0.70 -9.53
C PHE F 239 -39.56 0.24 -10.72
N GLN F 240 -40.72 0.63 -11.22
CA GLN F 240 -40.83 1.43 -12.44
C GLN F 240 -41.17 2.87 -12.09
N PHE F 241 -40.33 3.79 -12.54
CA PHE F 241 -40.55 5.22 -12.38
C PHE F 241 -40.97 5.78 -13.73
N ASP F 242 -42.21 6.24 -13.84
CA ASP F 242 -42.71 6.74 -15.10
C ASP F 242 -42.11 8.10 -15.44
N LEU F 243 -41.91 8.34 -16.73
CA LEU F 243 -41.43 9.61 -17.27
C LEU F 243 -42.51 10.24 -18.13
N LYS F 244 -42.19 11.40 -18.70
CA LYS F 244 -43.11 12.05 -19.62
C LYS F 244 -43.26 11.28 -20.92
N SER F 245 -42.26 10.50 -21.31
CA SER F 245 -42.30 9.71 -22.53
C SER F 245 -41.89 8.26 -22.34
N GLY F 246 -41.07 7.93 -21.36
CA GLY F 246 -40.65 6.57 -21.14
C GLY F 246 -40.71 6.16 -19.69
N PHE F 247 -39.73 5.39 -19.24
CA PHE F 247 -39.71 4.92 -17.86
C PHE F 247 -38.29 4.58 -17.46
N LEU F 248 -38.08 4.47 -16.15
CA LEU F 248 -36.83 4.03 -15.56
C LEU F 248 -37.18 2.87 -14.62
N GLN F 249 -37.15 1.65 -15.15
CA GLN F 249 -37.53 0.47 -14.39
C GLN F 249 -36.30 -0.24 -13.89
N PHE F 250 -36.31 -0.62 -12.62
CA PHE F 250 -35.21 -1.36 -11.99
C PHE F 250 -35.62 -2.81 -11.81
N PHE F 251 -34.63 -3.70 -11.81
CA PHE F 251 -34.83 -5.11 -11.51
C PHE F 251 -33.91 -5.49 -10.37
N LEU F 252 -34.49 -5.91 -9.25
CA LEU F 252 -33.73 -6.26 -8.06
C LEU F 252 -33.95 -7.73 -7.73
N ALA F 253 -32.86 -8.43 -7.44
CA ALA F 253 -32.91 -9.85 -7.15
C ALA F 253 -33.15 -10.07 -5.67
N PRO F 254 -34.19 -10.80 -5.27
CA PRO F 254 -34.43 -11.06 -3.85
C PRO F 254 -33.34 -11.95 -3.27
N LYS F 255 -33.06 -11.75 -1.99
CA LYS F 255 -32.07 -12.57 -1.31
C LYS F 255 -32.60 -13.99 -1.11
N PHE F 256 -31.67 -14.95 -1.04
CA PHE F 256 -32.03 -16.33 -0.81
C PHE F 256 -32.51 -16.54 0.61
N ASN F 257 -33.38 -17.53 0.80
CA ASN F 257 -33.90 -17.90 2.10
C ASN F 257 -33.60 -19.38 2.35
N ASP F 258 -33.05 -19.68 3.53
CA ASP F 258 -32.71 -21.05 3.88
C ASP F 258 -32.97 -21.35 5.35
N ALA G 1 -53.04 -3.02 26.90
CA ALA G 1 -53.24 -4.36 27.42
C ALA G 1 -51.93 -4.97 27.88
N SER G 2 -51.09 -4.16 28.51
CA SER G 2 -49.79 -4.60 29.01
C SER G 2 -49.48 -3.82 30.27
N MSE G 3 -48.24 -3.92 30.74
CA MSE G 3 -47.80 -3.19 31.93
C MSE G 3 -47.84 -1.69 31.73
O MSE G 3 -48.43 -0.96 32.53
CB MSE G 3 -46.38 -3.60 32.31
CG MSE G 3 -45.71 -2.61 33.26
SE MSE G 3 -43.85 -3.02 33.64
CE MSE G 3 -43.98 -4.94 33.89
N LEU G 4 -47.21 -1.22 30.65
CA LEU G 4 -47.00 0.21 30.40
C LEU G 4 -47.57 0.57 29.05
N GLU G 5 -48.38 1.63 29.02
CA GLU G 5 -48.98 2.14 27.79
C GLU G 5 -48.82 3.65 27.71
N ALA G 6 -47.63 4.14 28.06
CA ALA G 6 -47.37 5.57 28.00
C ALA G 6 -47.49 6.08 26.57
N LYS G 7 -48.44 6.99 26.35
CA LYS G 7 -48.81 7.43 25.01
C LYS G 7 -48.60 8.94 24.89
N PHE G 8 -47.50 9.34 24.26
CA PHE G 8 -47.31 10.74 23.93
C PHE G 8 -48.32 11.18 22.88
N GLU G 9 -48.86 12.39 23.06
CA GLU G 9 -49.80 12.92 22.07
C GLU G 9 -49.12 13.59 20.89
N GLU G 10 -47.81 13.85 20.98
CA GLU G 10 -47.10 14.53 19.90
C GLU G 10 -45.64 14.08 19.97
N ALA G 11 -45.20 13.30 19.00
CA ALA G 11 -43.96 12.54 19.12
C ALA G 11 -42.70 13.41 19.07
N SER G 12 -42.75 14.54 18.36
CA SER G 12 -41.55 15.37 18.26
C SER G 12 -41.14 15.93 19.61
N LEU G 13 -42.05 16.05 20.56
CA LEU G 13 -41.66 16.42 21.92
C LEU G 13 -40.74 15.38 22.53
N PHE G 14 -41.10 14.09 22.42
CA PHE G 14 -40.23 13.04 22.93
C PHE G 14 -38.93 12.97 22.15
N LYS G 15 -38.98 13.21 20.84
CA LYS G 15 -37.76 13.22 20.05
C LYS G 15 -36.83 14.34 20.49
N ARG G 16 -37.38 15.52 20.77
CA ARG G 16 -36.58 16.64 21.26
C ARG G 16 -36.00 16.34 22.64
N ILE G 17 -36.79 15.72 23.51
CA ILE G 17 -36.30 15.39 24.85
C ILE G 17 -35.14 14.41 24.77
N ILE G 18 -35.28 13.37 23.94
CA ILE G 18 -34.21 12.40 23.79
C ILE G 18 -32.97 13.03 23.15
N ASP G 19 -33.18 13.85 22.12
CA ASP G 19 -32.06 14.55 21.49
C ASP G 19 -31.48 15.62 22.39
N GLY G 20 -32.20 16.02 23.44
CA GLY G 20 -31.69 17.04 24.34
C GLY G 20 -30.43 16.62 25.08
N PHE G 21 -30.33 15.34 25.43
CA PHE G 21 -29.17 14.81 26.13
C PHE G 21 -28.64 13.55 25.46
N LYS G 22 -28.77 13.49 24.13
CA LYS G 22 -28.34 12.30 23.39
C LYS G 22 -26.82 12.11 23.44
N ASP G 23 -26.05 13.16 23.23
CA ASP G 23 -24.61 13.03 23.07
C ASP G 23 -23.87 12.83 24.39
N CYS G 24 -24.33 13.48 25.47
CA CYS G 24 -23.58 13.43 26.72
C CYS G 24 -23.58 12.03 27.34
N VAL G 25 -24.72 11.33 27.28
CA VAL G 25 -24.83 10.02 27.88
C VAL G 25 -25.46 9.06 26.88
N GLN G 26 -25.02 7.79 26.92
CA GLN G 26 -25.53 6.74 26.05
C GLN G 26 -26.50 5.80 26.76
N LEU G 27 -26.14 5.32 27.95
CA LEU G 27 -26.98 4.39 28.70
C LEU G 27 -27.70 5.16 29.80
N VAL G 28 -29.04 5.01 29.83
CA VAL G 28 -29.87 5.72 30.79
C VAL G 28 -30.94 4.77 31.30
N ASN G 29 -31.23 4.84 32.60
CA ASN G 29 -32.28 4.05 33.21
C ASN G 29 -33.54 4.89 33.33
N PHE G 30 -34.66 4.36 32.84
CA PHE G 30 -35.95 5.05 32.88
C PHE G 30 -36.82 4.38 33.92
N GLN G 31 -36.97 5.02 35.08
CA GLN G 31 -37.87 4.53 36.12
C GLN G 31 -39.28 4.97 35.79
N CYS G 32 -40.17 4.00 35.59
CA CYS G 32 -41.55 4.27 35.22
C CYS G 32 -42.46 3.95 36.39
N LYS G 33 -43.03 4.98 37.00
CA LYS G 33 -43.91 4.84 38.14
C LYS G 33 -45.26 5.49 37.83
N GLU G 34 -46.19 5.40 38.79
CA GLU G 34 -47.53 5.92 38.57
C GLU G 34 -47.54 7.43 38.47
N ASP G 35 -46.71 8.11 39.26
CA ASP G 35 -46.67 9.57 39.21
C ASP G 35 -46.17 10.08 37.87
N GLY G 36 -45.19 9.39 37.29
CA GLY G 36 -44.65 9.80 36.01
C GLY G 36 -43.43 8.97 35.66
N ILE G 37 -42.65 9.49 34.73
CA ILE G 37 -41.41 8.86 34.29
C ILE G 37 -40.24 9.70 34.78
N ILE G 38 -39.39 9.10 35.60
CA ILE G 38 -38.18 9.75 36.09
C ILE G 38 -36.98 8.96 35.61
N ALA G 39 -35.97 9.68 35.11
CA ALA G 39 -34.77 9.06 34.56
C ALA G 39 -33.54 9.77 35.10
N GLN G 40 -32.53 9.00 35.45
CA GLN G 40 -31.25 9.53 35.90
C GLN G 40 -30.13 8.86 35.11
N ALA G 41 -29.16 9.67 34.69
CA ALA G 41 -28.03 9.19 33.90
C ALA G 41 -26.74 9.76 34.44
N VAL G 42 -25.65 9.03 34.23
CA VAL G 42 -24.32 9.46 34.65
C VAL G 42 -23.42 9.50 33.42
N ASP G 43 -22.74 10.62 33.23
CA ASP G 43 -21.87 10.79 32.08
C ASP G 43 -20.63 9.91 32.25
N ASP G 44 -19.98 9.62 31.12
CA ASP G 44 -18.77 8.81 31.14
C ASP G 44 -17.65 9.46 31.94
N SER G 45 -17.62 10.79 31.97
CA SER G 45 -16.61 11.51 32.75
C SER G 45 -17.05 11.74 34.19
N ARG G 46 -18.24 11.28 34.57
CA ARG G 46 -18.76 11.39 35.93
C ARG G 46 -18.81 12.84 36.41
N VAL G 47 -19.11 13.77 35.51
CA VAL G 47 -19.23 15.18 35.88
C VAL G 47 -20.66 15.64 35.63
N LEU G 48 -21.33 15.04 34.65
CA LEU G 48 -22.68 15.40 34.27
C LEU G 48 -23.66 14.36 34.78
N LEU G 49 -24.69 14.81 35.49
CA LEU G 49 -25.76 13.96 35.97
C LEU G 49 -27.06 14.50 35.39
N VAL G 50 -27.55 13.84 34.33
CA VAL G 50 -28.70 14.33 33.58
C VAL G 50 -29.95 13.76 34.25
N SER G 51 -30.47 14.48 35.24
CA SER G 51 -31.70 14.08 35.89
C SER G 51 -32.90 14.54 35.09
N LEU G 52 -33.86 13.64 34.89
CA LEU G 52 -35.02 13.92 34.07
C LEU G 52 -36.27 13.42 34.78
N GLU G 53 -37.38 14.13 34.57
CA GLU G 53 -38.65 13.75 35.18
C GLU G 53 -39.77 14.28 34.29
N ILE G 54 -40.66 13.39 33.89
CA ILE G 54 -41.82 13.73 33.06
C ILE G 54 -43.07 13.35 33.82
N GLY G 55 -43.97 14.31 34.01
CA GLY G 55 -45.19 14.07 34.74
C GLY G 55 -46.26 13.38 33.92
N VAL G 56 -47.29 12.90 34.62
CA VAL G 56 -48.40 12.23 33.97
C VAL G 56 -49.20 13.18 33.10
N GLU G 57 -49.15 14.48 33.37
CA GLU G 57 -49.90 15.45 32.57
C GLU G 57 -49.31 15.60 31.18
N ALA G 58 -48.02 15.34 31.01
CA ALA G 58 -47.41 15.45 29.68
C ALA G 58 -47.95 14.38 28.73
N PHE G 59 -48.12 13.16 29.23
CA PHE G 59 -48.66 12.09 28.39
C PHE G 59 -50.16 12.29 28.18
N GLN G 60 -50.62 11.99 26.97
CA GLN G 60 -52.05 12.02 26.71
C GLN G 60 -52.77 10.93 27.50
N GLU G 61 -52.17 9.74 27.58
CA GLU G 61 -52.76 8.63 28.32
C GLU G 61 -51.61 7.81 28.91
N TYR G 62 -51.27 8.09 30.16
CA TYR G 62 -50.20 7.39 30.86
C TYR G 62 -50.82 6.40 31.84
N ARG G 63 -50.54 5.11 31.65
CA ARG G 63 -51.07 4.05 32.50
C ARG G 63 -49.92 3.10 32.81
N CYS G 64 -49.31 3.27 33.98
CA CYS G 64 -48.26 2.38 34.46
C CYS G 64 -48.84 1.52 35.59
N ASP G 65 -48.74 0.20 35.43
CA ASP G 65 -49.34 -0.70 36.41
C ASP G 65 -48.57 -0.71 37.72
N HIS G 66 -47.24 -0.78 37.65
CA HIS G 66 -46.40 -0.92 38.83
C HIS G 66 -44.99 -0.46 38.47
N PRO G 67 -44.19 -0.02 39.44
CA PRO G 67 -42.88 0.55 39.09
C PRO G 67 -41.94 -0.48 38.47
N VAL G 68 -41.09 0.00 37.57
CA VAL G 68 -40.29 -0.88 36.71
C VAL G 68 -39.13 -0.07 36.17
N THR G 69 -38.02 -0.75 35.89
CA THR G 69 -36.83 -0.14 35.32
C THR G 69 -36.77 -0.43 33.83
N LEU G 70 -36.58 0.62 33.04
CA LEU G 70 -36.48 0.52 31.57
C LEU G 70 -35.12 1.07 31.16
N GLY G 71 -34.13 0.20 31.06
CA GLY G 71 -32.81 0.62 30.63
C GLY G 71 -32.61 0.47 29.14
N MSE G 72 -32.54 1.58 28.42
CA MSE G 72 -32.37 1.53 26.98
C MSE G 72 -31.26 2.45 26.48
O MSE G 72 -31.03 3.52 27.04
CB MSE G 72 -33.68 1.89 26.27
CG MSE G 72 -34.28 3.22 26.69
SE MSE G 72 -36.18 3.31 26.27
CE MSE G 72 -36.74 4.59 27.63
N ASP G 73 -30.58 2.01 25.43
CA ASP G 73 -29.52 2.83 24.83
C ASP G 73 -30.11 4.02 24.11
N LEU G 74 -29.47 5.18 24.25
CA LEU G 74 -29.97 6.39 23.61
C LEU G 74 -29.67 6.42 22.12
N THR G 75 -28.62 5.73 21.67
CA THR G 75 -28.33 5.70 20.23
C THR G 75 -29.41 4.95 19.47
N SER G 76 -29.78 3.76 19.95
CA SER G 76 -30.85 3.00 19.31
C SER G 76 -32.19 3.73 19.43
N LEU G 77 -32.43 4.36 20.57
CA LEU G 77 -33.67 5.12 20.75
C LEU G 77 -33.76 6.29 19.77
N SER G 78 -32.64 6.99 19.55
CA SER G 78 -32.64 8.08 18.59
C SER G 78 -32.75 7.57 17.16
N LYS G 79 -32.17 6.41 16.87
CA LYS G 79 -32.32 5.83 15.54
C LYS G 79 -33.78 5.47 15.26
N ILE G 80 -34.46 4.88 16.26
CA ILE G 80 -35.86 4.51 16.10
C ILE G 80 -36.75 5.74 16.05
N LEU G 81 -36.43 6.76 16.84
CA LEU G 81 -37.27 7.95 16.94
C LEU G 81 -37.29 8.79 15.67
N ARG G 82 -36.39 8.52 14.71
CA ARG G 82 -36.41 9.21 13.43
C ARG G 82 -37.33 8.55 12.42
N CYS G 83 -38.31 7.78 12.88
CA CYS G 83 -39.19 7.01 12.01
C CYS G 83 -40.61 7.56 11.98
N GLY G 84 -40.87 8.68 12.65
CA GLY G 84 -42.22 9.18 12.81
C GLY G 84 -42.39 10.56 12.18
N ASN G 85 -43.63 11.03 12.25
CA ASN G 85 -44.01 12.34 11.73
C ASN G 85 -44.44 13.25 12.87
N ASN G 86 -44.70 14.51 12.52
CA ASN G 86 -45.13 15.48 13.52
C ASN G 86 -46.53 15.16 14.05
N THR G 87 -47.44 14.71 13.19
CA THR G 87 -48.76 14.29 13.64
C THR G 87 -48.77 12.90 14.26
N ASP G 88 -47.66 12.16 14.18
CA ASP G 88 -47.62 10.83 14.74
C ASP G 88 -47.66 10.88 16.26
N THR G 89 -48.43 9.97 16.86
CA THR G 89 -48.60 9.89 18.30
C THR G 89 -47.87 8.65 18.80
N LEU G 90 -46.80 8.86 19.58
CA LEU G 90 -46.04 7.76 20.11
C LEU G 90 -46.84 7.01 21.17
N THR G 91 -46.71 5.69 21.17
CA THR G 91 -47.53 4.82 22.02
C THR G 91 -46.63 3.75 22.66
N LEU G 92 -45.58 4.21 23.33
CA LEU G 92 -44.59 3.32 23.95
C LEU G 92 -45.28 2.28 24.82
N ILE G 93 -44.90 1.01 24.62
CA ILE G 93 -45.56 -0.12 25.25
C ILE G 93 -44.49 -1.07 25.79
N ALA G 94 -44.67 -1.50 27.04
CA ALA G 94 -43.79 -2.49 27.66
C ALA G 94 -44.64 -3.56 28.33
N ASP G 95 -44.17 -4.80 28.27
CA ASP G 95 -44.88 -5.94 28.83
C ASP G 95 -44.25 -6.35 30.16
N ASN G 96 -44.70 -7.48 30.71
CA ASN G 96 -44.24 -7.93 32.02
C ASN G 96 -42.81 -8.41 31.95
N THR G 97 -41.95 -7.83 32.81
CA THR G 97 -40.50 -8.05 32.83
C THR G 97 -39.97 -7.88 31.41
N PRO G 98 -39.93 -6.65 30.89
CA PRO G 98 -39.69 -6.48 29.46
C PRO G 98 -38.26 -6.74 29.06
N ASP G 99 -38.09 -7.46 27.95
CA ASP G 99 -36.82 -7.53 27.25
C ASP G 99 -36.80 -6.64 26.01
N SER G 100 -37.97 -6.24 25.52
CA SER G 100 -38.08 -5.32 24.40
C SER G 100 -39.34 -4.49 24.58
N ILE G 101 -39.33 -3.30 24.00
CA ILE G 101 -40.45 -2.37 24.11
C ILE G 101 -40.90 -1.97 22.72
N ILE G 102 -42.21 -1.85 22.53
CA ILE G 102 -42.80 -1.52 21.24
C ILE G 102 -43.10 -0.03 21.21
N LEU G 103 -42.47 0.68 20.28
CA LEU G 103 -42.71 2.12 20.08
C LEU G 103 -43.68 2.25 18.91
N LEU G 104 -44.97 2.14 19.21
CA LEU G 104 -46.00 2.17 18.18
C LEU G 104 -46.25 3.61 17.76
N PHE G 105 -45.88 3.94 16.52
CA PHE G 105 -46.09 5.28 15.98
C PHE G 105 -47.44 5.30 15.27
N GLU G 106 -48.48 5.65 16.02
CA GLU G 106 -49.80 5.74 15.44
C GLU G 106 -49.92 7.01 14.59
N ASP G 107 -50.98 7.08 13.80
CA ASP G 107 -51.22 8.20 12.92
C ASP G 107 -52.69 8.60 12.98
N THR G 108 -52.97 9.85 12.62
CA THR G 108 -54.35 10.32 12.53
C THR G 108 -55.12 9.52 11.49
N LYS G 109 -54.50 9.26 10.34
CA LYS G 109 -55.07 8.36 9.35
C LYS G 109 -54.74 6.93 9.76
N LYS G 110 -55.77 6.08 9.83
CA LYS G 110 -55.65 4.76 10.44
C LYS G 110 -55.01 3.72 9.53
N ASP G 111 -54.74 4.04 8.27
CA ASP G 111 -54.10 3.11 7.37
C ASP G 111 -52.57 3.18 7.42
N ARG G 112 -52.02 3.96 8.34
CA ARG G 112 -50.57 4.13 8.48
C ARG G 112 -50.20 3.84 9.94
N ILE G 113 -49.68 2.64 10.19
CA ILE G 113 -49.21 2.26 11.52
C ILE G 113 -47.80 1.69 11.38
N ALA G 114 -46.92 2.08 12.30
CA ALA G 114 -45.53 1.63 12.29
C ALA G 114 -45.11 1.32 13.71
N GLU G 115 -44.83 0.05 13.98
CA GLU G 115 -44.39 -0.40 15.29
C GLU G 115 -42.93 -0.81 15.25
N TYR G 116 -42.16 -0.37 16.24
CA TYR G 116 -40.74 -0.65 16.32
C TYR G 116 -40.42 -1.24 17.68
N SER G 117 -39.73 -2.37 17.68
CA SER G 117 -39.26 -3.00 18.91
C SER G 117 -37.84 -2.55 19.21
N LEU G 118 -37.59 -2.24 20.48
CA LEU G 118 -36.27 -1.79 20.91
C LEU G 118 -35.77 -2.73 22.00
N LYS G 119 -34.57 -3.25 21.82
CA LYS G 119 -33.99 -4.19 22.78
C LYS G 119 -33.43 -3.42 23.98
N LEU G 120 -33.84 -3.83 25.18
CA LEU G 120 -33.45 -3.15 26.40
C LEU G 120 -32.07 -3.60 26.85
N MSE G 121 -31.22 -2.64 27.20
CA MSE G 121 -29.88 -2.94 27.66
C MSE G 121 -29.82 -2.95 29.18
O MSE G 121 -30.27 -2.02 29.83
CB MSE G 121 -28.88 -1.94 27.10
CG MSE G 121 -29.11 -1.58 25.64
SE MSE G 121 -28.22 -2.81 24.42
CE MSE G 121 -29.30 -2.50 22.84
N ASP G 122 -29.26 -4.02 29.75
CA ASP G 122 -29.11 -4.12 31.20
C ASP G 122 -28.05 -3.13 31.66
N ILE G 123 -28.45 -2.15 32.46
CA ILE G 123 -27.57 -1.11 32.95
C ILE G 123 -27.55 -1.18 34.47
N ASP G 124 -26.35 -1.22 35.05
CA ASP G 124 -26.17 -1.21 36.49
C ASP G 124 -25.75 0.19 36.90
N ALA G 125 -26.74 0.99 37.34
CA ALA G 125 -26.49 2.35 37.79
C ALA G 125 -27.16 2.55 39.14
N ASP G 126 -26.37 2.94 40.13
CA ASP G 126 -26.90 3.20 41.46
C ASP G 126 -27.71 4.49 41.45
N PHE G 127 -28.85 4.49 42.12
CA PHE G 127 -29.70 5.67 42.17
C PHE G 127 -29.05 6.76 43.02
N LEU G 128 -29.15 8.00 42.57
CA LEU G 128 -28.60 9.15 43.28
C LEU G 128 -29.74 9.89 43.95
N LYS G 129 -29.66 10.04 45.27
CA LYS G 129 -30.70 10.75 46.03
C LYS G 129 -30.28 12.21 46.14
N ILE G 130 -30.72 13.01 45.17
CA ILE G 130 -30.44 14.44 45.20
C ILE G 130 -31.27 15.10 46.29
N GLU G 131 -30.78 16.23 46.79
CA GLU G 131 -31.42 16.95 47.88
C GLU G 131 -31.64 18.40 47.49
N GLU G 132 -32.65 19.01 48.10
CA GLU G 132 -33.00 20.41 47.84
C GLU G 132 -32.21 21.30 48.78
N LEU G 133 -31.37 22.17 48.22
CA LEU G 133 -30.56 23.09 49.00
C LEU G 133 -30.66 24.48 48.40
N GLN G 134 -30.48 25.49 49.24
CA GLN G 134 -30.51 26.87 48.79
C GLN G 134 -29.18 27.22 48.12
N TYR G 135 -29.25 27.80 46.93
CA TYR G 135 -28.06 28.21 46.20
C TYR G 135 -27.80 29.70 46.41
N ASP G 136 -26.54 30.09 46.19
CA ASP G 136 -26.14 31.48 46.43
C ASP G 136 -26.80 32.43 45.43
N SER G 137 -27.06 31.96 44.21
CA SER G 137 -27.70 32.80 43.21
C SER G 137 -28.49 31.92 42.24
N THR G 138 -29.60 32.47 41.75
CA THR G 138 -30.44 31.80 40.77
C THR G 138 -30.63 32.72 39.57
N LEU G 139 -30.10 32.30 38.43
CA LEU G 139 -30.17 33.07 37.20
C LEU G 139 -31.13 32.38 36.23
N SER G 140 -32.06 33.17 35.67
CA SER G 140 -33.01 32.67 34.69
C SER G 140 -32.97 33.59 33.47
N LEU G 141 -32.57 33.04 32.33
CA LEU G 141 -32.43 33.79 31.10
C LEU G 141 -32.96 32.92 29.97
N PRO G 142 -33.34 33.53 28.83
CA PRO G 142 -33.80 32.72 27.69
C PRO G 142 -32.75 31.72 27.23
N SER G 143 -33.22 30.53 26.86
CA SER G 143 -32.32 29.47 26.44
C SER G 143 -31.60 29.82 25.15
N SER G 144 -32.26 30.51 24.23
CA SER G 144 -31.62 30.90 22.98
C SER G 144 -30.47 31.87 23.23
N GLU G 145 -30.72 32.88 24.09
CA GLU G 145 -29.67 33.86 24.40
C GLU G 145 -28.50 33.19 25.12
N PHE G 146 -28.81 32.31 26.09
CA PHE G 146 -27.75 31.62 26.81
C PHE G 146 -26.93 30.74 25.88
N SER G 147 -27.60 30.01 24.98
CA SER G 147 -26.90 29.16 24.04
C SER G 147 -26.02 29.99 23.11
N LYS G 148 -26.53 31.13 22.65
CA LYS G 148 -25.73 32.02 21.81
C LYS G 148 -24.47 32.48 22.54
N ILE G 149 -24.63 32.93 23.79
CA ILE G 149 -23.49 33.45 24.54
C ILE G 149 -22.46 32.35 24.79
N VAL G 150 -22.90 31.16 25.19
CA VAL G 150 -21.95 30.12 25.55
C VAL G 150 -21.27 29.56 24.32
N ARG G 151 -21.99 29.46 23.19
CA ARG G 151 -21.31 29.06 21.95
C ARG G 151 -20.37 30.14 21.45
N ASP G 152 -20.66 31.41 21.76
CA ASP G 152 -19.71 32.48 21.45
C ASP G 152 -18.43 32.32 22.25
N LEU G 153 -18.56 32.04 23.55
CA LEU G 153 -17.37 31.94 24.41
C LEU G 153 -16.60 30.64 24.21
N SER G 154 -17.27 29.56 23.86
CA SER G 154 -16.59 28.27 23.69
C SER G 154 -15.65 28.26 22.50
N GLN G 155 -15.81 29.20 21.56
CA GLN G 155 -14.89 29.36 20.45
C GLN G 155 -13.64 30.14 20.82
N LEU G 156 -13.36 30.31 22.11
CA LEU G 156 -12.20 31.03 22.59
C LEU G 156 -11.38 30.26 23.60
N SER G 157 -12.02 29.47 24.46
CA SER G 157 -11.30 28.70 25.47
C SER G 157 -12.13 27.50 25.86
N ASP G 158 -11.47 26.55 26.54
CA ASP G 158 -12.14 25.35 27.02
C ASP G 158 -12.81 25.54 28.37
N SER G 159 -12.66 26.72 28.99
CA SER G 159 -13.21 26.98 30.31
C SER G 159 -13.94 28.32 30.32
N ILE G 160 -14.99 28.38 31.14
CA ILE G 160 -15.77 29.60 31.33
C ILE G 160 -15.81 29.91 32.82
N ASN G 161 -15.56 31.19 33.16
CA ASN G 161 -15.56 31.62 34.55
C ASN G 161 -16.81 32.45 34.80
N ILE G 162 -17.91 31.76 35.14
CA ILE G 162 -19.17 32.44 35.40
C ILE G 162 -19.04 33.23 36.70
N MSE G 163 -19.37 34.52 36.63
CA MSE G 163 -19.31 35.39 37.80
C MSE G 163 -20.61 36.17 37.97
O MSE G 163 -21.09 36.79 37.02
CB MSE G 163 -18.13 36.36 37.68
CG MSE G 163 -17.40 36.63 38.99
SE MSE G 163 -16.85 35.00 39.89
CE MSE G 163 -15.11 34.78 39.03
N ILE G 164 -21.16 36.16 39.17
CA ILE G 164 -22.36 36.92 39.49
C ILE G 164 -22.05 37.79 40.70
N THR G 165 -21.84 39.08 40.46
CA THR G 165 -21.54 40.03 41.54
C THR G 165 -22.09 41.38 41.15
N LYS G 166 -22.66 42.09 42.14
CA LYS G 166 -23.22 43.43 41.97
C LYS G 166 -24.30 43.44 40.88
N GLU G 167 -25.27 42.52 41.04
CA GLU G 167 -26.37 42.28 40.09
C GLU G 167 -25.91 42.40 38.64
N THR G 168 -24.80 41.74 38.34
CA THR G 168 -24.18 41.85 37.01
C THR G 168 -23.56 40.49 36.67
N ILE G 169 -24.22 39.74 35.80
CA ILE G 169 -23.69 38.47 35.32
C ILE G 169 -22.49 38.75 34.43
N LYS G 170 -21.39 38.05 34.68
CA LYS G 170 -20.07 38.37 34.14
C LYS G 170 -19.46 37.17 33.44
N PHE G 171 -20.21 36.59 32.51
CA PHE G 171 -19.69 35.50 31.68
C PHE G 171 -18.38 35.92 31.01
N VAL G 172 -17.28 35.27 31.41
CA VAL G 172 -15.97 35.56 30.87
C VAL G 172 -15.27 34.26 30.53
N ALA G 173 -14.28 34.35 29.64
CA ALA G 173 -13.49 33.20 29.23
C ALA G 173 -12.14 33.69 28.74
N ASP G 174 -11.08 33.04 29.21
CA ASP G 174 -9.71 33.37 28.82
C ASP G 174 -9.02 32.11 28.31
N GLY G 175 -8.38 32.21 27.15
CA GLY G 175 -7.73 31.09 26.53
C GLY G 175 -6.38 31.48 25.95
N ASP G 176 -5.74 30.50 25.30
CA ASP G 176 -4.45 30.76 24.68
C ASP G 176 -4.55 31.77 23.55
N ILE G 177 -5.60 31.66 22.73
CA ILE G 177 -5.76 32.59 21.61
C ILE G 177 -6.11 33.99 22.11
N GLY G 178 -6.90 34.09 23.17
CA GLY G 178 -7.29 35.39 23.67
C GLY G 178 -8.17 35.27 24.89
N SER G 179 -8.88 36.35 25.19
CA SER G 179 -9.78 36.41 26.34
C SER G 179 -11.10 37.03 25.92
N GLY G 180 -12.19 36.44 26.37
CA GLY G 180 -13.52 36.95 26.06
C GLY G 180 -14.35 37.26 27.28
N SER G 181 -15.32 38.16 27.14
CA SER G 181 -16.16 38.57 28.26
C SER G 181 -17.51 39.02 27.73
N VAL G 182 -18.57 38.63 28.41
CA VAL G 182 -19.92 39.09 28.12
C VAL G 182 -20.58 39.55 29.41
N ILE G 183 -21.16 40.75 29.38
CA ILE G 183 -21.83 41.34 30.52
C ILE G 183 -23.29 41.58 30.16
N ILE G 184 -24.20 41.06 30.98
CA ILE G 184 -25.63 41.23 30.77
C ILE G 184 -26.24 41.88 32.01
N LYS G 185 -27.41 42.48 31.81
CA LYS G 185 -28.10 43.19 32.87
C LYS G 185 -29.51 42.64 33.04
N PRO G 186 -29.89 42.17 34.23
CA PRO G 186 -31.25 41.65 34.42
C PRO G 186 -32.28 42.76 34.29
N PHE G 187 -33.30 42.52 33.48
CA PHE G 187 -34.38 43.49 33.26
C PHE G 187 -35.68 42.72 33.03
N VAL G 188 -36.76 43.48 32.84
CA VAL G 188 -38.07 42.91 32.56
C VAL G 188 -38.56 43.48 31.23
N ASP G 189 -39.01 42.60 30.34
CA ASP G 189 -39.50 42.97 29.02
C ASP G 189 -41.02 42.90 29.04
N MSE G 190 -41.68 44.05 28.92
CA MSE G 190 -43.14 44.11 28.90
C MSE G 190 -43.68 43.52 27.60
O MSE G 190 -44.74 42.90 27.61
CB MSE G 190 -43.63 45.56 29.06
CG MSE G 190 -43.27 46.26 30.37
SE MSE G 190 -41.37 46.55 30.75
CE MSE G 190 -41.07 48.09 29.59
N GLU G 191 -42.97 43.75 26.50
CA GLU G 191 -43.42 43.24 25.21
C GLU G 191 -43.44 41.72 25.18
N HIS G 192 -42.42 41.09 25.73
CA HIS G 192 -42.30 39.63 25.73
C HIS G 192 -41.55 39.22 26.98
N PRO G 193 -42.25 38.84 28.05
CA PRO G 193 -41.57 38.52 29.31
C PRO G 193 -40.60 37.35 29.21
N GLU G 194 -40.78 36.45 28.24
CA GLU G 194 -39.89 35.31 28.09
C GLU G 194 -38.51 35.70 27.56
N THR G 195 -38.33 36.95 27.12
CA THR G 195 -37.04 37.44 26.66
C THR G 195 -36.31 38.26 27.72
N SER G 196 -36.77 38.23 28.97
CA SER G 196 -36.19 39.02 30.03
C SER G 196 -35.18 38.19 30.82
N ILE G 197 -34.39 38.88 31.65
CA ILE G 197 -33.39 38.27 32.51
C ILE G 197 -33.79 38.54 33.95
N LYS G 198 -33.95 37.47 34.73
CA LYS G 198 -34.33 37.58 36.14
C LYS G 198 -33.25 36.93 36.99
N LEU G 199 -32.87 37.60 38.08
CA LEU G 199 -31.79 37.14 38.94
C LEU G 199 -32.08 37.57 40.38
N GLU G 200 -31.77 36.70 41.33
CA GLU G 200 -31.91 36.99 42.74
C GLU G 200 -30.55 36.84 43.42
N MSE G 201 -30.25 37.76 44.33
CA MSE G 201 -28.93 37.81 44.96
C MSE G 201 -28.97 37.42 46.43
O MSE G 201 -29.53 38.12 47.26
CB MSE G 201 -28.36 39.22 44.83
CG MSE G 201 -27.00 39.41 45.46
SE MSE G 201 -25.61 38.40 44.55
CE MSE G 201 -24.12 38.89 45.69
N ASP G 202 -28.38 36.25 46.75
CA ASP G 202 -28.34 35.80 48.14
C ASP G 202 -26.90 35.79 48.69
N GLN G 203 -26.00 35.06 48.03
CA GLN G 203 -24.57 35.19 48.26
C GLN G 203 -23.85 35.31 46.92
N PRO G 204 -22.66 35.92 46.91
CA PRO G 204 -21.85 35.92 45.69
C PRO G 204 -21.36 34.51 45.35
N VAL G 205 -20.94 34.35 44.09
CA VAL G 205 -20.49 33.06 43.59
C VAL G 205 -19.13 33.22 42.94
N ASP G 206 -18.38 32.11 42.90
CA ASP G 206 -17.11 32.00 42.18
C ASP G 206 -17.06 30.60 41.59
N LEU G 207 -17.56 30.47 40.35
CA LEU G 207 -17.75 29.17 39.72
C LEU G 207 -17.08 29.15 38.35
N THR G 208 -16.52 28.00 38.00
CA THR G 208 -15.84 27.80 36.72
C THR G 208 -16.34 26.52 36.09
N PHE G 209 -16.54 26.53 34.77
CA PHE G 209 -17.08 25.39 34.06
C PHE G 209 -16.31 25.17 32.76
N GLY G 210 -16.42 23.94 32.24
CA GLY G 210 -15.81 23.60 30.97
C GLY G 210 -16.64 24.06 29.79
N ALA G 211 -16.15 23.69 28.60
CA ALA G 211 -16.79 24.11 27.35
C ALA G 211 -17.71 23.02 26.79
N LYS G 212 -17.17 21.81 26.56
CA LYS G 212 -17.96 20.75 25.96
C LYS G 212 -19.13 20.32 26.85
N TYR G 213 -18.93 20.37 28.17
CA TYR G 213 -20.03 20.05 29.08
C TYR G 213 -21.17 21.03 28.92
N LEU G 214 -20.86 22.33 28.84
CA LEU G 214 -21.89 23.33 28.67
C LEU G 214 -22.54 23.26 27.30
N LEU G 215 -21.77 22.88 26.27
CA LEU G 215 -22.36 22.65 24.95
C LEU G 215 -23.34 21.49 24.98
N ASP G 216 -22.99 20.40 25.66
CA ASP G 216 -23.91 19.29 25.80
C ASP G 216 -25.14 19.67 26.60
N ILE G 217 -24.99 20.55 27.58
CA ILE G 217 -26.16 21.02 28.34
C ILE G 217 -27.08 21.86 27.44
N ILE G 218 -26.51 22.80 26.69
CA ILE G 218 -27.34 23.67 25.85
C ILE G 218 -27.86 22.96 24.61
N LYS G 219 -27.37 21.76 24.31
CA LYS G 219 -27.93 21.00 23.20
C LYS G 219 -29.43 20.73 23.40
N GLY G 220 -29.88 20.71 24.65
CA GLY G 220 -31.29 20.51 24.94
C GLY G 220 -32.05 21.78 25.20
N SER G 221 -31.54 22.91 24.71
CA SER G 221 -32.19 24.20 24.94
C SER G 221 -33.49 24.36 24.16
N SER G 222 -33.79 23.47 23.21
CA SER G 222 -35.00 23.61 22.41
C SER G 222 -36.26 23.31 23.21
N LEU G 223 -36.15 22.55 24.31
CA LEU G 223 -37.33 22.18 25.08
C LEU G 223 -37.98 23.39 25.75
N SER G 224 -37.18 24.26 26.33
CA SER G 224 -37.68 25.38 27.12
C SER G 224 -37.18 26.70 26.54
N ASP G 225 -38.04 27.70 26.55
CA ASP G 225 -37.65 29.04 26.10
C ASP G 225 -36.60 29.63 27.03
N ARG G 226 -36.74 29.42 28.33
CA ARG G 226 -35.84 29.99 29.32
C ARG G 226 -35.28 28.87 30.20
N VAL G 227 -34.02 29.03 30.59
CA VAL G 227 -33.33 28.06 31.43
C VAL G 227 -33.15 28.65 32.82
N GLY G 228 -33.38 27.84 33.84
CA GLY G 228 -33.18 28.27 35.21
C GLY G 228 -31.90 27.72 35.80
N ILE G 229 -30.89 28.58 35.95
CA ILE G 229 -29.57 28.18 36.42
C ILE G 229 -29.39 28.68 37.84
N ARG G 230 -29.03 27.76 38.75
CA ARG G 230 -28.77 28.10 40.14
C ARG G 230 -27.31 27.82 40.46
N LEU G 231 -26.63 28.80 41.06
CA LEU G 231 -25.21 28.72 41.33
C LEU G 231 -24.96 28.70 42.83
N SER G 232 -24.13 27.78 43.27
CA SER G 232 -23.67 27.73 44.65
C SER G 232 -22.16 27.52 44.66
N SER G 233 -21.51 28.11 45.66
CA SER G 233 -20.04 28.07 45.72
C SER G 233 -19.54 26.64 45.93
N GLU G 234 -20.19 25.88 46.79
CA GLU G 234 -19.77 24.53 47.13
C GLU G 234 -20.85 23.50 46.81
N ALA G 235 -21.47 23.63 45.64
CA ALA G 235 -22.52 22.71 45.20
C ALA G 235 -22.56 22.75 43.68
N PRO G 236 -23.02 21.66 43.05
CA PRO G 236 -23.09 21.64 41.58
C PRO G 236 -24.11 22.63 41.05
N ALA G 237 -23.82 23.15 39.86
CA ALA G 237 -24.78 24.01 39.17
C ALA G 237 -25.97 23.19 38.71
N LEU G 238 -27.13 23.83 38.68
CA LEU G 238 -28.38 23.17 38.31
C LEU G 238 -28.97 23.92 37.12
N PHE G 239 -28.64 23.46 35.90
CA PHE G 239 -29.23 24.00 34.69
C PHE G 239 -30.56 23.30 34.44
N GLN G 240 -31.66 24.04 34.58
CA GLN G 240 -33.00 23.45 34.57
C GLN G 240 -33.81 24.03 33.41
N PHE G 241 -34.36 23.14 32.58
CA PHE G 241 -35.26 23.52 31.50
C PHE G 241 -36.67 23.07 31.88
N ASP G 242 -37.57 24.02 32.08
CA ASP G 242 -38.94 23.71 32.43
C ASP G 242 -39.70 23.21 31.21
N LEU G 243 -40.29 22.02 31.33
CA LEU G 243 -41.15 21.47 30.30
C LEU G 243 -42.60 21.82 30.63
N LYS G 244 -43.52 21.36 29.78
CA LYS G 244 -44.94 21.61 30.02
C LYS G 244 -45.42 20.91 31.27
N SER G 245 -44.99 19.67 31.49
CA SER G 245 -45.36 18.90 32.67
C SER G 245 -44.14 18.15 33.21
N GLY G 246 -43.01 18.83 33.28
CA GLY G 246 -41.79 18.21 33.77
C GLY G 246 -40.62 19.14 33.61
N PHE G 247 -39.42 18.57 33.70
CA PHE G 247 -38.20 19.35 33.55
C PHE G 247 -37.06 18.44 33.15
N LEU G 248 -35.99 19.05 32.64
CA LEU G 248 -34.74 18.38 32.33
C LEU G 248 -33.63 19.19 33.00
N GLN G 249 -33.27 18.80 34.22
CA GLN G 249 -32.29 19.53 35.01
C GLN G 249 -30.92 18.84 34.92
N PHE G 250 -29.90 19.65 34.66
CA PHE G 250 -28.53 19.17 34.54
C PHE G 250 -27.75 19.52 35.80
N PHE G 251 -26.96 18.58 36.28
CA PHE G 251 -26.07 18.80 37.43
C PHE G 251 -24.64 18.75 36.93
N LEU G 252 -24.01 19.92 36.81
CA LEU G 252 -22.64 20.03 36.35
C LEU G 252 -21.77 20.53 37.48
N ALA G 253 -20.71 19.79 37.79
CA ALA G 253 -19.86 20.11 38.92
C ALA G 253 -18.84 21.17 38.52
N PRO G 254 -18.74 22.28 39.26
CA PRO G 254 -17.74 23.29 38.94
C PRO G 254 -16.33 22.79 39.20
N LYS G 255 -15.39 23.36 38.46
CA LYS G 255 -13.99 22.95 38.54
C LYS G 255 -13.37 23.45 39.85
N PHE G 256 -12.09 23.12 40.04
CA PHE G 256 -11.37 23.56 41.23
C PHE G 256 -11.22 25.07 41.24
N ASN G 257 -11.24 25.64 42.44
CA ASN G 257 -11.08 27.08 42.60
C ASN G 257 -9.73 27.44 43.22
N MSE H 3 -4.00 52.94 19.78
CA MSE H 3 -4.22 54.20 19.08
C MSE H 3 -5.01 53.97 17.79
O MSE H 3 -5.11 54.86 16.95
CB MSE H 3 -2.89 54.88 18.77
CG MSE H 3 -1.91 55.11 19.93
SE MSE H 3 -2.54 55.88 21.64
CE MSE H 3 -3.40 54.36 22.53
N LEU H 4 -5.58 52.77 17.66
CA LEU H 4 -6.42 52.41 16.53
C LEU H 4 -7.84 52.21 17.01
N GLU H 5 -8.79 52.84 16.33
CA GLU H 5 -10.22 52.69 16.64
C GLU H 5 -10.97 52.65 15.32
N ALA H 6 -11.18 51.44 14.80
CA ALA H 6 -11.87 51.20 13.55
C ALA H 6 -13.20 50.54 13.89
N LYS H 7 -14.25 51.35 14.04
CA LYS H 7 -15.57 50.87 14.43
C LYS H 7 -16.41 50.65 13.18
N PHE H 8 -16.62 49.39 12.82
CA PHE H 8 -17.45 49.06 11.68
C PHE H 8 -18.92 49.33 12.00
N GLU H 9 -19.74 49.43 10.95
CA GLU H 9 -21.18 49.46 11.10
C GLU H 9 -21.82 48.09 10.99
N GLU H 10 -21.08 47.10 10.49
CA GLU H 10 -21.58 45.74 10.35
C GLU H 10 -20.38 44.82 10.22
N ALA H 11 -20.24 43.88 11.15
CA ALA H 11 -19.10 42.96 11.15
C ALA H 11 -19.11 42.00 9.97
N SER H 12 -20.22 41.90 9.25
CA SER H 12 -20.31 41.01 8.10
C SER H 12 -19.33 41.39 6.99
N LEU H 13 -18.99 42.68 6.86
CA LEU H 13 -18.00 43.10 5.88
C LEU H 13 -16.65 42.43 6.16
N PHE H 14 -16.15 42.59 7.39
CA PHE H 14 -14.87 42.01 7.76
C PHE H 14 -14.95 40.49 7.73
N LYS H 15 -16.13 39.95 8.08
CA LYS H 15 -16.33 38.49 8.05
C LYS H 15 -16.17 37.96 6.63
N ARG H 16 -16.85 38.57 5.65
CA ARG H 16 -16.69 38.07 4.30
C ARG H 16 -15.33 38.38 3.71
N ILE H 17 -14.64 39.43 4.18
CA ILE H 17 -13.28 39.67 3.71
C ILE H 17 -12.35 38.53 4.17
N ILE H 18 -12.40 38.20 5.47
CA ILE H 18 -11.53 37.12 5.94
C ILE H 18 -11.96 35.79 5.35
N ASP H 19 -13.27 35.58 5.13
CA ASP H 19 -13.71 34.39 4.41
C ASP H 19 -13.18 34.38 2.99
N GLY H 20 -12.99 35.55 2.40
CA GLY H 20 -12.37 35.63 1.08
C GLY H 20 -10.94 35.14 1.08
N PHE H 21 -10.16 35.51 2.10
CA PHE H 21 -8.76 35.07 2.12
C PHE H 21 -8.42 34.11 3.27
N LYS H 22 -9.32 33.18 3.60
CA LYS H 22 -8.92 32.09 4.50
C LYS H 22 -7.81 31.24 3.91
N ASP H 23 -8.00 30.74 2.68
CA ASP H 23 -7.17 29.64 2.20
C ASP H 23 -5.99 30.09 1.35
N CYS H 24 -6.06 31.29 0.77
CA CYS H 24 -4.94 31.76 -0.06
C CYS H 24 -3.70 32.03 0.79
N VAL H 25 -3.89 32.50 2.02
CA VAL H 25 -2.78 32.80 2.92
C VAL H 25 -3.27 32.60 4.35
N GLN H 26 -2.34 32.24 5.23
CA GLN H 26 -2.66 32.03 6.65
C GLN H 26 -2.10 33.12 7.55
N LEU H 27 -0.92 33.65 7.27
CA LEU H 27 -0.29 34.69 8.07
C LEU H 27 -0.25 35.99 7.27
N VAL H 28 -0.71 37.07 7.90
CA VAL H 28 -0.82 38.37 7.25
C VAL H 28 -0.34 39.45 8.21
N ASN H 29 0.33 40.46 7.67
CA ASN H 29 0.80 41.62 8.44
C ASN H 29 -0.08 42.81 8.08
N PHE H 30 -0.89 43.25 9.05
CA PHE H 30 -1.78 44.39 8.85
C PHE H 30 -1.00 45.69 9.02
N GLN H 31 -0.59 46.29 7.90
CA GLN H 31 0.10 47.58 7.92
C GLN H 31 -0.94 48.69 7.79
N CYS H 32 -1.68 48.89 8.88
CA CYS H 32 -2.75 49.90 8.90
C CYS H 32 -2.16 51.30 8.81
N LYS H 33 -2.84 52.17 8.06
CA LYS H 33 -2.40 53.55 7.88
C LYS H 33 -3.59 54.48 8.14
N GLU H 34 -3.34 55.78 7.98
CA GLU H 34 -4.40 56.76 8.19
C GLU H 34 -5.48 56.66 7.12
N ASP H 35 -5.09 56.43 5.87
CA ASP H 35 -6.03 56.36 4.77
C ASP H 35 -6.83 55.06 4.74
N GLY H 36 -6.46 54.09 5.57
CA GLY H 36 -7.17 52.83 5.62
C GLY H 36 -6.21 51.71 5.99
N ILE H 37 -6.63 50.49 5.67
CA ILE H 37 -5.84 49.29 5.93
C ILE H 37 -5.48 48.64 4.60
N ILE H 38 -4.19 48.41 4.37
CA ILE H 38 -3.71 47.68 3.22
C ILE H 38 -2.87 46.51 3.73
N ALA H 39 -2.85 45.42 2.97
CA ALA H 39 -2.09 44.25 3.34
C ALA H 39 -1.65 43.52 2.08
N GLN H 40 -0.48 42.90 2.15
CA GLN H 40 0.08 42.13 1.05
C GLN H 40 0.51 40.77 1.60
N ALA H 41 0.23 39.72 0.84
CA ALA H 41 0.49 38.37 1.30
C ALA H 41 0.86 37.48 0.13
N VAL H 42 1.77 36.54 0.37
CA VAL H 42 2.22 35.59 -0.64
C VAL H 42 1.99 34.18 -0.09
N ASP H 43 1.52 33.29 -0.95
CA ASP H 43 1.24 31.92 -0.53
C ASP H 43 2.55 31.15 -0.29
N ASP H 44 2.40 29.91 0.19
CA ASP H 44 3.57 29.07 0.42
C ASP H 44 4.25 28.68 -0.89
N SER H 45 3.48 28.46 -1.94
CA SER H 45 4.04 28.08 -3.24
C SER H 45 4.74 29.22 -3.95
N ARG H 46 4.62 30.46 -3.43
CA ARG H 46 5.24 31.64 -4.03
C ARG H 46 4.74 31.85 -5.47
N VAL H 47 3.47 31.53 -5.71
CA VAL H 47 2.88 31.74 -7.02
C VAL H 47 1.61 32.58 -6.96
N LEU H 48 0.94 32.66 -5.81
CA LEU H 48 -0.28 33.45 -5.66
C LEU H 48 -0.02 34.63 -4.74
N LEU H 49 -0.47 35.80 -5.14
CA LEU H 49 -0.31 37.02 -4.37
C LEU H 49 -1.68 37.64 -4.16
N VAL H 50 -2.03 37.90 -2.91
CA VAL H 50 -3.31 38.51 -2.54
C VAL H 50 -3.03 39.83 -1.84
N SER H 51 -3.75 40.88 -2.25
CA SER H 51 -3.60 42.21 -1.66
C SER H 51 -4.99 42.78 -1.41
N LEU H 52 -5.20 43.28 -0.19
CA LEU H 52 -6.48 43.84 0.21
C LEU H 52 -6.31 45.32 0.55
N GLU H 53 -7.39 46.08 0.35
CA GLU H 53 -7.38 47.51 0.62
C GLU H 53 -8.79 47.95 0.94
N ILE H 54 -8.99 48.49 2.15
CA ILE H 54 -10.28 49.01 2.58
C ILE H 54 -10.08 50.44 3.04
N GLY H 55 -10.76 51.38 2.37
CA GLY H 55 -10.63 52.78 2.72
C GLY H 55 -11.51 53.17 3.90
N VAL H 56 -11.25 54.39 4.39
CA VAL H 56 -11.98 54.93 5.54
C VAL H 56 -13.46 55.13 5.21
N GLU H 57 -13.79 55.31 3.92
CA GLU H 57 -15.17 55.58 3.52
C GLU H 57 -16.10 54.45 3.93
N ALA H 58 -15.60 53.22 3.99
CA ALA H 58 -16.43 52.11 4.43
C ALA H 58 -16.69 52.17 5.93
N PHE H 59 -15.69 52.55 6.71
CA PHE H 59 -15.84 52.59 8.17
C PHE H 59 -16.76 53.72 8.59
N GLN H 60 -17.61 53.43 9.58
CA GLN H 60 -18.38 54.49 10.21
C GLN H 60 -17.47 55.46 10.95
N GLU H 61 -16.45 54.93 11.63
CA GLU H 61 -15.43 55.74 12.29
C GLU H 61 -14.07 55.08 12.09
N TYR H 62 -13.03 55.92 12.06
CA TYR H 62 -11.67 55.42 11.90
C TYR H 62 -10.69 56.47 12.39
N ARG H 63 -9.64 56.01 13.08
CA ARG H 63 -8.64 56.93 13.63
C ARG H 63 -7.35 56.13 13.84
N CYS H 64 -6.37 56.34 12.95
CA CYS H 64 -5.07 55.67 13.03
C CYS H 64 -3.98 56.72 12.85
N ASP H 65 -3.49 57.24 13.99
CA ASP H 65 -2.45 58.27 13.93
C ASP H 65 -1.10 57.70 13.54
N HIS H 66 -0.73 56.55 14.11
CA HIS H 66 0.58 55.95 13.88
C HIS H 66 0.44 54.65 13.11
N PRO H 67 1.05 54.54 11.91
CA PRO H 67 1.06 53.24 11.20
C PRO H 67 1.68 52.13 12.03
N VAL H 68 0.94 51.05 12.25
CA VAL H 68 1.41 49.91 13.01
C VAL H 68 1.23 48.65 12.16
N THR H 69 2.29 47.85 12.06
CA THR H 69 2.24 46.59 11.33
C THR H 69 1.83 45.48 12.29
N LEU H 70 0.67 44.86 12.02
CA LEU H 70 0.06 43.88 12.91
C LEU H 70 0.15 42.50 12.28
N GLY H 71 0.97 41.63 12.86
CA GLY H 71 1.06 40.25 12.41
C GLY H 71 0.05 39.37 13.12
N MSE H 72 -0.99 38.95 12.42
CA MSE H 72 -2.16 38.39 13.08
C MSE H 72 -2.69 37.13 12.39
O MSE H 72 -2.74 37.04 11.16
CB MSE H 72 -3.24 39.46 13.15
CG MSE H 72 -4.56 39.04 13.78
SE MSE H 72 -5.86 40.49 13.71
CE MSE H 72 -4.72 41.98 14.20
N ASP H 73 -3.09 36.15 13.21
CA ASP H 73 -3.62 34.88 12.72
C ASP H 73 -5.01 35.05 12.13
N LEU H 74 -5.32 34.20 11.13
CA LEU H 74 -6.60 34.26 10.46
C LEU H 74 -7.62 33.24 10.99
N THR H 75 -7.16 32.13 11.55
CA THR H 75 -8.09 31.17 12.15
C THR H 75 -8.77 31.77 13.38
N SER H 76 -8.00 32.48 14.21
CA SER H 76 -8.57 33.13 15.37
C SER H 76 -9.57 34.21 14.97
N LEU H 77 -9.24 34.97 13.93
CA LEU H 77 -10.19 35.96 13.42
C LEU H 77 -11.45 35.29 12.89
N SER H 78 -11.29 34.15 12.21
CA SER H 78 -12.46 33.43 11.71
C SER H 78 -13.37 32.99 12.84
N LYS H 79 -12.78 32.48 13.93
CA LYS H 79 -13.60 32.08 15.08
C LYS H 79 -14.28 33.28 15.72
N ILE H 80 -13.53 34.36 15.94
CA ILE H 80 -14.08 35.54 16.60
C ILE H 80 -15.16 36.19 15.75
N LEU H 81 -15.02 36.16 14.42
CA LEU H 81 -16.02 36.77 13.56
C LEU H 81 -17.15 35.82 13.20
N ARG H 82 -16.98 34.51 13.42
CA ARG H 82 -18.13 33.61 13.41
C ARG H 82 -18.95 33.80 14.67
N CYS H 83 -18.31 34.21 15.78
CA CYS H 83 -19.07 34.68 16.93
C CYS H 83 -19.96 35.85 16.57
N GLY H 84 -19.45 36.79 15.78
CA GLY H 84 -20.23 37.95 15.41
C GLY H 84 -21.35 37.64 14.45
N ASN H 85 -22.33 38.53 14.40
CA ASN H 85 -23.50 38.35 13.57
C ASN H 85 -24.05 39.73 13.20
N ASN H 86 -25.28 39.75 12.68
CA ASN H 86 -25.89 40.99 12.26
C ASN H 86 -26.25 41.87 13.46
N THR H 87 -26.47 43.15 13.17
CA THR H 87 -26.90 44.19 14.10
C THR H 87 -25.81 44.56 15.11
N ASP H 88 -24.68 43.86 15.10
CA ASP H 88 -23.58 44.14 16.01
C ASP H 88 -22.49 44.90 15.28
N THR H 89 -22.08 46.03 15.84
CA THR H 89 -21.08 46.90 15.25
C THR H 89 -19.72 46.53 15.81
N LEU H 90 -18.89 45.88 15.00
CA LEU H 90 -17.54 45.52 15.41
C LEU H 90 -16.69 46.78 15.57
N THR H 91 -15.92 46.83 16.66
CA THR H 91 -15.07 47.97 16.98
C THR H 91 -13.64 47.48 17.15
N LEU H 92 -12.84 47.63 16.11
CA LEU H 92 -11.43 47.25 16.16
C LEU H 92 -10.64 48.27 16.98
N ILE H 93 -10.11 47.85 18.11
CA ILE H 93 -9.42 48.73 19.05
C ILE H 93 -8.01 48.20 19.29
N ALA H 94 -7.02 49.09 19.22
CA ALA H 94 -5.64 48.75 19.50
C ALA H 94 -5.05 49.78 20.44
N ASP H 95 -3.98 49.38 21.14
CA ASP H 95 -3.31 50.22 22.12
C ASP H 95 -2.10 50.88 21.47
N ASN H 96 -1.34 51.64 22.27
CA ASN H 96 -0.11 52.27 21.78
C ASN H 96 0.92 51.23 21.38
N THR H 97 1.07 50.18 22.16
CA THR H 97 1.93 49.04 21.85
C THR H 97 1.08 47.77 21.95
N PRO H 98 0.22 47.54 20.96
CA PRO H 98 -0.80 46.48 21.06
C PRO H 98 -0.28 45.07 20.75
N ASP H 99 0.34 44.46 21.77
CA ASP H 99 0.67 43.04 21.66
C ASP H 99 -0.58 42.17 21.61
N SER H 100 -1.69 42.66 22.16
CA SER H 100 -2.98 41.99 22.09
C SER H 100 -4.01 42.96 21.53
N ILE H 101 -4.86 42.45 20.64
CA ILE H 101 -5.86 43.27 19.97
C ILE H 101 -7.18 43.13 20.71
N ILE H 102 -8.10 44.05 20.45
CA ILE H 102 -9.42 44.06 21.06
C ILE H 102 -10.47 44.18 19.96
N LEU H 103 -11.45 43.30 19.97
CA LEU H 103 -12.57 43.33 19.03
C LEU H 103 -13.86 43.45 19.83
N LEU H 104 -14.26 44.68 20.11
CA LEU H 104 -15.51 44.94 20.81
C LEU H 104 -16.69 44.73 19.88
N PHE H 105 -17.67 43.95 20.33
CA PHE H 105 -18.91 43.72 19.59
C PHE H 105 -20.02 44.49 20.30
N GLU H 106 -20.45 45.60 19.69
CA GLU H 106 -21.45 46.48 20.28
C GLU H 106 -22.78 46.26 19.57
N ASP H 107 -23.80 45.90 20.34
CA ASP H 107 -25.14 45.70 19.83
C ASP H 107 -25.97 46.97 20.02
N THR H 108 -27.11 47.03 19.33
CA THR H 108 -28.02 48.16 19.49
C THR H 108 -28.53 48.26 20.93
N LYS H 109 -28.88 47.12 21.52
CA LYS H 109 -29.37 47.08 22.89
C LYS H 109 -28.25 46.68 23.84
N LYS H 110 -28.42 47.04 25.11
CA LYS H 110 -27.44 46.78 26.16
C LYS H 110 -27.60 45.38 26.77
N ASP H 111 -28.34 44.49 26.10
CA ASP H 111 -28.60 43.17 26.67
C ASP H 111 -27.32 42.36 26.78
N ARG H 112 -26.46 42.40 25.76
CA ARG H 112 -25.23 41.62 25.77
C ARG H 112 -24.19 42.30 24.90
N ILE H 113 -23.14 42.82 25.53
CA ILE H 113 -22.02 43.44 24.83
C ILE H 113 -20.77 42.63 25.16
N ALA H 114 -20.05 42.21 24.13
CA ALA H 114 -18.94 41.29 24.27
C ALA H 114 -17.63 41.98 23.92
N GLU H 115 -16.58 41.69 24.69
CA GLU H 115 -15.23 42.17 24.42
C GLU H 115 -14.28 40.98 24.33
N TYR H 116 -13.45 40.98 23.29
CA TYR H 116 -12.57 39.84 23.00
C TYR H 116 -11.13 40.32 22.89
N SER H 117 -10.21 39.37 22.83
CA SER H 117 -8.79 39.65 22.74
C SER H 117 -8.12 38.65 21.82
N LEU H 118 -6.96 39.04 21.29
CA LEU H 118 -6.15 38.17 20.44
C LEU H 118 -4.74 38.74 20.36
N LYS H 119 -3.74 37.91 20.62
CA LYS H 119 -2.35 38.38 20.57
C LYS H 119 -1.86 38.51 19.13
N LEU H 120 -0.72 39.18 18.99
CA LEU H 120 -0.11 39.46 17.70
C LEU H 120 1.19 38.68 17.60
N MSE H 121 1.26 37.72 16.69
CA MSE H 121 2.48 36.96 16.50
C MSE H 121 3.51 37.71 15.68
O MSE H 121 3.23 38.77 15.12
CB MSE H 121 2.21 35.60 15.84
CG MSE H 121 1.42 34.65 16.71
SE MSE H 121 1.20 32.94 15.82
CE MSE H 121 -0.17 33.46 14.53
N ASP H 122 4.73 37.16 15.63
CA ASP H 122 5.83 37.73 14.84
C ASP H 122 5.79 37.10 13.46
N ILE H 123 5.40 37.89 12.47
CA ILE H 123 5.52 37.53 11.06
C ILE H 123 6.29 38.64 10.36
N ASP H 124 7.32 38.26 9.61
CA ASP H 124 8.19 39.25 8.98
C ASP H 124 7.40 40.05 7.94
N ALA H 125 7.76 41.33 7.81
CA ALA H 125 7.10 42.19 6.85
C ALA H 125 7.41 41.75 5.43
N ASP H 126 6.37 41.43 4.66
CA ASP H 126 6.54 40.96 3.31
C ASP H 126 7.05 42.08 2.40
N PHE H 127 7.85 41.71 1.41
CA PHE H 127 8.41 42.68 0.47
C PHE H 127 7.30 43.28 -0.37
N LEU H 128 7.13 44.61 -0.27
CA LEU H 128 6.04 45.31 -0.94
C LEU H 128 6.45 45.63 -2.36
N LYS H 129 6.26 44.66 -3.25
CA LYS H 129 6.53 44.85 -4.66
C LYS H 129 5.37 45.63 -5.30
N ILE H 130 5.70 46.70 -6.00
CA ILE H 130 4.69 47.63 -6.51
C ILE H 130 4.74 47.59 -8.04
N GLU H 131 5.03 46.43 -8.61
CA GLU H 131 5.05 46.29 -10.06
C GLU H 131 3.62 46.33 -10.60
N GLU H 132 3.34 47.34 -11.42
CA GLU H 132 2.02 47.58 -11.99
C GLU H 132 2.09 47.66 -13.52
N LEU H 133 2.73 46.66 -14.12
CA LEU H 133 2.86 46.62 -15.57
C LEU H 133 1.49 46.56 -16.23
N GLN H 134 1.37 47.22 -17.38
CA GLN H 134 0.11 47.29 -18.09
C GLN H 134 -0.34 45.91 -18.56
N TYR H 135 -1.65 45.70 -18.58
CA TYR H 135 -2.25 44.43 -18.91
C TYR H 135 -2.93 44.52 -20.28
N ASP H 136 -2.73 43.50 -21.10
CA ASP H 136 -3.11 43.57 -22.51
C ASP H 136 -4.63 43.65 -22.67
N SER H 137 -5.35 42.73 -22.04
CA SER H 137 -6.80 42.64 -22.19
C SER H 137 -7.47 42.79 -20.83
N THR H 138 -8.66 43.37 -20.83
CA THR H 138 -9.42 43.62 -19.61
C THR H 138 -10.87 43.21 -19.82
N LEU H 139 -11.37 42.35 -18.95
CA LEU H 139 -12.77 41.95 -18.97
C LEU H 139 -13.33 41.97 -17.55
N SER H 140 -14.64 42.16 -17.45
CA SER H 140 -15.33 42.13 -16.17
C SER H 140 -16.68 41.46 -16.36
N LEU H 141 -16.87 40.33 -15.69
CA LEU H 141 -18.08 39.54 -15.74
C LEU H 141 -18.57 39.30 -14.32
N PRO H 142 -19.85 38.98 -14.14
CA PRO H 142 -20.35 38.71 -12.78
C PRO H 142 -19.59 37.57 -12.12
N SER H 143 -19.35 37.72 -10.81
CA SER H 143 -18.52 36.76 -10.10
C SER H 143 -19.16 35.39 -10.01
N SER H 144 -20.49 35.32 -9.98
CA SER H 144 -21.17 34.02 -9.97
C SER H 144 -20.91 33.26 -11.27
N GLU H 145 -20.98 33.95 -12.40
CA GLU H 145 -20.72 33.29 -13.68
C GLU H 145 -19.30 32.78 -13.78
N PHE H 146 -18.33 33.62 -13.39
CA PHE H 146 -16.93 33.19 -13.42
C PHE H 146 -16.68 32.03 -12.47
N SER H 147 -17.28 32.08 -11.28
CA SER H 147 -17.11 30.99 -10.32
C SER H 147 -17.68 29.68 -10.86
N LYS H 148 -18.88 29.74 -11.45
CA LYS H 148 -19.47 28.54 -12.03
C LYS H 148 -18.60 27.99 -13.15
N ILE H 149 -18.13 28.87 -14.04
CA ILE H 149 -17.31 28.44 -15.16
C ILE H 149 -16.04 27.77 -14.67
N VAL H 150 -15.35 28.39 -13.72
CA VAL H 150 -14.07 27.85 -13.29
C VAL H 150 -14.27 26.55 -12.52
N ARG H 151 -15.35 26.43 -11.73
CA ARG H 151 -15.59 25.19 -11.02
C ARG H 151 -15.91 24.05 -11.99
N ASP H 152 -16.79 24.31 -12.95
CA ASP H 152 -17.15 23.26 -13.91
C ASP H 152 -15.98 22.85 -14.78
N LEU H 153 -15.14 23.80 -15.17
CA LEU H 153 -13.97 23.45 -15.98
C LEU H 153 -12.85 22.83 -15.16
N SER H 154 -12.75 23.13 -13.87
CA SER H 154 -11.78 22.47 -13.00
C SER H 154 -12.21 21.08 -12.59
N GLN H 155 -13.51 20.76 -12.71
CA GLN H 155 -13.94 19.38 -12.53
C GLN H 155 -13.31 18.49 -13.60
N LEU H 156 -13.23 18.97 -14.84
CA LEU H 156 -12.75 18.16 -15.95
C LEU H 156 -11.24 17.97 -15.91
N SER H 157 -10.49 19.03 -15.62
CA SER H 157 -9.03 18.98 -15.72
C SER H 157 -8.43 19.87 -14.64
N ASP H 158 -7.09 19.87 -14.58
CA ASP H 158 -6.35 20.64 -13.60
C ASP H 158 -5.64 21.84 -14.20
N SER H 159 -5.90 22.16 -15.47
CA SER H 159 -5.22 23.26 -16.16
C SER H 159 -6.24 23.94 -17.07
N ILE H 160 -6.76 25.08 -16.63
CA ILE H 160 -7.73 25.84 -17.41
C ILE H 160 -7.00 26.85 -18.28
N ASN H 161 -7.24 26.79 -19.58
CA ASN H 161 -6.70 27.76 -20.52
C ASN H 161 -7.70 28.91 -20.67
N ILE H 162 -7.20 30.13 -20.63
CA ILE H 162 -8.01 31.32 -20.86
C ILE H 162 -7.46 32.01 -22.12
N MSE H 163 -8.31 32.14 -23.12
CA MSE H 163 -7.89 32.73 -24.39
C MSE H 163 -8.91 33.80 -24.81
O MSE H 163 -10.11 33.54 -24.82
CB MSE H 163 -7.72 31.65 -25.46
CG MSE H 163 -7.33 32.12 -26.85
SE MSE H 163 -8.74 32.90 -27.95
CE MSE H 163 -9.09 31.38 -29.11
N ILE H 164 -8.40 34.97 -25.16
CA ILE H 164 -9.24 36.12 -25.51
C ILE H 164 -8.93 36.52 -26.95
N THR H 165 -9.95 36.50 -27.81
CA THR H 165 -9.80 36.90 -29.20
C THR H 165 -11.18 37.22 -29.77
N LYS H 166 -11.28 38.35 -30.48
CA LYS H 166 -12.48 38.75 -31.19
C LYS H 166 -13.69 38.85 -30.25
N GLU H 167 -13.46 39.42 -29.07
CA GLU H 167 -14.51 39.68 -28.08
C GLU H 167 -15.21 38.39 -27.64
N THR H 168 -14.51 37.27 -27.68
CA THR H 168 -15.07 35.97 -27.30
C THR H 168 -14.05 35.27 -26.40
N ILE H 169 -14.27 35.33 -25.09
CA ILE H 169 -13.39 34.67 -24.14
C ILE H 169 -13.71 33.18 -24.13
N LYS H 170 -12.70 32.35 -24.28
CA LYS H 170 -12.88 30.90 -24.45
C LYS H 170 -12.13 30.17 -23.34
N PHE H 171 -12.80 29.96 -22.21
CA PHE H 171 -12.24 29.17 -21.11
C PHE H 171 -12.27 27.70 -21.52
N VAL H 172 -11.12 27.18 -21.95
CA VAL H 172 -11.00 25.80 -22.40
C VAL H 172 -10.14 25.04 -21.40
N ALA H 173 -10.64 23.91 -20.90
CA ALA H 173 -9.87 23.02 -20.06
C ALA H 173 -10.00 21.60 -20.61
N ASP H 174 -8.86 21.00 -20.94
CA ASP H 174 -8.83 19.67 -21.53
C ASP H 174 -8.21 18.70 -20.55
N GLY H 175 -8.88 17.58 -20.30
CA GLY H 175 -8.39 16.60 -19.36
C GLY H 175 -8.42 15.18 -19.88
N ASP H 176 -8.77 14.23 -19.00
CA ASP H 176 -8.83 12.83 -19.36
C ASP H 176 -10.24 12.33 -19.64
N ILE H 177 -11.23 12.76 -18.86
CA ILE H 177 -12.60 12.31 -19.08
C ILE H 177 -13.20 12.93 -20.33
N GLY H 178 -12.62 14.02 -20.84
CA GLY H 178 -13.13 14.66 -22.03
C GLY H 178 -12.56 16.04 -22.26
N SER H 179 -13.42 16.99 -22.60
CA SER H 179 -12.99 18.37 -22.84
C SER H 179 -14.13 19.31 -22.50
N GLY H 180 -13.79 20.57 -22.26
CA GLY H 180 -14.77 21.58 -21.93
C GLY H 180 -14.44 22.93 -22.53
N SER H 181 -15.39 23.51 -23.26
CA SER H 181 -15.19 24.78 -23.94
C SER H 181 -16.42 25.65 -23.72
N VAL H 182 -16.23 26.81 -23.10
CA VAL H 182 -17.28 27.79 -22.91
C VAL H 182 -16.83 29.11 -23.52
N ILE H 183 -17.72 29.75 -24.28
CA ILE H 183 -17.42 31.03 -24.90
C ILE H 183 -18.42 32.06 -24.39
N ILE H 184 -17.94 33.28 -24.20
CA ILE H 184 -18.75 34.38 -23.68
C ILE H 184 -18.74 35.52 -24.69
N LYS H 185 -19.93 35.92 -25.14
CA LYS H 185 -20.06 37.10 -25.98
C LYS H 185 -20.17 38.34 -25.12
N PRO H 186 -19.74 39.51 -25.62
CA PRO H 186 -19.81 40.73 -24.79
C PRO H 186 -21.23 41.22 -24.63
N PHE H 187 -22.01 40.52 -23.81
CA PHE H 187 -23.40 40.90 -23.59
C PHE H 187 -23.49 42.19 -22.77
N VAL H 188 -24.42 43.05 -23.16
CA VAL H 188 -24.73 44.29 -22.45
C VAL H 188 -26.19 44.24 -22.02
N ASP H 189 -26.45 44.66 -20.79
CA ASP H 189 -27.78 44.63 -20.22
C ASP H 189 -28.17 46.03 -19.77
N MSE H 190 -29.43 46.39 -20.01
CA MSE H 190 -29.92 47.72 -19.69
C MSE H 190 -30.68 47.74 -18.36
O MSE H 190 -30.43 48.57 -17.50
CB MSE H 190 -30.81 48.26 -20.81
CG MSE H 190 -30.29 47.95 -22.20
SE MSE H 190 -28.80 49.11 -22.72
CE MSE H 190 -28.84 48.80 -24.65
N GLU H 191 -31.64 46.82 -18.23
CA GLU H 191 -32.46 46.78 -17.03
C GLU H 191 -31.66 46.35 -15.80
N HIS H 192 -30.65 45.49 -15.99
CA HIS H 192 -29.79 45.03 -14.91
C HIS H 192 -28.34 45.25 -15.34
N PRO H 193 -27.84 46.48 -15.19
CA PRO H 193 -26.45 46.77 -15.63
C PRO H 193 -25.39 46.01 -14.85
N GLU H 194 -25.70 45.50 -13.65
CA GLU H 194 -24.71 44.79 -12.86
C GLU H 194 -24.28 43.50 -13.55
N THR H 195 -25.22 42.78 -14.18
CA THR H 195 -24.91 41.56 -14.89
C THR H 195 -24.67 41.88 -16.36
N SER H 196 -23.39 41.99 -16.73
CA SER H 196 -23.00 42.28 -18.10
C SER H 196 -21.59 41.76 -18.32
N ILE H 197 -21.22 41.63 -19.59
CA ILE H 197 -19.88 41.20 -19.98
C ILE H 197 -19.33 42.27 -20.92
N LYS H 198 -18.24 42.91 -20.49
CA LYS H 198 -17.55 43.92 -21.28
C LYS H 198 -16.07 43.57 -21.35
N LEU H 199 -15.49 43.74 -22.54
CA LEU H 199 -14.11 43.34 -22.79
C LEU H 199 -13.38 44.46 -23.52
N GLU H 200 -12.11 44.65 -23.16
CA GLU H 200 -11.23 45.62 -23.81
C GLU H 200 -10.03 44.85 -24.36
N MSE H 201 -10.17 44.33 -25.58
CA MSE H 201 -9.12 43.52 -26.20
C MSE H 201 -8.12 44.35 -26.99
O MSE H 201 -8.32 44.58 -28.19
CB MSE H 201 -9.75 42.45 -27.10
CG MSE H 201 -8.87 41.24 -27.33
SE MSE H 201 -7.68 41.44 -28.86
CE MSE H 201 -8.80 40.65 -30.23
N ASP H 202 -7.07 44.82 -26.32
CA ASP H 202 -6.02 45.55 -27.02
C ASP H 202 -5.14 44.62 -27.85
N GLN H 203 -4.80 43.45 -27.30
CA GLN H 203 -3.98 42.47 -27.99
C GLN H 203 -4.36 41.09 -27.47
N PRO H 204 -4.51 40.10 -28.36
CA PRO H 204 -4.91 38.76 -27.91
C PRO H 204 -3.88 38.14 -26.98
N VAL H 205 -4.37 37.39 -26.00
CA VAL H 205 -3.52 36.69 -25.03
C VAL H 205 -4.01 35.25 -24.93
N ASP H 206 -3.10 34.36 -24.53
CA ASP H 206 -3.39 32.93 -24.38
C ASP H 206 -2.63 32.50 -23.13
N LEU H 207 -3.34 32.42 -22.00
CA LEU H 207 -2.73 32.15 -20.72
C LEU H 207 -3.36 30.92 -20.08
N THR H 208 -2.51 30.08 -19.48
CA THR H 208 -2.94 28.86 -18.81
C THR H 208 -2.64 28.97 -17.32
N PHE H 209 -3.60 28.58 -16.49
CA PHE H 209 -3.48 28.66 -15.05
C PHE H 209 -3.83 27.32 -14.42
N GLY H 210 -3.26 27.07 -13.25
CA GLY H 210 -3.59 25.86 -12.51
C GLY H 210 -4.99 25.92 -11.92
N ALA H 211 -5.58 24.74 -11.73
CA ALA H 211 -6.95 24.68 -11.23
C ALA H 211 -7.04 24.99 -9.74
N LYS H 212 -6.01 24.63 -8.97
CA LYS H 212 -6.07 24.81 -7.53
C LYS H 212 -6.16 26.28 -7.15
N TYR H 213 -5.31 27.11 -7.75
CA TYR H 213 -5.32 28.53 -7.42
C TYR H 213 -6.56 29.22 -7.99
N LEU H 214 -6.99 28.81 -9.18
CA LEU H 214 -8.20 29.38 -9.76
C LEU H 214 -9.43 29.02 -8.93
N LEU H 215 -9.43 27.86 -8.29
CA LEU H 215 -10.53 27.52 -7.38
C LEU H 215 -10.39 28.26 -6.05
N ASP H 216 -9.15 28.46 -5.59
CA ASP H 216 -8.93 29.15 -4.32
C ASP H 216 -9.37 30.61 -4.39
N ILE H 217 -9.08 31.29 -5.51
CA ILE H 217 -9.43 32.70 -5.64
C ILE H 217 -10.92 32.95 -5.70
N ILE H 218 -11.73 31.90 -5.83
CA ILE H 218 -13.17 32.06 -5.91
C ILE H 218 -13.77 32.46 -4.56
N LYS H 219 -13.09 32.11 -3.46
CA LYS H 219 -13.67 32.30 -2.14
C LYS H 219 -13.92 33.78 -1.81
N GLY H 220 -13.32 34.69 -2.56
CA GLY H 220 -13.61 36.11 -2.44
C GLY H 220 -14.81 36.58 -3.24
N SER H 221 -15.63 35.66 -3.74
CA SER H 221 -16.80 36.05 -4.54
C SER H 221 -17.84 36.79 -3.70
N SER H 222 -17.85 36.56 -2.39
CA SER H 222 -18.80 37.23 -1.53
C SER H 222 -18.52 38.72 -1.40
N LEU H 223 -17.31 39.16 -1.75
CA LEU H 223 -16.96 40.58 -1.64
C LEU H 223 -17.69 41.42 -2.68
N SER H 224 -17.69 40.97 -3.93
CA SER H 224 -18.21 41.74 -5.03
C SER H 224 -19.12 40.90 -5.91
N ASP H 225 -20.18 41.51 -6.41
CA ASP H 225 -21.04 40.87 -7.40
C ASP H 225 -20.42 40.80 -8.78
N ARG H 226 -19.35 41.57 -9.02
CA ARG H 226 -18.63 41.58 -10.28
C ARG H 226 -17.15 41.43 -10.01
N VAL H 227 -16.47 40.67 -10.88
CA VAL H 227 -15.03 40.46 -10.78
C VAL H 227 -14.39 41.00 -12.05
N GLY H 228 -13.37 41.84 -11.89
CA GLY H 228 -12.66 42.39 -13.02
C GLY H 228 -11.33 41.69 -13.24
N ILE H 229 -11.12 41.15 -14.43
CA ILE H 229 -9.94 40.37 -14.74
C ILE H 229 -9.19 41.08 -15.86
N ARG H 230 -7.90 41.31 -15.65
CA ARG H 230 -7.04 41.90 -16.67
C ARG H 230 -5.80 41.05 -16.85
N LEU H 231 -5.49 40.72 -18.10
CA LEU H 231 -4.46 39.74 -18.42
C LEU H 231 -3.37 40.37 -19.26
N SER H 232 -2.14 39.89 -19.05
CA SER H 232 -0.99 40.26 -19.86
C SER H 232 -0.20 39.00 -20.18
N SER H 233 0.46 39.00 -21.35
CA SER H 233 1.14 37.81 -21.83
C SER H 233 2.27 37.38 -20.91
N GLU H 234 2.88 38.29 -20.18
CA GLU H 234 3.97 37.96 -19.27
C GLU H 234 3.72 38.39 -17.82
N ALA H 235 2.92 39.42 -17.60
CA ALA H 235 2.63 39.87 -16.25
C ALA H 235 1.61 38.93 -15.59
N PRO H 236 1.65 38.81 -14.26
CA PRO H 236 0.65 38.00 -13.57
C PRO H 236 -0.75 38.56 -13.76
N ALA H 237 -1.73 37.65 -13.81
CA ALA H 237 -3.12 38.06 -13.97
C ALA H 237 -3.61 38.77 -12.71
N LEU H 238 -4.58 39.66 -12.89
CA LEU H 238 -5.12 40.48 -11.81
C LEU H 238 -6.63 40.24 -11.73
N PHE H 239 -7.05 39.46 -10.73
CA PHE H 239 -8.46 39.29 -10.43
C PHE H 239 -8.82 40.24 -9.29
N GLN H 240 -9.67 41.22 -9.57
CA GLN H 240 -9.96 42.30 -8.64
C GLN H 240 -11.41 42.22 -8.17
N PHE H 241 -11.61 42.31 -6.87
CA PHE H 241 -12.93 42.26 -6.24
C PHE H 241 -13.26 43.65 -5.70
N ASP H 242 -14.36 44.23 -6.19
CA ASP H 242 -14.73 45.59 -5.79
C ASP H 242 -15.34 45.59 -4.40
N LEU H 243 -14.88 46.50 -3.56
CA LEU H 243 -15.46 46.75 -2.26
C LEU H 243 -16.11 48.14 -2.25
N LYS H 244 -16.80 48.45 -1.14
CA LYS H 244 -17.46 49.75 -1.05
C LYS H 244 -16.46 50.90 -1.04
N SER H 245 -15.35 50.74 -0.32
CA SER H 245 -14.32 51.77 -0.26
C SER H 245 -13.12 51.42 -1.15
N GLY H 246 -12.51 50.26 -0.92
CA GLY H 246 -11.35 49.85 -1.68
C GLY H 246 -11.61 48.61 -2.53
N PHE H 247 -10.63 47.71 -2.59
CA PHE H 247 -10.77 46.50 -3.38
C PHE H 247 -9.78 45.46 -2.87
N LEU H 248 -10.02 44.20 -3.25
CA LEU H 248 -9.13 43.09 -2.97
C LEU H 248 -8.74 42.46 -4.30
N GLN H 249 -7.45 42.19 -4.49
CA GLN H 249 -6.93 41.75 -5.77
C GLN H 249 -6.10 40.49 -5.59
N PHE H 250 -6.11 39.66 -6.64
CA PHE H 250 -5.32 38.44 -6.70
C PHE H 250 -4.32 38.54 -7.84
N PHE H 251 -3.06 38.24 -7.55
CA PHE H 251 -2.00 38.22 -8.54
C PHE H 251 -1.49 36.80 -8.71
N LEU H 252 -1.76 36.20 -9.87
CA LEU H 252 -1.28 34.87 -10.19
C LEU H 252 -0.52 34.92 -11.51
N ALA H 253 0.72 34.48 -11.50
CA ALA H 253 1.51 34.45 -12.72
C ALA H 253 1.01 33.35 -13.64
N PRO H 254 1.01 33.57 -14.95
CA PRO H 254 0.68 32.50 -15.88
C PRO H 254 1.59 31.29 -15.70
N LYS H 255 1.00 30.11 -15.89
CA LYS H 255 1.74 28.85 -15.85
C LYS H 255 1.53 28.13 -17.18
N PHE H 256 2.45 28.32 -18.11
CA PHE H 256 2.39 27.68 -19.41
C PHE H 256 2.67 26.19 -19.30
PG AGS K . -4.45 -7.68 32.27
S1G AGS K . -2.99 -7.32 31.04
O2G AGS K . -5.39 -8.77 31.65
O3G AGS K . -5.26 -6.38 32.50
PB AGS K . -4.50 -7.64 34.99
O1B AGS K . -5.22 -6.38 34.77
O2B AGS K . -3.31 -7.47 35.94
O3B AGS K . -3.90 -8.19 33.63
PA AGS K . -6.40 -8.25 36.84
O1A AGS K . -7.60 -7.58 36.30
O2A AGS K . -5.55 -7.36 37.74
O3A AGS K . -5.44 -8.72 35.67
O5' AGS K . -6.87 -9.57 37.57
C5' AGS K . -8.26 -9.95 37.56
C4' AGS K . -8.45 -11.26 38.28
O4' AGS K . -7.17 -11.92 38.41
C3' AGS K . -8.98 -11.16 39.69
O3' AGS K . -10.40 -11.08 39.70
C2' AGS K . -8.48 -12.46 40.32
O2' AGS K . -9.32 -13.56 40.01
C1' AGS K . -7.11 -12.63 39.63
N9 AGS K . -6.00 -12.11 40.42
C8 AGS K . -5.20 -11.05 40.10
N7 AGS K . -4.27 -10.79 40.99
C5 AGS K . -4.47 -11.76 41.96
C6 AGS K . -3.82 -12.04 43.17
N6 AGS K . -2.77 -11.34 43.63
N1 AGS K . -4.27 -13.08 43.91
C2 AGS K . -5.32 -13.78 43.46
N3 AGS K . -6.01 -13.61 42.33
C4 AGS K . -5.54 -12.58 41.62
MG MG L . -5.61 -4.53 33.71
PG AGS M . -10.96 -24.37 9.43
S1G AGS M . -10.49 -24.70 7.58
O2G AGS M . -12.33 -23.61 9.50
O3G AGS M . -9.86 -23.50 10.10
PB AGS M . -12.51 -26.19 10.74
O1B AGS M . -13.36 -25.02 11.00
O2B AGS M . -12.24 -27.03 11.98
O3B AGS M . -11.09 -25.73 10.19
PA AGS M . -14.72 -27.49 9.94
O1A AGS M . -15.58 -26.44 9.35
O2A AGS M . -14.90 -27.68 11.45
O3A AGS M . -13.20 -27.16 9.72
O5' AGS M . -15.00 -28.83 9.17
C5' AGS M . -16.31 -29.39 9.14
C4' AGS M . -16.34 -30.56 8.18
O4' AGS M . -15.39 -31.55 8.62
C3' AGS M . -17.67 -31.27 8.09
O3' AGS M . -17.83 -31.91 6.83
C2' AGS M . -17.55 -32.32 9.21
O2' AGS M . -18.38 -33.45 8.96
C1' AGS M . -16.08 -32.69 9.12
N9 AGS M . -15.48 -33.05 10.40
C8 AGS M . -14.37 -32.47 10.97
N7 AGS M . -14.04 -32.99 12.13
C5 AGS M . -15.00 -33.98 12.33
C6 AGS M . -15.20 -34.90 13.38
N6 AGS M . -14.43 -34.97 14.46
N1 AGS M . -16.25 -35.75 13.27
C2 AGS M . -17.03 -35.67 12.19
N3 AGS M . -16.93 -34.85 11.14
C4 AGS M . -15.88 -34.03 11.27
MG MG N . -13.76 -22.48 10.65
PG AGS O . -3.37 -18.74 -18.15
S1G AGS O . -2.26 -17.25 -18.77
O2G AGS O . -4.82 -18.23 -17.91
O3G AGS O . -2.77 -19.28 -16.83
PB AGS O . -4.78 -20.36 -19.81
O1B AGS O . -5.74 -20.59 -18.71
O2B AGS O . -4.51 -21.63 -20.62
O3B AGS O . -3.39 -19.87 -19.22
PA AGS O . -6.21 -19.81 -22.08
O1A AGS O . -6.93 -21.04 -21.74
O2A AGS O . -7.12 -18.64 -22.47
O3A AGS O . -5.35 -19.31 -20.85
O5' AGS O . -5.20 -20.12 -23.24
C5' AGS O . -5.01 -19.17 -24.30
C4' AGS O . -5.28 -19.83 -25.63
O4' AGS O . -4.64 -21.12 -25.66
C3' AGS O . -6.75 -20.13 -25.92
O3' AGS O . -7.38 -18.99 -26.48
C2' AGS O . -6.64 -21.27 -26.94
O2' AGS O . -6.52 -20.77 -28.26
C1' AGS O . -5.36 -21.99 -26.52
N9 AGS O . -5.57 -23.26 -25.82
C8 AGS O . -5.09 -23.59 -24.59
N7 AGS O . -5.41 -24.80 -24.20
C5 AGS O . -6.16 -25.29 -25.26
C6 AGS O . -6.81 -26.52 -25.47
N6 AGS O . -6.79 -27.52 -24.58
N1 AGS O . -7.48 -26.70 -26.63
C2 AGS O . -7.48 -25.69 -27.51
N3 AGS O . -6.91 -24.49 -27.42
C4 AGS O . -6.26 -24.35 -26.26
MG MG P . -6.81 -17.63 -17.55
PG AGS Q . 17.47 0.67 -25.99
S1G AGS Q . 17.87 -0.68 -24.64
O2G AGS Q . 18.23 1.97 -25.65
O3G AGS Q . 15.93 0.95 -25.99
PB AGS Q . 16.93 0.39 -28.62
O1B AGS Q . 16.33 -0.90 -29.03
O2B AGS Q . 15.90 1.42 -28.18
O3B AGS Q . 17.89 0.18 -27.39
PA AGS Q . 17.17 2.39 -30.44
O1A AGS Q . 16.15 2.15 -31.48
O2A AGS Q . 16.69 3.24 -29.27
O3A AGS Q . 17.71 1.04 -29.84
O5' AGS Q . 18.42 3.05 -31.16
C5' AGS Q . 18.24 4.13 -32.09
C4' AGS Q . 19.58 4.46 -32.70
O4' AGS Q . 20.24 3.26 -33.12
C3' AGS Q . 19.50 5.33 -33.95
O3' AGS Q . 20.70 6.10 -34.12
C2' AGS Q . 19.37 4.30 -35.06
O2' AGS Q . 19.88 4.79 -36.30
C1' AGS Q . 20.24 3.16 -34.54
N9 AGS Q . 19.78 1.82 -34.91
C8 AGS Q . 19.57 0.78 -34.06
N7 AGS Q . 19.15 -0.32 -34.65
C5 AGS Q . 19.09 0.05 -35.98
C6 AGS Q . 18.72 -0.68 -37.14
N6 AGS Q . 18.32 -1.95 -37.13
N1 AGS Q . 18.77 -0.02 -38.32
C2 AGS Q . 19.17 1.25 -38.33
N3 AGS Q . 19.53 2.03 -37.32
C4 AGS Q . 19.47 1.36 -36.15
MG MG R . 13.84 1.42 -26.06
PB ADP S . 37.02 15.47 -9.46
O1B ADP S . 37.61 14.10 -9.67
O2B ADP S . 36.28 16.01 -10.67
O3B ADP S . 36.29 15.63 -8.16
PA ADP S . 38.09 18.02 -9.12
O1A ADP S . 37.49 18.60 -10.37
O2A ADP S . 37.42 18.25 -7.78
O3A ADP S . 38.29 16.43 -9.33
O5' ADP S . 39.61 18.56 -9.01
C5' ADP S . 39.84 19.97 -8.97
C4' ADP S . 41.32 20.25 -8.79
O4' ADP S . 42.08 19.76 -9.88
C3' ADP S . 41.57 21.76 -8.72
O3' ADP S . 41.97 22.12 -7.40
C2' ADP S . 42.68 22.03 -9.70
O2' ADP S . 43.75 22.72 -9.04
C1' ADP S . 43.15 20.68 -10.18
N9 ADP S . 43.44 20.73 -11.64
C8 ADP S . 42.79 20.05 -12.60
N7 ADP S . 43.32 20.31 -13.82
C5 ADP S . 44.33 21.18 -13.64
C6 ADP S . 45.32 21.87 -14.51
N6 ADP S . 45.31 21.69 -15.85
N1 ADP S . 46.21 22.69 -13.92
C2 ADP S . 46.21 22.89 -12.58
N3 ADP S . 45.36 22.29 -11.75
C4 ADP S . 44.41 21.44 -12.20
#